data_9MU8
#
_entry.id   9MU8
#
_cell.length_a   1.00
_cell.length_b   1.00
_cell.length_c   1.00
_cell.angle_alpha   90.00
_cell.angle_beta   90.00
_cell.angle_gamma   90.00
#
_symmetry.space_group_name_H-M   'P 1'
#
loop_
_entity.id
_entity.type
_entity.pdbx_description
1 polymer 'DNA-directed RNA polymerase II subunit RPB1'
2 polymer 'DNA-directed RNA polymerase II subunit RPB2'
3 polymer 'DNA-directed RNA polymerase II subunit RPB3'
4 polymer 'DNA-directed RNA polymerases I, II, and III subunit RPABC2'
5 polymer 'DNA-directed RNA polymerases I, II, and III subunit RPABC3'
6 polymer 'DNA-directed RNA polymerase II subunit RPB9'
7 polymer 'DNA-directed RNA polymerases I, II, and III subunit RPABC5'
8 polymer 'DNA-directed RNA polymerase II subunit RPB11'
9 polymer 'DNA-directed RNA polymerase II subunit RPB12'
10 polymer RNA
11 polymer 'Template DNA'
12 polymer 'Non-template DNA'
13 polymer 'RPB5 homolog'
14 non-polymer 'ZINC ION'
#
loop_
_entity_poly.entity_id
_entity_poly.type
_entity_poly.pdbx_seq_one_letter_code
_entity_poly.pdbx_strand_id
1 'polypeptide(L)'
;SKAPLRQVKRVQFGILSPDEIRRMSVTEGGVQFAETMEGGRPKLGGLMDPRQGVIDRTSRCQTCAGNMTECPGHFGHIDL
AKPVFHIGFITKTIKILRCVCFYCSKMLVSPHNPKIKEIVMKSRGQPRKRLAYVYDLCKGKTICEGGEDMDLTKENQQPD
PNKKPGHGGCGHYQPSIRRTGLDLTAEWKHQNEDSQEKKIVVSAERVWEILKHITDEECFILGMDPKYARPDWMIVTVLP
VPPLAVRPAVVMFGAAKNQDDLTHKLSDIIKANNELRKNEASGAAAHVIQENIKMLQFHVATLVDNDMPGMPRAMQKSGK
PLKAIKARLKGKEGRIRGNLMGKRVDFSARTVITPDPNLRIDQVGVPRSIAQNLTFPELVTPFNIDRMQELVRRGNSQYP
GAKYIVRDNGERIDLRFHPKSSDLHLQCGYKVERHLRDDDLVIFNRQPTLHKMSMMGHRVKVLPWSTFRMNLSCTSPYNA
DFDGDEMNLHVPQSMETRAEVENIHITPRQIITPQANKPVMGIVQDTLTAVRKMTKRDVFITREQVMNLLMFLPTWDAKM
PQPCILKPRPLWTGKQIFSLIIPGNVNMIRTHSTHPDEEDEGPYKWISPGDTKVMVEHGELIMGILCKKSLGTSAGSLLH
ICFLELGHDIAGRFYGNIQTVINNWLLFEGHSIGIGDTIADPQTYNEIQQAIKKAKDDVINVIQKAHNMELEPTPGNTLR
QTFENKVNRILNDARDKTGGSAKKSLTEYNNLKAMVVSGSKGSNINISQVIACVGQQNVEGKRIPYGFRKRTLPHFIKDD
YGPESRGFVENSYLAGLTPSEFYFHAMGGREGLIDTAVKTAETGYIQRRLIKAMESVMVNYDGTVRNSVGQLIQLRYGED
GLCGELVEFQNMPTVKLSNKSFEKRFKFDWSNERLMKKVFTDDVIKEMTDSSEAIQELEAEWDRLVSDRDSLRQIFPNGE
SKVVLPCNLQRMIWNVQKIFHINKRLPTDLSPIRVIKGVKTLLERCVIVTGNDRISKQANENATLLFQCLIRSTLCTKYV
SEEFRLSTEAFEWLVGEIETRFQQAQANPGEMVGALAAQSLGEPATQMTLNTFHFAGVSSKNVTLGVPRLKEIINISKKP
KAPSLTVFLTGGAARDAEKAKNVLCRLEHTTLRKVTANTAIYYDPDPQRTVISEDQEFVNVYYEMPDFDPTRISPWLLRI
ELDRKRMTDKKLTMEQIAEKINVGFGEDLNCIFNDDNADKLVLRIRIMNNEENKFQDEDEAVDKMEDDMFLRCIEANMLS
DMTLQGIEAIGKVYMHLPQTDSKKRIVITETGEFKAIGEWLLETDGTSMMKVLSERDVDPIRTSSNDICEIFQVLGIEAV
RKSVEKEMNAVLQFYGLYVNYRHLALLCDVMTAKGHLMAITRHGINRQDTGALMRCSFEETVDVLMDAAAHAETDPMRGV
SENIIMGQLPKMGTGCFDLLLDAEKCRFGI
;
A
2 'polypeptide(L)'
;ENAEEISHELWQEACWIVINAYFDEKGLVRQQLDSFDEFIQMSVQRIVEDSPAIELQAEAQHTSGEVETPPRFSLKFEQI
YLSKPTHWEKDGSPSPMMPNEARLRNLTYSAPLYVDITKTKNVEGLDPVETQHQKTFIGKIPIMLRSTYCLLSQLTDRDL
TELNECPLDPGGYFIINGSEKVLIAQEKMATNTVYVFSMKDGKYAFKTEIRSCLEHSSRPTSTLWVNMMARGSQNIKKSA
IGQRIIAILPYIKQEIPIMIVFRALGFVADRDILEHIIYDFDDPEMMEMVKPSLDEAFVVQEQNVALNFIGARGARPGVT
KDKRIKYAKEILQKEMLPHVGVSDFCETKKAYFLGYMVHRLLLASLGRRELDDRDHYGNKRLDLAGPLLAFLFRGLFKNL
MKEVRMYTQKFIDRGKDFNLELAIKTNIITDGLRYSLATGNWGDQKKAHQARAGVSQVLNRLTFASTLSHLRRVNSPIGR
DGKLAKPRQLHNTLWGMLCPAETPEGAAVGLVKNLALMAYISVGSQPSPILEFLEEWSMENLEEIAPSAIADATKIFVNG
CWVGIHRDPEQLMATLRKLRRQMDIIVSEVSMIRDIRDREIRIYTDAGRICRPLLIVENGSLLLKKTHVEMLKERDYNNY
SWQVLVASGVVEYIDTLEEETVMIAMSPYDLKQDKDYAYCTTYTHCEIHPAMILGVCASIIPFPDHNQSPRNTYQSAMGK
QAMGVYITNFHVRMDTLAHVLYYPMKPLVTTRSMEYLRFRELPAGINSIVAILCYTGYNQEDSVILNASAVERGFFRSVF
YRSYKDSENKRVGDQEENFEKPHRGTCQGMRNAHYDKLDDDGIIAPGIRVSGDDVVIGKTITLPENDDELDSNTKRFSKR
DASTFLRNSETGIVDQVMLTLNSEGYKFCKIRVRSVRIPQIGDKFASRHGQKGTCGIQYRQEDMAFTCEGLAPDIIINPH
AIPSRMTIGHLIECLQGKLGSNKGEIGDATPFNDAVNVQKISTFLQEYGYHLRGNEVMYNGHTGRKINAQVFLGPTYYQR
LKHMVDDKIHSRARGPVQILVRQPMEGRARDGGLRFGEMERDCQISHGAAQFLRERLFEVSDPYRVHICNFCGLIAIANL
RNNTFECKGCKNKTQISQVRLPYAAKLLFQELMSMNIAPRLMVT
;
B
3 'polypeptide(L)'
;PYANQPSVQITELTDDNVKFVLEDTELSVANSLRRVFIAETPTLAIDWVQLEANSTVLSDEFLAHRIGLIPLISDDVVER
LQYTRDCICLDFCPECSVEFTLDVKCSEEQTRHVTTADLKSSNAKVLPVTSRNQGEEDNEYGESNDEILIIKLRKGQELK
LRAYAKKGFGKEHAKWNPTAGVCFEYDPDNSMRHTLYPKPDEWPKSEHTELEDDQYEAPYNWEAKPNKFFFNVESAGALK
PENIVVMGVQVLKNKLSNLQTQLSHESQN
;
C
4 'polypeptide(L)'
;GGVPKSKRITTKYMTKYERARVLGTRALQIAMCAPIMVELDGETDPLQIAMKELKQKKIPIIIRRYLPDHSYEDWSIDEL
IMVD
;
F
5 'polypeptide(L)'
;AGVLFEDIFNVKDMDPEGKKFDRVSRLHCESESFKMDLILDINSWLYPMELGDKFRLVLATTLREDGCPDSGEYNPMEHE
GTRADSFEYVMYGKIYRIEGDEAHNEASRLSAYVSFGGLLMRLQGDANNLHGFEVDQHMYLLMKRLA
;
H
6 'polypeptide(L)'
;GFVGIRFCQECNNMLYPKEDKENKILLYACRNCDYKQEADSNCIYVNKIMHEIDELTHIVPDVISDPTLPRTEDHACPKC
SHREAVFFQAQTRRAEEEMRLYYVCTNQNCTHRWTE
;
I
7 'polypeptide(L)' MIIPIRCFTCGKVIGNKWESYLGLLQAEYTEGDALDALGLKRYCCRRMLLGHVDLIEKLLNYAPLEK J
8 'polypeptide(L)'
;MNAPPTFESFLLYEGEKKIIKELDTKVTNAAIFTINKEDHTLGNMIRNQLLKDPNVLFAGYKVPHPLEHKFVIRIQTTAD
YSPQEAFMNAITDLLAELSLFEERFKDAIKEKKEGG
;
K
9 'polypeptide(L)' TAMTYICGECHHENEMRPRDPIRCRECGYRIMYKKRTKRLVVFDAR L
10 'polyribonucleotide' AAAAAAAAAA R
11 'polydeoxyribonucleotide'
;(DT)(DT)(DT)(DT)(DT)(DT)(DT)(DT)(DT)(DT)(DT)(DT)(DT)(DT)(DT)(DT)(DT)(DT)(DT)(DT)
(DT)(DT)(DT)(DT)(DT)(DT)(DT)(DT)(DT)(DT)(DT)(DT)(DC)(DC)(DT)(DT)(DT)(DT)(DT)(DT)
(DT)(DT)(DT)(DT)(DT)(DT)(DT)(DT)(DT)(DT)
;
T
12 'polydeoxyribonucleotide'
;(DA)(DA)(DA)(DA)(DA)(DA)(DA)(DA)(DA)(DA)(DA)(DA)(DA)(DA)(DA)(DA)(DA)(DA)(DA)(DA)
(DA)(DA)(DA)(DA)(DA)(DA)(DA)(DA)(DA)(DA)(DA)(DA)(DA)(DA)(DA)(DA)(DA)(DA)(DA)
;
N
13 'polypeptide(L)'
;MDDEAETYKLWRIRKTIMQLSHDRGYLVTQDELDQTLEQFKEMFGDKPSEKRPARSDLIVLVAHNDDPTDQMFVFFPEEP
KIGIKTIKTYCTRMQEENIHRAIVVVQGGMTPSAKQSLVDMAPKYILEQFLESELLINITEHELVPEHVVMTVEEKQELL
SRYKLKENMLMRIQAGDPVARYFGLKRGQVVKIIRSSETAGRYISYRLVC
;
E
#
loop_
_chem_comp.id
_chem_comp.type
_chem_comp.name
_chem_comp.formula
A RNA linking ADENOSINE-5'-MONOPHOSPHATE 'C10 H14 N5 O7 P'
DA DNA linking 2'-DEOXYADENOSINE-5'-MONOPHOSPHATE 'C10 H14 N5 O6 P'
DC DNA linking 2'-DEOXYCYTIDINE-5'-MONOPHOSPHATE 'C9 H14 N3 O7 P'
DT DNA linking THYMIDINE-5'-MONOPHOSPHATE 'C10 H15 N2 O8 P'
ZN non-polymer 'ZINC ION' 'Zn 2'
#
# COMPACT_ATOMS: atom_id res chain seq x y z
N SER A 1 46.73 12.19 17.14
CA SER A 1 46.90 10.97 17.91
C SER A 1 47.96 10.07 17.30
N LYS A 2 49.01 9.78 18.07
CA LYS A 2 50.09 8.91 17.60
C LYS A 2 49.86 7.47 18.05
N ALA A 3 48.70 6.94 17.65
CA ALA A 3 48.30 5.57 17.93
C ALA A 3 48.01 4.86 16.61
N PRO A 4 48.31 3.56 16.52
CA PRO A 4 48.10 2.85 15.26
C PRO A 4 46.62 2.65 14.97
N LEU A 5 46.21 3.01 13.76
CA LEU A 5 44.83 2.86 13.32
C LEU A 5 44.69 1.47 12.70
N ARG A 6 43.93 0.60 13.36
CA ARG A 6 43.72 -0.75 12.89
C ARG A 6 42.22 -1.05 12.84
N GLN A 7 41.86 -1.90 11.87
CA GLN A 7 40.49 -2.38 11.77
C GLN A 7 40.32 -3.58 12.68
N VAL A 8 39.15 -3.68 13.32
CA VAL A 8 38.89 -4.81 14.20
C VAL A 8 38.62 -6.06 13.38
N LYS A 9 39.07 -7.19 13.90
CA LYS A 9 38.92 -8.47 13.21
C LYS A 9 37.83 -9.35 13.78
N ARG A 10 37.54 -9.23 15.08
CA ARG A 10 36.47 -10.00 15.68
C ARG A 10 35.95 -9.25 16.90
N VAL A 11 34.74 -9.61 17.32
CA VAL A 11 34.13 -9.06 18.52
C VAL A 11 33.98 -10.21 19.51
N GLN A 12 34.74 -10.17 20.59
CA GLN A 12 34.69 -11.21 21.61
C GLN A 12 33.69 -10.79 22.68
N PHE A 13 32.51 -11.40 22.66
CA PHE A 13 31.52 -11.11 23.67
C PHE A 13 31.85 -11.80 24.99
N GLY A 14 31.23 -11.34 26.06
CA GLY A 14 31.49 -11.91 27.36
C GLY A 14 30.69 -11.19 28.42
N ILE A 15 30.98 -11.53 29.67
CA ILE A 15 30.34 -10.92 30.83
C ILE A 15 31.42 -10.19 31.62
N LEU A 16 31.15 -8.94 31.98
CA LEU A 16 32.10 -8.16 32.76
C LEU A 16 32.12 -8.68 34.19
N SER A 17 33.29 -9.15 34.63
CA SER A 17 33.44 -9.58 36.02
C SER A 17 33.42 -8.37 36.94
N PRO A 18 32.98 -8.54 38.20
CA PRO A 18 33.02 -7.42 39.15
C PRO A 18 34.41 -6.88 39.42
N ASP A 19 35.43 -7.75 39.36
CA ASP A 19 36.81 -7.28 39.49
C ASP A 19 37.21 -6.40 38.32
N GLU A 20 36.80 -6.77 37.10
CA GLU A 20 37.11 -5.95 35.93
C GLU A 20 36.38 -4.62 35.98
N ILE A 21 35.12 -4.63 36.42
CA ILE A 21 34.33 -3.40 36.55
C ILE A 21 34.95 -2.48 37.60
N ARG A 22 35.39 -3.05 38.73
CA ARG A 22 36.07 -2.25 39.75
C ARG A 22 37.42 -1.72 39.26
N ARG A 23 38.11 -2.47 38.41
CA ARG A 23 39.39 -2.00 37.90
C ARG A 23 39.22 -0.89 36.86
N MET A 24 38.27 -1.05 35.93
CA MET A 24 38.17 -0.10 34.82
C MET A 24 37.46 1.19 35.19
N SER A 25 36.78 1.22 36.35
CA SER A 25 36.00 2.39 36.72
C SER A 25 36.91 3.54 37.14
N VAL A 26 36.61 4.74 36.64
CA VAL A 26 37.36 5.93 37.02
C VAL A 26 36.85 6.56 38.30
N THR A 27 35.78 6.02 38.88
CA THR A 27 35.25 6.50 40.16
C THR A 27 35.89 5.70 41.27
N GLU A 28 36.97 6.23 41.86
CA GLU A 28 37.64 5.52 42.94
C GLU A 28 36.79 5.60 44.21
N GLY A 29 36.58 4.45 44.84
CA GLY A 29 35.71 4.37 46.00
C GLY A 29 34.26 4.15 45.69
N GLY A 30 33.87 4.15 44.42
CA GLY A 30 32.51 3.92 44.02
C GLY A 30 31.66 5.19 44.03
N VAL A 31 30.52 5.10 43.36
CA VAL A 31 29.57 6.20 43.35
C VAL A 31 28.73 6.11 44.62
N GLN A 32 28.79 7.15 45.45
CA GLN A 32 28.23 7.10 46.78
C GLN A 32 27.01 7.99 46.98
N PHE A 33 26.94 9.14 46.32
CA PHE A 33 25.91 10.13 46.57
C PHE A 33 24.97 10.22 45.39
N ALA A 34 23.67 10.32 45.67
CA ALA A 34 22.66 10.46 44.64
C ALA A 34 22.45 11.91 44.20
N GLU A 35 23.08 12.87 44.87
CA GLU A 35 22.92 14.27 44.51
C GLU A 35 23.80 14.57 43.31
N THR A 36 23.18 15.07 42.25
CA THR A 36 23.92 15.36 41.01
C THR A 36 24.77 16.62 41.15
N MET A 37 24.22 17.67 41.76
CA MET A 37 24.82 18.99 41.74
C MET A 37 25.06 19.44 43.18
N GLU A 38 26.25 19.99 43.44
CA GLU A 38 26.64 20.38 44.80
C GLU A 38 27.28 21.77 44.80
N GLY A 39 26.46 22.80 44.96
CA GLY A 39 26.94 24.13 45.25
C GLY A 39 27.79 24.82 44.22
N GLY A 40 27.37 24.78 42.95
CA GLY A 40 28.09 25.45 41.89
C GLY A 40 29.22 24.66 41.27
N ARG A 41 29.47 23.44 41.74
CA ARG A 41 30.47 22.56 41.17
C ARG A 41 29.92 21.14 41.16
N PRO A 42 30.31 20.31 40.19
CA PRO A 42 29.91 18.91 40.24
C PRO A 42 30.58 18.17 41.38
N LYS A 43 29.86 17.21 41.94
CA LYS A 43 30.31 16.47 43.12
C LYS A 43 30.93 15.15 42.70
N LEU A 44 32.15 14.89 43.16
CA LEU A 44 32.79 13.61 42.93
C LEU A 44 32.05 12.52 43.70
N GLY A 45 31.88 11.37 43.05
CA GLY A 45 31.06 10.33 43.62
C GLY A 45 29.57 10.52 43.41
N GLY A 46 29.17 11.49 42.59
CA GLY A 46 27.78 11.72 42.29
C GLY A 46 27.42 11.24 40.89
N LEU A 47 26.22 11.63 40.47
CA LEU A 47 25.71 11.22 39.16
C LEU A 47 26.21 12.09 38.02
N MET A 48 26.88 13.19 38.35
CA MET A 48 27.50 14.06 37.32
C MET A 48 29.02 13.94 37.49
N ASP A 49 29.50 12.79 37.97
CA ASP A 49 30.94 12.61 38.26
C ASP A 49 31.80 13.25 37.18
N PRO A 50 32.58 14.31 37.50
CA PRO A 50 33.51 14.92 36.53
C PRO A 50 34.60 13.97 36.05
N ARG A 51 34.78 12.87 36.76
CA ARG A 51 35.83 11.89 36.39
C ARG A 51 35.31 11.02 35.25
N GLN A 52 34.00 10.99 35.02
CA GLN A 52 33.42 10.20 33.94
C GLN A 52 33.39 10.95 32.62
N GLY A 53 33.48 12.29 32.64
CA GLY A 53 33.44 13.03 31.39
C GLY A 53 33.12 14.50 31.65
N VAL A 54 32.62 15.12 30.58
CA VAL A 54 32.30 16.57 30.58
C VAL A 54 30.83 16.75 30.90
N ILE A 55 30.34 17.98 30.82
CA ILE A 55 28.92 18.27 31.16
C ILE A 55 28.36 19.27 30.13
N ASP A 56 29.04 20.40 29.90
CA ASP A 56 28.55 21.29 28.85
C ASP A 56 29.62 21.43 27.76
N ARG A 57 29.38 22.35 26.83
CA ARG A 57 30.27 22.56 25.69
C ARG A 57 31.54 23.32 26.06
N THR A 58 31.62 23.91 27.24
CA THR A 58 32.76 24.73 27.62
C THR A 58 33.72 24.04 28.58
N SER A 59 33.34 22.90 29.15
CA SER A 59 34.16 22.24 30.14
C SER A 59 35.10 21.22 29.48
N ARG A 60 35.95 20.60 30.30
CA ARG A 60 36.85 19.55 29.87
C ARG A 60 36.65 18.34 30.77
N CYS A 61 37.04 17.18 30.27
CA CYS A 61 37.00 15.97 31.08
C CYS A 61 38.08 16.02 32.14
N GLN A 62 37.77 15.50 33.32
CA GLN A 62 38.76 15.46 34.39
C GLN A 62 39.81 14.39 34.14
N THR A 63 39.46 13.36 33.35
CA THR A 63 40.35 12.22 33.15
C THR A 63 41.22 12.38 31.90
N CYS A 64 40.59 12.54 30.74
CA CYS A 64 41.32 12.58 29.47
C CYS A 64 41.50 13.99 28.92
N ALA A 65 40.99 15.01 29.61
CA ALA A 65 41.19 16.44 29.29
C ALA A 65 40.73 16.79 27.89
N GLY A 66 39.59 16.24 27.46
CA GLY A 66 39.02 16.52 26.17
C GLY A 66 37.68 17.25 26.28
N ASN A 67 37.22 17.73 25.14
CA ASN A 67 35.92 18.40 25.06
C ASN A 67 34.82 17.35 24.90
N MET A 68 33.61 17.77 24.57
CA MET A 68 32.51 16.82 24.44
C MET A 68 32.67 15.95 23.19
N THR A 69 33.29 16.49 22.15
CA THR A 69 33.53 15.70 20.96
C THR A 69 34.67 14.69 21.17
N GLU A 70 35.74 15.11 21.84
CA GLU A 70 36.90 14.25 22.00
C GLU A 70 36.70 13.16 23.05
N CYS A 71 36.01 13.50 24.15
CA CYS A 71 35.85 12.55 25.25
C CYS A 71 34.85 11.47 24.88
N PRO A 72 35.22 10.19 24.94
CA PRO A 72 34.22 9.12 24.78
C PRO A 72 33.39 8.88 26.02
N GLY A 73 33.80 9.40 27.18
CA GLY A 73 33.11 9.10 28.41
C GLY A 73 33.65 7.85 29.06
N HIS A 74 33.78 7.86 30.38
CA HIS A 74 34.39 6.76 31.12
C HIS A 74 33.43 6.28 32.20
N PHE A 75 33.53 5.00 32.52
CA PHE A 75 32.52 4.33 33.33
C PHE A 75 32.81 4.46 34.82
N GLY A 76 31.73 4.40 35.60
CA GLY A 76 31.82 4.32 37.04
C GLY A 76 31.32 2.99 37.55
N HIS A 77 31.31 2.85 38.88
CA HIS A 77 30.81 1.62 39.46
C HIS A 77 30.15 1.90 40.80
N ILE A 78 29.14 1.07 41.12
CA ILE A 78 28.44 1.12 42.39
C ILE A 78 28.62 -0.24 43.06
N ASP A 79 29.19 -0.24 44.26
CA ASP A 79 29.36 -1.47 45.03
C ASP A 79 28.08 -1.71 45.81
N LEU A 80 27.31 -2.71 45.37
CA LEU A 80 26.08 -3.06 46.08
C LEU A 80 26.41 -3.79 47.38
N ALA A 81 25.60 -3.54 48.41
CA ALA A 81 25.81 -4.17 49.70
C ALA A 81 25.52 -5.66 49.65
N LYS A 82 24.48 -6.06 48.93
CA LYS A 82 24.12 -7.44 48.74
C LYS A 82 23.91 -7.72 47.26
N PRO A 83 24.24 -8.92 46.79
CA PRO A 83 24.06 -9.22 45.36
C PRO A 83 22.59 -9.34 44.99
N VAL A 84 22.29 -8.94 43.75
CA VAL A 84 20.94 -9.01 43.22
C VAL A 84 20.99 -9.67 41.84
N PHE A 85 19.83 -10.14 41.40
CA PHE A 85 19.73 -10.84 40.12
C PHE A 85 19.81 -9.86 38.95
N HIS A 86 20.54 -10.26 37.91
CA HIS A 86 20.43 -9.61 36.62
C HIS A 86 19.24 -10.23 35.88
N ILE A 87 18.28 -9.38 35.48
CA ILE A 87 16.98 -9.88 35.04
C ILE A 87 17.08 -10.60 33.70
N GLY A 88 17.83 -10.04 32.75
CA GLY A 88 17.95 -10.65 31.44
C GLY A 88 18.76 -11.93 31.41
N PHE A 89 19.56 -12.18 32.44
CA PHE A 89 20.26 -13.45 32.60
C PHE A 89 19.45 -14.46 33.39
N ILE A 90 18.26 -14.09 33.87
CA ILE A 90 17.45 -14.96 34.72
C ILE A 90 17.06 -16.24 33.99
N THR A 91 16.59 -16.11 32.74
CA THR A 91 16.28 -17.28 31.94
C THR A 91 17.52 -18.09 31.60
N LYS A 92 18.71 -17.49 31.67
CA LYS A 92 19.93 -18.28 31.60
C LYS A 92 20.22 -18.94 32.94
N THR A 93 20.00 -18.22 34.06
CA THR A 93 20.54 -18.62 35.36
C THR A 93 19.95 -19.92 35.86
N ILE A 94 18.62 -20.07 35.73
CA ILE A 94 17.94 -21.30 36.10
C ILE A 94 18.41 -22.46 35.22
N LYS A 95 18.79 -22.17 33.97
CA LYS A 95 19.36 -23.17 33.09
C LYS A 95 20.68 -23.72 33.61
N ILE A 96 21.42 -22.94 34.39
CA ILE A 96 22.55 -23.51 35.10
C ILE A 96 22.10 -24.11 36.43
N LEU A 97 21.09 -23.51 37.07
CA LEU A 97 20.62 -23.99 38.38
C LEU A 97 19.94 -25.34 38.31
N ARG A 98 19.40 -25.73 37.15
CA ARG A 98 18.81 -27.04 36.97
C ARG A 98 19.82 -28.06 36.46
N CYS A 99 21.07 -27.67 36.27
CA CYS A 99 22.11 -28.59 35.81
C CYS A 99 23.18 -28.87 36.85
N VAL A 100 23.36 -27.99 37.83
CA VAL A 100 24.33 -28.21 38.88
C VAL A 100 23.59 -28.50 40.19
N CYS A 101 24.33 -29.02 41.16
CA CYS A 101 23.73 -29.39 42.43
C CYS A 101 23.46 -28.16 43.28
N PHE A 102 22.38 -28.25 44.06
CA PHE A 102 21.98 -27.15 44.93
C PHE A 102 22.87 -27.01 46.16
N TYR A 103 23.62 -28.06 46.52
CA TYR A 103 24.43 -28.07 47.72
C TYR A 103 25.92 -28.14 47.43
N CYS A 104 26.37 -29.16 46.71
CA CYS A 104 27.79 -29.35 46.46
C CYS A 104 28.28 -28.66 45.21
N SER A 105 27.38 -28.05 44.42
CA SER A 105 27.67 -27.29 43.21
C SER A 105 28.42 -28.13 42.17
N LYS A 106 28.06 -29.39 42.05
CA LYS A 106 28.57 -30.28 41.02
C LYS A 106 27.45 -30.59 40.03
N MET A 107 27.84 -31.04 38.84
CA MET A 107 26.87 -31.37 37.82
C MET A 107 26.09 -32.63 38.19
N LEU A 108 24.84 -32.69 37.73
CA LEU A 108 23.98 -33.83 38.03
C LEU A 108 24.48 -35.10 37.35
N VAL A 109 24.98 -34.98 36.13
CA VAL A 109 25.64 -36.08 35.42
C VAL A 109 27.13 -35.77 35.36
N SER A 110 27.96 -36.76 35.65
CA SER A 110 29.38 -36.55 35.79
C SER A 110 30.02 -36.36 34.41
N PRO A 111 31.00 -35.45 34.28
CA PRO A 111 31.51 -35.11 32.95
C PRO A 111 32.37 -36.17 32.28
N HIS A 112 32.62 -37.31 32.90
CA HIS A 112 33.26 -38.43 32.23
C HIS A 112 32.26 -39.40 31.63
N ASN A 113 30.98 -39.02 31.59
CA ASN A 113 29.96 -39.84 30.94
C ASN A 113 30.21 -39.88 29.43
N PRO A 114 30.00 -41.03 28.79
CA PRO A 114 30.11 -41.10 27.32
C PRO A 114 29.11 -40.23 26.58
N LYS A 115 27.92 -39.99 27.15
CA LYS A 115 26.95 -39.11 26.51
C LYS A 115 27.42 -37.67 26.50
N ILE A 116 28.03 -37.22 27.60
CA ILE A 116 28.59 -35.87 27.68
C ILE A 116 29.75 -35.73 26.71
N LYS A 117 30.59 -36.76 26.59
CA LYS A 117 31.70 -36.73 25.64
C LYS A 117 31.19 -36.69 24.20
N GLU A 118 30.09 -37.42 23.92
CA GLU A 118 29.49 -37.37 22.59
C GLU A 118 28.89 -36.00 22.29
N ILE A 119 28.29 -35.36 23.29
CA ILE A 119 27.73 -34.02 23.12
C ILE A 119 28.84 -33.00 22.88
N VAL A 120 29.93 -33.11 23.63
CA VAL A 120 31.07 -32.20 23.48
C VAL A 120 31.74 -32.40 22.12
N MET A 121 31.87 -33.66 21.67
CA MET A 121 32.40 -33.94 20.35
C MET A 121 31.48 -33.39 19.26
N LYS A 122 30.17 -33.49 19.45
CA LYS A 122 29.22 -33.04 18.44
C LYS A 122 29.12 -31.52 18.38
N SER A 123 29.21 -30.86 19.53
CA SER A 123 28.94 -29.43 19.64
C SER A 123 30.20 -28.61 19.88
N ARG A 124 31.28 -28.93 19.18
CA ARG A 124 32.48 -28.10 19.22
C ARG A 124 32.22 -26.78 18.51
N GLY A 125 32.49 -25.68 19.20
CA GLY A 125 32.26 -24.36 18.66
C GLY A 125 30.83 -23.86 18.77
N GLN A 126 29.92 -24.64 19.35
CA GLN A 126 28.52 -24.25 19.52
C GLN A 126 28.16 -24.40 20.98
N PRO A 127 28.50 -23.41 21.82
CA PRO A 127 28.23 -23.55 23.26
C PRO A 127 26.77 -23.42 23.63
N ARG A 128 25.96 -22.74 22.83
CA ARG A 128 24.54 -22.60 23.13
C ARG A 128 23.81 -23.92 22.95
N LYS A 129 24.08 -24.62 21.85
CA LYS A 129 23.51 -25.94 21.64
C LYS A 129 24.08 -26.95 22.63
N ARG A 130 25.34 -26.74 23.07
CA ARG A 130 25.91 -27.58 24.12
C ARG A 130 25.17 -27.41 25.43
N LEU A 131 24.81 -26.16 25.77
CA LEU A 131 24.00 -25.92 26.97
C LEU A 131 22.62 -26.53 26.83
N ALA A 132 22.04 -26.47 25.63
CA ALA A 132 20.72 -27.07 25.39
C ALA A 132 20.76 -28.59 25.56
N TYR A 133 21.80 -29.24 25.04
CA TYR A 133 21.90 -30.69 25.16
C TYR A 133 22.21 -31.11 26.60
N VAL A 134 23.05 -30.34 27.30
CA VAL A 134 23.36 -30.64 28.69
C VAL A 134 22.12 -30.43 29.57
N TYR A 135 21.31 -29.41 29.25
CA TYR A 135 20.07 -29.19 29.98
C TYR A 135 19.04 -30.28 29.70
N ASP A 136 19.04 -30.82 28.48
CA ASP A 136 18.17 -31.96 28.18
C ASP A 136 18.63 -33.21 28.91
N LEU A 137 19.95 -33.38 29.07
CA LEU A 137 20.45 -34.52 29.83
C LEU A 137 20.19 -34.38 31.33
N CYS A 138 20.25 -33.16 31.85
CA CYS A 138 20.10 -32.91 33.28
C CYS A 138 18.66 -32.61 33.68
N LYS A 139 17.71 -32.66 32.74
CA LYS A 139 16.32 -32.36 33.06
C LYS A 139 15.68 -33.46 33.89
N GLY A 140 16.05 -34.72 33.64
CA GLY A 140 15.47 -35.85 34.33
C GLY A 140 16.16 -36.26 35.61
N LYS A 141 17.20 -35.55 36.03
CA LYS A 141 17.94 -35.92 37.23
C LYS A 141 17.36 -35.19 38.44
N THR A 142 16.93 -35.97 39.44
CA THR A 142 16.35 -35.42 40.65
C THR A 142 17.16 -35.70 41.90
N ILE A 143 18.22 -36.51 41.81
CA ILE A 143 19.04 -36.88 42.95
C ILE A 143 20.50 -36.65 42.58
N CYS A 144 21.29 -36.14 43.53
CA CYS A 144 22.73 -35.96 43.33
C CYS A 144 23.42 -37.28 43.67
N GLU A 145 23.28 -38.23 42.75
CA GLU A 145 23.83 -39.57 42.94
C GLU A 145 25.35 -39.55 42.76
N GLY A 146 26.05 -40.17 43.69
CA GLY A 146 27.50 -40.25 43.60
C GLY A 146 28.06 -41.07 44.73
N GLY A 147 29.39 -41.26 44.67
CA GLY A 147 30.09 -42.04 45.68
C GLY A 147 30.95 -43.13 45.08
N GLU A 148 32.22 -43.19 45.48
CA GLU A 148 33.13 -44.21 44.97
C GLU A 148 32.85 -45.58 45.54
N ASP A 149 32.17 -45.66 46.69
CA ASP A 149 31.83 -46.93 47.33
C ASP A 149 30.37 -47.32 47.10
N MET A 150 29.74 -46.77 46.09
CA MET A 150 28.34 -47.08 45.77
C MET A 150 28.21 -48.18 44.74
N ASP A 151 29.30 -48.78 44.28
CA ASP A 151 29.27 -49.88 43.32
C ASP A 151 29.82 -51.17 43.92
N LEU A 152 29.70 -51.33 45.24
CA LEU A 152 30.18 -52.52 45.94
C LEU A 152 29.08 -53.58 45.95
N THR A 153 28.83 -54.14 44.77
CA THR A 153 27.85 -55.21 44.61
C THR A 153 28.50 -56.59 44.47
N LYS A 154 29.80 -56.64 44.22
CA LYS A 154 30.51 -57.91 44.08
C LYS A 154 31.03 -58.39 45.43
N GLU A 155 31.28 -59.69 45.51
CA GLU A 155 31.79 -60.32 46.72
C GLU A 155 33.20 -60.83 46.48
N ASN A 156 34.06 -60.62 47.49
CA ASN A 156 35.49 -61.00 47.48
C ASN A 156 36.22 -60.37 46.29
N GLN A 157 35.95 -59.08 46.07
CA GLN A 157 36.56 -58.32 44.98
C GLN A 157 37.73 -57.52 45.53
N GLN A 158 38.90 -57.73 44.95
CA GLN A 158 40.08 -56.97 45.35
C GLN A 158 39.97 -55.54 44.85
N PRO A 159 40.26 -54.53 45.67
CA PRO A 159 40.21 -53.15 45.19
C PRO A 159 41.29 -52.86 44.16
N ASP A 160 40.96 -51.97 43.22
CA ASP A 160 41.83 -51.67 42.10
C ASP A 160 42.54 -50.35 42.36
N PRO A 161 43.87 -50.35 42.47
CA PRO A 161 44.59 -49.06 42.64
C PRO A 161 44.64 -48.21 41.38
N ASN A 162 44.33 -48.79 40.22
CA ASN A 162 44.29 -48.05 38.96
C ASN A 162 42.87 -47.64 38.57
N LYS A 163 41.93 -47.70 39.52
CA LYS A 163 40.55 -47.34 39.26
C LYS A 163 40.41 -45.82 39.10
N LYS A 164 39.58 -45.42 38.14
CA LYS A 164 39.28 -44.00 37.97
C LYS A 164 38.41 -43.51 39.12
N PRO A 165 38.45 -42.21 39.42
CA PRO A 165 37.51 -41.66 40.41
C PRO A 165 36.07 -41.71 39.92
N GLY A 166 35.16 -41.94 40.86
CA GLY A 166 33.74 -41.99 40.56
C GLY A 166 33.07 -40.64 40.70
N HIS A 167 31.75 -40.67 40.74
CA HIS A 167 30.97 -39.46 40.89
C HIS A 167 31.01 -38.99 42.34
N GLY A 168 31.34 -37.72 42.55
CA GLY A 168 31.43 -37.18 43.88
C GLY A 168 30.14 -36.52 44.35
N GLY A 169 29.04 -37.25 44.25
CA GLY A 169 27.76 -36.69 44.65
C GLY A 169 27.60 -36.64 46.16
N CYS A 170 26.83 -35.66 46.62
CA CYS A 170 26.57 -35.47 48.04
C CYS A 170 25.31 -36.20 48.51
N GLY A 171 24.59 -36.86 47.61
CA GLY A 171 23.40 -37.60 47.98
C GLY A 171 22.24 -36.75 48.47
N HIS A 172 21.98 -35.64 47.80
CA HIS A 172 20.90 -34.73 48.18
C HIS A 172 19.92 -34.58 47.03
N TYR A 173 18.65 -34.39 47.38
CA TYR A 173 17.60 -34.25 46.38
C TYR A 173 17.53 -32.82 45.88
N GLN A 174 17.59 -32.66 44.56
CA GLN A 174 17.59 -31.33 43.96
C GLN A 174 16.17 -30.78 43.92
N PRO A 175 15.93 -29.58 44.46
CA PRO A 175 14.58 -29.02 44.45
C PRO A 175 14.15 -28.52 43.08
N SER A 176 12.85 -28.56 42.86
CA SER A 176 12.27 -27.87 41.72
C SER A 176 12.28 -26.37 41.98
N ILE A 177 12.69 -25.59 40.99
CA ILE A 177 12.88 -24.15 41.12
C ILE A 177 11.79 -23.46 40.33
N ARG A 178 11.03 -22.60 41.01
CA ARG A 178 9.93 -21.86 40.42
C ARG A 178 10.17 -20.37 40.57
N ARG A 179 9.44 -19.59 39.78
CA ARG A 179 9.66 -18.16 39.70
C ARG A 179 8.39 -17.45 39.28
N THR A 180 8.09 -16.34 39.94
CA THR A 180 6.93 -15.50 39.65
C THR A 180 7.36 -14.06 39.45
N GLY A 181 8.38 -13.86 38.61
CA GLY A 181 8.95 -12.54 38.43
C GLY A 181 10.45 -12.54 38.67
N LEU A 182 10.88 -11.88 39.75
CA LEU A 182 12.26 -11.99 40.20
C LEU A 182 12.41 -12.78 41.49
N ASP A 183 11.32 -13.09 42.17
CA ASP A 183 11.40 -13.96 43.34
C ASP A 183 11.57 -15.41 42.90
N LEU A 184 12.53 -16.09 43.51
CA LEU A 184 12.89 -17.45 43.15
C LEU A 184 12.65 -18.36 44.33
N THR A 185 11.86 -19.42 44.14
CA THR A 185 11.50 -20.34 45.20
C THR A 185 11.95 -21.76 44.84
N ALA A 186 12.22 -22.55 45.87
CA ALA A 186 12.62 -23.95 45.71
C ALA A 186 11.71 -24.84 46.54
N GLU A 187 11.31 -25.97 45.94
CA GLU A 187 10.43 -26.93 46.60
C GLU A 187 11.01 -28.33 46.45
N TRP A 188 10.96 -29.10 47.54
CA TRP A 188 11.42 -30.48 47.54
C TRP A 188 10.19 -31.39 47.60
N LYS A 189 9.96 -32.14 46.52
CA LYS A 189 8.88 -33.12 46.53
C LYS A 189 9.22 -34.33 47.40
N HIS A 190 10.49 -34.69 47.48
CA HIS A 190 10.97 -35.71 48.39
C HIS A 190 11.86 -35.06 49.44
N GLN A 191 11.61 -35.36 50.70
CA GLN A 191 12.26 -34.64 51.78
C GLN A 191 13.71 -35.08 51.95
N ASN A 192 14.58 -34.10 52.17
CA ASN A 192 15.96 -34.30 52.63
C ASN A 192 16.00 -34.53 54.13
N GLU A 193 17.17 -34.34 54.73
CA GLU A 193 17.32 -34.37 56.19
C GLU A 193 16.38 -33.37 56.86
N ASP A 194 16.02 -33.67 58.11
CA ASP A 194 14.91 -33.04 58.80
C ASP A 194 15.12 -31.56 59.10
N SER A 195 16.35 -31.05 59.00
CA SER A 195 16.61 -29.64 59.22
C SER A 195 16.29 -28.77 58.02
N GLN A 196 15.88 -29.35 56.90
CA GLN A 196 15.59 -28.62 55.67
C GLN A 196 14.08 -28.50 55.49
N GLU A 197 13.60 -27.27 55.35
CA GLU A 197 12.19 -27.03 55.07
C GLU A 197 11.88 -27.41 53.62
N LYS A 198 10.68 -27.95 53.40
CA LYS A 198 10.30 -28.43 52.07
C LYS A 198 10.12 -27.30 51.07
N LYS A 199 9.76 -26.10 51.52
CA LYS A 199 9.58 -24.94 50.65
C LYS A 199 10.42 -23.80 51.18
N ILE A 200 11.28 -23.24 50.32
CA ILE A 200 12.17 -22.15 50.73
C ILE A 200 12.14 -21.09 49.63
N VAL A 201 12.42 -19.85 50.02
CA VAL A 201 12.71 -18.78 49.07
C VAL A 201 14.23 -18.70 48.94
N VAL A 202 14.71 -18.53 47.72
CA VAL A 202 16.14 -18.55 47.44
C VAL A 202 16.58 -17.14 47.06
N SER A 203 17.43 -16.54 47.90
CA SER A 203 17.93 -15.21 47.64
C SER A 203 19.02 -15.26 46.56
N ALA A 204 19.39 -14.08 46.07
CA ALA A 204 20.45 -13.98 45.08
C ALA A 204 21.82 -14.31 45.67
N GLU A 205 21.99 -14.15 46.99
CA GLU A 205 23.24 -14.52 47.62
C GLU A 205 23.45 -16.03 47.62
N ARG A 206 22.37 -16.79 47.81
CA ARG A 206 22.45 -18.25 47.76
C ARG A 206 22.80 -18.74 46.36
N VAL A 207 22.19 -18.14 45.33
CA VAL A 207 22.53 -18.50 43.95
C VAL A 207 23.95 -18.07 43.62
N TRP A 208 24.40 -16.94 44.17
CA TRP A 208 25.77 -16.49 43.97
C TRP A 208 26.77 -17.46 44.59
N GLU A 209 26.47 -17.95 45.79
CA GLU A 209 27.35 -18.92 46.43
C GLU A 209 27.29 -20.28 45.74
N ILE A 210 26.15 -20.62 45.13
CA ILE A 210 26.06 -21.87 44.36
C ILE A 210 26.90 -21.77 43.09
N LEU A 211 26.77 -20.68 42.36
CA LEU A 211 27.45 -20.54 41.08
C LEU A 211 28.91 -20.17 41.22
N LYS A 212 29.34 -19.70 42.40
CA LYS A 212 30.76 -19.39 42.59
C LYS A 212 31.59 -20.66 42.65
N HIS A 213 31.07 -21.73 43.27
CA HIS A 213 31.83 -22.94 43.52
C HIS A 213 31.71 -23.97 42.41
N ILE A 214 31.46 -23.52 41.17
CA ILE A 214 31.46 -24.41 40.01
C ILE A 214 32.83 -24.33 39.37
N THR A 215 33.47 -25.48 39.18
CA THR A 215 34.81 -25.53 38.60
C THR A 215 34.76 -25.19 37.11
N ASP A 216 35.93 -24.87 36.56
CA ASP A 216 36.01 -24.38 35.20
C ASP A 216 35.70 -25.46 34.17
N GLU A 217 35.97 -26.72 34.50
CA GLU A 217 35.63 -27.83 33.61
C GLU A 217 34.13 -27.97 33.46
N GLU A 218 33.39 -27.89 34.57
CA GLU A 218 31.93 -27.95 34.50
C GLU A 218 31.35 -26.73 33.81
N CYS A 219 32.03 -25.59 33.87
CA CYS A 219 31.64 -24.45 33.07
C CYS A 219 31.85 -24.72 31.58
N PHE A 220 32.95 -25.40 31.23
CA PHE A 220 33.26 -25.63 29.82
C PHE A 220 32.30 -26.64 29.19
N ILE A 221 31.96 -27.72 29.90
CA ILE A 221 30.87 -28.58 29.45
C ILE A 221 29.53 -27.85 29.49
N LEU A 222 29.32 -26.96 30.48
CA LEU A 222 28.07 -26.18 30.47
C LEU A 222 28.01 -25.08 29.38
N GLY A 223 28.94 -25.00 28.42
CA GLY A 223 28.82 -24.04 27.34
C GLY A 223 29.13 -22.61 27.70
N MET A 224 29.92 -22.39 28.76
CA MET A 224 30.26 -21.04 29.21
C MET A 224 31.76 -21.02 29.49
N ASP A 225 32.50 -20.25 28.71
CA ASP A 225 33.94 -20.15 28.85
C ASP A 225 34.27 -19.41 30.14
N PRO A 226 35.01 -20.00 31.09
CA PRO A 226 35.32 -19.30 32.34
C PRO A 226 36.33 -18.18 32.18
N LYS A 227 36.97 -18.03 31.03
CA LYS A 227 37.87 -16.90 30.81
C LYS A 227 37.10 -15.60 30.67
N TYR A 228 35.94 -15.64 30.02
CA TYR A 228 35.16 -14.45 29.76
C TYR A 228 33.77 -14.47 30.37
N ALA A 229 33.19 -15.65 30.58
CA ALA A 229 31.76 -15.80 30.85
C ALA A 229 31.51 -16.76 32.00
N ARG A 230 32.14 -16.52 33.15
CA ARG A 230 31.87 -17.33 34.33
C ARG A 230 30.42 -17.15 34.77
N PRO A 231 29.76 -18.21 35.26
CA PRO A 231 28.33 -18.09 35.61
C PRO A 231 28.05 -17.20 36.80
N ASP A 232 28.94 -17.18 37.80
CA ASP A 232 28.75 -16.34 38.98
C ASP A 232 28.85 -14.86 38.68
N TRP A 233 29.31 -14.48 37.48
CA TRP A 233 29.31 -13.09 37.05
C TRP A 233 27.96 -12.66 36.51
N MET A 234 26.98 -13.57 36.40
CA MET A 234 25.66 -13.17 35.95
C MET A 234 24.80 -12.60 37.07
N ILE A 235 25.32 -12.53 38.29
CA ILE A 235 24.60 -11.96 39.42
C ILE A 235 25.30 -10.64 39.76
N VAL A 236 24.52 -9.56 39.76
CA VAL A 236 25.07 -8.22 39.85
C VAL A 236 25.51 -7.96 41.29
N THR A 237 26.82 -7.84 41.50
CA THR A 237 27.36 -7.36 42.76
C THR A 237 27.96 -5.97 42.64
N VAL A 238 28.57 -5.65 41.50
CA VAL A 238 29.08 -4.31 41.21
C VAL A 238 28.38 -3.83 39.95
N LEU A 239 27.59 -2.78 40.08
CA LEU A 239 26.81 -2.28 38.97
C LEU A 239 27.59 -1.24 38.19
N PRO A 240 27.76 -1.38 36.88
CA PRO A 240 28.42 -0.34 36.10
C PRO A 240 27.55 0.89 35.97
N VAL A 241 28.19 2.05 36.00
CA VAL A 241 27.53 3.34 35.86
C VAL A 241 27.92 3.93 34.51
N PRO A 242 26.96 4.17 33.61
CA PRO A 242 27.32 4.66 32.28
C PRO A 242 27.82 6.10 32.33
N PRO A 243 28.63 6.51 31.37
CA PRO A 243 29.10 7.90 31.36
C PRO A 243 28.03 8.89 30.94
N LEU A 244 28.38 10.17 30.90
CA LEU A 244 27.42 11.21 30.59
C LEU A 244 27.03 11.21 29.11
N ALA A 245 27.80 10.54 28.24
CA ALA A 245 27.40 10.41 26.85
C ALA A 245 26.19 9.49 26.70
N VAL A 246 26.12 8.43 27.51
CA VAL A 246 24.98 7.52 27.46
C VAL A 246 23.74 8.18 28.05
N ARG A 247 23.90 8.91 29.16
CA ARG A 247 22.80 9.62 29.80
C ARG A 247 23.10 11.11 29.76
N PRO A 248 22.68 11.80 28.70
CA PRO A 248 23.00 13.23 28.57
C PRO A 248 22.14 14.08 29.49
N ALA A 249 22.76 15.12 30.04
CA ALA A 249 22.03 16.10 30.85
C ALA A 249 21.23 16.98 29.91
N VAL A 250 19.90 16.85 29.96
CA VAL A 250 19.03 17.58 29.06
C VAL A 250 18.97 19.03 29.52
N VAL A 251 19.42 19.95 28.67
CA VAL A 251 19.38 21.37 28.95
C VAL A 251 18.21 21.99 28.17
N MET A 252 17.45 22.84 28.84
CA MET A 252 16.23 23.43 28.29
C MET A 252 16.38 24.91 27.99
N PHE A 253 16.84 25.69 28.97
CA PHE A 253 16.94 27.15 28.82
C PHE A 253 18.07 27.62 29.73
N GLY A 254 19.26 27.78 29.16
CA GLY A 254 20.40 28.23 29.93
C GLY A 254 21.10 27.12 30.68
N ALA A 255 20.48 26.62 31.74
CA ALA A 255 21.04 25.58 32.59
C ALA A 255 20.21 24.30 32.47
N ALA A 256 20.87 23.17 32.73
CA ALA A 256 20.22 21.86 32.63
C ALA A 256 19.27 21.68 33.81
N LYS A 257 17.96 21.77 33.53
CA LYS A 257 16.97 21.65 34.60
C LYS A 257 16.74 20.20 34.99
N ASN A 258 16.31 19.38 34.04
CA ASN A 258 15.98 17.99 34.29
C ASN A 258 16.95 17.07 33.56
N GLN A 259 17.40 16.03 34.25
CA GLN A 259 18.19 14.98 33.63
C GLN A 259 17.26 14.01 32.90
N ASP A 260 17.85 12.99 32.28
CA ASP A 260 17.05 12.00 31.60
C ASP A 260 16.59 10.94 32.60
N ASP A 261 16.01 9.86 32.08
CA ASP A 261 15.43 8.83 32.94
C ASP A 261 16.46 7.93 33.58
N LEU A 262 17.59 7.68 32.91
CA LEU A 262 18.61 6.80 33.46
C LEU A 262 19.31 7.42 34.67
N THR A 263 19.48 8.74 34.68
CA THR A 263 20.07 9.41 35.83
C THR A 263 19.15 9.33 37.05
N HIS A 264 17.84 9.48 36.83
CA HIS A 264 16.88 9.32 37.92
C HIS A 264 16.83 7.89 38.40
N LYS A 265 16.98 6.93 37.48
CA LYS A 265 16.97 5.52 37.87
C LYS A 265 18.22 5.18 38.68
N LEU A 266 19.36 5.73 38.30
CA LEU A 266 20.58 5.51 39.08
C LEU A 266 20.53 6.24 40.41
N SER A 267 19.80 7.36 40.48
CA SER A 267 19.55 8.01 41.77
C SER A 267 18.73 7.11 42.68
N ASP A 268 17.72 6.44 42.12
CA ASP A 268 16.95 5.48 42.90
C ASP A 268 17.82 4.29 43.33
N ILE A 269 18.75 3.88 42.46
CA ILE A 269 19.70 2.81 42.77
C ILE A 269 20.55 3.19 43.98
N ILE A 270 21.11 4.40 43.95
CA ILE A 270 22.00 4.86 45.02
C ILE A 270 21.23 5.04 46.31
N LYS A 271 20.01 5.58 46.25
CA LYS A 271 19.22 5.77 47.45
C LYS A 271 18.80 4.44 48.08
N ALA A 272 18.39 3.46 47.25
CA ALA A 272 18.02 2.16 47.78
C ALA A 272 19.23 1.41 48.34
N ASN A 273 20.39 1.52 47.69
CA ASN A 273 21.59 0.86 48.16
C ASN A 273 22.09 1.48 49.48
N ASN A 274 22.02 2.80 49.59
CA ASN A 274 22.42 3.47 50.82
C ASN A 274 21.44 3.16 51.95
N GLU A 275 20.15 3.06 51.64
CA GLU A 275 19.16 2.66 52.64
C GLU A 275 19.40 1.24 53.12
N LEU A 276 19.73 0.33 52.20
CA LEU A 276 20.02 -1.06 52.56
C LEU A 276 21.27 -1.17 53.43
N ARG A 277 22.34 -0.45 53.07
CA ARG A 277 23.56 -0.54 53.86
C ARG A 277 23.42 0.17 55.20
N LYS A 278 22.56 1.19 55.29
CA LYS A 278 22.27 1.80 56.57
C LYS A 278 21.43 0.88 57.45
N ASN A 279 20.49 0.15 56.86
CA ASN A 279 19.65 -0.74 57.64
C ASN A 279 20.41 -1.97 58.12
N GLU A 280 21.32 -2.50 57.29
CA GLU A 280 22.13 -3.61 57.78
C GLU A 280 23.26 -3.14 58.68
N ALA A 281 23.67 -1.88 58.58
CA ALA A 281 24.67 -1.36 59.50
C ALA A 281 24.07 -1.11 60.89
N SER A 282 22.78 -0.81 60.96
CA SER A 282 22.11 -0.57 62.23
C SER A 282 21.61 -1.85 62.89
N GLY A 283 21.69 -2.99 62.21
CA GLY A 283 21.21 -4.24 62.75
C GLY A 283 19.70 -4.29 62.92
N ALA A 284 18.96 -3.92 61.87
CA ALA A 284 17.51 -3.87 61.95
C ALA A 284 16.92 -5.28 61.78
N ALA A 285 15.59 -5.36 61.70
CA ALA A 285 14.90 -6.63 61.62
C ALA A 285 15.06 -7.27 60.25
N ALA A 286 14.69 -8.54 60.16
CA ALA A 286 14.86 -9.29 58.92
C ALA A 286 13.89 -8.84 57.84
N HIS A 287 12.68 -8.42 58.21
CA HIS A 287 11.71 -7.97 57.22
C HIS A 287 12.12 -6.63 56.60
N VAL A 288 12.80 -5.78 57.37
CA VAL A 288 13.32 -4.52 56.83
C VAL A 288 14.40 -4.80 55.79
N ILE A 289 15.29 -5.75 56.09
CA ILE A 289 16.33 -6.15 55.15
C ILE A 289 15.71 -6.79 53.90
N GLN A 290 14.67 -7.61 54.07
CA GLN A 290 14.01 -8.24 52.93
C GLN A 290 13.31 -7.21 52.04
N GLU A 291 12.67 -6.21 52.66
CA GLU A 291 12.05 -5.13 51.89
C GLU A 291 13.11 -4.31 51.14
N ASN A 292 14.26 -4.07 51.78
CA ASN A 292 15.34 -3.34 51.11
C ASN A 292 15.91 -4.12 49.93
N ILE A 293 16.06 -5.44 50.08
CA ILE A 293 16.52 -6.28 48.97
C ILE A 293 15.49 -6.31 47.85
N LYS A 294 14.19 -6.33 48.20
CA LYS A 294 13.13 -6.30 47.19
C LYS A 294 13.16 -5.00 46.40
N MET A 295 13.31 -3.87 47.09
CA MET A 295 13.37 -2.57 46.40
C MET A 295 14.63 -2.43 45.55
N LEU A 296 15.77 -2.92 46.06
CA LEU A 296 17.01 -2.84 45.29
C LEU A 296 16.96 -3.72 44.05
N GLN A 297 16.41 -4.93 44.17
CA GLN A 297 16.26 -5.82 43.02
C GLN A 297 15.30 -5.24 41.99
N PHE A 298 14.21 -4.63 42.46
CA PHE A 298 13.26 -3.97 41.57
C PHE A 298 13.91 -2.82 40.82
N HIS A 299 14.71 -2.00 41.52
CA HIS A 299 15.37 -0.87 40.89
C HIS A 299 16.43 -1.31 39.89
N VAL A 300 17.20 -2.36 40.21
CA VAL A 300 18.21 -2.87 39.29
C VAL A 300 17.57 -3.44 38.03
N ALA A 301 16.53 -4.28 38.22
CA ALA A 301 15.88 -4.92 37.08
C ALA A 301 15.18 -3.92 36.18
N THR A 302 14.45 -2.98 36.77
CA THR A 302 13.81 -1.95 35.96
C THR A 302 14.78 -0.89 35.44
N LEU A 303 16.01 -0.82 35.95
CA LEU A 303 17.05 -0.14 35.20
C LEU A 303 17.39 -0.94 33.94
N VAL A 304 17.44 -2.27 34.05
CA VAL A 304 17.80 -3.07 32.89
C VAL A 304 16.58 -3.33 31.99
N ASP A 305 15.50 -3.86 32.56
CA ASP A 305 14.35 -4.30 31.77
C ASP A 305 13.05 -3.87 32.43
N ASN A 306 12.19 -3.21 31.66
CA ASN A 306 10.95 -2.66 32.19
C ASN A 306 9.69 -3.30 31.61
N ASP A 307 9.82 -4.22 30.66
CA ASP A 307 8.65 -4.75 29.96
C ASP A 307 8.34 -6.20 30.32
N MET A 308 8.99 -6.77 31.33
CA MET A 308 8.72 -8.16 31.67
C MET A 308 7.41 -8.28 32.44
N PRO A 309 6.50 -9.14 32.01
CA PRO A 309 5.23 -9.31 32.73
C PRO A 309 5.42 -9.98 34.08
N GLY A 310 4.44 -9.78 34.95
CA GLY A 310 4.51 -10.28 36.30
C GLY A 310 5.27 -9.39 37.26
N MET A 311 5.81 -8.29 36.79
CA MET A 311 6.62 -7.41 37.59
C MET A 311 6.02 -6.01 37.60
N PRO A 312 6.03 -5.29 38.72
CA PRO A 312 5.52 -3.92 38.72
C PRO A 312 6.32 -2.97 37.85
N ARG A 313 5.60 -2.09 37.16
CA ARG A 313 6.22 -1.17 36.22
C ARG A 313 6.94 -0.04 36.95
N ALA A 314 8.06 0.39 36.39
CA ALA A 314 8.81 1.51 36.94
C ALA A 314 8.07 2.81 36.60
N MET A 315 7.53 3.46 37.62
CA MET A 315 6.62 4.58 37.42
C MET A 315 7.42 5.87 37.30
N GLN A 316 7.52 6.41 36.09
CA GLN A 316 8.15 7.69 35.89
C GLN A 316 7.17 8.80 36.29
N LYS A 317 7.69 10.01 36.47
CA LYS A 317 6.93 11.13 37.01
C LYS A 317 5.77 11.53 36.09
N SER A 318 5.98 11.54 34.78
CA SER A 318 5.03 12.11 33.84
C SER A 318 3.97 11.12 33.36
N GLY A 319 3.64 10.12 34.17
CA GLY A 319 2.60 9.18 33.79
C GLY A 319 3.00 8.13 32.78
N LYS A 320 4.29 7.98 32.53
CA LYS A 320 4.83 7.07 31.54
C LYS A 320 5.67 6.00 32.24
N PRO A 321 5.91 4.86 31.60
CA PRO A 321 6.92 3.94 32.13
C PRO A 321 8.33 4.43 31.85
N LEU A 322 9.27 3.87 32.60
CA LEU A 322 10.69 4.11 32.35
C LEU A 322 11.11 3.50 31.02
N LYS A 323 11.98 4.19 30.29
CA LYS A 323 12.58 3.67 29.07
C LYS A 323 13.94 3.12 29.44
N ALA A 324 14.02 1.80 29.59
CA ALA A 324 15.24 1.14 30.05
C ALA A 324 16.20 0.94 28.88
N ILE A 325 17.29 0.20 29.12
CA ILE A 325 18.28 -0.06 28.08
C ILE A 325 17.70 -0.97 27.01
N LYS A 326 16.88 -1.94 27.41
CA LYS A 326 16.24 -2.83 26.46
C LYS A 326 15.26 -2.08 25.56
N ALA A 327 14.56 -1.10 26.12
CA ALA A 327 13.69 -0.26 25.30
C ALA A 327 14.49 0.66 24.38
N ARG A 328 15.72 1.00 24.77
CA ARG A 328 16.60 1.75 23.86
C ARG A 328 17.05 0.88 22.70
N LEU A 329 17.40 -0.38 22.96
CA LEU A 329 17.95 -1.24 21.93
C LEU A 329 16.86 -1.92 21.09
N LYS A 330 15.93 -2.62 21.74
CA LYS A 330 14.91 -3.35 21.02
C LYS A 330 13.87 -2.42 20.43
N GLY A 331 13.57 -2.60 19.16
CA GLY A 331 12.52 -1.86 18.49
C GLY A 331 12.91 -1.45 17.09
N LYS A 332 11.91 -1.09 16.29
CA LYS A 332 12.15 -0.55 14.96
C LYS A 332 12.86 0.80 15.03
N GLU A 333 12.46 1.65 15.98
CA GLU A 333 13.09 2.94 16.20
C GLU A 333 14.22 2.86 17.22
N GLY A 334 14.67 1.66 17.56
CA GLY A 334 15.72 1.48 18.54
C GLY A 334 17.10 1.80 17.98
N ARG A 335 18.11 1.46 18.79
CA ARG A 335 19.48 1.81 18.45
C ARG A 335 20.05 0.96 17.33
N ILE A 336 19.49 -0.21 17.08
CA ILE A 336 20.01 -1.10 16.05
C ILE A 336 19.35 -0.78 14.71
N ARG A 337 18.03 -0.89 14.66
CA ARG A 337 17.33 -0.70 13.39
C ARG A 337 17.23 0.76 13.00
N GLY A 338 17.03 1.65 13.98
CA GLY A 338 16.78 3.04 13.68
C GLY A 338 18.00 3.94 13.72
N ASN A 339 19.10 3.45 14.26
CA ASN A 339 20.30 4.25 14.39
C ASN A 339 21.57 3.62 13.84
N LEU A 340 21.57 2.32 13.54
CA LEU A 340 22.75 1.65 13.02
C LEU A 340 22.55 1.10 11.61
N MET A 341 21.44 0.40 11.36
CA MET A 341 21.09 0.02 10.00
C MET A 341 20.50 1.17 9.21
N GLY A 342 19.99 2.19 9.87
CA GLY A 342 19.18 3.19 9.21
C GLY A 342 19.47 4.62 9.59
N LYS A 343 20.73 4.97 9.81
CA LYS A 343 21.08 6.31 10.27
C LYS A 343 20.87 7.35 9.19
N ARG A 344 20.66 8.59 9.61
CA ARG A 344 20.36 9.68 8.70
C ARG A 344 21.62 10.21 8.03
N VAL A 345 21.50 10.57 6.75
CA VAL A 345 22.63 11.05 5.97
C VAL A 345 22.70 12.56 6.04
N ASP A 346 23.86 13.10 5.64
CA ASP A 346 24.09 14.54 5.69
C ASP A 346 23.74 15.20 4.36
N PHE A 347 24.44 14.82 3.29
CA PHE A 347 24.29 15.48 1.99
C PHE A 347 23.14 14.83 1.24
N SER A 348 21.96 15.41 1.35
CA SER A 348 20.77 14.85 0.71
C SER A 348 19.76 15.96 0.48
N ALA A 349 18.78 15.66 -0.36
CA ALA A 349 17.69 16.58 -0.65
C ALA A 349 16.45 15.77 -0.95
N ARG A 350 15.30 16.42 -0.85
CA ARG A 350 14.02 15.75 -1.10
C ARG A 350 13.01 16.78 -1.55
N THR A 351 12.39 16.54 -2.71
CA THR A 351 11.35 17.48 -3.16
C THR A 351 10.37 16.77 -4.07
N VAL A 352 9.33 17.52 -4.47
CA VAL A 352 8.29 16.99 -5.33
C VAL A 352 8.82 16.86 -6.75
N ILE A 353 8.34 15.85 -7.47
CA ILE A 353 8.78 15.57 -8.83
C ILE A 353 7.72 16.02 -9.84
N THR A 354 8.19 16.44 -11.00
CA THR A 354 7.36 16.82 -12.13
C THR A 354 7.99 16.27 -13.40
N PRO A 355 7.19 15.94 -14.42
CA PRO A 355 7.76 15.34 -15.62
C PRO A 355 8.58 16.31 -16.46
N ASP A 356 9.49 15.73 -17.24
CA ASP A 356 10.32 16.50 -18.17
C ASP A 356 10.70 15.56 -19.32
N PRO A 357 9.95 15.59 -20.42
CA PRO A 357 10.27 14.70 -21.56
C PRO A 357 11.49 15.11 -22.34
N ASN A 358 12.02 16.31 -22.12
CA ASN A 358 13.19 16.79 -22.86
C ASN A 358 14.51 16.40 -22.20
N LEU A 359 14.46 15.62 -21.12
CA LEU A 359 15.65 15.10 -20.46
C LEU A 359 15.85 13.65 -20.85
N ARG A 360 17.09 13.28 -21.13
CA ARG A 360 17.39 11.88 -21.36
C ARG A 360 17.36 11.12 -20.05
N ILE A 361 17.31 9.78 -20.15
CA ILE A 361 16.96 8.95 -19.00
C ILE A 361 18.04 8.91 -17.93
N ASP A 362 19.29 9.24 -18.27
CA ASP A 362 20.36 9.32 -17.29
C ASP A 362 20.59 10.74 -16.79
N GLN A 363 19.55 11.56 -16.78
CA GLN A 363 19.63 12.93 -16.30
C GLN A 363 18.50 13.20 -15.33
N VAL A 364 18.74 14.13 -14.41
CA VAL A 364 17.75 14.60 -13.47
C VAL A 364 17.82 16.12 -13.40
N GLY A 365 16.67 16.77 -13.42
CA GLY A 365 16.61 18.21 -13.26
C GLY A 365 16.65 18.60 -11.80
N VAL A 366 17.61 19.45 -11.43
CA VAL A 366 17.87 19.82 -10.05
C VAL A 366 17.60 21.31 -9.90
N PRO A 367 16.83 21.75 -8.91
CA PRO A 367 16.61 23.19 -8.71
C PRO A 367 17.88 23.89 -8.26
N ARG A 368 17.89 25.21 -8.48
CA ARG A 368 19.08 26.01 -8.20
C ARG A 368 19.34 26.14 -6.70
N SER A 369 18.29 26.17 -5.87
CA SER A 369 18.49 26.26 -4.43
C SER A 369 19.09 24.98 -3.87
N ILE A 370 18.64 23.83 -4.37
CA ILE A 370 19.21 22.55 -3.96
C ILE A 370 20.66 22.43 -4.45
N ALA A 371 20.92 22.93 -5.66
CA ALA A 371 22.28 22.90 -6.20
C ALA A 371 23.23 23.82 -5.44
N GLN A 372 22.73 24.96 -4.96
CA GLN A 372 23.58 25.83 -4.14
C GLN A 372 23.76 25.29 -2.74
N ASN A 373 22.75 24.62 -2.19
CA ASN A 373 22.88 24.07 -0.84
C ASN A 373 23.80 22.85 -0.82
N LEU A 374 23.62 21.94 -1.78
CA LEU A 374 24.43 20.73 -1.83
C LEU A 374 25.78 21.04 -2.45
N THR A 375 26.84 20.45 -1.88
CA THR A 375 28.20 20.68 -2.32
C THR A 375 28.88 19.36 -2.65
N PHE A 376 29.96 19.47 -3.43
CA PHE A 376 30.83 18.34 -3.73
C PHE A 376 32.27 18.73 -3.43
N PRO A 377 32.99 17.95 -2.62
CA PRO A 377 34.39 18.27 -2.29
C PRO A 377 35.38 17.83 -3.37
N GLU A 378 35.54 18.69 -4.38
CA GLU A 378 36.46 18.40 -5.47
C GLU A 378 37.89 18.65 -5.04
N LEU A 379 38.77 17.70 -5.34
CA LEU A 379 40.19 17.87 -5.04
C LEU A 379 40.82 18.88 -5.99
N VAL A 380 41.85 19.57 -5.49
CA VAL A 380 42.53 20.60 -6.26
C VAL A 380 43.71 19.96 -6.98
N THR A 381 43.67 20.00 -8.30
CA THR A 381 44.69 19.44 -9.17
C THR A 381 45.29 20.55 -10.01
N PRO A 382 46.49 20.35 -10.56
CA PRO A 382 47.00 21.32 -11.56
C PRO A 382 46.17 21.40 -12.84
N PHE A 383 45.33 20.40 -13.12
CA PHE A 383 44.51 20.43 -14.32
C PHE A 383 43.44 21.51 -14.25
N ASN A 384 42.87 21.74 -13.07
CA ASN A 384 41.73 22.64 -12.92
C ASN A 384 42.00 23.76 -11.92
N ILE A 385 43.27 24.16 -11.78
CA ILE A 385 43.65 25.10 -10.72
C ILE A 385 43.07 26.49 -10.97
N ASP A 386 43.00 26.92 -12.23
CA ASP A 386 42.45 28.23 -12.54
C ASP A 386 40.94 28.26 -12.34
N ARG A 387 40.25 27.17 -12.72
CA ARG A 387 38.80 27.13 -12.55
C ARG A 387 38.42 27.02 -11.09
N MET A 388 39.19 26.28 -10.29
CA MET A 388 38.88 26.20 -8.87
C MET A 388 39.25 27.50 -8.16
N GLN A 389 40.26 28.22 -8.66
CA GLN A 389 40.60 29.52 -8.12
C GLN A 389 39.49 30.54 -8.40
N GLU A 390 38.92 30.52 -9.61
CA GLU A 390 37.81 31.43 -9.87
C GLU A 390 36.54 30.99 -9.14
N LEU A 391 36.42 29.69 -8.84
CA LEU A 391 35.29 29.22 -8.04
C LEU A 391 35.39 29.71 -6.61
N VAL A 392 36.58 29.66 -5.99
CA VAL A 392 36.71 30.18 -4.63
C VAL A 392 36.75 31.70 -4.62
N ARG A 393 37.04 32.34 -5.75
CA ARG A 393 36.90 33.79 -5.81
C ARG A 393 35.45 34.22 -5.95
N ARG A 394 34.60 33.40 -6.58
CA ARG A 394 33.19 33.74 -6.72
C ARG A 394 32.45 33.66 -5.39
N GLY A 395 32.86 32.75 -4.51
CA GLY A 395 32.25 32.65 -3.21
C GLY A 395 30.90 31.96 -3.23
N ASN A 396 30.20 32.07 -2.10
CA ASN A 396 28.89 31.46 -1.93
C ASN A 396 27.74 32.33 -2.42
N SER A 397 27.99 33.60 -2.72
CA SER A 397 26.91 34.50 -3.11
C SER A 397 26.44 34.27 -4.53
N GLN A 398 27.27 33.67 -5.39
CA GLN A 398 26.96 33.51 -6.80
C GLN A 398 27.02 32.04 -7.19
N TYR A 399 26.12 31.64 -8.07
CA TYR A 399 26.19 30.29 -8.62
C TYR A 399 26.80 30.33 -10.01
N PRO A 400 27.78 29.47 -10.33
CA PRO A 400 28.44 28.45 -9.48
C PRO A 400 29.46 29.06 -8.54
N GLY A 401 29.79 28.36 -7.46
CA GLY A 401 30.73 28.87 -6.48
C GLY A 401 31.22 27.79 -5.55
N ALA A 402 31.56 28.16 -4.31
CA ALA A 402 32.03 27.20 -3.33
C ALA A 402 31.68 27.71 -1.95
N LYS A 403 31.68 26.79 -0.98
CA LYS A 403 31.39 27.11 0.40
C LYS A 403 32.57 26.94 1.34
N TYR A 404 33.51 26.05 1.02
CA TYR A 404 34.60 25.76 1.93
C TYR A 404 35.85 25.38 1.15
N ILE A 405 37.01 25.59 1.76
CA ILE A 405 38.24 24.92 1.38
C ILE A 405 38.63 24.01 2.54
N VAL A 406 38.73 22.72 2.26
CA VAL A 406 39.19 21.74 3.23
C VAL A 406 40.64 21.43 2.90
N ARG A 407 41.56 21.95 3.70
CA ARG A 407 42.99 21.81 3.43
C ARG A 407 43.49 20.50 4.03
N ASP A 408 44.82 20.35 4.09
CA ASP A 408 45.42 19.04 4.37
C ASP A 408 45.28 18.64 5.83
N ASN A 409 45.39 19.60 6.75
CA ASN A 409 45.35 19.29 8.17
C ASN A 409 43.93 19.29 8.74
N GLY A 410 42.91 19.26 7.88
CA GLY A 410 41.54 19.23 8.33
C GLY A 410 40.96 20.57 8.68
N GLU A 411 41.71 21.66 8.54
CA GLU A 411 41.18 22.99 8.80
C GLU A 411 40.19 23.38 7.73
N ARG A 412 39.07 23.98 8.13
CA ARG A 412 37.99 24.34 7.24
C ARG A 412 37.91 25.85 7.13
N ILE A 413 37.98 26.37 5.92
CA ILE A 413 37.98 27.80 5.66
C ILE A 413 36.62 28.18 5.08
N ASP A 414 35.89 29.02 5.81
CA ASP A 414 34.55 29.40 5.38
C ASP A 414 34.63 30.47 4.30
N LEU A 415 33.74 30.37 3.33
CA LEU A 415 33.74 31.34 2.22
C LEU A 415 32.33 31.91 2.27
N ARG A 416 31.58 31.46 3.26
CA ARG A 416 30.21 32.01 3.44
C ARG A 416 30.34 33.45 3.93
N PHE A 417 31.53 33.85 4.42
CA PHE A 417 31.79 35.26 4.79
C PHE A 417 33.15 35.64 4.22
N HIS A 418 33.18 36.50 3.21
CA HIS A 418 34.45 36.93 2.55
C HIS A 418 35.60 36.87 3.55
N PRO A 419 36.43 35.83 3.49
CA PRO A 419 37.51 35.69 4.44
C PRO A 419 38.87 36.07 3.84
N LYS A 420 39.91 35.90 4.64
CA LYS A 420 41.16 36.69 4.47
C LYS A 420 41.86 36.23 3.18
N SER A 421 41.98 37.13 2.20
CA SER A 421 42.56 36.75 0.91
C SER A 421 43.80 35.88 1.05
N SER A 422 44.47 35.92 2.20
CA SER A 422 45.59 35.00 2.43
C SER A 422 45.12 33.58 2.68
N ASP A 423 43.87 33.40 3.09
CA ASP A 423 43.31 32.07 3.29
C ASP A 423 42.78 31.46 1.99
N LEU A 424 42.72 32.23 0.91
CA LEU A 424 42.26 31.73 -0.38
C LEU A 424 43.40 31.20 -1.23
N HIS A 425 44.21 30.32 -0.64
CA HIS A 425 45.35 29.72 -1.32
C HIS A 425 45.04 28.26 -1.59
N LEU A 426 45.07 27.87 -2.86
CA LEU A 426 44.73 26.51 -3.27
C LEU A 426 46.02 25.77 -3.60
N GLN A 427 46.45 24.92 -2.66
CA GLN A 427 47.58 24.05 -2.88
C GLN A 427 47.10 22.74 -3.52
N CYS A 428 48.03 22.05 -4.18
CA CYS A 428 47.71 20.75 -4.75
C CYS A 428 47.47 19.74 -3.65
N GLY A 429 46.33 19.03 -3.73
CA GLY A 429 45.91 18.14 -2.68
C GLY A 429 44.81 18.70 -1.78
N TYR A 430 44.49 19.98 -1.92
CA TYR A 430 43.41 20.56 -1.13
C TYR A 430 42.05 20.11 -1.67
N LYS A 431 41.05 20.20 -0.80
CA LYS A 431 39.67 19.91 -1.17
C LYS A 431 38.86 21.19 -1.09
N VAL A 432 38.09 21.47 -2.14
CA VAL A 432 37.21 22.63 -2.17
C VAL A 432 35.80 22.12 -2.38
N GLU A 433 34.89 22.50 -1.47
CA GLU A 433 33.50 22.07 -1.56
C GLU A 433 32.77 23.01 -2.50
N ARG A 434 32.81 22.68 -3.78
CA ARG A 434 32.17 23.50 -4.79
C ARG A 434 30.67 23.21 -4.84
N HIS A 435 29.93 24.08 -5.52
CA HIS A 435 28.51 23.88 -5.68
C HIS A 435 28.23 22.75 -6.67
N LEU A 436 27.02 22.21 -6.59
CA LEU A 436 26.62 21.10 -7.44
C LEU A 436 26.33 21.63 -8.84
N ARG A 437 27.22 21.35 -9.78
CA ARG A 437 27.12 21.86 -11.14
C ARG A 437 26.55 20.78 -12.05
N ASP A 438 26.55 21.05 -13.35
CA ASP A 438 26.03 20.10 -14.33
C ASP A 438 26.96 18.90 -14.46
N ASP A 439 26.37 17.79 -14.92
CA ASP A 439 27.04 16.50 -15.12
C ASP A 439 27.70 15.98 -13.85
N ASP A 440 27.03 16.20 -12.72
CA ASP A 440 27.45 15.65 -11.44
C ASP A 440 26.60 14.43 -11.14
N LEU A 441 27.26 13.32 -10.82
CA LEU A 441 26.56 12.06 -10.59
C LEU A 441 25.90 12.07 -9.22
N VAL A 442 24.60 11.79 -9.19
CA VAL A 442 23.83 11.73 -7.96
C VAL A 442 23.04 10.44 -7.94
N ILE A 443 22.45 10.15 -6.80
CA ILE A 443 21.70 8.93 -6.57
C ILE A 443 20.26 9.32 -6.26
N PHE A 444 19.30 8.71 -6.96
CA PHE A 444 17.93 9.19 -7.02
C PHE A 444 17.04 8.06 -6.54
N ASN A 445 16.19 8.36 -5.54
CA ASN A 445 15.53 7.32 -4.76
C ASN A 445 14.08 7.69 -4.44
N ARG A 446 13.16 6.78 -4.76
CA ARG A 446 11.78 6.90 -4.31
C ARG A 446 11.50 5.86 -3.23
N GLN A 447 10.74 6.25 -2.23
CA GLN A 447 10.32 5.39 -1.14
C GLN A 447 8.84 5.07 -1.26
N PRO A 448 8.40 3.83 -0.98
CA PRO A 448 9.14 2.67 -0.46
C PRO A 448 10.00 1.97 -1.50
N THR A 449 11.16 1.48 -1.08
CA THR A 449 12.12 0.84 -1.97
C THR A 449 11.77 -0.64 -2.06
N LEU A 450 11.32 -1.08 -3.23
CA LEU A 450 10.88 -2.45 -3.40
C LEU A 450 11.95 -3.34 -4.03
N HIS A 451 12.68 -2.82 -5.01
CA HIS A 451 13.63 -3.66 -5.73
C HIS A 451 14.91 -2.88 -5.97
N LYS A 452 15.76 -3.43 -6.83
CA LYS A 452 17.09 -2.88 -7.07
C LYS A 452 17.03 -1.55 -7.80
N MET A 453 16.10 -1.41 -8.74
CA MET A 453 16.02 -0.24 -9.59
C MET A 453 15.17 0.88 -9.00
N SER A 454 14.98 0.89 -7.68
CA SER A 454 14.24 1.96 -7.03
C SER A 454 15.14 3.09 -6.57
N MET A 455 16.45 2.95 -6.69
CA MET A 455 17.39 4.05 -6.47
C MET A 455 18.57 3.87 -7.43
N MET A 456 18.73 4.83 -8.33
CA MET A 456 19.62 4.70 -9.48
C MET A 456 20.46 5.96 -9.64
N GLY A 457 21.51 5.83 -10.43
CA GLY A 457 22.38 6.97 -10.71
C GLY A 457 21.83 7.86 -11.80
N HIS A 458 22.10 9.15 -11.66
CA HIS A 458 21.64 10.15 -12.61
C HIS A 458 22.68 11.26 -12.71
N ARG A 459 22.58 12.05 -13.77
CA ARG A 459 23.46 13.19 -13.98
C ARG A 459 22.68 14.48 -13.79
N VAL A 460 23.26 15.42 -13.07
CA VAL A 460 22.56 16.65 -12.71
C VAL A 460 22.52 17.58 -13.91
N LYS A 461 21.33 18.05 -14.27
CA LYS A 461 21.17 19.24 -15.09
C LYS A 461 20.43 20.26 -14.24
N VAL A 462 21.00 21.45 -14.10
CA VAL A 462 20.45 22.46 -13.23
C VAL A 462 19.39 23.24 -13.99
N LEU A 463 18.17 23.19 -13.49
CA LEU A 463 17.03 23.79 -14.22
C LEU A 463 16.43 24.90 -13.37
N PRO A 464 15.72 25.85 -13.99
CA PRO A 464 15.20 27.00 -13.27
C PRO A 464 14.21 26.87 -12.10
N TRP A 465 13.11 26.13 -12.26
CA TRP A 465 12.05 26.11 -11.22
C TRP A 465 12.44 25.28 -9.98
N SER A 466 11.44 24.79 -9.21
CA SER A 466 11.78 24.13 -7.93
C SER A 466 11.19 22.72 -7.72
N THR A 467 11.41 21.77 -8.63
CA THR A 467 10.98 20.38 -8.43
C THR A 467 11.98 19.51 -9.16
N PHE A 468 12.16 18.27 -8.74
CA PHE A 468 13.20 17.42 -9.37
C PHE A 468 12.61 16.84 -10.64
N ARG A 469 12.98 17.38 -11.80
CA ARG A 469 12.34 16.94 -13.05
C ARG A 469 13.12 15.75 -13.61
N MET A 470 12.47 14.60 -13.76
CA MET A 470 13.12 13.40 -14.33
C MET A 470 12.41 13.01 -15.63
N ASN A 471 12.87 11.96 -16.29
CA ASN A 471 12.27 11.58 -17.59
C ASN A 471 11.04 10.75 -17.33
N LEU A 472 10.32 10.37 -18.37
CA LEU A 472 9.07 9.65 -18.21
C LEU A 472 9.25 8.14 -18.18
N SER A 473 10.23 7.62 -18.92
CA SER A 473 10.50 6.19 -18.92
C SER A 473 11.00 5.69 -17.56
N CYS A 474 11.51 6.59 -16.72
CA CYS A 474 11.90 6.26 -15.36
C CYS A 474 10.71 6.17 -14.41
N THR A 475 9.48 6.40 -14.87
CA THR A 475 8.32 6.24 -13.99
C THR A 475 8.07 4.79 -13.64
N SER A 476 8.34 3.87 -14.58
CA SER A 476 8.11 2.45 -14.31
C SER A 476 9.03 1.85 -13.24
N PRO A 477 10.37 2.06 -13.23
CA PRO A 477 11.14 1.45 -12.15
C PRO A 477 10.97 2.13 -10.81
N TYR A 478 10.76 3.44 -10.78
CA TYR A 478 10.57 4.14 -9.51
C TYR A 478 9.17 3.97 -8.95
N ASN A 479 8.22 3.52 -9.77
CA ASN A 479 6.78 3.51 -9.46
C ASN A 479 6.30 4.90 -9.06
N ALA A 480 6.76 5.91 -9.80
CA ALA A 480 6.34 7.28 -9.58
C ALA A 480 5.07 7.58 -10.37
N ASP A 481 4.31 8.55 -9.88
CA ASP A 481 3.01 8.87 -10.47
C ASP A 481 2.83 10.34 -10.80
N PHE A 482 3.73 11.23 -10.36
CA PHE A 482 3.69 12.68 -10.60
C PHE A 482 2.39 13.32 -10.12
N ASP A 483 1.90 12.88 -8.97
CA ASP A 483 0.70 13.43 -8.36
C ASP A 483 0.99 13.95 -6.96
N GLY A 484 2.10 14.66 -6.81
CA GLY A 484 2.55 15.08 -5.51
C GLY A 484 3.57 14.16 -4.87
N ASP A 485 4.20 13.29 -5.65
CA ASP A 485 5.20 12.38 -5.12
C ASP A 485 6.46 13.14 -4.73
N GLU A 486 6.97 12.84 -3.55
CA GLU A 486 8.26 13.38 -3.12
C GLU A 486 9.33 12.32 -3.34
N MET A 487 10.54 12.78 -3.62
CA MET A 487 11.60 11.86 -3.99
C MET A 487 12.94 12.46 -3.57
N ASN A 488 13.90 11.58 -3.27
CA ASN A 488 15.14 11.90 -2.59
C ASN A 488 16.31 11.86 -3.56
N LEU A 489 17.31 12.68 -3.23
CA LEU A 489 18.57 12.76 -3.96
C LEU A 489 19.72 12.73 -2.97
N HIS A 490 20.73 11.92 -3.28
CA HIS A 490 21.94 11.79 -2.49
C HIS A 490 23.14 12.15 -3.35
N VAL A 491 24.07 12.90 -2.78
CA VAL A 491 25.27 13.32 -3.49
C VAL A 491 26.46 12.56 -2.93
N PRO A 492 27.15 11.76 -3.74
CA PRO A 492 28.40 11.14 -3.28
C PRO A 492 29.47 12.20 -3.04
N GLN A 493 30.32 11.93 -2.05
CA GLN A 493 31.29 12.91 -1.58
C GLN A 493 32.73 12.48 -1.83
N SER A 494 32.94 11.50 -2.71
CA SER A 494 34.28 11.06 -3.03
C SER A 494 34.29 10.54 -4.46
N MET A 495 35.47 10.54 -5.07
CA MET A 495 35.56 10.13 -6.47
C MET A 495 35.47 8.63 -6.66
N GLU A 496 35.82 7.83 -5.65
CA GLU A 496 35.60 6.39 -5.75
C GLU A 496 34.11 6.07 -5.69
N THR A 497 33.35 6.79 -4.87
CA THR A 497 31.91 6.63 -4.84
C THR A 497 31.27 7.18 -6.11
N ARG A 498 31.85 8.25 -6.65
CA ARG A 498 31.39 8.79 -7.94
C ARG A 498 31.60 7.79 -9.07
N ALA A 499 32.75 7.10 -9.06
CA ALA A 499 33.00 6.07 -10.06
C ALA A 499 32.12 4.85 -9.85
N GLU A 500 31.75 4.55 -8.60
CA GLU A 500 30.80 3.46 -8.36
C GLU A 500 29.41 3.81 -8.84
N VAL A 501 29.01 5.07 -8.70
CA VAL A 501 27.73 5.52 -9.25
C VAL A 501 27.76 5.46 -10.78
N GLU A 502 28.88 5.85 -11.38
CA GLU A 502 29.01 5.81 -12.84
C GLU A 502 28.99 4.38 -13.38
N ASN A 503 29.72 3.47 -12.75
CA ASN A 503 29.94 2.15 -13.31
C ASN A 503 28.94 1.09 -12.85
N ILE A 504 28.10 1.40 -11.85
CA ILE A 504 27.13 0.41 -11.38
C ILE A 504 25.73 0.99 -11.38
N HIS A 505 25.55 2.12 -10.68
CA HIS A 505 24.23 2.62 -10.34
C HIS A 505 23.53 3.37 -11.47
N ILE A 506 24.21 3.64 -12.58
CA ILE A 506 23.66 4.57 -13.58
C ILE A 506 22.46 3.93 -14.27
N THR A 507 21.57 4.81 -14.77
CA THR A 507 20.27 4.38 -15.31
C THR A 507 20.36 3.46 -16.54
N PRO A 508 21.18 3.72 -17.58
CA PRO A 508 21.22 2.76 -18.70
C PRO A 508 21.82 1.40 -18.35
N ARG A 509 22.56 1.28 -17.25
CA ARG A 509 22.98 -0.03 -16.78
C ARG A 509 21.89 -0.78 -16.04
N GLN A 510 20.81 -0.11 -15.66
CA GLN A 510 19.74 -0.71 -14.88
C GLN A 510 18.49 -0.95 -15.72
N ILE A 511 18.66 -1.16 -17.02
CA ILE A 511 17.51 -1.34 -17.90
C ILE A 511 16.88 -2.71 -17.70
N ILE A 512 17.68 -3.75 -17.65
CA ILE A 512 17.18 -5.12 -17.59
C ILE A 512 17.07 -5.57 -16.15
N THR A 513 15.88 -6.01 -15.76
CA THR A 513 15.72 -6.63 -14.46
C THR A 513 16.43 -7.98 -14.43
N PRO A 514 17.19 -8.28 -13.38
CA PRO A 514 17.54 -9.69 -13.12
C PRO A 514 16.39 -10.50 -12.58
N GLN A 515 15.29 -9.85 -12.20
CA GLN A 515 14.12 -10.54 -11.65
C GLN A 515 13.46 -11.42 -12.70
N ALA A 516 13.24 -10.87 -13.90
CA ALA A 516 12.47 -11.62 -14.90
C ALA A 516 13.04 -11.48 -16.31
N ASN A 517 14.33 -11.13 -16.42
CA ASN A 517 15.09 -10.90 -17.68
C ASN A 517 14.31 -10.12 -18.73
N LYS A 518 13.68 -9.04 -18.28
CA LYS A 518 12.89 -8.14 -19.10
C LYS A 518 13.33 -6.72 -18.79
N PRO A 519 13.12 -5.78 -19.72
CA PRO A 519 13.38 -4.37 -19.41
C PRO A 519 12.44 -3.85 -18.34
N VAL A 520 12.95 -2.93 -17.52
CA VAL A 520 12.11 -2.30 -16.50
C VAL A 520 11.52 -0.99 -17.01
N MET A 521 12.15 -0.36 -18.00
CA MET A 521 11.69 0.91 -18.54
C MET A 521 11.11 0.68 -19.93
N GLY A 522 9.94 1.26 -20.18
CA GLY A 522 9.31 1.13 -21.48
C GLY A 522 8.74 2.47 -21.92
N ILE A 523 8.38 2.53 -23.19
CA ILE A 523 7.75 3.72 -23.75
C ILE A 523 6.31 3.78 -23.26
N VAL A 524 5.96 4.86 -22.57
CA VAL A 524 4.68 4.96 -21.88
C VAL A 524 3.93 6.21 -22.33
N GLN A 525 2.63 6.19 -22.06
CA GLN A 525 1.69 7.34 -22.13
C GLN A 525 1.56 7.80 -23.59
N ASP A 526 1.56 9.12 -23.83
CA ASP A 526 1.27 9.61 -25.17
C ASP A 526 2.45 9.42 -26.12
N THR A 527 3.65 9.18 -25.58
CA THR A 527 4.74 8.73 -26.43
C THR A 527 4.41 7.40 -27.08
N LEU A 528 3.90 6.44 -26.30
CA LEU A 528 3.49 5.14 -26.86
C LEU A 528 2.27 5.30 -27.76
N THR A 529 1.33 6.17 -27.38
CA THR A 529 0.14 6.39 -28.20
C THR A 529 0.50 6.99 -29.56
N ALA A 530 1.43 7.94 -29.60
CA ALA A 530 1.85 8.52 -30.86
C ALA A 530 2.84 7.65 -31.62
N VAL A 531 3.51 6.71 -30.96
CA VAL A 531 4.24 5.66 -31.69
C VAL A 531 3.26 4.79 -32.45
N ARG A 532 2.15 4.39 -31.81
CA ARG A 532 1.14 3.62 -32.50
C ARG A 532 0.45 4.43 -33.60
N LYS A 533 0.22 5.72 -33.35
CA LYS A 533 -0.42 6.57 -34.35
C LYS A 533 0.52 7.01 -35.47
N MET A 534 1.84 6.91 -35.28
CA MET A 534 2.75 7.36 -36.31
C MET A 534 3.06 6.23 -37.28
N THR A 535 3.28 5.02 -36.76
CA THR A 535 3.70 3.88 -37.56
C THR A 535 2.55 3.18 -38.27
N LYS A 536 1.40 3.83 -38.40
CA LYS A 536 0.34 3.30 -39.24
C LYS A 536 0.72 3.48 -40.71
N ARG A 537 -0.02 2.78 -41.57
CA ARG A 537 0.34 2.77 -42.99
C ARG A 537 -0.01 4.09 -43.67
N ASP A 538 -1.06 4.78 -43.22
CA ASP A 538 -1.55 5.96 -43.91
C ASP A 538 -0.83 7.24 -43.54
N VAL A 539 0.14 7.19 -42.62
CA VAL A 539 0.80 8.41 -42.15
C VAL A 539 1.86 8.81 -43.17
N PHE A 540 1.61 9.91 -43.88
CA PHE A 540 2.56 10.47 -44.83
C PHE A 540 3.00 11.83 -44.36
N ILE A 541 4.31 12.05 -44.31
CA ILE A 541 4.91 13.22 -43.67
C ILE A 541 5.68 13.99 -44.72
N THR A 542 5.43 15.30 -44.79
CA THR A 542 6.03 16.15 -45.81
C THR A 542 7.50 16.41 -45.50
N ARG A 543 8.16 17.10 -46.43
CA ARG A 543 9.59 17.40 -46.28
C ARG A 543 9.85 18.36 -45.12
N GLU A 544 8.98 19.35 -44.96
CA GLU A 544 9.16 20.35 -43.91
C GLU A 544 9.06 19.75 -42.52
N GLN A 545 8.08 18.85 -42.31
CA GLN A 545 7.89 18.25 -41.00
C GLN A 545 9.00 17.27 -40.67
N VAL A 546 9.51 16.55 -41.67
CA VAL A 546 10.67 15.67 -41.48
C VAL A 546 11.90 16.48 -41.10
N MET A 547 12.08 17.62 -41.75
CA MET A 547 13.25 18.45 -41.46
C MET A 547 13.15 19.14 -40.11
N ASN A 548 11.93 19.40 -39.62
CA ASN A 548 11.81 19.80 -38.22
C ASN A 548 12.07 18.63 -37.26
N LEU A 549 11.58 17.44 -37.59
CA LEU A 549 11.66 16.32 -36.66
C LEU A 549 13.07 15.77 -36.55
N LEU A 550 13.89 15.96 -37.58
CA LEU A 550 15.26 15.47 -37.54
C LEU A 550 16.18 16.33 -36.68
N MET A 551 15.72 17.50 -36.24
CA MET A 551 16.51 18.32 -35.32
C MET A 551 16.59 17.69 -33.94
N PHE A 552 15.60 16.87 -33.57
CA PHE A 552 15.53 16.28 -32.25
C PHE A 552 16.20 14.92 -32.18
N LEU A 553 16.89 14.51 -33.24
CA LEU A 553 17.61 13.24 -33.25
C LEU A 553 19.10 13.55 -33.27
N PRO A 554 19.78 13.53 -32.12
CA PRO A 554 21.20 13.90 -32.10
C PRO A 554 22.13 12.85 -32.67
N THR A 555 21.68 11.61 -32.79
CA THR A 555 22.48 10.54 -33.36
C THR A 555 22.30 10.42 -34.87
N TRP A 556 21.59 11.35 -35.48
CA TRP A 556 21.41 11.35 -36.93
C TRP A 556 22.73 11.67 -37.62
N ASP A 557 23.00 10.96 -38.73
CA ASP A 557 24.25 11.09 -39.44
C ASP A 557 24.22 12.17 -40.51
N ALA A 558 23.22 13.05 -40.46
CA ALA A 558 23.06 14.22 -41.36
C ALA A 558 22.95 13.82 -42.83
N LYS A 559 22.45 12.62 -43.10
CA LYS A 559 22.16 12.17 -44.46
C LYS A 559 20.67 11.89 -44.55
N MET A 560 19.98 12.64 -45.39
CA MET A 560 18.52 12.55 -45.44
C MET A 560 18.11 11.31 -46.22
N PRO A 561 17.19 10.50 -45.70
CA PRO A 561 16.72 9.34 -46.47
C PRO A 561 15.89 9.76 -47.66
N GLN A 562 15.90 8.93 -48.68
CA GLN A 562 15.15 9.22 -49.89
C GLN A 562 13.66 8.95 -49.61
N PRO A 563 12.75 9.77 -50.14
CA PRO A 563 11.33 9.63 -49.79
C PRO A 563 10.71 8.33 -50.25
N CYS A 564 9.65 7.93 -49.54
CA CYS A 564 8.84 6.80 -49.96
C CYS A 564 8.16 7.09 -51.30
N ILE A 565 7.67 8.32 -51.47
CA ILE A 565 7.01 8.74 -52.70
C ILE A 565 7.80 9.91 -53.27
N LEU A 566 8.18 9.81 -54.54
CA LEU A 566 8.98 10.87 -55.16
C LEU A 566 8.18 11.78 -56.07
N LYS A 567 7.08 11.32 -56.64
CA LYS A 567 6.25 12.15 -57.48
C LYS A 567 4.77 11.93 -57.14
N PRO A 568 3.94 12.99 -57.23
CA PRO A 568 4.27 14.39 -57.53
C PRO A 568 4.81 15.17 -56.33
N ARG A 569 4.54 14.74 -55.12
CA ARG A 569 5.03 15.44 -53.94
C ARG A 569 5.92 14.51 -53.12
N PRO A 570 7.11 14.96 -52.73
CA PRO A 570 7.99 14.12 -51.90
C PRO A 570 7.42 13.95 -50.50
N LEU A 571 7.18 12.69 -50.12
CA LEU A 571 6.59 12.37 -48.82
C LEU A 571 7.37 11.25 -48.16
N TRP A 572 7.54 11.35 -46.85
CA TRP A 572 8.07 10.29 -46.02
C TRP A 572 6.94 9.66 -45.22
N THR A 573 7.17 8.44 -44.76
CA THR A 573 6.22 7.76 -43.88
C THR A 573 6.70 7.79 -42.45
N GLY A 574 5.81 7.40 -41.53
CA GLY A 574 6.18 7.35 -40.13
C GLY A 574 7.20 6.26 -39.84
N LYS A 575 7.11 5.13 -40.54
CA LYS A 575 8.09 4.07 -40.39
C LYS A 575 9.45 4.51 -40.93
N GLN A 576 9.47 5.35 -41.97
CA GLN A 576 10.71 5.78 -42.55
C GLN A 576 11.48 6.74 -41.65
N ILE A 577 10.81 7.46 -40.74
CA ILE A 577 11.52 8.27 -39.77
C ILE A 577 11.70 7.55 -38.44
N PHE A 578 10.92 6.51 -38.16
CA PHE A 578 11.24 5.68 -37.01
C PHE A 578 12.45 4.81 -37.30
N SER A 579 12.71 4.51 -38.57
CA SER A 579 13.89 3.75 -38.96
C SER A 579 15.18 4.51 -38.65
N LEU A 580 15.12 5.84 -38.65
CA LEU A 580 16.29 6.63 -38.27
C LEU A 580 16.54 6.57 -36.78
N ILE A 581 15.49 6.39 -35.97
CA ILE A 581 15.65 6.33 -34.52
C ILE A 581 16.34 5.03 -34.12
N ILE A 582 16.00 3.92 -34.76
CA ILE A 582 16.54 2.60 -34.43
C ILE A 582 18.00 2.53 -34.87
N PRO A 583 18.93 2.31 -33.94
CA PRO A 583 20.35 2.28 -34.33
C PRO A 583 20.88 0.88 -34.57
N GLY A 584 21.96 0.80 -35.37
CA GLY A 584 22.69 -0.45 -35.53
C GLY A 584 21.94 -1.51 -36.30
N ASN A 585 22.30 -2.76 -36.03
CA ASN A 585 21.70 -3.93 -36.67
C ASN A 585 20.71 -4.53 -35.67
N VAL A 586 19.43 -4.18 -35.82
CA VAL A 586 18.37 -4.66 -34.95
C VAL A 586 17.35 -5.38 -35.82
N ASN A 587 17.10 -6.65 -35.53
CA ASN A 587 16.18 -7.48 -36.29
C ASN A 587 15.17 -8.10 -35.36
N MET A 588 13.88 -8.00 -35.69
CA MET A 588 12.84 -8.38 -34.77
C MET A 588 11.55 -8.66 -35.53
N ILE A 589 10.83 -9.70 -35.10
CA ILE A 589 9.49 -9.99 -35.61
C ILE A 589 8.56 -10.17 -34.41
N ARG A 590 7.52 -9.34 -34.33
CA ARG A 590 6.47 -9.51 -33.35
C ARG A 590 5.13 -9.22 -34.02
N THR A 591 4.07 -9.23 -33.24
CA THR A 591 2.73 -8.99 -33.76
C THR A 591 2.08 -7.85 -32.99
N HIS A 592 1.28 -7.07 -33.70
CA HIS A 592 0.49 -6.01 -33.08
C HIS A 592 -0.64 -6.63 -32.26
N SER A 593 -1.18 -5.85 -31.32
CA SER A 593 -2.19 -6.36 -30.39
C SER A 593 -3.50 -6.72 -31.08
N THR A 594 -3.78 -6.16 -32.24
CA THR A 594 -4.98 -6.52 -32.99
C THR A 594 -4.69 -7.42 -34.18
N HIS A 595 -3.64 -8.22 -34.11
CA HIS A 595 -3.32 -9.15 -35.18
C HIS A 595 -4.28 -10.33 -35.15
N PRO A 596 -5.00 -10.61 -36.24
CA PRO A 596 -5.89 -11.78 -36.24
C PRO A 596 -5.11 -13.08 -36.24
N ASP A 597 -5.72 -14.10 -35.65
CA ASP A 597 -5.05 -15.38 -35.48
C ASP A 597 -4.96 -16.17 -36.77
N GLU A 598 -5.89 -15.96 -37.70
CA GLU A 598 -5.94 -16.71 -38.95
C GLU A 598 -5.13 -16.06 -40.06
N GLU A 599 -4.48 -14.92 -39.80
CA GLU A 599 -3.69 -14.27 -40.83
C GLU A 599 -2.38 -15.00 -41.08
N ASP A 600 -1.82 -15.65 -40.06
CA ASP A 600 -0.53 -16.31 -40.21
C ASP A 600 -0.64 -17.57 -41.07
N GLU A 601 -1.79 -18.24 -41.08
CA GLU A 601 -2.00 -19.40 -41.92
C GLU A 601 -2.54 -19.06 -43.29
N GLY A 602 -2.86 -17.79 -43.54
CA GLY A 602 -3.37 -17.38 -44.82
C GLY A 602 -2.27 -17.06 -45.81
N PRO A 603 -2.64 -16.65 -47.02
CA PRO A 603 -1.63 -16.30 -48.03
C PRO A 603 -0.99 -14.94 -47.81
N TYR A 604 -1.58 -14.10 -46.96
CA TYR A 604 -1.10 -12.74 -46.72
C TYR A 604 -0.28 -12.65 -45.43
N LYS A 605 0.50 -13.69 -45.13
CA LYS A 605 1.26 -13.72 -43.89
C LYS A 605 2.36 -12.66 -43.87
N TRP A 606 3.10 -12.54 -44.97
CA TRP A 606 4.20 -11.60 -45.05
C TRP A 606 3.82 -10.28 -45.72
N ILE A 607 2.55 -10.11 -46.08
CA ILE A 607 2.03 -8.82 -46.56
C ILE A 607 0.70 -8.61 -45.84
N SER A 608 0.74 -7.86 -44.76
CA SER A 608 -0.42 -7.78 -43.87
C SER A 608 -1.46 -6.81 -44.42
N PRO A 609 -2.72 -7.23 -44.55
CA PRO A 609 -3.78 -6.27 -44.91
C PRO A 609 -4.00 -5.21 -43.86
N GLY A 610 -3.82 -5.54 -42.59
CA GLY A 610 -4.01 -4.61 -41.49
C GLY A 610 -2.74 -4.03 -40.91
N ASP A 611 -1.58 -4.37 -41.48
CA ASP A 611 -0.26 -3.89 -41.05
C ASP A 611 0.01 -4.22 -39.59
N THR A 612 -0.24 -5.47 -39.22
CA THR A 612 -0.13 -5.91 -37.83
C THR A 612 1.06 -6.82 -37.55
N LYS A 613 1.80 -7.23 -38.58
CA LYS A 613 2.99 -8.06 -38.40
C LYS A 613 4.19 -7.13 -38.36
N VAL A 614 4.69 -6.87 -37.16
CA VAL A 614 5.81 -5.94 -36.99
C VAL A 614 7.10 -6.68 -37.33
N MET A 615 7.85 -6.15 -38.28
CA MET A 615 9.14 -6.71 -38.66
C MET A 615 10.13 -5.57 -38.90
N VAL A 616 11.28 -5.67 -38.22
CA VAL A 616 12.41 -4.76 -38.37
C VAL A 616 13.58 -5.57 -38.88
N GLU A 617 14.16 -5.15 -40.00
CA GLU A 617 15.30 -5.80 -40.59
C GLU A 617 16.44 -4.80 -40.75
N HIS A 618 17.63 -5.18 -40.29
CA HIS A 618 18.86 -4.38 -40.40
C HIS A 618 18.71 -3.01 -39.75
N GLY A 619 17.98 -2.95 -38.64
CA GLY A 619 17.86 -1.72 -37.89
C GLY A 619 16.94 -0.68 -38.49
N GLU A 620 16.13 -1.04 -39.48
CA GLU A 620 15.15 -0.12 -40.05
C GLU A 620 13.80 -0.80 -40.12
N LEU A 621 12.76 -0.06 -39.73
CA LEU A 621 11.42 -0.63 -39.61
C LEU A 621 10.83 -0.84 -41.00
N ILE A 622 10.38 -2.07 -41.25
CA ILE A 622 9.87 -2.46 -42.56
C ILE A 622 8.36 -2.67 -42.52
N MET A 623 7.86 -3.42 -41.55
CA MET A 623 6.43 -3.72 -41.48
C MET A 623 5.90 -3.50 -40.08
N GLY A 624 4.62 -3.15 -40.00
CA GLY A 624 3.88 -3.29 -38.76
C GLY A 624 3.69 -1.98 -38.02
N ILE A 625 2.72 -1.98 -37.11
CA ILE A 625 2.40 -0.86 -36.25
C ILE A 625 2.87 -1.22 -34.84
N LEU A 626 3.73 -0.39 -34.27
CA LEU A 626 4.29 -0.67 -32.96
C LEU A 626 3.27 -0.38 -31.86
N CYS A 627 3.46 -1.05 -30.73
CA CYS A 627 2.53 -1.00 -29.60
C CYS A 627 3.31 -1.38 -28.35
N LYS A 628 2.57 -1.73 -27.28
CA LYS A 628 3.21 -2.17 -26.05
C LYS A 628 3.97 -3.48 -26.23
N LYS A 629 3.54 -4.33 -27.17
CA LYS A 629 4.23 -5.59 -27.41
C LYS A 629 5.61 -5.36 -28.04
N SER A 630 5.78 -4.28 -28.79
CA SER A 630 7.04 -3.98 -29.44
C SER A 630 7.93 -3.03 -28.66
N LEU A 631 7.35 -2.03 -28.00
CA LEU A 631 8.10 -1.00 -27.30
C LEU A 631 7.66 -0.90 -25.85
N GLY A 632 7.52 -2.04 -25.19
CA GLY A 632 7.17 -2.05 -23.79
C GLY A 632 8.19 -2.77 -22.94
N THR A 633 7.76 -3.25 -21.79
CA THR A 633 8.64 -3.98 -20.88
C THR A 633 8.68 -5.47 -21.14
N SER A 634 7.97 -5.95 -22.16
CA SER A 634 7.89 -7.38 -22.43
C SER A 634 9.22 -7.91 -22.95
N ALA A 635 9.44 -9.21 -22.74
CA ALA A 635 10.67 -9.86 -23.17
C ALA A 635 10.71 -9.98 -24.69
N GLY A 636 11.90 -9.81 -25.25
CA GLY A 636 12.05 -9.89 -26.69
C GLY A 636 11.50 -8.70 -27.44
N SER A 637 11.34 -7.55 -26.77
CA SER A 637 10.83 -6.35 -27.42
C SER A 637 11.98 -5.63 -28.11
N LEU A 638 11.70 -4.45 -28.66
CA LEU A 638 12.72 -3.69 -29.37
C LEU A 638 13.77 -3.13 -28.41
N LEU A 639 13.33 -2.71 -27.22
CA LEU A 639 14.27 -2.17 -26.23
C LEU A 639 15.19 -3.26 -25.70
N HIS A 640 14.64 -4.45 -25.45
CA HIS A 640 15.44 -5.59 -25.00
C HIS A 640 16.46 -5.99 -26.06
N ILE A 641 16.04 -6.02 -27.32
CA ILE A 641 16.92 -6.44 -28.40
C ILE A 641 18.02 -5.42 -28.65
N CYS A 642 17.68 -4.13 -28.63
CA CYS A 642 18.72 -3.13 -28.86
C CYS A 642 19.66 -3.02 -27.67
N PHE A 643 19.18 -3.29 -26.45
CA PHE A 643 20.08 -3.35 -25.30
C PHE A 643 21.05 -4.52 -25.43
N LEU A 644 20.54 -5.70 -25.80
CA LEU A 644 21.40 -6.87 -25.85
C LEU A 644 22.33 -6.87 -27.06
N GLU A 645 21.99 -6.14 -28.12
CA GLU A 645 22.83 -6.11 -29.31
C GLU A 645 23.76 -4.90 -29.37
N LEU A 646 23.42 -3.80 -28.71
CA LEU A 646 24.19 -2.57 -28.85
C LEU A 646 24.89 -2.11 -27.59
N GLY A 647 24.44 -2.51 -26.42
CA GLY A 647 25.05 -2.09 -25.17
C GLY A 647 24.13 -1.16 -24.39
N HIS A 648 24.62 -0.76 -23.22
CA HIS A 648 23.80 0.05 -22.33
C HIS A 648 23.70 1.50 -22.80
N ASP A 649 24.78 2.06 -23.33
CA ASP A 649 24.80 3.49 -23.68
C ASP A 649 23.94 3.78 -24.90
N ILE A 650 24.03 2.94 -25.92
CA ILE A 650 23.24 3.14 -27.14
C ILE A 650 21.77 2.92 -26.87
N ALA A 651 21.43 1.93 -26.04
CA ALA A 651 20.04 1.71 -25.66
C ALA A 651 19.50 2.85 -24.81
N GLY A 652 20.33 3.37 -23.90
CA GLY A 652 19.91 4.50 -23.08
C GLY A 652 19.69 5.76 -23.88
N ARG A 653 20.50 5.98 -24.90
CA ARG A 653 20.25 7.09 -25.82
C ARG A 653 19.03 6.81 -26.70
N PHE A 654 18.77 5.55 -27.01
CA PHE A 654 17.62 5.17 -27.82
C PHE A 654 16.32 5.38 -27.06
N TYR A 655 16.34 5.27 -25.73
CA TYR A 655 15.16 5.57 -24.93
C TYR A 655 14.77 7.04 -25.04
N GLY A 656 15.75 7.94 -25.02
CA GLY A 656 15.47 9.35 -25.14
C GLY A 656 15.29 9.84 -26.57
N ASN A 657 15.86 9.13 -27.54
CA ASN A 657 15.73 9.54 -28.93
C ASN A 657 14.34 9.28 -29.50
N ILE A 658 13.61 8.31 -28.94
CA ILE A 658 12.24 8.08 -29.36
C ILE A 658 11.35 9.23 -28.93
N GLN A 659 11.50 9.67 -27.67
CA GLN A 659 10.52 10.55 -27.04
C GLN A 659 10.55 11.95 -27.63
N THR A 660 11.74 12.48 -27.94
CA THR A 660 11.84 13.83 -28.48
C THR A 660 11.29 13.92 -29.91
N VAL A 661 11.49 12.89 -30.72
CA VAL A 661 10.91 12.86 -32.06
C VAL A 661 9.41 12.66 -31.99
N ILE A 662 8.95 11.75 -31.14
CA ILE A 662 7.55 11.37 -31.08
C ILE A 662 6.69 12.49 -30.50
N ASN A 663 7.15 13.11 -29.41
CA ASN A 663 6.40 14.19 -28.79
C ASN A 663 6.35 15.45 -29.65
N ASN A 664 7.27 15.59 -30.60
CA ASN A 664 7.24 16.70 -31.53
C ASN A 664 6.43 16.39 -32.78
N TRP A 665 6.33 15.12 -33.16
CA TRP A 665 5.36 14.76 -34.19
C TRP A 665 3.94 14.81 -33.65
N LEU A 666 3.78 14.59 -32.34
CA LEU A 666 2.47 14.68 -31.71
C LEU A 666 1.93 16.12 -31.70
N LEU A 667 2.81 17.11 -31.80
CA LEU A 667 2.35 18.48 -31.98
C LEU A 667 1.67 18.67 -33.33
N PHE A 668 2.13 17.95 -34.36
CA PHE A 668 1.40 17.95 -35.63
C PHE A 668 0.13 17.15 -35.52
N GLU A 669 0.20 15.96 -34.91
CA GLU A 669 -0.96 15.07 -34.90
C GLU A 669 -1.96 15.45 -33.81
N GLY A 670 -1.56 15.37 -32.55
CA GLY A 670 -2.45 15.62 -31.45
C GLY A 670 -3.25 14.39 -31.07
N HIS A 671 -3.72 14.38 -29.82
CA HIS A 671 -4.48 13.26 -29.30
C HIS A 671 -5.35 13.77 -28.15
N SER A 672 -6.59 13.28 -28.09
CA SER A 672 -7.55 13.82 -27.14
C SER A 672 -8.71 12.85 -26.96
N ILE A 673 -9.09 12.61 -25.71
CA ILE A 673 -10.31 11.89 -25.42
C ILE A 673 -11.39 12.91 -25.09
N GLY A 674 -12.65 12.50 -25.26
CA GLY A 674 -13.76 13.38 -24.98
C GLY A 674 -15.00 12.58 -24.66
N ILE A 675 -16.12 13.30 -24.54
CA ILE A 675 -17.38 12.64 -24.25
C ILE A 675 -17.96 11.96 -25.50
N GLY A 676 -17.46 12.30 -26.69
CA GLY A 676 -17.91 11.63 -27.89
C GLY A 676 -17.30 10.26 -28.09
N ASP A 677 -16.21 9.97 -27.40
CA ASP A 677 -15.55 8.68 -27.50
C ASP A 677 -16.22 7.61 -26.64
N THR A 678 -17.11 8.00 -25.73
CA THR A 678 -17.77 7.07 -24.83
C THR A 678 -19.21 6.78 -25.25
N ILE A 679 -19.65 7.29 -26.40
CA ILE A 679 -21.02 7.13 -26.87
C ILE A 679 -21.00 6.22 -28.07
N ALA A 680 -21.76 5.12 -28.00
CA ALA A 680 -21.78 4.13 -29.06
C ALA A 680 -22.86 4.48 -30.09
N ASP A 681 -22.93 3.66 -31.13
CA ASP A 681 -23.96 3.78 -32.14
C ASP A 681 -25.33 3.43 -31.53
N PRO A 682 -26.40 4.08 -32.01
CA PRO A 682 -27.75 3.73 -31.51
C PRO A 682 -28.16 2.28 -31.77
N GLN A 683 -27.74 1.71 -32.90
CA GLN A 683 -28.00 0.28 -33.14
C GLN A 683 -27.23 -0.58 -32.16
N THR A 684 -25.98 -0.22 -31.87
CA THR A 684 -25.19 -0.94 -30.87
C THR A 684 -25.78 -0.77 -29.47
N TYR A 685 -26.29 0.43 -29.17
CA TYR A 685 -26.93 0.66 -27.88
C TYR A 685 -28.19 -0.17 -27.72
N ASN A 686 -28.98 -0.29 -28.79
CA ASN A 686 -30.17 -1.13 -28.76
C ASN A 686 -29.81 -2.61 -28.59
N GLU A 687 -28.75 -3.06 -29.28
CA GLU A 687 -28.30 -4.44 -29.15
C GLU A 687 -27.79 -4.75 -27.74
N ILE A 688 -27.07 -3.79 -27.15
CA ILE A 688 -26.53 -3.97 -25.79
C ILE A 688 -27.66 -4.03 -24.78
N GLN A 689 -28.65 -3.14 -24.91
CA GLN A 689 -29.78 -3.14 -23.97
C GLN A 689 -30.64 -4.40 -24.14
N GLN A 690 -30.81 -4.88 -25.37
CA GLN A 690 -31.55 -6.12 -25.59
C GLN A 690 -30.81 -7.32 -25.03
N ALA A 691 -29.47 -7.34 -25.15
CA ALA A 691 -28.69 -8.43 -24.58
C ALA A 691 -28.75 -8.44 -23.06
N ILE A 692 -28.72 -7.25 -22.44
CA ILE A 692 -28.82 -7.14 -20.99
C ILE A 692 -30.21 -7.58 -20.51
N LYS A 693 -31.25 -7.19 -21.25
CA LYS A 693 -32.61 -7.60 -20.88
C LYS A 693 -32.81 -9.10 -21.06
N LYS A 694 -32.19 -9.69 -22.11
CA LYS A 694 -32.26 -11.14 -22.29
C LYS A 694 -31.51 -11.88 -21.20
N ALA A 695 -30.38 -11.34 -20.74
CA ALA A 695 -29.66 -11.95 -19.64
C ALA A 695 -30.45 -11.87 -18.33
N LYS A 696 -31.14 -10.75 -18.12
CA LYS A 696 -32.00 -10.63 -16.93
C LYS A 696 -33.17 -11.59 -16.99
N ASP A 697 -33.75 -11.79 -18.17
CA ASP A 697 -34.80 -12.80 -18.31
C ASP A 697 -34.26 -14.21 -18.09
N ASP A 698 -33.02 -14.47 -18.53
CA ASP A 698 -32.39 -15.76 -18.29
C ASP A 698 -32.16 -16.01 -16.81
N VAL A 699 -31.72 -15.00 -16.07
CA VAL A 699 -31.48 -15.22 -14.65
C VAL A 699 -32.79 -15.29 -13.87
N ILE A 700 -33.86 -14.62 -14.33
CA ILE A 700 -35.18 -14.81 -13.73
C ILE A 700 -35.68 -16.22 -13.99
N ASN A 701 -35.43 -16.77 -15.18
CA ASN A 701 -35.83 -18.14 -15.48
C ASN A 701 -35.02 -19.14 -14.66
N VAL A 702 -33.74 -18.85 -14.40
CA VAL A 702 -32.91 -19.69 -13.55
C VAL A 702 -33.44 -19.70 -12.11
N ILE A 703 -33.85 -18.53 -11.61
CA ILE A 703 -34.45 -18.43 -10.28
C ILE A 703 -35.77 -19.21 -10.22
N GLN A 704 -36.58 -19.12 -11.28
CA GLN A 704 -37.85 -19.85 -11.35
C GLN A 704 -37.64 -21.36 -11.36
N LYS A 705 -36.67 -21.84 -12.14
CA LYS A 705 -36.41 -23.28 -12.17
C LYS A 705 -35.76 -23.77 -10.87
N ALA A 706 -35.03 -22.91 -10.18
CA ALA A 706 -34.51 -23.28 -8.87
C ALA A 706 -35.62 -23.33 -7.82
N HIS A 707 -36.60 -22.43 -7.93
CA HIS A 707 -37.72 -22.45 -7.00
C HIS A 707 -38.67 -23.60 -7.29
N ASN A 708 -38.73 -24.06 -8.53
CA ASN A 708 -39.61 -25.16 -8.92
C ASN A 708 -38.95 -26.53 -8.79
N MET A 709 -37.84 -26.61 -8.05
CA MET A 709 -37.12 -27.86 -7.76
C MET A 709 -36.65 -28.57 -9.02
N GLU A 710 -36.23 -27.79 -10.02
CA GLU A 710 -35.80 -28.35 -11.30
C GLU A 710 -34.32 -28.12 -11.58
N LEU A 711 -33.56 -27.64 -10.60
CA LEU A 711 -32.15 -27.34 -10.79
C LEU A 711 -31.32 -28.46 -10.18
N GLU A 712 -30.74 -29.30 -11.03
CA GLU A 712 -29.89 -30.38 -10.55
C GLU A 712 -28.55 -29.83 -10.10
N PRO A 713 -28.13 -30.05 -8.86
CA PRO A 713 -26.83 -29.55 -8.43
C PRO A 713 -25.69 -30.33 -9.05
N THR A 714 -24.63 -29.60 -9.43
CA THR A 714 -23.44 -30.23 -9.96
C THR A 714 -22.70 -30.97 -8.85
N PRO A 715 -21.97 -32.03 -9.18
CA PRO A 715 -21.14 -32.70 -8.17
C PRO A 715 -20.00 -31.79 -7.72
N GLY A 716 -19.67 -31.90 -6.43
CA GLY A 716 -18.62 -31.10 -5.84
C GLY A 716 -19.10 -29.87 -5.09
N ASN A 717 -20.36 -29.49 -5.24
CA ASN A 717 -20.88 -28.30 -4.57
C ASN A 717 -22.39 -28.47 -4.36
N THR A 718 -22.93 -27.64 -3.48
CA THR A 718 -24.33 -27.74 -3.06
C THR A 718 -25.23 -26.97 -4.02
N LEU A 719 -26.50 -26.81 -3.64
CA LEU A 719 -27.48 -26.17 -4.50
C LEU A 719 -27.29 -24.65 -4.54
N ARG A 720 -26.97 -24.03 -3.40
CA ARG A 720 -26.68 -22.60 -3.38
C ARG A 720 -25.46 -22.26 -4.21
N GLN A 721 -24.41 -23.09 -4.11
CA GLN A 721 -23.19 -22.83 -4.87
C GLN A 721 -23.42 -23.01 -6.36
N THR A 722 -24.21 -24.01 -6.75
CA THR A 722 -24.56 -24.22 -8.15
C THR A 722 -25.39 -23.06 -8.69
N PHE A 723 -26.36 -22.59 -7.91
CA PHE A 723 -27.20 -21.48 -8.32
C PHE A 723 -26.41 -20.19 -8.46
N GLU A 724 -25.53 -19.91 -7.49
CA GLU A 724 -24.70 -18.71 -7.54
C GLU A 724 -23.69 -18.77 -8.69
N ASN A 725 -23.16 -19.97 -8.97
CA ASN A 725 -22.25 -20.13 -10.10
C ASN A 725 -22.96 -19.89 -11.43
N LYS A 726 -24.19 -20.39 -11.57
CA LYS A 726 -24.95 -20.16 -12.79
C LYS A 726 -25.30 -18.70 -12.98
N VAL A 727 -25.71 -18.02 -11.89
CA VAL A 727 -26.05 -16.60 -11.97
C VAL A 727 -24.83 -15.76 -12.31
N ASN A 728 -23.70 -16.03 -11.65
CA ASN A 728 -22.48 -15.28 -11.90
C ASN A 728 -21.95 -15.52 -13.31
N ARG A 729 -22.06 -16.76 -13.81
CA ARG A 729 -21.64 -17.07 -15.17
C ARG A 729 -22.51 -16.34 -16.19
N ILE A 730 -23.82 -16.30 -15.96
CA ILE A 730 -24.74 -15.60 -16.88
C ILE A 730 -24.43 -14.11 -16.91
N LEU A 731 -24.23 -13.50 -15.74
CA LEU A 731 -24.02 -12.06 -15.70
C LEU A 731 -22.64 -11.67 -16.22
N ASN A 732 -21.62 -12.48 -15.94
CA ASN A 732 -20.28 -12.18 -16.46
C ASN A 732 -20.21 -12.41 -17.97
N ASP A 733 -20.92 -13.43 -18.48
CA ASP A 733 -20.99 -13.62 -19.92
C ASP A 733 -21.73 -12.48 -20.60
N ALA A 734 -22.77 -11.95 -19.95
CA ALA A 734 -23.48 -10.79 -20.48
C ALA A 734 -22.59 -9.56 -20.55
N ARG A 735 -21.84 -9.31 -19.47
CA ARG A 735 -20.94 -8.16 -19.45
C ARG A 735 -19.83 -8.29 -20.49
N ASP A 736 -19.25 -9.48 -20.62
CA ASP A 736 -18.17 -9.67 -21.59
C ASP A 736 -18.68 -9.59 -23.03
N LYS A 737 -19.88 -10.13 -23.29
CA LYS A 737 -20.43 -10.08 -24.65
C LYS A 737 -20.81 -8.65 -25.04
N THR A 738 -21.42 -7.91 -24.10
CA THR A 738 -21.78 -6.52 -24.39
C THR A 738 -20.54 -5.65 -24.56
N GLY A 739 -19.50 -5.90 -23.75
CA GLY A 739 -18.24 -5.17 -23.93
C GLY A 739 -17.55 -5.50 -25.23
N GLY A 740 -17.62 -6.76 -25.66
CA GLY A 740 -17.05 -7.14 -26.95
C GLY A 740 -17.78 -6.51 -28.10
N SER A 741 -19.12 -6.46 -28.03
CA SER A 741 -19.90 -5.78 -29.07
C SER A 741 -19.62 -4.27 -29.09
N ALA A 742 -19.48 -3.66 -27.91
CA ALA A 742 -19.18 -2.24 -27.84
C ALA A 742 -17.80 -1.91 -28.38
N LYS A 743 -16.80 -2.76 -28.08
CA LYS A 743 -15.46 -2.55 -28.61
C LYS A 743 -15.42 -2.79 -30.12
N LYS A 744 -16.16 -3.79 -30.61
CA LYS A 744 -16.23 -4.07 -32.03
C LYS A 744 -16.91 -2.94 -32.80
N SER A 745 -17.89 -2.29 -32.19
CA SER A 745 -18.63 -1.23 -32.87
C SER A 745 -17.89 0.09 -32.94
N LEU A 746 -16.81 0.26 -32.19
CA LEU A 746 -16.09 1.54 -32.19
C LEU A 746 -15.33 1.73 -33.48
N THR A 747 -15.24 2.97 -33.92
CA THR A 747 -14.54 3.31 -35.15
C THR A 747 -13.04 3.45 -34.88
N GLU A 748 -12.28 3.65 -35.96
CA GLU A 748 -10.85 3.86 -35.83
C GLU A 748 -10.51 5.26 -35.35
N TYR A 749 -11.46 6.20 -35.40
CA TYR A 749 -11.24 7.54 -34.91
C TYR A 749 -11.47 7.67 -33.41
N ASN A 750 -11.96 6.62 -32.77
CA ASN A 750 -12.17 6.65 -31.33
C ASN A 750 -10.82 6.63 -30.61
N ASN A 751 -10.67 7.51 -29.63
CA ASN A 751 -9.39 7.67 -28.96
C ASN A 751 -9.27 6.82 -27.70
N LEU A 752 -10.39 6.48 -27.08
CA LEU A 752 -10.38 5.50 -25.99
C LEU A 752 -9.93 4.13 -26.50
N LYS A 753 -10.45 3.72 -27.67
CA LYS A 753 -9.99 2.50 -28.31
C LYS A 753 -8.53 2.61 -28.74
N ALA A 754 -8.09 3.81 -29.14
CA ALA A 754 -6.69 4.02 -29.52
C ALA A 754 -5.75 3.82 -28.33
N MET A 755 -6.11 4.37 -27.17
CA MET A 755 -5.28 4.15 -25.98
C MET A 755 -5.40 2.74 -25.43
N VAL A 756 -6.50 2.04 -25.70
CA VAL A 756 -6.59 0.64 -25.28
C VAL A 756 -5.71 -0.24 -26.16
N VAL A 757 -5.81 -0.10 -27.49
CA VAL A 757 -5.03 -0.97 -28.37
C VAL A 757 -3.57 -0.55 -28.46
N SER A 758 -3.23 0.67 -28.05
CA SER A 758 -1.82 1.03 -27.97
C SER A 758 -1.14 0.45 -26.74
N GLY A 759 -1.92 0.04 -25.75
CA GLY A 759 -1.38 -0.42 -24.49
C GLY A 759 -0.96 0.68 -23.54
N SER A 760 -1.21 1.93 -23.89
CA SER A 760 -0.74 3.05 -23.06
C SER A 760 -1.52 3.13 -21.75
N LYS A 761 -2.85 3.04 -21.83
CA LYS A 761 -3.68 3.10 -20.63
C LYS A 761 -5.02 2.45 -20.94
N GLY A 762 -5.53 1.68 -19.97
CA GLY A 762 -6.83 1.07 -20.08
C GLY A 762 -6.77 -0.35 -20.62
N SER A 763 -7.93 -0.98 -20.63
CA SER A 763 -8.07 -2.35 -21.11
C SER A 763 -9.49 -2.54 -21.63
N ASN A 764 -9.87 -3.80 -21.88
CA ASN A 764 -11.19 -4.08 -22.42
C ASN A 764 -12.28 -3.89 -21.37
N ILE A 765 -11.97 -4.14 -20.10
CA ILE A 765 -12.96 -3.99 -19.04
C ILE A 765 -13.31 -2.52 -18.83
N ASN A 766 -12.38 -1.61 -19.11
CA ASN A 766 -12.68 -0.19 -19.02
C ASN A 766 -13.63 0.26 -20.11
N ILE A 767 -13.43 -0.23 -21.33
CA ILE A 767 -14.35 0.04 -22.44
C ILE A 767 -15.73 -0.53 -22.15
N SER A 768 -15.76 -1.76 -21.61
CA SER A 768 -17.02 -2.43 -21.29
C SER A 768 -17.79 -1.68 -20.19
N GLN A 769 -17.10 -1.24 -19.15
CA GLN A 769 -17.78 -0.56 -18.06
C GLN A 769 -18.15 0.87 -18.40
N VAL A 770 -17.39 1.53 -19.28
CA VAL A 770 -17.73 2.89 -19.66
C VAL A 770 -18.88 2.90 -20.66
N ILE A 771 -18.85 2.01 -21.65
CA ILE A 771 -19.80 2.08 -22.76
C ILE A 771 -21.01 1.19 -22.52
N ALA A 772 -20.81 -0.08 -22.19
CA ALA A 772 -21.92 -1.03 -22.20
C ALA A 772 -22.64 -1.13 -20.86
N CYS A 773 -21.94 -1.62 -19.83
CA CYS A 773 -22.52 -1.82 -18.50
C CYS A 773 -21.39 -2.07 -17.52
N VAL A 774 -21.59 -1.65 -16.28
CA VAL A 774 -20.58 -1.83 -15.24
C VAL A 774 -20.45 -3.30 -14.86
N GLY A 775 -21.57 -3.98 -14.68
CA GLY A 775 -21.57 -5.40 -14.43
C GLY A 775 -21.95 -5.75 -13.01
N GLN A 776 -21.53 -6.93 -12.59
CA GLN A 776 -21.90 -7.46 -11.28
C GLN A 776 -20.90 -7.00 -10.22
N GLN A 777 -21.41 -6.43 -9.14
CA GLN A 777 -20.59 -6.06 -8.00
C GLN A 777 -20.37 -7.27 -7.11
N ASN A 778 -19.17 -7.39 -6.55
CA ASN A 778 -18.81 -8.54 -5.74
C ASN A 778 -18.10 -8.09 -4.48
N VAL A 779 -18.54 -8.63 -3.33
CA VAL A 779 -17.84 -8.48 -2.06
C VAL A 779 -17.34 -9.86 -1.66
N GLU A 780 -16.00 -9.98 -1.54
CA GLU A 780 -15.28 -11.23 -1.29
C GLU A 780 -15.64 -12.31 -2.31
N GLY A 781 -15.77 -11.92 -3.57
CA GLY A 781 -16.07 -12.86 -4.63
C GLY A 781 -17.46 -13.44 -4.59
N LYS A 782 -18.40 -12.77 -3.93
CA LYS A 782 -19.76 -13.29 -3.78
C LYS A 782 -20.81 -12.27 -4.15
N ARG A 783 -22.06 -12.61 -3.88
CA ARG A 783 -23.19 -11.69 -3.95
C ARG A 783 -23.05 -10.62 -2.86
N ILE A 784 -23.73 -9.49 -3.07
CA ILE A 784 -23.91 -8.49 -2.03
C ILE A 784 -24.69 -9.17 -0.90
N PRO A 785 -24.16 -9.19 0.32
CA PRO A 785 -24.80 -9.97 1.39
C PRO A 785 -26.06 -9.32 1.90
N TYR A 786 -26.88 -10.14 2.54
CA TYR A 786 -28.13 -9.70 3.16
C TYR A 786 -27.79 -9.03 4.49
N GLY A 787 -27.46 -7.74 4.41
CA GLY A 787 -27.19 -6.99 5.64
C GLY A 787 -28.44 -6.81 6.48
N PHE A 788 -29.57 -6.57 5.84
CA PHE A 788 -30.86 -6.58 6.52
C PHE A 788 -31.38 -8.02 6.58
N ARG A 789 -32.58 -8.19 7.10
CA ARG A 789 -33.20 -9.51 7.14
C ARG A 789 -33.69 -9.88 5.75
N LYS A 790 -32.90 -10.71 5.07
CA LYS A 790 -33.18 -11.24 3.73
C LYS A 790 -33.34 -10.14 2.68
N ARG A 791 -32.70 -8.99 2.91
CA ARG A 791 -32.74 -7.87 1.99
C ARG A 791 -31.35 -7.23 1.96
N THR A 792 -30.89 -6.87 0.77
CA THR A 792 -29.67 -6.07 0.68
C THR A 792 -29.94 -4.62 1.02
N LEU A 793 -31.10 -4.10 0.62
CA LEU A 793 -31.51 -2.73 0.89
C LEU A 793 -32.99 -2.75 1.22
N PRO A 794 -33.48 -1.77 1.98
CA PRO A 794 -34.90 -1.79 2.37
C PRO A 794 -35.88 -1.50 1.25
N HIS A 795 -35.41 -1.10 0.07
CA HIS A 795 -36.28 -0.86 -1.08
C HIS A 795 -36.63 -2.13 -1.84
N PHE A 796 -35.94 -3.23 -1.58
CA PHE A 796 -36.21 -4.48 -2.27
C PHE A 796 -37.15 -5.32 -1.40
N ILE A 797 -37.45 -6.53 -1.86
CA ILE A 797 -38.35 -7.41 -1.14
C ILE A 797 -37.50 -8.50 -0.51
N LYS A 798 -38.03 -9.12 0.56
CA LYS A 798 -37.35 -10.23 1.20
C LYS A 798 -37.27 -11.43 0.24
N ASP A 799 -36.14 -12.16 0.34
CA ASP A 799 -35.83 -13.34 -0.48
C ASP A 799 -35.87 -13.02 -1.97
N ASP A 800 -35.27 -11.90 -2.35
CA ASP A 800 -35.13 -11.52 -3.75
C ASP A 800 -33.72 -11.87 -4.20
N TYR A 801 -33.62 -12.75 -5.20
CA TYR A 801 -32.34 -13.15 -5.75
C TYR A 801 -32.12 -12.63 -7.16
N GLY A 802 -32.97 -11.72 -7.62
CA GLY A 802 -32.84 -11.14 -8.94
C GLY A 802 -31.64 -10.23 -9.03
N PRO A 803 -31.23 -9.89 -10.25
CA PRO A 803 -29.95 -9.19 -10.44
C PRO A 803 -29.94 -7.76 -9.93
N GLU A 804 -31.10 -7.11 -9.79
CA GLU A 804 -31.13 -5.75 -9.26
C GLU A 804 -30.80 -5.74 -7.77
N SER A 805 -31.43 -6.63 -7.00
CA SER A 805 -31.16 -6.69 -5.57
C SER A 805 -29.82 -7.38 -5.28
N ARG A 806 -29.39 -8.28 -6.16
CA ARG A 806 -28.10 -8.96 -5.97
C ARG A 806 -26.94 -8.00 -6.14
N GLY A 807 -27.04 -7.07 -7.09
CA GLY A 807 -25.99 -6.09 -7.25
C GLY A 807 -25.49 -5.93 -8.66
N PHE A 808 -26.18 -6.50 -9.63
CA PHE A 808 -25.79 -6.33 -11.02
C PHE A 808 -26.16 -4.94 -11.50
N VAL A 809 -25.20 -4.25 -12.09
CA VAL A 809 -25.38 -2.90 -12.58
C VAL A 809 -25.62 -2.98 -14.08
N GLU A 810 -26.86 -2.73 -14.50
CA GLU A 810 -27.23 -2.81 -15.90
C GLU A 810 -26.95 -1.54 -16.67
N ASN A 811 -26.50 -0.48 -16.00
CA ASN A 811 -26.21 0.79 -16.63
C ASN A 811 -24.71 1.02 -16.71
N SER A 812 -24.29 1.72 -17.74
CA SER A 812 -22.89 2.07 -17.92
C SER A 812 -22.56 3.33 -17.12
N TYR A 813 -21.29 3.72 -17.16
CA TYR A 813 -20.90 4.96 -16.50
C TYR A 813 -21.41 6.19 -17.25
N LEU A 814 -21.56 6.07 -18.56
CA LEU A 814 -22.13 7.15 -19.35
C LEU A 814 -23.60 7.36 -19.02
N ALA A 815 -24.35 6.27 -18.84
CA ALA A 815 -25.76 6.39 -18.53
C ALA A 815 -26.00 6.78 -17.07
N GLY A 816 -25.08 6.44 -16.18
CA GLY A 816 -25.26 6.76 -14.78
C GLY A 816 -25.97 5.66 -14.03
N LEU A 817 -25.64 5.53 -12.75
CA LEU A 817 -26.10 4.42 -11.94
C LEU A 817 -27.36 4.78 -11.17
N THR A 818 -28.25 3.81 -11.00
CA THR A 818 -29.39 3.97 -10.11
C THR A 818 -28.86 3.95 -8.66
N PRO A 819 -29.60 4.56 -7.71
CA PRO A 819 -29.03 4.70 -6.34
C PRO A 819 -28.71 3.40 -5.62
N SER A 820 -29.53 2.36 -5.82
CA SER A 820 -29.24 1.07 -5.20
C SER A 820 -27.96 0.47 -5.77
N GLU A 821 -27.81 0.50 -7.09
CA GLU A 821 -26.58 -0.02 -7.68
C GLU A 821 -25.42 0.95 -7.50
N PHE A 822 -25.68 2.23 -7.25
CA PHE A 822 -24.61 3.13 -6.83
C PHE A 822 -24.06 2.73 -5.47
N TYR A 823 -24.93 2.36 -4.53
CA TYR A 823 -24.47 1.91 -3.23
C TYR A 823 -23.78 0.56 -3.32
N PHE A 824 -24.27 -0.32 -4.20
CA PHE A 824 -23.63 -1.60 -4.44
C PHE A 824 -22.23 -1.42 -5.03
N HIS A 825 -22.08 -0.46 -5.95
CA HIS A 825 -20.77 -0.16 -6.51
C HIS A 825 -19.86 0.49 -5.47
N ALA A 826 -20.43 1.23 -4.52
CA ALA A 826 -19.64 1.75 -3.41
C ALA A 826 -19.09 0.64 -2.53
N MET A 827 -19.92 -0.38 -2.22
CA MET A 827 -19.42 -1.53 -1.49
C MET A 827 -18.38 -2.31 -2.29
N GLY A 828 -18.57 -2.40 -3.60
CA GLY A 828 -17.59 -3.08 -4.43
C GLY A 828 -16.26 -2.35 -4.50
N GLY A 829 -16.30 -1.03 -4.55
CA GLY A 829 -15.08 -0.25 -4.61
C GLY A 829 -14.37 -0.07 -3.29
N ARG A 830 -15.08 -0.26 -2.17
CA ARG A 830 -14.42 -0.20 -0.86
C ARG A 830 -13.46 -1.36 -0.65
N GLU A 831 -13.75 -2.52 -1.26
CA GLU A 831 -12.96 -3.73 -1.03
C GLU A 831 -11.55 -3.60 -1.57
N GLY A 832 -11.36 -2.89 -2.68
CA GLY A 832 -10.01 -2.67 -3.18
C GLY A 832 -9.16 -1.83 -2.26
N LEU A 833 -9.74 -0.79 -1.68
CA LEU A 833 -9.01 0.05 -0.72
C LEU A 833 -8.71 -0.72 0.55
N ILE A 834 -9.65 -1.55 1.01
CA ILE A 834 -9.42 -2.37 2.20
C ILE A 834 -8.30 -3.38 1.95
N ASP A 835 -8.33 -4.04 0.79
CA ASP A 835 -7.31 -5.03 0.45
C ASP A 835 -5.95 -4.38 0.26
N THR A 836 -5.91 -3.15 -0.26
CA THR A 836 -4.65 -2.43 -0.35
C THR A 836 -4.12 -2.05 1.03
N ALA A 837 -4.96 -1.83 2.03
CA ALA A 837 -4.37 -1.38 3.32
C ALA A 837 -3.89 -2.56 4.17
N VAL A 838 -4.84 -3.40 4.57
CA VAL A 838 -4.50 -4.56 5.44
C VAL A 838 -3.19 -5.19 4.97
N LYS A 839 -3.08 -5.57 3.70
CA LYS A 839 -1.95 -6.42 3.30
C LYS A 839 -0.63 -5.69 3.55
N THR A 840 -0.56 -4.41 3.21
CA THR A 840 0.77 -3.80 2.94
C THR A 840 1.69 -4.03 4.12
N ALA A 841 1.14 -4.32 5.29
CA ALA A 841 2.02 -4.45 6.44
C ALA A 841 2.75 -5.79 6.42
N GLU A 842 2.02 -6.87 6.18
CA GLU A 842 2.63 -8.19 6.19
C GLU A 842 3.49 -8.42 4.95
N THR A 843 3.18 -7.74 3.84
CA THR A 843 4.05 -7.79 2.67
C THR A 843 5.41 -7.16 2.96
N GLY A 844 5.43 -6.02 3.64
CA GLY A 844 6.69 -5.41 4.03
C GLY A 844 7.44 -6.22 5.06
N TYR A 845 6.71 -6.84 6.00
CA TYR A 845 7.35 -7.70 6.98
C TYR A 845 7.95 -8.95 6.32
N ILE A 846 7.26 -9.50 5.32
CA ILE A 846 7.78 -10.64 4.57
C ILE A 846 9.02 -10.25 3.78
N GLN A 847 9.00 -9.05 3.18
CA GLN A 847 10.17 -8.55 2.46
C GLN A 847 11.36 -8.35 3.39
N ARG A 848 11.12 -7.82 4.60
CA ARG A 848 12.21 -7.63 5.55
C ARG A 848 12.76 -8.96 6.05
N ARG A 849 11.88 -9.94 6.28
CA ARG A 849 12.33 -11.26 6.70
C ARG A 849 13.14 -11.95 5.62
N LEU A 850 12.67 -11.86 4.37
CA LEU A 850 13.38 -12.46 3.24
C LEU A 850 14.74 -11.80 3.01
N ILE A 851 14.80 -10.48 3.13
CA ILE A 851 16.08 -9.79 2.94
C ILE A 851 17.02 -9.99 4.12
N LYS A 852 16.50 -10.33 5.31
CA LYS A 852 17.38 -10.60 6.44
C LYS A 852 17.85 -12.04 6.49
N ALA A 853 17.11 -12.98 5.88
CA ALA A 853 17.56 -14.35 5.83
C ALA A 853 18.66 -14.58 4.81
N MET A 854 18.81 -13.69 3.83
CA MET A 854 19.68 -13.93 2.68
C MET A 854 20.57 -12.73 2.39
N GLU A 855 20.92 -11.94 3.41
CA GLU A 855 21.61 -10.68 3.17
C GLU A 855 23.08 -10.85 2.85
N SER A 856 23.68 -12.00 3.12
CA SER A 856 25.10 -12.21 2.92
C SER A 856 25.41 -13.34 1.96
N VAL A 857 24.43 -13.83 1.23
CA VAL A 857 24.65 -14.90 0.26
C VAL A 857 25.24 -14.28 -1.01
N MET A 858 26.43 -14.73 -1.38
CA MET A 858 27.22 -14.07 -2.41
C MET A 858 27.92 -15.10 -3.28
N VAL A 859 27.95 -14.84 -4.59
CA VAL A 859 28.76 -15.65 -5.51
C VAL A 859 30.23 -15.36 -5.23
N ASN A 860 31.01 -16.41 -4.96
CA ASN A 860 32.41 -16.23 -4.62
C ASN A 860 33.29 -16.38 -5.85
N TYR A 861 34.60 -16.30 -5.64
CA TYR A 861 35.54 -16.29 -6.75
C TYR A 861 35.82 -17.66 -7.33
N ASP A 862 35.42 -18.73 -6.66
CA ASP A 862 35.51 -20.07 -7.23
C ASP A 862 34.26 -20.45 -8.00
N GLY A 863 33.28 -19.55 -8.11
CA GLY A 863 32.03 -19.82 -8.76
C GLY A 863 30.95 -20.37 -7.85
N THR A 864 31.33 -20.85 -6.66
CA THR A 864 30.35 -21.37 -5.72
C THR A 864 29.59 -20.23 -5.05
N VAL A 865 28.47 -20.58 -4.43
CA VAL A 865 27.60 -19.62 -3.76
C VAL A 865 27.57 -19.98 -2.29
N ARG A 866 27.99 -19.04 -1.43
CA ARG A 866 28.14 -19.28 -0.01
C ARG A 866 27.53 -18.14 0.79
N ASN A 867 27.18 -18.43 2.03
CA ASN A 867 26.62 -17.44 2.94
C ASN A 867 27.77 -16.79 3.72
N SER A 868 27.42 -16.09 4.82
CA SER A 868 28.42 -15.38 5.61
C SER A 868 29.38 -16.33 6.31
N VAL A 869 28.89 -17.49 6.76
CA VAL A 869 29.73 -18.44 7.49
C VAL A 869 30.57 -19.31 6.57
N GLY A 870 30.50 -19.12 5.26
CA GLY A 870 31.23 -19.94 4.33
C GLY A 870 30.60 -21.27 4.01
N GLN A 871 29.40 -21.53 4.49
CA GLN A 871 28.71 -22.78 4.20
C GLN A 871 28.26 -22.81 2.76
N LEU A 872 28.51 -23.93 2.09
CA LEU A 872 28.20 -24.05 0.67
C LEU A 872 26.69 -24.18 0.46
N ILE A 873 26.15 -23.41 -0.46
CA ILE A 873 24.74 -23.43 -0.80
C ILE A 873 24.52 -23.96 -2.21
N GLN A 874 25.17 -23.36 -3.20
CA GLN A 874 25.11 -23.82 -4.57
C GLN A 874 26.51 -23.88 -5.15
N LEU A 875 26.79 -24.94 -5.92
CA LEU A 875 28.08 -25.06 -6.57
C LEU A 875 28.22 -24.06 -7.72
N ARG A 876 27.11 -23.73 -8.37
CA ARG A 876 27.06 -22.65 -9.35
C ARG A 876 25.77 -21.88 -9.14
N TYR A 877 25.79 -20.58 -9.44
CA TYR A 877 24.63 -19.74 -9.20
C TYR A 877 23.54 -20.06 -10.21
N GLY A 878 22.35 -20.39 -9.69
CA GLY A 878 21.25 -20.79 -10.53
C GLY A 878 21.46 -22.11 -11.24
N GLU A 879 22.38 -22.94 -10.73
CA GLU A 879 22.82 -24.23 -11.26
C GLU A 879 23.48 -24.13 -12.63
N ASP A 880 23.75 -22.92 -13.12
CA ASP A 880 24.50 -22.76 -14.37
C ASP A 880 25.51 -21.63 -14.32
N GLY A 881 25.59 -20.86 -13.24
CA GLY A 881 26.61 -19.83 -13.12
C GLY A 881 26.44 -18.63 -14.02
N LEU A 882 25.21 -18.30 -14.40
CA LEU A 882 24.94 -17.17 -15.27
C LEU A 882 24.07 -16.15 -14.57
N CYS A 883 24.31 -14.87 -14.86
CA CYS A 883 23.47 -13.81 -14.31
C CYS A 883 22.12 -13.80 -15.01
N GLY A 884 21.12 -13.29 -14.29
CA GLY A 884 19.76 -13.31 -14.81
C GLY A 884 19.46 -12.25 -15.85
N GLU A 885 20.31 -11.25 -16.02
CA GLU A 885 20.00 -10.17 -16.94
C GLU A 885 20.19 -10.58 -18.39
N LEU A 886 21.20 -11.42 -18.67
CA LEU A 886 21.64 -11.67 -20.04
C LEU A 886 21.18 -13.02 -20.57
N VAL A 887 19.96 -13.44 -20.22
CA VAL A 887 19.37 -14.66 -20.75
C VAL A 887 18.04 -14.31 -21.40
N GLU A 888 17.64 -15.12 -22.38
CA GLU A 888 16.43 -14.91 -23.14
C GLU A 888 15.64 -16.21 -23.23
N PHE A 889 14.38 -16.10 -23.63
CA PHE A 889 13.55 -17.26 -23.87
C PHE A 889 13.87 -17.82 -25.26
N GLN A 890 14.34 -19.07 -25.29
CA GLN A 890 14.73 -19.74 -26.51
C GLN A 890 13.78 -20.88 -26.80
N ASN A 891 13.60 -21.16 -28.08
CA ASN A 891 12.79 -22.29 -28.53
C ASN A 891 13.71 -23.46 -28.82
N MET A 892 13.48 -24.57 -28.13
CA MET A 892 14.26 -25.78 -28.35
C MET A 892 13.54 -26.60 -29.42
N PRO A 893 14.10 -26.73 -30.63
CA PRO A 893 13.30 -27.27 -31.74
C PRO A 893 13.19 -28.78 -31.79
N THR A 894 14.00 -29.52 -31.03
CA THR A 894 14.07 -30.97 -31.19
C THR A 894 13.29 -31.74 -30.14
N VAL A 895 12.45 -31.08 -29.37
CA VAL A 895 11.71 -31.76 -28.31
C VAL A 895 10.33 -32.21 -28.77
N LYS A 896 9.54 -31.29 -29.33
CA LYS A 896 8.15 -31.59 -29.63
C LYS A 896 7.95 -32.29 -30.97
N LEU A 897 9.00 -32.46 -31.76
CA LEU A 897 8.87 -33.03 -33.08
C LEU A 897 8.65 -34.54 -33.02
N SER A 898 8.00 -35.08 -34.04
CA SER A 898 7.82 -36.51 -34.20
C SER A 898 9.12 -37.14 -34.70
N ASN A 899 9.14 -38.46 -34.80
CA ASN A 899 10.35 -39.16 -35.23
C ASN A 899 10.62 -38.93 -36.71
N LYS A 900 9.58 -39.05 -37.56
CA LYS A 900 9.77 -38.85 -38.98
C LYS A 900 10.04 -37.38 -39.32
N SER A 901 9.47 -36.45 -38.54
CA SER A 901 9.77 -35.04 -38.74
C SER A 901 11.19 -34.71 -38.32
N PHE A 902 11.67 -35.36 -37.24
CA PHE A 902 13.05 -35.20 -36.81
C PHE A 902 14.02 -35.73 -37.86
N GLU A 903 13.72 -36.90 -38.42
CA GLU A 903 14.57 -37.45 -39.47
C GLU A 903 14.51 -36.63 -40.76
N LYS A 904 13.35 -36.04 -41.06
CA LYS A 904 13.23 -35.23 -42.26
C LYS A 904 13.97 -33.90 -42.12
N ARG A 905 13.89 -33.28 -40.95
CA ARG A 905 14.41 -31.93 -40.77
C ARG A 905 15.80 -31.89 -40.13
N PHE A 906 16.38 -33.03 -39.76
CA PHE A 906 17.69 -32.97 -39.13
C PHE A 906 18.71 -33.99 -39.60
N LYS A 907 18.32 -35.03 -40.33
CA LYS A 907 19.27 -36.02 -40.82
C LYS A 907 19.83 -35.55 -42.16
N PHE A 908 21.15 -35.37 -42.22
CA PHE A 908 21.83 -34.86 -43.39
C PHE A 908 22.16 -36.03 -44.33
N ASP A 909 21.52 -36.07 -45.49
CA ASP A 909 21.70 -37.16 -46.45
C ASP A 909 22.50 -36.64 -47.63
N TRP A 910 23.71 -37.16 -47.79
CA TRP A 910 24.59 -36.74 -48.88
C TRP A 910 24.20 -37.31 -50.23
N SER A 911 23.36 -38.36 -50.25
CA SER A 911 23.05 -39.06 -51.49
C SER A 911 22.16 -38.26 -52.43
N ASN A 912 21.49 -37.22 -51.96
CA ASN A 912 20.62 -36.40 -52.80
C ASN A 912 21.48 -35.38 -53.51
N GLU A 913 21.97 -35.75 -54.70
CA GLU A 913 22.99 -34.95 -55.37
C GLU A 913 22.42 -33.68 -56.00
N ARG A 914 21.13 -33.67 -56.35
CA ARG A 914 20.52 -32.46 -56.89
C ARG A 914 20.45 -31.36 -55.82
N LEU A 915 20.16 -31.74 -54.57
CA LEU A 915 20.17 -30.78 -53.47
C LEU A 915 21.59 -30.32 -53.17
N MET A 916 22.58 -31.21 -53.34
CA MET A 916 23.95 -30.82 -53.06
C MET A 916 24.50 -29.90 -54.13
N LYS A 917 24.03 -30.05 -55.37
CA LYS A 917 24.41 -29.10 -56.41
C LYS A 917 23.68 -27.77 -56.26
N LYS A 918 22.43 -27.79 -55.79
CA LYS A 918 21.71 -26.54 -55.58
C LYS A 918 22.20 -25.79 -54.35
N VAL A 919 22.67 -26.50 -53.33
CA VAL A 919 23.02 -25.88 -52.05
C VAL A 919 24.50 -25.51 -51.99
N PHE A 920 25.38 -26.41 -52.39
CA PHE A 920 26.81 -26.18 -52.28
C PHE A 920 27.44 -25.90 -53.64
N THR A 921 28.57 -25.20 -53.60
CA THR A 921 29.36 -24.96 -54.80
C THR A 921 30.17 -26.22 -55.14
N ASP A 922 30.87 -26.18 -56.28
CA ASP A 922 31.63 -27.34 -56.72
C ASP A 922 32.89 -27.54 -55.89
N ASP A 923 33.41 -26.46 -55.28
CA ASP A 923 34.56 -26.60 -54.40
C ASP A 923 34.21 -27.39 -53.14
N VAL A 924 33.01 -27.18 -52.60
CA VAL A 924 32.59 -27.91 -51.41
C VAL A 924 32.35 -29.38 -51.73
N ILE A 925 31.74 -29.66 -52.89
CA ILE A 925 31.51 -31.05 -53.31
C ILE A 925 32.84 -31.75 -53.59
N LYS A 926 33.81 -31.03 -54.13
CA LYS A 926 35.16 -31.57 -54.32
C LYS A 926 35.83 -31.86 -52.97
N GLU A 927 35.66 -30.95 -52.00
CA GLU A 927 36.30 -31.11 -50.70
C GLU A 927 35.70 -32.27 -49.90
N MET A 928 34.37 -32.41 -49.93
CA MET A 928 33.71 -33.47 -49.17
C MET A 928 33.98 -34.85 -49.76
N THR A 929 34.06 -34.96 -51.08
CA THR A 929 34.35 -36.24 -51.69
C THR A 929 35.81 -36.64 -51.55
N ASP A 930 36.71 -35.69 -51.35
CA ASP A 930 38.12 -36.01 -51.16
C ASP A 930 38.37 -36.63 -49.79
N SER A 931 37.75 -36.09 -48.74
CA SER A 931 37.98 -36.61 -47.41
C SER A 931 37.16 -37.88 -47.19
N SER A 932 37.70 -38.76 -46.35
CA SER A 932 37.04 -40.02 -45.99
C SER A 932 36.35 -39.95 -44.65
N GLU A 933 36.62 -38.92 -43.86
CA GLU A 933 36.05 -38.78 -42.52
C GLU A 933 34.59 -38.36 -42.58
N ALA A 934 34.16 -37.81 -43.72
CA ALA A 934 32.92 -37.04 -43.86
C ALA A 934 31.64 -37.80 -43.49
N ILE A 935 31.47 -39.01 -44.02
CA ILE A 935 30.22 -39.74 -43.84
C ILE A 935 30.05 -40.17 -42.39
N GLN A 936 31.11 -40.71 -41.80
CA GLN A 936 31.04 -41.12 -40.40
C GLN A 936 30.97 -39.93 -39.45
N GLU A 937 31.52 -38.77 -39.87
CA GLU A 937 31.42 -37.58 -39.03
C GLU A 937 30.00 -37.02 -39.02
N LEU A 938 29.33 -37.03 -40.19
CA LEU A 938 27.92 -36.64 -40.21
C LEU A 938 27.04 -37.65 -39.49
N GLU A 939 27.39 -38.94 -39.56
CA GLU A 939 26.68 -39.94 -38.77
C GLU A 939 26.88 -39.77 -37.27
N ALA A 940 28.08 -39.37 -36.84
CA ALA A 940 28.32 -39.01 -35.44
C ALA A 940 27.53 -37.79 -35.02
N GLU A 941 27.40 -36.79 -35.90
CA GLU A 941 26.51 -35.66 -35.65
C GLU A 941 25.07 -36.10 -35.45
N TRP A 942 24.58 -37.00 -36.31
CA TRP A 942 23.20 -37.48 -36.18
C TRP A 942 23.00 -38.28 -34.90
N ASP A 943 24.00 -39.08 -34.52
CA ASP A 943 23.93 -39.84 -33.27
C ASP A 943 23.92 -38.91 -32.06
N ARG A 944 24.74 -37.85 -32.09
CA ARG A 944 24.73 -36.87 -31.00
C ARG A 944 23.42 -36.12 -30.93
N LEU A 945 22.81 -35.83 -32.09
CA LEU A 945 21.50 -35.17 -32.10
C LEU A 945 20.41 -36.08 -31.52
N VAL A 946 20.47 -37.38 -31.83
CA VAL A 946 19.49 -38.32 -31.29
C VAL A 946 19.66 -38.46 -29.77
N SER A 947 20.91 -38.54 -29.30
CA SER A 947 21.16 -38.63 -27.87
C SER A 947 20.75 -37.35 -27.14
N ASP A 948 20.98 -36.19 -27.75
CA ASP A 948 20.55 -34.93 -27.17
C ASP A 948 19.03 -34.82 -27.13
N ARG A 949 18.34 -35.34 -28.15
CA ARG A 949 16.89 -35.37 -28.14
C ARG A 949 16.35 -36.25 -27.02
N ASP A 950 16.98 -37.41 -26.81
CA ASP A 950 16.57 -38.30 -25.73
C ASP A 950 16.81 -37.67 -24.36
N SER A 951 17.95 -37.00 -24.19
CA SER A 951 18.23 -36.33 -22.91
C SER A 951 17.28 -35.16 -22.67
N LEU A 952 16.94 -34.41 -23.72
CA LEU A 952 16.01 -33.29 -23.59
C LEU A 952 14.60 -33.79 -23.26
N ARG A 953 14.19 -34.92 -23.85
CA ARG A 953 12.90 -35.49 -23.51
C ARG A 953 12.89 -36.09 -22.11
N GLN A 954 14.05 -36.54 -21.62
CA GLN A 954 14.13 -37.00 -20.23
C GLN A 954 14.06 -35.84 -19.25
N ILE A 955 14.70 -34.72 -19.57
CA ILE A 955 14.71 -33.56 -18.67
C ILE A 955 13.33 -32.91 -18.61
N PHE A 956 12.71 -32.70 -19.78
CA PHE A 956 11.36 -32.14 -19.83
C PHE A 956 10.38 -33.24 -20.19
N PRO A 957 9.64 -33.79 -19.22
CA PRO A 957 8.72 -34.89 -19.55
C PRO A 957 7.41 -34.44 -20.16
N ASN A 958 7.02 -33.18 -19.97
CA ASN A 958 5.75 -32.68 -20.50
C ASN A 958 5.91 -32.01 -21.86
N GLY A 959 7.11 -32.01 -22.43
CA GLY A 959 7.30 -31.48 -23.77
C GLY A 959 7.31 -29.98 -23.84
N GLU A 960 8.11 -29.33 -22.99
CA GLU A 960 8.26 -27.89 -23.02
C GLU A 960 9.41 -27.53 -23.94
N SER A 961 9.10 -26.84 -25.04
CA SER A 961 10.11 -26.37 -25.98
C SER A 961 10.47 -24.91 -25.76
N LYS A 962 10.46 -24.47 -24.51
CA LYS A 962 10.74 -23.07 -24.15
C LYS A 962 11.72 -23.08 -22.99
N VAL A 963 12.99 -22.80 -23.27
CA VAL A 963 14.01 -22.76 -22.25
C VAL A 963 14.42 -21.31 -22.02
N VAL A 964 15.17 -21.08 -20.95
CA VAL A 964 15.72 -19.76 -20.64
C VAL A 964 17.23 -19.89 -20.70
N LEU A 965 17.83 -19.41 -21.79
CA LEU A 965 19.25 -19.60 -22.05
C LEU A 965 19.82 -18.30 -22.59
N PRO A 966 21.12 -18.06 -22.41
CA PRO A 966 21.74 -16.89 -23.00
C PRO A 966 21.95 -17.08 -24.51
N CYS A 967 22.33 -15.98 -25.17
CA CYS A 967 22.83 -15.97 -26.55
C CYS A 967 21.80 -16.50 -27.54
N ASN A 968 20.77 -15.67 -27.78
CA ASN A 968 19.70 -15.98 -28.72
C ASN A 968 20.25 -16.32 -30.10
N LEU A 969 20.15 -17.59 -30.50
CA LEU A 969 20.84 -18.06 -31.68
C LEU A 969 20.15 -17.60 -32.96
N GLN A 970 18.81 -17.53 -32.94
CA GLN A 970 18.07 -17.11 -34.13
C GLN A 970 18.37 -15.67 -34.49
N ARG A 971 18.44 -14.79 -33.48
CA ARG A 971 18.74 -13.39 -33.74
C ARG A 971 20.18 -13.19 -34.20
N MET A 972 21.11 -14.00 -33.66
CA MET A 972 22.50 -13.88 -34.11
C MET A 972 22.69 -14.43 -35.52
N ILE A 973 21.98 -15.49 -35.87
CA ILE A 973 22.02 -16.02 -37.22
C ILE A 973 21.43 -15.00 -38.20
N TRP A 974 20.35 -14.35 -37.80
CA TRP A 974 19.77 -13.27 -38.60
C TRP A 974 20.73 -12.08 -38.72
N ASN A 975 21.45 -11.75 -37.64
CA ASN A 975 22.40 -10.65 -37.66
C ASN A 975 23.57 -10.94 -38.59
N VAL A 976 24.11 -12.15 -38.55
CA VAL A 976 25.22 -12.47 -39.45
C VAL A 976 24.74 -12.75 -40.87
N GLN A 977 23.45 -13.01 -41.07
CA GLN A 977 22.91 -13.02 -42.43
C GLN A 977 22.82 -11.61 -42.98
N LYS A 978 22.38 -10.65 -42.15
CA LYS A 978 22.21 -9.29 -42.63
C LYS A 978 23.53 -8.54 -42.76
N ILE A 979 24.52 -8.86 -41.93
CA ILE A 979 25.79 -8.15 -41.97
C ILE A 979 26.57 -8.52 -43.23
N PHE A 980 26.64 -9.81 -43.55
CA PHE A 980 27.45 -10.29 -44.66
C PHE A 980 26.68 -10.39 -45.97
N HIS A 981 25.42 -9.95 -45.99
CA HIS A 981 24.54 -9.94 -47.17
C HIS A 981 24.38 -11.35 -47.76
N ILE A 982 23.86 -12.24 -46.93
CA ILE A 982 23.74 -13.65 -47.30
C ILE A 982 22.58 -13.81 -48.28
N ASN A 983 22.87 -14.40 -49.44
CA ASN A 983 21.85 -14.73 -50.42
C ASN A 983 21.42 -16.18 -50.21
N LYS A 984 20.14 -16.38 -49.89
CA LYS A 984 19.62 -17.70 -49.57
C LYS A 984 19.14 -18.45 -50.79
N ARG A 985 19.28 -17.90 -51.99
CA ARG A 985 18.93 -18.59 -53.23
C ARG A 985 20.15 -18.84 -54.11
N LEU A 986 21.34 -18.72 -53.55
CA LEU A 986 22.61 -18.88 -54.24
C LEU A 986 23.45 -19.91 -53.50
N PRO A 987 24.25 -20.71 -54.21
CA PRO A 987 25.07 -21.72 -53.53
C PRO A 987 26.14 -21.12 -52.62
N THR A 988 26.42 -21.84 -51.53
CA THR A 988 27.32 -21.38 -50.48
C THR A 988 28.63 -22.16 -50.53
N ASP A 989 29.61 -21.66 -49.78
CA ASP A 989 30.95 -22.23 -49.75
C ASP A 989 31.33 -22.80 -48.39
N LEU A 990 30.35 -23.19 -47.58
CA LEU A 990 30.60 -23.69 -46.24
C LEU A 990 30.42 -25.21 -46.23
N SER A 991 31.53 -25.92 -46.09
CA SER A 991 31.47 -27.37 -46.00
C SER A 991 30.92 -27.80 -44.64
N PRO A 992 30.13 -28.87 -44.60
CA PRO A 992 29.57 -29.32 -43.30
C PRO A 992 30.61 -29.81 -42.31
N ILE A 993 31.76 -30.31 -42.77
CA ILE A 993 32.80 -30.74 -41.85
C ILE A 993 33.41 -29.53 -41.13
N ARG A 994 33.50 -28.38 -41.80
CA ARG A 994 33.93 -27.17 -41.12
C ARG A 994 32.89 -26.68 -40.14
N VAL A 995 31.60 -26.93 -40.42
CA VAL A 995 30.54 -26.61 -39.47
C VAL A 995 30.68 -27.46 -38.21
N ILE A 996 30.97 -28.77 -38.38
CA ILE A 996 31.16 -29.65 -37.24
C ILE A 996 32.39 -29.25 -36.43
N LYS A 997 33.49 -28.92 -37.11
CA LYS A 997 34.70 -28.50 -36.42
C LYS A 997 34.50 -27.19 -35.68
N GLY A 998 33.80 -26.22 -36.29
CA GLY A 998 33.54 -24.96 -35.63
C GLY A 998 32.62 -25.10 -34.43
N VAL A 999 31.59 -25.95 -34.54
CA VAL A 999 30.67 -26.19 -33.43
C VAL A 999 31.39 -26.88 -32.28
N LYS A 1000 32.25 -27.87 -32.59
CA LYS A 1000 33.00 -28.56 -31.54
C LYS A 1000 34.01 -27.64 -30.87
N THR A 1001 34.69 -26.79 -31.64
CA THR A 1001 35.63 -25.82 -31.06
C THR A 1001 34.90 -24.79 -30.20
N LEU A 1002 33.72 -24.36 -30.65
CA LEU A 1002 32.91 -23.40 -29.89
C LEU A 1002 32.43 -23.99 -28.57
N LEU A 1003 31.97 -25.25 -28.60
CA LEU A 1003 31.51 -25.88 -27.37
C LEU A 1003 32.66 -26.24 -26.44
N GLU A 1004 33.86 -26.46 -26.99
CA GLU A 1004 35.02 -26.67 -26.14
C GLU A 1004 35.51 -25.35 -25.53
N ARG A 1005 35.30 -24.23 -26.21
CA ARG A 1005 35.72 -22.94 -25.69
C ARG A 1005 34.66 -22.26 -24.84
N CYS A 1006 33.43 -22.80 -24.79
CA CYS A 1006 32.36 -22.23 -23.97
C CYS A 1006 32.27 -23.05 -22.69
N VAL A 1007 33.10 -22.70 -21.72
CA VAL A 1007 33.19 -23.43 -20.47
C VAL A 1007 32.64 -22.57 -19.34
N ILE A 1008 32.23 -23.24 -18.27
CA ILE A 1008 31.74 -22.59 -17.06
C ILE A 1008 32.52 -23.06 -15.84
N VAL A 1009 32.62 -24.37 -15.65
CA VAL A 1009 33.47 -24.96 -14.62
C VAL A 1009 34.79 -25.34 -15.27
N THR A 1010 35.88 -24.75 -14.80
CA THR A 1010 37.19 -25.00 -15.40
C THR A 1010 37.88 -26.16 -14.69
N GLY A 1011 38.92 -26.67 -15.32
CA GLY A 1011 39.69 -27.78 -14.81
C GLY A 1011 39.62 -28.99 -15.72
N ASN A 1012 40.52 -29.94 -15.46
CA ASN A 1012 40.63 -31.16 -16.23
C ASN A 1012 40.32 -32.41 -15.41
N ASP A 1013 39.86 -32.24 -14.18
CA ASP A 1013 39.50 -33.38 -13.36
C ASP A 1013 38.16 -33.96 -13.82
N ARG A 1014 37.83 -35.15 -13.33
CA ARG A 1014 36.56 -35.79 -13.65
C ARG A 1014 35.39 -35.00 -13.09
N ILE A 1015 35.53 -34.48 -11.86
CA ILE A 1015 34.49 -33.68 -11.24
C ILE A 1015 34.30 -32.37 -12.00
N SER A 1016 35.42 -31.73 -12.38
CA SER A 1016 35.35 -30.45 -13.10
C SER A 1016 34.72 -30.62 -14.49
N LYS A 1017 35.13 -31.67 -15.21
CA LYS A 1017 34.56 -31.93 -16.53
C LYS A 1017 33.08 -32.29 -16.44
N GLN A 1018 32.72 -33.13 -15.48
CA GLN A 1018 31.32 -33.54 -15.32
C GLN A 1018 30.45 -32.36 -14.93
N ALA A 1019 30.95 -31.48 -14.05
CA ALA A 1019 30.23 -30.27 -13.71
C ALA A 1019 30.15 -29.31 -14.90
N ASN A 1020 31.15 -29.34 -15.78
CA ASN A 1020 31.12 -28.50 -16.97
C ASN A 1020 30.00 -28.93 -17.92
N GLU A 1021 29.91 -30.24 -18.23
CA GLU A 1021 28.79 -30.66 -19.08
C GLU A 1021 27.45 -30.56 -18.36
N ASN A 1022 27.41 -30.74 -17.04
CA ASN A 1022 26.14 -30.55 -16.33
C ASN A 1022 25.71 -29.10 -16.30
N ALA A 1023 26.66 -28.16 -16.35
CA ALA A 1023 26.29 -26.75 -16.44
C ALA A 1023 25.91 -26.35 -17.85
N THR A 1024 26.54 -26.93 -18.87
CA THR A 1024 26.34 -26.47 -20.25
C THR A 1024 25.55 -27.46 -21.11
N LEU A 1025 24.81 -28.39 -20.49
CA LEU A 1025 24.08 -29.39 -21.27
C LEU A 1025 22.99 -28.77 -22.13
N LEU A 1026 22.18 -27.86 -21.56
CA LEU A 1026 21.10 -27.25 -22.34
C LEU A 1026 21.64 -26.32 -23.40
N PHE A 1027 22.73 -25.60 -23.10
CA PHE A 1027 23.36 -24.73 -24.08
C PHE A 1027 23.96 -25.54 -25.23
N GLN A 1028 24.59 -26.68 -24.92
CA GLN A 1028 25.14 -27.55 -25.96
C GLN A 1028 24.04 -28.16 -26.82
N CYS A 1029 22.92 -28.55 -26.19
CA CYS A 1029 21.80 -29.09 -26.94
C CYS A 1029 21.19 -28.03 -27.85
N LEU A 1030 21.11 -26.78 -27.38
CA LEU A 1030 20.59 -25.71 -28.20
C LEU A 1030 21.55 -25.34 -29.33
N ILE A 1031 22.86 -25.42 -29.08
CA ILE A 1031 23.85 -25.15 -30.13
C ILE A 1031 23.77 -26.23 -31.21
N ARG A 1032 23.75 -27.50 -30.81
CA ARG A 1032 23.74 -28.57 -31.79
C ARG A 1032 22.41 -28.69 -32.52
N SER A 1033 21.30 -28.36 -31.84
CA SER A 1033 20.00 -28.45 -32.47
C SER A 1033 19.72 -27.31 -33.44
N THR A 1034 20.44 -26.20 -33.33
CA THR A 1034 20.24 -25.05 -34.20
C THR A 1034 21.35 -24.86 -35.20
N LEU A 1035 22.61 -25.00 -34.78
CA LEU A 1035 23.74 -24.96 -35.71
C LEU A 1035 24.01 -26.36 -36.27
N CYS A 1036 22.97 -27.02 -36.77
CA CYS A 1036 23.12 -28.30 -37.43
C CYS A 1036 23.61 -28.10 -38.85
N THR A 1037 24.10 -29.17 -39.46
CA THR A 1037 24.59 -29.09 -40.83
C THR A 1037 23.48 -28.98 -41.86
N LYS A 1038 22.23 -29.19 -41.47
CA LYS A 1038 21.13 -28.95 -42.41
C LYS A 1038 20.65 -27.51 -42.38
N TYR A 1039 20.48 -26.92 -41.19
CA TYR A 1039 19.94 -25.57 -41.10
C TYR A 1039 20.92 -24.52 -41.59
N VAL A 1040 22.22 -24.67 -41.29
CA VAL A 1040 23.19 -23.67 -41.72
C VAL A 1040 23.56 -23.79 -43.18
N SER A 1041 23.11 -24.84 -43.86
CA SER A 1041 23.44 -25.08 -45.25
C SER A 1041 22.22 -25.04 -46.16
N GLU A 1042 21.11 -25.63 -45.74
CA GLU A 1042 19.91 -25.61 -46.57
C GLU A 1042 18.99 -24.45 -46.26
N GLU A 1043 18.90 -24.04 -44.99
CA GLU A 1043 17.97 -22.99 -44.58
C GLU A 1043 18.68 -21.64 -44.45
N PHE A 1044 19.69 -21.55 -43.59
CA PHE A 1044 20.34 -20.27 -43.35
C PHE A 1044 21.30 -19.90 -44.48
N ARG A 1045 21.98 -20.90 -45.07
CA ARG A 1045 22.96 -20.74 -46.15
C ARG A 1045 24.08 -19.77 -45.75
N LEU A 1046 24.61 -19.97 -44.55
CA LEU A 1046 25.68 -19.12 -44.06
C LEU A 1046 26.97 -19.37 -44.83
N SER A 1047 27.75 -18.31 -45.02
CA SER A 1047 29.04 -18.41 -45.70
C SER A 1047 30.10 -18.83 -44.69
N THR A 1048 31.37 -18.76 -45.10
CA THR A 1048 32.44 -19.16 -44.21
C THR A 1048 32.70 -18.10 -43.15
N GLU A 1049 33.07 -16.89 -43.57
CA GLU A 1049 33.42 -15.82 -42.64
C GLU A 1049 32.25 -15.39 -41.79
N ALA A 1050 31.03 -15.52 -42.31
CA ALA A 1050 29.83 -15.36 -41.50
C ALA A 1050 29.75 -16.41 -40.40
N PHE A 1051 30.19 -17.64 -40.70
CA PHE A 1051 30.16 -18.69 -39.69
C PHE A 1051 31.21 -18.48 -38.61
N GLU A 1052 32.43 -18.06 -38.98
CA GLU A 1052 33.38 -17.77 -37.90
C GLU A 1052 32.99 -16.52 -37.11
N TRP A 1053 32.35 -15.53 -37.75
CA TRP A 1053 31.84 -14.39 -37.01
C TRP A 1053 30.75 -14.81 -36.03
N LEU A 1054 29.86 -15.71 -36.45
CA LEU A 1054 28.82 -16.21 -35.58
C LEU A 1054 29.39 -17.00 -34.40
N VAL A 1055 30.40 -17.83 -34.67
CA VAL A 1055 31.02 -18.64 -33.62
C VAL A 1055 31.74 -17.75 -32.60
N GLY A 1056 32.48 -16.75 -33.09
CA GLY A 1056 33.16 -15.82 -32.19
C GLY A 1056 32.20 -14.98 -31.37
N GLU A 1057 31.09 -14.55 -31.98
CA GLU A 1057 30.11 -13.76 -31.25
C GLU A 1057 29.38 -14.60 -30.20
N ILE A 1058 29.07 -15.86 -30.53
CA ILE A 1058 28.43 -16.76 -29.57
C ILE A 1058 29.36 -17.01 -28.37
N GLU A 1059 30.64 -17.25 -28.65
CA GLU A 1059 31.61 -17.47 -27.57
C GLU A 1059 31.80 -16.24 -26.70
N THR A 1060 31.90 -15.05 -27.31
CA THR A 1060 32.09 -13.81 -26.57
C THR A 1060 30.88 -13.49 -25.70
N ARG A 1061 29.67 -13.60 -26.27
CA ARG A 1061 28.49 -13.26 -25.50
C ARG A 1061 28.07 -14.35 -24.54
N PHE A 1062 28.59 -15.58 -24.70
CA PHE A 1062 28.44 -16.58 -23.64
C PHE A 1062 29.39 -16.31 -22.49
N GLN A 1063 30.57 -15.79 -22.80
CA GLN A 1063 31.47 -15.33 -21.74
C GLN A 1063 30.87 -14.16 -20.97
N GLN A 1064 30.24 -13.22 -21.69
CA GLN A 1064 29.69 -12.03 -21.05
C GLN A 1064 28.49 -12.34 -20.15
N ALA A 1065 27.80 -13.45 -20.40
CA ALA A 1065 26.60 -13.79 -19.64
C ALA A 1065 26.89 -14.51 -18.33
N GLN A 1066 28.15 -14.79 -18.03
CA GLN A 1066 28.48 -15.48 -16.79
C GLN A 1066 28.33 -14.55 -15.59
N ALA A 1067 27.97 -15.15 -14.46
CA ALA A 1067 27.76 -14.38 -13.24
C ALA A 1067 29.09 -13.86 -12.69
N ASN A 1068 29.08 -12.60 -12.29
CA ASN A 1068 30.29 -11.99 -11.76
C ASN A 1068 30.54 -12.52 -10.35
N PRO A 1069 31.77 -12.92 -10.03
CA PRO A 1069 32.10 -13.22 -8.63
C PRO A 1069 32.03 -11.97 -7.78
N GLY A 1070 31.49 -12.13 -6.57
CA GLY A 1070 31.22 -11.01 -5.70
C GLY A 1070 29.83 -10.44 -5.80
N GLU A 1071 29.04 -10.87 -6.79
CA GLU A 1071 27.70 -10.36 -6.94
C GLU A 1071 26.80 -10.88 -5.83
N MET A 1072 26.09 -9.98 -5.16
CA MET A 1072 25.20 -10.36 -4.07
C MET A 1072 23.91 -10.90 -4.64
N VAL A 1073 23.79 -12.23 -4.64
CA VAL A 1073 22.64 -12.87 -5.25
C VAL A 1073 21.56 -13.22 -4.24
N GLY A 1074 21.89 -13.31 -2.96
CA GLY A 1074 20.87 -13.61 -1.96
C GLY A 1074 19.92 -12.44 -1.74
N ALA A 1075 20.48 -11.24 -1.59
CA ALA A 1075 19.63 -10.06 -1.45
C ALA A 1075 18.90 -9.74 -2.73
N LEU A 1076 19.54 -9.99 -3.89
CA LEU A 1076 18.88 -9.82 -5.17
C LEU A 1076 17.71 -10.80 -5.33
N ALA A 1077 17.89 -12.03 -4.87
CA ALA A 1077 16.81 -13.02 -4.91
C ALA A 1077 15.68 -12.64 -3.98
N ALA A 1078 16.01 -12.15 -2.78
CA ALA A 1078 14.99 -11.75 -1.82
C ALA A 1078 14.19 -10.56 -2.32
N GLN A 1079 14.85 -9.59 -2.97
CA GLN A 1079 14.13 -8.45 -3.51
C GLN A 1079 13.33 -8.82 -4.75
N SER A 1080 13.87 -9.69 -5.60
CA SER A 1080 13.15 -10.11 -6.79
C SER A 1080 12.03 -11.09 -6.49
N LEU A 1081 11.99 -11.65 -5.29
CA LEU A 1081 10.86 -12.46 -4.87
C LEU A 1081 9.85 -11.69 -4.00
N GLY A 1082 10.31 -10.67 -3.27
CA GLY A 1082 9.40 -9.87 -2.47
C GLY A 1082 8.72 -8.75 -3.21
N GLU A 1083 9.32 -8.26 -4.30
CA GLU A 1083 8.67 -7.27 -5.15
C GLU A 1083 7.37 -7.75 -5.82
N PRO A 1084 7.26 -8.98 -6.37
CA PRO A 1084 5.93 -9.40 -6.88
C PRO A 1084 4.86 -9.52 -5.82
N ALA A 1085 5.23 -9.68 -4.54
CA ALA A 1085 4.23 -9.79 -3.47
C ALA A 1085 3.42 -8.51 -3.28
N THR A 1086 3.96 -7.35 -3.68
CA THR A 1086 3.17 -6.13 -3.67
C THR A 1086 2.15 -6.09 -4.80
N GLN A 1087 2.34 -6.91 -5.84
CA GLN A 1087 1.46 -6.92 -7.00
C GLN A 1087 0.50 -8.09 -6.99
N MET A 1088 0.27 -8.70 -5.83
CA MET A 1088 -0.59 -9.87 -5.71
C MET A 1088 -1.99 -9.51 -5.22
N THR A 1089 -2.48 -8.34 -5.64
CA THR A 1089 -3.83 -7.92 -5.31
C THR A 1089 -4.61 -7.40 -6.52
N LEU A 1090 -4.00 -7.38 -7.72
CA LEU A 1090 -4.67 -6.86 -8.90
C LEU A 1090 -5.72 -7.81 -9.44
N ASN A 1091 -5.66 -9.10 -9.08
CA ASN A 1091 -6.64 -10.09 -9.49
C ASN A 1091 -7.67 -10.36 -8.40
N THR A 1092 -7.95 -9.36 -7.56
CA THR A 1092 -8.88 -9.54 -6.45
C THR A 1092 -10.32 -9.62 -6.95
N PHE A 1093 -10.70 -8.74 -7.85
CA PHE A 1093 -12.07 -8.69 -8.35
C PHE A 1093 -12.26 -9.70 -9.48
N HIS A 1094 -13.48 -9.70 -10.03
CA HIS A 1094 -13.91 -10.57 -11.15
C HIS A 1094 -13.73 -12.05 -10.81
N PHE A 1095 -14.03 -12.41 -9.57
CA PHE A 1095 -13.90 -13.78 -9.09
C PHE A 1095 -15.26 -14.30 -8.66
N ALA A 1096 -15.59 -15.51 -9.09
CA ALA A 1096 -16.84 -16.16 -8.70
C ALA A 1096 -16.63 -17.55 -8.13
N GLY A 1097 -15.64 -18.30 -8.64
CA GLY A 1097 -15.36 -19.63 -8.14
C GLY A 1097 -16.05 -20.72 -8.94
N VAL A 1098 -15.28 -21.69 -9.43
CA VAL A 1098 -15.81 -22.80 -10.19
C VAL A 1098 -15.78 -24.10 -9.39
N SER A 1099 -14.74 -24.31 -8.58
CA SER A 1099 -14.61 -25.48 -7.73
C SER A 1099 -14.73 -25.07 -6.28
N SER A 1100 -15.45 -25.87 -5.50
CA SER A 1100 -15.63 -25.60 -4.08
C SER A 1100 -14.54 -26.26 -3.23
N LYS A 1101 -13.29 -26.02 -3.61
CA LYS A 1101 -12.13 -26.57 -2.94
C LYS A 1101 -11.46 -25.47 -2.12
N ASN A 1102 -11.22 -25.75 -0.84
CA ASN A 1102 -10.56 -24.78 0.04
C ASN A 1102 -9.11 -24.67 -0.38
N VAL A 1103 -8.72 -23.48 -0.85
CA VAL A 1103 -7.34 -23.20 -1.24
C VAL A 1103 -6.98 -21.80 -0.76
N THR A 1104 -5.81 -21.68 -0.13
CA THR A 1104 -5.28 -20.38 0.25
C THR A 1104 -4.48 -19.83 -0.92
N LEU A 1105 -4.79 -18.61 -1.33
CA LEU A 1105 -4.14 -17.98 -2.47
C LEU A 1105 -3.63 -16.61 -2.05
N GLY A 1106 -2.62 -16.14 -2.77
CA GLY A 1106 -2.06 -14.83 -2.48
C GLY A 1106 -1.01 -14.85 -1.40
N VAL A 1107 -0.68 -13.66 -0.90
CA VAL A 1107 0.35 -13.39 0.11
C VAL A 1107 0.23 -14.24 1.37
N PRO A 1108 -0.96 -14.47 1.98
CA PRO A 1108 -0.99 -15.41 3.14
C PRO A 1108 -0.56 -16.83 2.79
N ARG A 1109 -0.85 -17.31 1.58
CA ARG A 1109 -0.30 -18.59 1.15
C ARG A 1109 1.22 -18.53 1.07
N LEU A 1110 1.74 -17.38 0.61
CA LEU A 1110 3.18 -17.12 0.68
C LEU A 1110 3.66 -17.16 2.13
N LYS A 1111 2.86 -16.62 3.04
CA LYS A 1111 3.16 -16.67 4.47
C LYS A 1111 3.18 -18.11 4.97
N GLU A 1112 2.40 -18.99 4.35
CA GLU A 1112 2.40 -20.38 4.79
C GLU A 1112 3.62 -21.13 4.31
N ILE A 1113 4.33 -20.58 3.31
CA ILE A 1113 5.45 -21.32 2.74
C ILE A 1113 6.77 -20.74 3.24
N ILE A 1114 6.78 -19.43 3.49
CA ILE A 1114 7.95 -18.81 4.11
C ILE A 1114 8.11 -19.24 5.56
N ASN A 1115 7.01 -19.28 6.33
CA ASN A 1115 7.10 -19.55 7.75
C ASN A 1115 7.20 -21.03 8.09
N ILE A 1116 6.99 -21.91 7.10
CA ILE A 1116 6.86 -23.36 7.26
C ILE A 1116 5.80 -23.63 8.32
N SER A 1117 4.55 -23.40 7.98
CA SER A 1117 3.46 -23.60 8.93
C SER A 1117 3.20 -25.10 9.08
N LYS A 1118 3.32 -25.61 10.31
CA LYS A 1118 3.04 -27.01 10.54
C LYS A 1118 1.55 -27.33 10.42
N LYS A 1119 0.67 -26.34 10.56
CA LYS A 1119 -0.73 -26.48 10.20
C LYS A 1119 -1.07 -25.47 9.09
N PRO A 1120 -1.19 -25.94 7.85
CA PRO A 1120 -1.66 -25.06 6.78
C PRO A 1120 -3.15 -24.80 6.92
N LYS A 1121 -3.58 -23.65 6.38
CA LYS A 1121 -5.00 -23.30 6.43
C LYS A 1121 -5.82 -24.21 5.53
N ALA A 1122 -5.28 -24.57 4.35
CA ALA A 1122 -5.96 -25.44 3.41
C ALA A 1122 -5.05 -26.55 2.91
N PRO A 1123 -4.88 -27.62 3.69
CA PRO A 1123 -4.10 -28.77 3.20
C PRO A 1123 -4.91 -29.56 2.18
N SER A 1124 -4.24 -29.99 1.10
CA SER A 1124 -4.94 -30.72 0.05
C SER A 1124 -3.98 -31.67 -0.64
N LEU A 1125 -4.47 -32.86 -0.96
CA LEU A 1125 -3.73 -33.81 -1.79
C LEU A 1125 -4.30 -33.83 -3.19
N THR A 1126 -3.41 -33.88 -4.18
CA THR A 1126 -3.75 -34.13 -5.57
C THR A 1126 -3.39 -35.58 -5.87
N VAL A 1127 -4.39 -36.44 -5.90
CA VAL A 1127 -4.21 -37.89 -6.01
C VAL A 1127 -4.40 -38.30 -7.46
N PHE A 1128 -3.43 -39.04 -7.99
CA PHE A 1128 -3.50 -39.58 -9.34
C PHE A 1128 -3.79 -41.08 -9.25
N LEU A 1129 -4.32 -41.63 -10.34
CA LEU A 1129 -4.75 -43.03 -10.36
C LEU A 1129 -4.06 -43.77 -11.49
N THR A 1130 -3.99 -45.09 -11.34
CA THR A 1130 -3.38 -45.97 -12.32
C THR A 1130 -4.36 -47.04 -12.75
N GLY A 1131 -4.20 -47.51 -13.99
CA GLY A 1131 -5.00 -48.62 -14.47
C GLY A 1131 -6.44 -48.21 -14.76
N GLY A 1132 -7.36 -49.15 -14.49
CA GLY A 1132 -8.76 -48.95 -14.78
C GLY A 1132 -9.44 -47.90 -13.93
N ALA A 1133 -8.84 -47.54 -12.79
CA ALA A 1133 -9.36 -46.42 -12.02
C ALA A 1133 -9.10 -45.09 -12.72
N ALA A 1134 -8.09 -45.02 -13.59
CA ALA A 1134 -7.75 -43.76 -14.24
C ALA A 1134 -8.74 -43.40 -15.34
N ARG A 1135 -9.39 -44.38 -15.95
CA ARG A 1135 -10.25 -44.14 -17.10
C ARG A 1135 -11.72 -44.42 -16.84
N ASP A 1136 -12.06 -45.18 -15.82
CA ASP A 1136 -13.45 -45.50 -15.50
C ASP A 1136 -13.88 -44.72 -14.27
N ALA A 1137 -15.06 -44.10 -14.33
CA ALA A 1137 -15.54 -43.30 -13.22
C ALA A 1137 -16.00 -44.15 -12.04
N GLU A 1138 -16.36 -45.41 -12.27
CA GLU A 1138 -16.84 -46.26 -11.18
C GLU A 1138 -15.72 -46.67 -10.24
N LYS A 1139 -14.57 -47.08 -10.79
CA LYS A 1139 -13.44 -47.43 -9.95
C LYS A 1139 -12.82 -46.21 -9.28
N ALA A 1140 -12.88 -45.05 -9.95
CA ALA A 1140 -12.44 -43.81 -9.33
C ALA A 1140 -13.37 -43.39 -8.19
N LYS A 1141 -14.67 -43.64 -8.35
CA LYS A 1141 -15.61 -43.43 -7.25
C LYS A 1141 -15.36 -44.41 -6.11
N ASN A 1142 -14.94 -45.63 -6.43
CA ASN A 1142 -14.55 -46.59 -5.39
C ASN A 1142 -13.32 -46.10 -4.62
N VAL A 1143 -12.36 -45.51 -5.33
CA VAL A 1143 -11.19 -44.91 -4.68
C VAL A 1143 -11.61 -43.73 -3.81
N LEU A 1144 -12.56 -42.92 -4.30
CA LEU A 1144 -13.09 -41.80 -3.53
C LEU A 1144 -13.78 -42.28 -2.26
N CYS A 1145 -14.53 -43.38 -2.33
CA CYS A 1145 -15.16 -43.94 -1.15
C CYS A 1145 -14.13 -44.54 -0.20
N ARG A 1146 -13.04 -45.09 -0.73
CA ARG A 1146 -11.98 -45.61 0.13
C ARG A 1146 -11.14 -44.51 0.76
N LEU A 1147 -11.18 -43.29 0.23
CA LEU A 1147 -10.39 -42.19 0.77
C LEU A 1147 -11.18 -41.25 1.68
N GLU A 1148 -12.44 -40.98 1.36
CA GLU A 1148 -13.22 -40.02 2.12
C GLU A 1148 -13.65 -40.59 3.47
N HIS A 1149 -13.59 -39.75 4.49
CA HIS A 1149 -14.00 -40.14 5.84
C HIS A 1149 -15.51 -40.24 5.89
N THR A 1150 -16.03 -41.46 6.06
CA THR A 1150 -17.46 -41.71 6.17
C THR A 1150 -17.71 -42.31 7.54
N THR A 1151 -18.22 -41.50 8.46
CA THR A 1151 -18.59 -41.97 9.79
C THR A 1151 -20.04 -42.43 9.78
N LEU A 1152 -20.60 -42.66 10.96
CA LEU A 1152 -22.02 -42.98 11.05
C LEU A 1152 -22.89 -41.74 10.95
N ARG A 1153 -22.31 -40.54 11.08
CA ARG A 1153 -23.05 -39.30 10.87
C ARG A 1153 -23.54 -39.19 9.43
N LYS A 1154 -22.69 -39.53 8.48
CA LYS A 1154 -22.95 -39.24 7.08
C LYS A 1154 -23.89 -40.23 6.41
N VAL A 1155 -24.33 -41.28 7.11
CA VAL A 1155 -24.92 -42.40 6.41
C VAL A 1155 -26.29 -42.79 6.96
N THR A 1156 -26.59 -42.40 8.21
CA THR A 1156 -27.83 -42.90 8.81
C THR A 1156 -28.94 -41.86 8.78
N ALA A 1157 -30.16 -42.33 9.03
CA ALA A 1157 -31.33 -41.46 9.08
C ALA A 1157 -31.61 -40.98 10.50
N ASN A 1158 -31.87 -41.90 11.43
CA ASN A 1158 -32.12 -41.49 12.81
C ASN A 1158 -31.80 -42.61 13.79
N THR A 1159 -31.69 -42.22 15.06
CA THR A 1159 -31.42 -43.12 16.17
C THR A 1159 -32.57 -43.09 17.16
N ALA A 1160 -32.78 -44.18 17.87
CA ALA A 1160 -33.77 -44.24 18.93
C ALA A 1160 -33.34 -45.30 19.94
N ILE A 1161 -33.72 -45.10 21.20
CA ILE A 1161 -33.48 -46.08 22.26
C ILE A 1161 -34.83 -46.53 22.78
N TYR A 1162 -35.07 -47.84 22.70
CA TYR A 1162 -36.29 -48.46 23.16
C TYR A 1162 -36.00 -49.32 24.38
N TYR A 1163 -37.05 -49.58 25.15
CA TYR A 1163 -37.05 -50.65 26.13
C TYR A 1163 -37.80 -51.83 25.55
N ASP A 1164 -37.11 -52.96 25.39
CA ASP A 1164 -37.68 -54.14 24.73
C ASP A 1164 -37.68 -55.31 25.69
N PRO A 1165 -38.78 -55.61 26.37
CA PRO A 1165 -38.78 -56.74 27.31
C PRO A 1165 -38.76 -58.09 26.62
N ASP A 1166 -39.53 -58.26 25.55
CA ASP A 1166 -39.52 -59.51 24.79
C ASP A 1166 -38.85 -59.26 23.45
N PRO A 1167 -37.65 -59.80 23.22
CA PRO A 1167 -37.01 -59.65 21.91
C PRO A 1167 -37.76 -60.33 20.77
N GLN A 1168 -38.43 -61.44 21.04
CA GLN A 1168 -39.22 -62.13 20.03
C GLN A 1168 -40.62 -61.55 19.87
N ARG A 1169 -41.02 -60.64 20.76
CA ARG A 1169 -42.31 -59.96 20.73
C ARG A 1169 -42.06 -58.46 20.94
N THR A 1170 -41.19 -57.91 20.10
CA THR A 1170 -40.77 -56.52 20.23
C THR A 1170 -41.92 -55.56 19.90
N VAL A 1171 -41.78 -54.34 20.42
CA VAL A 1171 -42.82 -53.33 20.27
C VAL A 1171 -42.96 -52.85 18.83
N ILE A 1172 -41.90 -52.91 18.04
CA ILE A 1172 -41.95 -52.52 16.63
C ILE A 1172 -42.49 -53.71 15.86
N SER A 1173 -43.67 -53.54 15.24
CA SER A 1173 -44.25 -54.61 14.46
C SER A 1173 -43.46 -54.88 13.18
N GLU A 1174 -42.92 -53.82 12.56
CA GLU A 1174 -42.17 -53.97 11.31
C GLU A 1174 -40.87 -54.74 11.52
N ASP A 1175 -40.31 -54.70 12.73
CA ASP A 1175 -39.17 -55.55 13.05
C ASP A 1175 -39.58 -57.01 13.25
N GLN A 1176 -40.83 -57.25 13.65
CA GLN A 1176 -41.31 -58.58 14.06
C GLN A 1176 -41.24 -59.61 12.94
N GLU A 1177 -41.22 -59.17 11.69
CA GLU A 1177 -41.13 -60.11 10.58
C GLU A 1177 -39.74 -60.74 10.49
N PHE A 1178 -38.68 -60.04 10.91
CA PHE A 1178 -37.35 -60.60 10.70
C PHE A 1178 -36.55 -60.85 11.96
N VAL A 1179 -36.91 -60.28 13.10
CA VAL A 1179 -36.14 -60.48 14.33
C VAL A 1179 -36.23 -61.94 14.79
N ASN A 1180 -37.39 -62.58 14.60
CA ASN A 1180 -37.53 -64.01 14.85
C ASN A 1180 -36.72 -64.85 13.89
N VAL A 1181 -36.35 -64.30 12.73
CA VAL A 1181 -35.38 -64.96 11.85
C VAL A 1181 -34.01 -65.01 12.52
N TYR A 1182 -33.62 -63.92 13.19
CA TYR A 1182 -32.29 -63.86 13.77
C TYR A 1182 -32.19 -64.67 15.06
N TYR A 1183 -33.28 -64.79 15.79
CA TYR A 1183 -33.28 -65.53 17.05
C TYR A 1183 -33.73 -66.98 16.90
N GLU A 1184 -34.00 -67.42 15.67
CA GLU A 1184 -34.34 -68.82 15.45
C GLU A 1184 -33.10 -69.71 15.63
N MET A 1185 -31.93 -69.23 15.19
CA MET A 1185 -30.68 -69.96 15.35
C MET A 1185 -29.58 -69.07 15.96
N PRO A 1186 -29.82 -68.57 17.19
CA PRO A 1186 -28.96 -67.51 17.72
C PRO A 1186 -27.62 -68.03 18.23
N ASP A 1187 -26.64 -67.14 18.20
CA ASP A 1187 -25.30 -67.43 18.69
C ASP A 1187 -25.16 -67.18 20.19
N PHE A 1188 -26.20 -66.67 20.84
CA PHE A 1188 -26.14 -66.39 22.27
C PHE A 1188 -27.52 -66.61 22.87
N ASP A 1189 -27.55 -66.75 24.19
CA ASP A 1189 -28.79 -66.97 24.91
C ASP A 1189 -29.63 -65.70 24.92
N PRO A 1190 -30.88 -65.74 24.43
CA PRO A 1190 -31.74 -64.54 24.49
C PRO A 1190 -32.21 -64.18 25.90
N THR A 1191 -32.05 -65.08 26.87
CA THR A 1191 -32.39 -64.74 28.25
C THR A 1191 -31.32 -63.86 28.89
N ARG A 1192 -30.05 -64.07 28.52
CA ARG A 1192 -28.94 -63.34 29.14
C ARG A 1192 -28.82 -61.90 28.65
N ILE A 1193 -29.46 -61.54 27.53
CA ILE A 1193 -29.28 -60.22 26.97
C ILE A 1193 -30.08 -59.19 27.76
N SER A 1194 -29.65 -57.93 27.64
CA SER A 1194 -30.31 -56.82 28.31
C SER A 1194 -31.51 -56.34 27.50
N PRO A 1195 -32.58 -55.88 28.17
CA PRO A 1195 -33.79 -55.49 27.44
C PRO A 1195 -33.66 -54.20 26.66
N TRP A 1196 -32.67 -53.36 26.95
CA TRP A 1196 -32.56 -52.07 26.27
C TRP A 1196 -32.09 -52.26 24.83
N LEU A 1197 -32.73 -51.57 23.90
CA LEU A 1197 -32.47 -51.72 22.47
C LEU A 1197 -32.10 -50.38 21.86
N LEU A 1198 -31.16 -50.41 20.92
CA LEU A 1198 -30.75 -49.21 20.17
C LEU A 1198 -31.11 -49.45 18.71
N ARG A 1199 -32.11 -48.73 18.21
CA ARG A 1199 -32.58 -48.88 16.85
C ARG A 1199 -32.02 -47.74 16.00
N ILE A 1200 -31.27 -48.10 14.97
CA ILE A 1200 -30.64 -47.13 14.07
C ILE A 1200 -31.24 -47.35 12.69
N GLU A 1201 -32.01 -46.38 12.21
CA GLU A 1201 -32.51 -46.45 10.84
C GLU A 1201 -31.56 -45.69 9.93
N LEU A 1202 -31.18 -46.34 8.84
CA LEU A 1202 -30.17 -45.88 7.89
C LEU A 1202 -30.85 -45.30 6.65
N ASP A 1203 -30.18 -44.32 6.04
CA ASP A 1203 -30.66 -43.76 4.79
C ASP A 1203 -30.19 -44.62 3.63
N ARG A 1204 -31.11 -44.96 2.72
CA ARG A 1204 -30.78 -45.84 1.60
C ARG A 1204 -29.88 -45.14 0.59
N LYS A 1205 -30.14 -43.86 0.32
CA LYS A 1205 -29.37 -43.15 -0.70
C LYS A 1205 -27.92 -42.91 -0.26
N ARG A 1206 -27.70 -42.71 1.03
CA ARG A 1206 -26.33 -42.57 1.52
C ARG A 1206 -25.59 -43.90 1.56
N MET A 1207 -26.31 -45.00 1.77
CA MET A 1207 -25.71 -46.33 1.58
C MET A 1207 -25.35 -46.57 0.12
N THR A 1208 -26.20 -46.10 -0.80
CA THR A 1208 -25.94 -46.30 -2.22
C THR A 1208 -24.77 -45.45 -2.71
N ASP A 1209 -24.67 -44.20 -2.20
CA ASP A 1209 -23.62 -43.31 -2.66
C ASP A 1209 -22.24 -43.74 -2.16
N LYS A 1210 -22.17 -44.26 -0.94
CA LYS A 1210 -20.91 -44.75 -0.38
C LYS A 1210 -20.63 -46.19 -0.75
N LYS A 1211 -21.57 -46.85 -1.43
CA LYS A 1211 -21.45 -48.26 -1.88
C LYS A 1211 -21.21 -49.21 -0.72
N LEU A 1212 -21.86 -48.93 0.41
CA LEU A 1212 -21.69 -49.74 1.61
C LEU A 1212 -22.76 -50.83 1.68
N THR A 1213 -22.52 -51.80 2.54
CA THR A 1213 -23.49 -52.86 2.80
C THR A 1213 -23.53 -53.16 4.28
N MET A 1214 -24.60 -53.84 4.71
CA MET A 1214 -24.87 -53.98 6.13
C MET A 1214 -23.93 -54.98 6.81
N GLU A 1215 -23.40 -55.95 6.07
CA GLU A 1215 -22.45 -56.88 6.66
C GLU A 1215 -21.14 -56.19 7.01
N GLN A 1216 -20.74 -55.18 6.22
CA GLN A 1216 -19.58 -54.37 6.56
C GLN A 1216 -19.80 -53.58 7.84
N ILE A 1217 -21.00 -53.02 8.00
CA ILE A 1217 -21.33 -52.27 9.22
C ILE A 1217 -21.35 -53.18 10.43
N ALA A 1218 -21.92 -54.38 10.29
CA ALA A 1218 -21.95 -55.34 11.39
C ALA A 1218 -20.55 -55.82 11.75
N GLU A 1219 -19.69 -56.04 10.74
CA GLU A 1219 -18.31 -56.44 11.00
C GLU A 1219 -17.52 -55.33 11.67
N LYS A 1220 -17.76 -54.08 11.25
CA LYS A 1220 -17.08 -52.94 11.89
C LYS A 1220 -17.53 -52.77 13.34
N ILE A 1221 -18.82 -52.97 13.61
CA ILE A 1221 -19.33 -52.93 14.98
C ILE A 1221 -18.71 -54.04 15.82
N ASN A 1222 -18.62 -55.26 15.25
CA ASN A 1222 -18.10 -56.39 15.98
C ASN A 1222 -16.60 -56.28 16.23
N VAL A 1223 -15.86 -55.59 15.36
CA VAL A 1223 -14.43 -55.39 15.62
C VAL A 1223 -14.15 -54.11 16.39
N GLY A 1224 -15.11 -53.19 16.50
CA GLY A 1224 -14.89 -51.99 17.28
C GLY A 1224 -15.37 -52.12 18.72
N PHE A 1225 -16.31 -53.02 18.97
CA PHE A 1225 -16.86 -53.20 20.31
C PHE A 1225 -16.71 -54.62 20.83
N GLY A 1226 -16.17 -55.54 20.05
CA GLY A 1226 -15.95 -56.90 20.51
C GLY A 1226 -17.23 -57.71 20.65
N GLU A 1227 -17.28 -58.55 21.68
CA GLU A 1227 -18.43 -59.40 21.95
C GLU A 1227 -19.42 -58.74 22.89
N ASP A 1228 -19.23 -57.46 23.23
CA ASP A 1228 -20.11 -56.79 24.18
C ASP A 1228 -21.47 -56.45 23.58
N LEU A 1229 -21.56 -56.31 22.27
CA LEU A 1229 -22.77 -55.85 21.61
C LEU A 1229 -23.25 -56.85 20.57
N ASN A 1230 -24.56 -57.04 20.51
CA ASN A 1230 -25.21 -57.79 19.44
C ASN A 1230 -25.77 -56.82 18.43
N CYS A 1231 -25.47 -57.08 17.15
CA CYS A 1231 -25.87 -56.24 16.04
C CYS A 1231 -26.70 -57.06 15.07
N ILE A 1232 -27.89 -56.57 14.74
CA ILE A 1232 -28.81 -57.24 13.83
C ILE A 1232 -29.18 -56.26 12.73
N PHE A 1233 -29.02 -56.68 11.48
CA PHE A 1233 -29.28 -55.80 10.34
C PHE A 1233 -30.50 -56.28 9.56
N ASN A 1234 -31.09 -55.34 8.83
CA ASN A 1234 -32.31 -55.57 8.08
C ASN A 1234 -32.01 -56.29 6.76
N ASP A 1235 -33.07 -56.60 6.01
CA ASP A 1235 -32.92 -57.19 4.70
C ASP A 1235 -32.46 -56.15 3.69
N ASP A 1236 -32.03 -56.64 2.52
CA ASP A 1236 -31.46 -55.77 1.50
C ASP A 1236 -32.53 -54.94 0.79
N ASN A 1237 -33.68 -55.54 0.50
CA ASN A 1237 -34.71 -54.91 -0.30
C ASN A 1237 -35.94 -54.54 0.53
N ALA A 1238 -35.72 -54.05 1.75
CA ALA A 1238 -36.83 -53.61 2.60
C ALA A 1238 -37.18 -52.17 2.24
N ASP A 1239 -38.11 -51.58 2.98
CA ASP A 1239 -38.47 -50.18 2.78
C ASP A 1239 -37.55 -49.24 3.54
N LYS A 1240 -37.16 -49.61 4.75
CA LYS A 1240 -36.20 -48.85 5.54
C LYS A 1240 -35.17 -49.81 6.12
N LEU A 1241 -33.95 -49.30 6.29
CA LEU A 1241 -32.80 -50.12 6.67
C LEU A 1241 -32.61 -49.97 8.18
N VAL A 1242 -32.91 -51.04 8.93
CA VAL A 1242 -33.02 -51.00 10.37
C VAL A 1242 -31.88 -51.80 10.99
N LEU A 1243 -31.22 -51.22 11.99
CA LEU A 1243 -30.19 -51.89 12.76
C LEU A 1243 -30.64 -51.95 14.22
N ARG A 1244 -30.42 -53.08 14.86
CA ARG A 1244 -30.78 -53.27 16.26
C ARG A 1244 -29.53 -53.66 17.03
N ILE A 1245 -29.23 -52.90 18.08
CA ILE A 1245 -28.02 -53.08 18.87
C ILE A 1245 -28.43 -53.33 20.31
N ARG A 1246 -27.92 -54.41 20.89
CA ARG A 1246 -28.17 -54.75 22.28
C ARG A 1246 -26.84 -55.02 22.98
N ILE A 1247 -26.89 -55.07 24.30
CA ILE A 1247 -25.73 -55.43 25.12
C ILE A 1247 -26.05 -56.74 25.85
N MET A 1248 -25.11 -57.67 25.80
CA MET A 1248 -25.22 -58.91 26.57
C MET A 1248 -24.66 -58.70 27.97
N ASN A 1249 -25.43 -59.13 28.97
CA ASN A 1249 -25.04 -58.98 30.36
C ASN A 1249 -23.94 -59.99 30.68
N ASN A 1250 -22.71 -59.52 30.77
CA ASN A 1250 -21.59 -60.38 31.14
C ASN A 1250 -21.65 -60.68 32.63
N GLU A 1251 -22.26 -61.81 32.99
CA GLU A 1251 -22.44 -62.17 34.40
C GLU A 1251 -21.13 -62.57 35.07
N GLU A 1252 -20.11 -62.95 34.29
CA GLU A 1252 -18.81 -63.23 34.86
C GLU A 1252 -18.06 -61.96 35.25
N ASN A 1253 -18.44 -60.81 34.69
CA ASN A 1253 -17.82 -59.54 35.02
C ASN A 1253 -18.64 -58.74 36.04
N LYS A 1254 -19.80 -59.25 36.45
CA LYS A 1254 -20.63 -58.55 37.43
C LYS A 1254 -20.17 -58.75 38.86
N PHE A 1255 -19.31 -59.73 39.11
CA PHE A 1255 -18.79 -60.00 40.45
C PHE A 1255 -17.37 -59.45 40.64
N GLN A 1256 -16.90 -58.60 39.73
CA GLN A 1256 -15.56 -58.05 39.84
C GLN A 1256 -15.50 -57.01 40.95
N ASP A 1257 -14.45 -57.09 41.77
CA ASP A 1257 -14.26 -56.16 42.88
C ASP A 1257 -13.51 -54.93 42.39
N GLU A 1258 -13.05 -54.10 43.34
CA GLU A 1258 -12.33 -52.84 43.11
C GLU A 1258 -13.15 -51.88 42.24
N ASP A 1259 -14.31 -51.50 42.77
CA ASP A 1259 -15.24 -50.61 42.07
C ASP A 1259 -15.79 -49.62 43.10
N GLU A 1260 -15.25 -48.40 43.09
CA GLU A 1260 -15.67 -47.38 44.05
C GLU A 1260 -15.41 -46.00 43.45
N ALA A 1261 -16.44 -45.14 43.52
CA ALA A 1261 -16.41 -43.75 43.02
C ALA A 1261 -16.02 -43.67 41.54
N VAL A 1262 -16.64 -44.54 40.74
CA VAL A 1262 -16.32 -44.65 39.32
C VAL A 1262 -17.51 -44.26 38.44
N ASP A 1263 -18.46 -43.50 38.99
CA ASP A 1263 -19.68 -43.03 38.30
C ASP A 1263 -20.50 -44.23 37.77
N LYS A 1264 -21.08 -44.95 38.75
CA LYS A 1264 -21.71 -46.25 38.52
C LYS A 1264 -22.78 -46.20 37.45
N MET A 1265 -22.82 -47.24 36.63
CA MET A 1265 -23.42 -47.18 35.30
C MET A 1265 -24.79 -47.83 35.29
N GLU A 1266 -25.77 -47.12 34.71
CA GLU A 1266 -27.04 -47.70 34.32
C GLU A 1266 -26.99 -48.08 32.85
N ASP A 1267 -27.84 -49.02 32.47
CA ASP A 1267 -27.72 -49.64 31.15
C ASP A 1267 -28.19 -48.71 30.04
N ASP A 1268 -29.25 -47.93 30.29
CA ASP A 1268 -29.74 -47.01 29.27
C ASP A 1268 -28.77 -45.86 29.05
N MET A 1269 -28.12 -45.39 30.11
CA MET A 1269 -27.08 -44.37 29.97
C MET A 1269 -25.86 -44.92 29.25
N PHE A 1270 -25.53 -46.19 29.48
CA PHE A 1270 -24.42 -46.80 28.74
C PHE A 1270 -24.79 -46.93 27.26
N LEU A 1271 -26.05 -47.27 26.97
CA LEU A 1271 -26.48 -47.36 25.57
C LEU A 1271 -26.44 -46.01 24.90
N ARG A 1272 -26.81 -44.95 25.63
CA ARG A 1272 -26.73 -43.59 25.11
C ARG A 1272 -25.28 -43.17 24.85
N CYS A 1273 -24.37 -43.51 25.77
CA CYS A 1273 -22.98 -43.10 25.60
C CYS A 1273 -22.29 -43.87 24.49
N ILE A 1274 -22.58 -45.16 24.35
CA ILE A 1274 -22.00 -45.88 23.22
C ILE A 1274 -22.68 -45.53 21.91
N GLU A 1275 -23.94 -45.05 21.95
CA GLU A 1275 -24.59 -44.52 20.77
C GLU A 1275 -23.90 -43.25 20.28
N ALA A 1276 -23.57 -42.36 21.22
CA ALA A 1276 -22.78 -41.18 20.86
C ALA A 1276 -21.37 -41.54 20.43
N ASN A 1277 -20.81 -42.62 20.98
CA ASN A 1277 -19.46 -43.06 20.61
C ASN A 1277 -19.42 -43.60 19.19
N MET A 1278 -20.36 -44.48 18.84
CA MET A 1278 -20.38 -45.02 17.48
C MET A 1278 -20.98 -44.03 16.48
N LEU A 1279 -21.66 -42.99 16.95
CA LEU A 1279 -22.19 -41.98 16.06
C LEU A 1279 -21.15 -40.92 15.71
N SER A 1280 -20.47 -40.36 16.72
CA SER A 1280 -19.60 -39.22 16.47
C SER A 1280 -18.13 -39.59 16.26
N ASP A 1281 -17.74 -40.85 16.47
CA ASP A 1281 -16.33 -41.21 16.42
C ASP A 1281 -16.01 -42.45 15.59
N MET A 1282 -16.98 -43.31 15.29
CA MET A 1282 -16.70 -44.55 14.58
C MET A 1282 -16.48 -44.29 13.10
N THR A 1283 -15.37 -44.79 12.57
CA THR A 1283 -15.04 -44.65 11.16
C THR A 1283 -15.44 -45.91 10.42
N LEU A 1284 -16.33 -45.78 9.44
CA LEU A 1284 -16.71 -46.94 8.62
C LEU A 1284 -15.71 -47.17 7.51
N GLN A 1285 -15.30 -46.12 6.82
CA GLN A 1285 -14.31 -46.23 5.76
C GLN A 1285 -13.61 -44.89 5.59
N GLY A 1286 -12.41 -44.95 5.02
CA GLY A 1286 -11.65 -43.76 4.73
C GLY A 1286 -10.58 -43.45 5.76
N ILE A 1287 -10.13 -42.20 5.71
CA ILE A 1287 -9.06 -41.70 6.56
C ILE A 1287 -9.61 -40.53 7.37
N GLU A 1288 -9.36 -40.56 8.68
CA GLU A 1288 -9.91 -39.56 9.59
C GLU A 1288 -9.40 -38.15 9.30
N ALA A 1289 -8.19 -38.03 8.76
CA ALA A 1289 -7.61 -36.71 8.52
C ALA A 1289 -8.10 -36.06 7.23
N ILE A 1290 -8.89 -36.75 6.42
CA ILE A 1290 -9.33 -36.27 5.11
C ILE A 1290 -10.80 -35.92 5.18
N GLY A 1291 -11.14 -34.69 4.78
CA GLY A 1291 -12.53 -34.27 4.76
C GLY A 1291 -13.22 -34.51 3.44
N LYS A 1292 -13.59 -33.44 2.74
CA LYS A 1292 -14.28 -33.57 1.47
C LYS A 1292 -13.32 -33.98 0.36
N VAL A 1293 -13.79 -34.85 -0.52
CA VAL A 1293 -13.01 -35.39 -1.63
C VAL A 1293 -13.74 -35.09 -2.92
N TYR A 1294 -13.04 -34.50 -3.90
CA TYR A 1294 -13.59 -34.19 -5.19
C TYR A 1294 -12.94 -35.04 -6.27
N MET A 1295 -13.75 -35.48 -7.22
CA MET A 1295 -13.30 -36.31 -8.34
C MET A 1295 -13.53 -35.52 -9.62
N HIS A 1296 -12.46 -35.33 -10.40
CA HIS A 1296 -12.64 -34.56 -11.63
C HIS A 1296 -11.61 -34.93 -12.67
N LEU A 1297 -11.89 -34.52 -13.91
CA LEU A 1297 -11.06 -34.59 -15.11
C LEU A 1297 -10.41 -33.23 -15.34
N PRO A 1298 -9.09 -33.16 -15.46
CA PRO A 1298 -8.45 -31.87 -15.75
C PRO A 1298 -8.74 -31.42 -17.17
N GLN A 1299 -8.71 -30.10 -17.35
CA GLN A 1299 -8.96 -29.50 -18.66
C GLN A 1299 -7.74 -28.84 -19.27
N THR A 1300 -6.65 -28.71 -18.52
CA THR A 1300 -5.41 -28.14 -19.02
C THR A 1300 -4.35 -29.23 -19.09
N ASP A 1301 -3.24 -28.90 -19.74
CA ASP A 1301 -2.12 -29.83 -19.89
C ASP A 1301 -1.11 -29.66 -18.76
N SER A 1302 -1.60 -29.69 -17.52
CA SER A 1302 -0.77 -29.60 -16.33
C SER A 1302 -0.99 -30.75 -15.38
N LYS A 1303 -2.22 -31.20 -15.20
CA LYS A 1303 -2.53 -32.35 -14.38
C LYS A 1303 -2.86 -33.59 -15.20
N LYS A 1304 -2.74 -33.52 -16.52
CA LYS A 1304 -2.91 -34.70 -17.35
C LYS A 1304 -1.62 -35.52 -17.37
N ARG A 1305 -1.76 -36.76 -17.82
CA ARG A 1305 -0.60 -37.64 -17.99
C ARG A 1305 -0.09 -37.47 -19.41
N ILE A 1306 1.16 -37.03 -19.54
CA ILE A 1306 1.79 -36.79 -20.84
C ILE A 1306 2.68 -37.97 -21.17
N VAL A 1307 2.38 -38.65 -22.27
CA VAL A 1307 3.13 -39.82 -22.70
C VAL A 1307 3.72 -39.54 -24.08
N ILE A 1308 4.62 -40.43 -24.51
CA ILE A 1308 5.23 -40.38 -25.83
C ILE A 1308 4.66 -41.54 -26.63
N THR A 1309 4.05 -41.22 -27.78
CA THR A 1309 3.39 -42.23 -28.60
C THR A 1309 4.43 -42.97 -29.45
N GLU A 1310 3.95 -43.84 -30.34
CA GLU A 1310 4.85 -44.58 -31.22
C GLU A 1310 5.43 -43.68 -32.30
N THR A 1311 4.71 -42.63 -32.69
CA THR A 1311 5.25 -41.68 -33.66
C THR A 1311 6.30 -40.77 -33.06
N GLY A 1312 6.32 -40.63 -31.74
CA GLY A 1312 7.28 -39.78 -31.07
C GLY A 1312 6.76 -38.43 -30.63
N GLU A 1313 5.46 -38.17 -30.76
CA GLU A 1313 4.90 -36.91 -30.32
C GLU A 1313 4.56 -36.98 -28.83
N PHE A 1314 3.99 -35.90 -28.32
CA PHE A 1314 3.55 -35.82 -26.93
C PHE A 1314 2.03 -35.80 -26.90
N LYS A 1315 1.44 -36.77 -26.20
CA LYS A 1315 -0.02 -36.89 -26.08
C LYS A 1315 -0.41 -36.75 -24.62
N ALA A 1316 -1.36 -35.85 -24.35
CA ALA A 1316 -1.87 -35.65 -23.01
C ALA A 1316 -3.19 -36.40 -22.87
N ILE A 1317 -3.26 -37.29 -21.87
CA ILE A 1317 -4.41 -38.15 -21.65
C ILE A 1317 -5.21 -37.61 -20.47
N GLY A 1318 -6.50 -37.39 -20.69
CA GLY A 1318 -7.37 -36.87 -19.65
C GLY A 1318 -7.89 -37.92 -18.71
N GLU A 1319 -7.05 -38.37 -17.78
CA GLU A 1319 -7.45 -39.36 -16.79
C GLU A 1319 -8.09 -38.68 -15.58
N TRP A 1320 -8.91 -39.45 -14.87
CA TRP A 1320 -9.55 -38.96 -13.66
C TRP A 1320 -8.53 -38.77 -12.55
N LEU A 1321 -8.76 -37.75 -11.71
CA LEU A 1321 -7.90 -37.54 -10.56
C LEU A 1321 -8.74 -36.99 -9.42
N LEU A 1322 -8.13 -36.94 -8.23
CA LEU A 1322 -8.83 -36.65 -7.00
C LEU A 1322 -8.17 -35.46 -6.32
N GLU A 1323 -8.99 -34.65 -5.65
CA GLU A 1323 -8.50 -33.53 -4.85
C GLU A 1323 -9.14 -33.63 -3.47
N THR A 1324 -8.33 -33.84 -2.45
CA THR A 1324 -8.84 -34.10 -1.11
C THR A 1324 -8.42 -32.97 -0.18
N ASP A 1325 -9.38 -32.48 0.61
CA ASP A 1325 -9.08 -31.55 1.68
C ASP A 1325 -8.63 -32.34 2.91
N GLY A 1326 -7.48 -31.97 3.45
CA GLY A 1326 -6.87 -32.76 4.50
C GLY A 1326 -5.92 -33.78 3.91
N THR A 1327 -4.73 -33.91 4.49
CA THR A 1327 -3.67 -34.71 3.89
C THR A 1327 -3.23 -35.82 4.84
N SER A 1328 -3.04 -37.02 4.27
CA SER A 1328 -2.39 -38.12 4.99
C SER A 1328 -1.72 -39.00 3.93
N MET A 1329 -0.43 -38.77 3.69
CA MET A 1329 0.21 -39.39 2.53
C MET A 1329 0.51 -40.87 2.72
N MET A 1330 0.83 -41.30 3.94
CA MET A 1330 1.04 -42.72 4.20
C MET A 1330 -0.24 -43.54 4.03
N LYS A 1331 -1.40 -42.92 4.23
CA LYS A 1331 -2.66 -43.63 4.10
C LYS A 1331 -3.34 -43.38 2.76
N VAL A 1332 -2.69 -42.66 1.84
CA VAL A 1332 -3.18 -42.46 0.49
C VAL A 1332 -2.29 -43.12 -0.55
N LEU A 1333 -0.97 -42.93 -0.43
CA LEU A 1333 -0.02 -43.55 -1.35
C LEU A 1333 -0.04 -45.07 -1.25
N SER A 1334 -0.29 -45.60 -0.07
CA SER A 1334 -0.31 -47.04 0.17
C SER A 1334 -1.64 -47.68 -0.22
N GLU A 1335 -2.53 -46.97 -0.91
CA GLU A 1335 -3.81 -47.54 -1.28
C GLU A 1335 -3.67 -48.48 -2.47
N ARG A 1336 -4.79 -49.11 -2.84
CA ARG A 1336 -4.75 -50.20 -3.80
C ARG A 1336 -4.53 -49.70 -5.23
N ASP A 1337 -5.22 -48.63 -5.62
CA ASP A 1337 -5.22 -48.16 -7.00
C ASP A 1337 -4.91 -46.67 -7.06
N VAL A 1338 -3.86 -46.26 -6.35
CA VAL A 1338 -3.41 -44.88 -6.29
C VAL A 1338 -1.99 -44.82 -6.85
N ASP A 1339 -1.75 -43.87 -7.76
CA ASP A 1339 -0.42 -43.65 -8.32
C ASP A 1339 0.55 -43.24 -7.22
N PRO A 1340 1.63 -43.99 -6.99
CA PRO A 1340 2.59 -43.64 -5.95
C PRO A 1340 3.67 -42.66 -6.41
N ILE A 1341 3.65 -42.25 -7.67
CA ILE A 1341 4.72 -41.44 -8.25
C ILE A 1341 4.31 -39.98 -8.36
N ARG A 1342 3.16 -39.71 -8.96
CA ARG A 1342 2.74 -38.35 -9.25
C ARG A 1342 1.94 -37.72 -8.11
N THR A 1343 1.59 -38.47 -7.08
CA THR A 1343 0.77 -37.94 -5.99
C THR A 1343 1.66 -37.16 -5.03
N SER A 1344 1.24 -35.92 -4.72
CA SER A 1344 2.00 -35.06 -3.83
C SER A 1344 1.03 -34.31 -2.92
N SER A 1345 1.53 -33.28 -2.25
CA SER A 1345 0.72 -32.49 -1.33
C SER A 1345 1.22 -31.05 -1.35
N ASN A 1346 0.47 -30.18 -0.70
CA ASN A 1346 0.88 -28.80 -0.49
C ASN A 1346 1.41 -28.57 0.93
N ASP A 1347 1.46 -29.60 1.76
CA ASP A 1347 1.98 -29.49 3.12
C ASP A 1347 3.47 -29.82 3.09
N ILE A 1348 4.30 -28.84 3.39
CA ILE A 1348 5.76 -29.00 3.27
C ILE A 1348 6.29 -29.93 4.34
N CYS A 1349 5.76 -29.82 5.56
CA CYS A 1349 6.22 -30.65 6.67
C CYS A 1349 5.93 -32.12 6.44
N GLU A 1350 4.76 -32.43 5.86
CA GLU A 1350 4.44 -33.81 5.55
C GLU A 1350 5.32 -34.37 4.45
N ILE A 1351 5.74 -33.52 3.51
CA ILE A 1351 6.76 -33.91 2.54
C ILE A 1351 8.07 -34.21 3.25
N PHE A 1352 8.36 -33.49 4.34
CA PHE A 1352 9.60 -33.74 5.07
C PHE A 1352 9.57 -35.07 5.82
N GLN A 1353 8.49 -35.37 6.55
CA GLN A 1353 8.49 -36.69 7.18
C GLN A 1353 8.14 -37.83 6.23
N VAL A 1354 7.70 -37.56 5.00
CA VAL A 1354 7.38 -38.65 4.08
C VAL A 1354 8.53 -38.92 3.11
N LEU A 1355 9.03 -37.90 2.42
CA LEU A 1355 9.97 -38.12 1.33
C LEU A 1355 11.41 -37.77 1.67
N GLY A 1356 11.66 -36.54 2.08
CA GLY A 1356 13.02 -36.11 2.38
C GLY A 1356 13.23 -34.65 2.05
N ILE A 1357 14.44 -34.18 2.33
CA ILE A 1357 14.74 -32.75 2.28
C ILE A 1357 14.83 -32.25 0.84
N GLU A 1358 15.30 -33.07 -0.10
CA GLU A 1358 15.43 -32.61 -1.47
C GLU A 1358 14.06 -32.57 -2.16
N ALA A 1359 13.18 -33.50 -1.80
CA ALA A 1359 11.81 -33.44 -2.27
C ALA A 1359 11.07 -32.26 -1.64
N VAL A 1360 11.45 -31.87 -0.42
CA VAL A 1360 10.95 -30.62 0.17
C VAL A 1360 11.38 -29.43 -0.66
N ARG A 1361 12.65 -29.41 -1.10
CA ARG A 1361 13.15 -28.31 -1.93
C ARG A 1361 12.39 -28.22 -3.24
N LYS A 1362 12.17 -29.37 -3.90
CA LYS A 1362 11.42 -29.38 -5.15
C LYS A 1362 9.96 -29.00 -4.94
N SER A 1363 9.37 -29.44 -3.82
CA SER A 1363 7.97 -29.12 -3.54
C SER A 1363 7.77 -27.64 -3.23
N VAL A 1364 8.71 -27.04 -2.51
CA VAL A 1364 8.65 -25.60 -2.25
C VAL A 1364 8.79 -24.81 -3.54
N GLU A 1365 9.69 -25.26 -4.43
CA GLU A 1365 9.81 -24.61 -5.74
C GLU A 1365 8.52 -24.73 -6.55
N LYS A 1366 7.86 -25.89 -6.48
CA LYS A 1366 6.60 -26.09 -7.19
C LYS A 1366 5.47 -25.23 -6.62
N GLU A 1367 5.37 -25.14 -5.29
CA GLU A 1367 4.32 -24.32 -4.68
C GLU A 1367 4.55 -22.83 -4.92
N MET A 1368 5.81 -22.39 -4.90
CA MET A 1368 6.12 -21.01 -5.22
C MET A 1368 5.80 -20.69 -6.68
N ASN A 1369 6.08 -21.64 -7.59
CA ASN A 1369 5.73 -21.46 -8.99
C ASN A 1369 4.23 -21.37 -9.18
N ALA A 1370 3.46 -22.21 -8.47
CA ALA A 1370 2.01 -22.15 -8.56
C ALA A 1370 1.45 -20.84 -8.01
N VAL A 1371 2.02 -20.37 -6.90
CA VAL A 1371 1.58 -19.11 -6.30
C VAL A 1371 1.88 -17.93 -7.21
N LEU A 1372 3.06 -17.88 -7.81
CA LEU A 1372 3.40 -16.79 -8.70
C LEU A 1372 2.67 -16.88 -10.03
N GLN A 1373 2.33 -18.10 -10.48
CA GLN A 1373 1.62 -18.27 -11.73
C GLN A 1373 0.12 -18.13 -11.60
N PHE A 1374 -0.42 -18.09 -10.37
CA PHE A 1374 -1.83 -17.77 -10.21
C PHE A 1374 -2.13 -16.33 -10.63
N TYR A 1375 -1.24 -15.41 -10.32
CA TYR A 1375 -1.40 -14.01 -10.69
C TYR A 1375 -0.74 -13.67 -12.02
N GLY A 1376 -0.11 -14.63 -12.68
CA GLY A 1376 0.54 -14.37 -13.95
C GLY A 1376 1.88 -13.70 -13.85
N LEU A 1377 2.44 -13.58 -12.65
CA LEU A 1377 3.75 -12.97 -12.47
C LEU A 1377 4.85 -13.99 -12.72
N TYR A 1378 5.91 -13.56 -13.40
CA TYR A 1378 7.03 -14.44 -13.73
C TYR A 1378 8.28 -13.97 -13.00
N VAL A 1379 8.88 -14.89 -12.25
CA VAL A 1379 10.17 -14.67 -11.58
C VAL A 1379 11.14 -15.70 -12.13
N ASN A 1380 12.39 -15.29 -12.34
CA ASN A 1380 13.41 -16.19 -12.88
C ASN A 1380 13.71 -17.33 -11.91
N TYR A 1381 14.18 -18.44 -12.47
CA TYR A 1381 14.31 -19.67 -11.68
C TYR A 1381 15.43 -19.58 -10.65
N ARG A 1382 16.48 -18.81 -10.94
CA ARG A 1382 17.64 -18.76 -10.05
C ARG A 1382 17.31 -18.10 -8.72
N HIS A 1383 16.47 -17.05 -8.74
CA HIS A 1383 16.09 -16.34 -7.52
C HIS A 1383 15.19 -17.18 -6.62
N LEU A 1384 14.51 -18.16 -7.18
CA LEU A 1384 13.66 -19.07 -6.42
C LEU A 1384 14.43 -20.27 -5.91
N ALA A 1385 15.29 -20.84 -6.77
CA ALA A 1385 16.12 -21.97 -6.39
C ALA A 1385 17.14 -21.59 -5.33
N LEU A 1386 17.58 -20.32 -5.31
CA LEU A 1386 18.48 -19.87 -4.26
C LEU A 1386 17.81 -19.90 -2.90
N LEU A 1387 16.56 -19.43 -2.81
CA LEU A 1387 15.82 -19.48 -1.55
C LEU A 1387 15.54 -20.93 -1.14
N CYS A 1388 15.15 -21.77 -2.11
CA CYS A 1388 14.86 -23.16 -1.82
C CYS A 1388 16.11 -23.93 -1.38
N ASP A 1389 17.29 -23.49 -1.81
CA ASP A 1389 18.52 -24.07 -1.30
C ASP A 1389 18.98 -23.46 0.03
N VAL A 1390 18.60 -22.21 0.31
CA VAL A 1390 18.91 -21.62 1.61
C VAL A 1390 18.13 -22.31 2.72
N MET A 1391 16.83 -22.56 2.50
CA MET A 1391 16.04 -23.20 3.56
C MET A 1391 16.42 -24.65 3.81
N THR A 1392 16.83 -25.38 2.76
CA THR A 1392 17.12 -26.80 2.89
C THR A 1392 18.61 -27.06 3.06
N ALA A 1393 19.38 -26.06 3.47
CA ALA A 1393 20.83 -26.23 3.58
C ALA A 1393 21.23 -27.02 4.81
N LYS A 1394 20.52 -26.83 5.92
CA LYS A 1394 20.91 -27.41 7.20
C LYS A 1394 20.39 -28.83 7.40
N GLY A 1395 19.63 -29.37 6.45
CA GLY A 1395 19.11 -30.71 6.55
C GLY A 1395 17.68 -30.80 7.06
N HIS A 1396 17.21 -29.75 7.73
CA HIS A 1396 15.81 -29.70 8.14
C HIS A 1396 15.19 -28.43 7.58
N LEU A 1397 13.95 -28.13 7.96
CA LEU A 1397 13.27 -26.94 7.45
C LEU A 1397 13.71 -25.73 8.27
N MET A 1398 14.49 -24.86 7.65
CA MET A 1398 14.95 -23.62 8.28
C MET A 1398 14.00 -22.53 7.79
N ALA A 1399 13.00 -22.22 8.61
CA ALA A 1399 12.00 -21.24 8.23
C ALA A 1399 12.59 -19.83 8.30
N ILE A 1400 11.97 -18.91 7.56
CA ILE A 1400 12.34 -17.51 7.66
C ILE A 1400 11.43 -16.91 8.73
N THR A 1401 11.83 -17.11 9.98
CA THR A 1401 11.20 -16.50 11.15
C THR A 1401 12.33 -16.08 12.10
N ARG A 1402 11.97 -15.78 13.34
CA ARG A 1402 12.99 -15.66 14.37
C ARG A 1402 13.42 -17.02 14.91
N HIS A 1403 12.71 -18.09 14.55
CA HIS A 1403 13.05 -19.44 15.00
C HIS A 1403 13.92 -20.20 14.01
N GLY A 1404 14.16 -19.65 12.83
CA GLY A 1404 15.02 -20.32 11.87
C GLY A 1404 16.26 -19.52 11.54
N ILE A 1405 16.14 -18.19 11.56
CA ILE A 1405 17.29 -17.34 11.26
C ILE A 1405 18.19 -17.21 12.49
N ASN A 1406 17.59 -16.95 13.65
CA ASN A 1406 18.36 -16.77 14.87
C ASN A 1406 18.90 -18.06 15.45
N ARG A 1407 18.51 -19.21 14.90
CA ARG A 1407 19.03 -20.51 15.32
C ARG A 1407 20.18 -20.98 14.44
N GLN A 1408 20.69 -20.13 13.56
CA GLN A 1408 21.76 -20.49 12.65
C GLN A 1408 23.11 -20.35 13.35
N ASP A 1409 24.19 -20.50 12.59
CA ASP A 1409 25.54 -20.41 13.10
C ASP A 1409 26.22 -19.09 12.74
N THR A 1410 25.44 -18.08 12.41
CA THR A 1410 25.99 -16.79 12.01
C THR A 1410 26.42 -15.99 13.24
N GLY A 1411 26.88 -14.76 13.00
CA GLY A 1411 27.40 -13.94 14.07
C GLY A 1411 26.31 -13.37 14.95
N ALA A 1412 26.75 -12.81 16.08
CA ALA A 1412 25.79 -12.26 17.04
C ALA A 1412 25.21 -10.94 16.54
N LEU A 1413 26.03 -10.11 15.89
CA LEU A 1413 25.54 -8.82 15.42
C LEU A 1413 24.64 -8.98 14.21
N MET A 1414 24.84 -10.04 13.42
CA MET A 1414 23.94 -10.32 12.32
C MET A 1414 22.57 -10.79 12.81
N ARG A 1415 22.56 -11.63 13.84
CA ARG A 1415 21.30 -12.17 14.34
C ARG A 1415 20.54 -11.15 15.17
N CYS A 1416 21.25 -10.30 15.91
CA CYS A 1416 20.59 -9.30 16.74
C CYS A 1416 20.04 -8.14 15.91
N SER A 1417 20.49 -7.99 14.68
CA SER A 1417 20.00 -6.91 13.82
C SER A 1417 18.63 -7.21 13.24
N PHE A 1418 18.17 -8.47 13.30
CA PHE A 1418 16.89 -8.83 12.70
C PHE A 1418 15.77 -8.76 13.72
N GLU A 1419 15.81 -9.63 14.73
CA GLU A 1419 14.76 -9.73 15.73
C GLU A 1419 15.36 -10.30 17.01
N GLU A 1420 14.73 -9.97 18.14
CA GLU A 1420 15.15 -10.34 19.50
C GLU A 1420 16.59 -9.93 19.76
N THR A 1421 16.82 -8.61 19.74
CA THR A 1421 18.18 -8.07 19.80
C THR A 1421 18.83 -8.32 21.15
N VAL A 1422 18.12 -7.99 22.24
CA VAL A 1422 18.69 -8.08 23.57
C VAL A 1422 18.89 -9.53 23.98
N ASP A 1423 17.95 -10.41 23.62
CA ASP A 1423 18.06 -11.82 23.94
C ASP A 1423 19.26 -12.47 23.23
N VAL A 1424 19.43 -12.17 21.94
CA VAL A 1424 20.56 -12.70 21.17
C VAL A 1424 21.88 -12.17 21.71
N LEU A 1425 21.93 -10.86 22.03
CA LEU A 1425 23.15 -10.26 22.53
C LEU A 1425 23.53 -10.80 23.90
N MET A 1426 22.55 -11.03 24.78
CA MET A 1426 22.90 -11.54 26.09
C MET A 1426 23.17 -13.04 26.08
N ASP A 1427 22.59 -13.79 25.14
CA ASP A 1427 22.99 -15.18 24.96
C ASP A 1427 24.43 -15.27 24.46
N ALA A 1428 24.81 -14.37 23.54
CA ALA A 1428 26.20 -14.33 23.09
C ALA A 1428 27.13 -13.84 24.18
N ALA A 1429 26.64 -13.01 25.09
CA ALA A 1429 27.43 -12.59 26.24
C ALA A 1429 27.65 -13.75 27.20
N ALA A 1430 26.59 -14.50 27.50
CA ALA A 1430 26.70 -15.60 28.46
C ALA A 1430 27.48 -16.76 27.89
N HIS A 1431 27.47 -16.94 26.58
CA HIS A 1431 28.19 -18.06 25.97
C HIS A 1431 29.54 -17.65 25.38
N ALA A 1432 29.92 -16.38 25.50
CA ALA A 1432 31.18 -15.81 24.99
C ALA A 1432 31.35 -16.09 23.49
N GLU A 1433 30.28 -15.87 22.74
CA GLU A 1433 30.30 -16.15 21.31
C GLU A 1433 31.15 -15.13 20.57
N THR A 1434 32.04 -15.63 19.72
CA THR A 1434 32.96 -14.79 18.95
C THR A 1434 32.33 -14.48 17.60
N ASP A 1435 32.19 -13.18 17.30
CA ASP A 1435 31.66 -12.75 16.02
C ASP A 1435 32.84 -12.53 15.06
N PRO A 1436 32.97 -13.34 14.01
CA PRO A 1436 34.20 -13.30 13.20
C PRO A 1436 34.26 -12.18 12.17
N MET A 1437 33.26 -11.30 12.11
CA MET A 1437 33.18 -10.15 11.20
C MET A 1437 33.26 -10.58 9.73
N ARG A 1438 32.30 -11.40 9.33
CA ARG A 1438 32.20 -11.88 7.96
C ARG A 1438 30.92 -11.48 7.25
N GLY A 1439 29.86 -11.16 7.98
CA GLY A 1439 28.62 -10.72 7.35
C GLY A 1439 28.69 -9.29 6.88
N VAL A 1440 27.61 -8.85 6.24
CA VAL A 1440 27.58 -7.48 5.73
C VAL A 1440 27.08 -6.52 6.80
N SER A 1441 26.09 -6.93 7.60
CA SER A 1441 25.53 -6.06 8.63
C SER A 1441 26.51 -5.84 9.77
N GLU A 1442 27.38 -6.82 10.02
CA GLU A 1442 28.41 -6.69 11.05
C GLU A 1442 29.42 -5.61 10.68
N ASN A 1443 29.84 -5.58 9.42
CA ASN A 1443 30.75 -4.54 8.97
C ASN A 1443 30.05 -3.20 8.83
N ILE A 1444 28.73 -3.22 8.59
CA ILE A 1444 27.95 -1.99 8.60
C ILE A 1444 27.91 -1.39 10.00
N ILE A 1445 27.75 -2.24 11.02
CA ILE A 1445 27.82 -1.79 12.41
C ILE A 1445 29.21 -1.27 12.73
N MET A 1446 30.25 -1.98 12.28
CA MET A 1446 31.61 -1.51 12.50
C MET A 1446 31.97 -0.30 11.66
N GLY A 1447 31.23 -0.04 10.59
CA GLY A 1447 31.56 1.06 9.70
C GLY A 1447 32.69 0.78 8.74
N GLN A 1448 33.22 -0.44 8.73
CA GLN A 1448 34.28 -0.81 7.81
C GLN A 1448 33.72 -1.04 6.41
N LEU A 1449 34.62 -1.19 5.45
CA LEU A 1449 34.21 -1.59 4.12
C LEU A 1449 33.75 -3.05 4.17
N PRO A 1450 32.51 -3.34 3.83
CA PRO A 1450 32.01 -4.70 4.01
C PRO A 1450 32.54 -5.65 2.95
N LYS A 1451 32.92 -6.85 3.39
CA LYS A 1451 33.55 -7.85 2.52
C LYS A 1451 32.49 -8.47 1.62
N MET A 1452 32.06 -7.69 0.64
CA MET A 1452 30.92 -8.01 -0.22
C MET A 1452 30.93 -7.09 -1.42
N GLY A 1453 30.24 -7.52 -2.47
CA GLY A 1453 30.03 -6.69 -3.64
C GLY A 1453 31.30 -6.33 -4.37
N THR A 1454 31.70 -5.08 -4.25
CA THR A 1454 32.97 -4.60 -4.73
C THR A 1454 34.00 -4.47 -3.62
N GLY A 1455 33.62 -4.77 -2.38
CA GLY A 1455 34.56 -4.76 -1.28
C GLY A 1455 35.04 -6.15 -0.93
N CYS A 1456 34.85 -7.10 -1.86
CA CYS A 1456 35.23 -8.49 -1.65
C CYS A 1456 36.67 -8.77 -2.06
N PHE A 1457 37.51 -7.75 -2.17
CA PHE A 1457 38.90 -7.89 -2.54
C PHE A 1457 39.66 -6.71 -1.99
N ASP A 1458 40.98 -6.74 -2.16
CA ASP A 1458 41.84 -5.65 -1.75
C ASP A 1458 42.70 -5.22 -2.92
N LEU A 1459 42.88 -3.91 -3.06
CA LEU A 1459 43.72 -3.36 -4.12
C LEU A 1459 45.10 -3.07 -3.57
N LEU A 1460 46.12 -3.59 -4.24
CA LEU A 1460 47.51 -3.39 -3.85
C LEU A 1460 48.23 -2.59 -4.92
N LEU A 1461 49.09 -1.68 -4.48
CA LEU A 1461 49.86 -0.87 -5.41
C LEU A 1461 51.00 -1.70 -5.99
N ASP A 1462 51.05 -1.80 -7.30
CA ASP A 1462 52.15 -2.49 -7.98
C ASP A 1462 53.39 -1.61 -7.96
N ALA A 1463 54.44 -2.07 -7.27
CA ALA A 1463 55.65 -1.26 -7.15
C ALA A 1463 56.45 -1.25 -8.45
N GLU A 1464 56.56 -2.40 -9.10
CA GLU A 1464 57.38 -2.51 -10.31
C GLU A 1464 56.66 -2.06 -11.57
N LYS A 1465 55.37 -1.76 -11.50
CA LYS A 1465 54.64 -1.27 -12.68
C LYS A 1465 54.73 0.24 -12.83
N CYS A 1466 55.29 0.95 -11.84
CA CYS A 1466 55.38 2.40 -11.88
C CYS A 1466 56.46 2.81 -12.87
N ARG A 1467 56.06 2.87 -14.14
CA ARG A 1467 56.92 3.23 -15.26
C ARG A 1467 56.89 4.75 -15.46
N PHE A 1468 57.35 5.19 -16.63
CA PHE A 1468 57.45 6.61 -16.99
C PHE A 1468 56.10 7.31 -16.90
N GLY A 1469 56.11 8.48 -16.24
CA GLY A 1469 54.90 9.26 -16.05
C GLY A 1469 55.13 10.72 -16.39
N ILE A 1470 54.87 11.60 -15.42
CA ILE A 1470 55.12 13.03 -15.62
C ILE A 1470 55.55 13.67 -14.31
N GLU B 1 -60.24 15.00 -5.77
CA GLU B 1 -59.24 14.60 -4.78
C GLU B 1 -57.89 14.34 -5.43
N ASN B 2 -57.89 14.16 -6.75
CA ASN B 2 -56.67 13.92 -7.49
C ASN B 2 -55.89 15.20 -7.79
N ALA B 3 -56.46 16.37 -7.50
CA ALA B 3 -55.71 17.61 -7.68
C ALA B 3 -54.62 17.77 -6.64
N GLU B 4 -54.80 17.18 -5.46
CA GLU B 4 -53.79 17.23 -4.41
C GLU B 4 -52.60 16.32 -4.67
N GLU B 5 -52.74 15.37 -5.59
CA GLU B 5 -51.63 14.48 -5.92
C GLU B 5 -50.55 15.26 -6.67
N ILE B 6 -49.30 15.06 -6.26
CA ILE B 6 -48.19 15.82 -6.80
C ILE B 6 -47.73 15.16 -8.10
N SER B 7 -47.64 15.95 -9.17
CA SER B 7 -47.14 15.48 -10.46
C SER B 7 -45.62 15.40 -10.42
N HIS B 8 -45.01 15.04 -11.55
CA HIS B 8 -43.62 14.59 -11.55
C HIS B 8 -42.63 15.75 -11.38
N GLU B 9 -42.71 16.75 -12.27
CA GLU B 9 -41.83 17.91 -12.15
C GLU B 9 -42.16 18.71 -10.88
N LEU B 10 -43.44 18.71 -10.51
CA LEU B 10 -43.83 19.20 -9.20
C LEU B 10 -43.25 18.35 -8.09
N TRP B 11 -43.00 17.06 -8.34
CA TRP B 11 -42.37 16.25 -7.29
C TRP B 11 -40.90 16.61 -7.10
N GLN B 12 -40.13 16.84 -8.18
CA GLN B 12 -38.74 17.29 -7.94
C GLN B 12 -38.70 18.65 -7.27
N GLU B 13 -39.55 19.59 -7.69
CA GLU B 13 -39.58 20.90 -7.04
C GLU B 13 -40.03 20.79 -5.58
N ALA B 14 -41.02 19.95 -5.31
CA ALA B 14 -41.57 19.79 -3.97
C ALA B 14 -40.57 19.11 -3.03
N CYS B 15 -39.85 18.09 -3.52
CA CYS B 15 -38.91 17.41 -2.65
C CYS B 15 -37.71 18.28 -2.34
N TRP B 16 -37.26 19.10 -3.30
CA TRP B 16 -36.15 19.99 -2.95
C TRP B 16 -36.61 21.14 -2.07
N ILE B 17 -37.89 21.53 -2.16
CA ILE B 17 -38.46 22.48 -1.20
C ILE B 17 -38.51 21.86 0.21
N VAL B 18 -38.85 20.57 0.30
CA VAL B 18 -38.89 19.87 1.59
C VAL B 18 -37.50 19.77 2.21
N ILE B 19 -36.50 19.45 1.38
CA ILE B 19 -35.11 19.38 1.86
C ILE B 19 -34.62 20.76 2.29
N ASN B 20 -35.03 21.82 1.57
CA ASN B 20 -34.69 23.18 1.95
C ASN B 20 -35.31 23.55 3.30
N ALA B 21 -36.54 23.11 3.55
CA ALA B 21 -37.18 23.36 4.85
C ALA B 21 -36.47 22.63 5.98
N TYR B 22 -36.06 21.38 5.73
CA TYR B 22 -35.33 20.60 6.74
C TYR B 22 -34.00 21.26 7.09
N PHE B 23 -33.26 21.69 6.08
CA PHE B 23 -31.98 22.34 6.36
C PHE B 23 -32.14 23.77 6.85
N ASP B 24 -33.29 24.39 6.60
CA ASP B 24 -33.54 25.72 7.15
C ASP B 24 -33.83 25.62 8.64
N GLU B 25 -34.53 24.58 9.08
CA GLU B 25 -34.78 24.45 10.50
C GLU B 25 -33.59 23.85 11.24
N LYS B 26 -33.20 22.62 10.88
CA LYS B 26 -32.25 21.87 11.69
C LYS B 26 -30.81 22.37 11.55
N GLY B 27 -30.38 22.70 10.34
CA GLY B 27 -28.99 23.05 10.12
C GLY B 27 -28.12 21.84 9.89
N LEU B 28 -26.81 22.05 10.04
CA LEU B 28 -25.84 21.01 9.75
C LEU B 28 -25.15 20.42 10.97
N VAL B 29 -25.17 21.12 12.11
CA VAL B 29 -24.45 20.67 13.29
C VAL B 29 -25.43 20.51 14.45
N ARG B 30 -26.66 20.10 14.14
CA ARG B 30 -27.74 20.09 15.12
C ARG B 30 -27.51 19.05 16.21
N GLN B 31 -26.84 17.93 15.89
CA GLN B 31 -26.63 16.88 16.89
C GLN B 31 -25.69 17.32 17.99
N GLN B 32 -24.67 18.14 17.66
CA GLN B 32 -23.73 18.64 18.66
C GLN B 32 -24.42 19.57 19.65
N LEU B 33 -25.18 20.54 19.13
CA LEU B 33 -25.87 21.50 19.99
C LEU B 33 -26.96 20.83 20.82
N ASP B 34 -27.69 19.90 20.21
CA ASP B 34 -28.76 19.20 20.92
C ASP B 34 -28.20 18.32 22.03
N SER B 35 -27.11 17.60 21.76
CA SER B 35 -26.49 16.78 22.79
C SER B 35 -25.90 17.63 23.90
N PHE B 36 -25.36 18.81 23.56
CA PHE B 36 -24.83 19.68 24.60
C PHE B 36 -25.92 20.25 25.49
N ASP B 37 -27.05 20.67 24.91
CA ASP B 37 -28.14 21.22 25.69
C ASP B 37 -28.75 20.16 26.61
N GLU B 38 -28.95 18.94 26.07
CA GLU B 38 -29.40 17.81 26.87
C GLU B 38 -28.43 17.51 28.00
N PHE B 39 -27.12 17.54 27.69
CA PHE B 39 -26.07 17.28 28.67
C PHE B 39 -26.16 18.28 29.81
N ILE B 40 -26.16 19.58 29.48
CA ILE B 40 -26.17 20.65 30.48
C ILE B 40 -27.36 20.50 31.40
N GLN B 41 -28.58 20.64 30.85
CA GLN B 41 -29.78 20.65 31.67
C GLN B 41 -30.01 19.31 32.38
N MET B 42 -30.33 18.26 31.61
CA MET B 42 -30.76 17.03 32.25
C MET B 42 -29.59 16.27 32.87
N SER B 43 -28.42 16.24 32.21
CA SER B 43 -27.32 15.46 32.76
C SER B 43 -26.74 16.11 34.01
N VAL B 44 -26.57 17.45 34.04
CA VAL B 44 -26.00 18.04 35.24
C VAL B 44 -27.01 17.99 36.39
N GLN B 45 -28.30 18.17 36.10
CA GLN B 45 -29.31 18.03 37.16
C GLN B 45 -29.39 16.61 37.68
N ARG B 46 -29.29 15.60 36.80
CA ARG B 46 -29.36 14.22 37.26
C ARG B 46 -28.10 13.78 37.99
N ILE B 47 -26.94 14.34 37.64
CA ILE B 47 -25.73 14.04 38.40
C ILE B 47 -25.81 14.63 39.80
N VAL B 48 -26.24 15.89 39.91
CA VAL B 48 -26.30 16.47 41.26
C VAL B 48 -27.50 15.98 42.06
N GLU B 49 -28.49 15.35 41.42
CA GLU B 49 -29.60 14.78 42.19
C GLU B 49 -29.40 13.31 42.53
N ASP B 50 -28.67 12.56 41.71
CA ASP B 50 -28.45 11.16 41.95
C ASP B 50 -27.16 10.87 42.72
N SER B 51 -26.38 11.89 43.04
CA SER B 51 -25.18 11.69 43.83
C SER B 51 -25.54 11.41 45.29
N PRO B 52 -24.85 10.48 45.96
CA PRO B 52 -25.14 10.21 47.37
C PRO B 52 -24.72 11.37 48.25
N ALA B 53 -25.49 11.57 49.32
CA ALA B 53 -25.20 12.65 50.26
C ALA B 53 -23.99 12.30 51.12
N ILE B 54 -23.27 13.34 51.53
CA ILE B 54 -22.10 13.17 52.38
C ILE B 54 -22.57 12.87 53.79
N GLU B 55 -22.11 11.77 54.37
CA GLU B 55 -22.43 11.39 55.73
C GLU B 55 -21.17 11.43 56.57
N LEU B 56 -21.26 12.08 57.74
CA LEU B 56 -20.09 12.38 58.54
C LEU B 56 -20.27 11.94 59.98
N GLN B 57 -19.16 11.61 60.63
CA GLN B 57 -19.14 11.26 62.04
C GLN B 57 -17.73 11.50 62.57
N ALA B 58 -17.60 12.31 63.60
CA ALA B 58 -16.30 12.62 64.18
C ALA B 58 -15.77 11.42 64.98
N GLU B 59 -14.46 11.20 64.89
CA GLU B 59 -13.79 10.10 65.60
C GLU B 59 -12.55 10.66 66.28
N ALA B 60 -12.71 11.15 67.51
CA ALA B 60 -11.60 11.66 68.31
C ALA B 60 -11.12 10.57 69.26
N GLN B 61 -10.51 9.55 68.68
CA GLN B 61 -10.05 8.39 69.44
C GLN B 61 -8.65 8.56 70.01
N HIS B 62 -7.92 9.61 69.63
CA HIS B 62 -6.56 9.84 70.08
C HIS B 62 -6.49 10.74 71.30
N THR B 63 -7.62 11.20 71.84
CA THR B 63 -7.63 12.12 72.96
C THR B 63 -8.51 11.57 74.08
N SER B 64 -8.23 12.02 75.29
CA SER B 64 -9.01 11.62 76.45
C SER B 64 -10.30 12.42 76.53
N GLY B 65 -11.23 11.91 77.33
CA GLY B 65 -12.55 12.53 77.45
C GLY B 65 -13.37 12.47 76.19
N GLU B 66 -13.37 11.32 75.51
CA GLU B 66 -14.11 11.19 74.26
C GLU B 66 -15.61 11.10 74.55
N VAL B 67 -16.40 11.89 73.83
CA VAL B 67 -17.85 11.86 73.99
C VAL B 67 -18.40 10.61 73.33
N GLU B 68 -19.36 9.96 74.00
CA GLU B 68 -19.96 8.74 73.47
C GLU B 68 -20.84 9.02 72.26
N THR B 69 -21.34 10.26 72.13
CA THR B 69 -22.15 10.67 70.99
C THR B 69 -21.45 11.84 70.31
N PRO B 70 -20.58 11.59 69.33
CA PRO B 70 -19.95 12.67 68.60
C PRO B 70 -20.95 13.40 67.72
N PRO B 71 -20.75 14.69 67.47
CA PRO B 71 -21.64 15.41 66.55
C PRO B 71 -21.49 14.92 65.12
N ARG B 72 -22.58 15.01 64.37
CA ARG B 72 -22.57 14.53 62.99
C ARG B 72 -23.07 15.61 62.04
N PHE B 73 -22.59 15.54 60.80
CA PHE B 73 -22.91 16.50 59.75
C PHE B 73 -23.40 15.73 58.53
N SER B 74 -24.23 16.40 57.73
CA SER B 74 -24.62 15.85 56.44
C SER B 74 -24.69 16.96 55.41
N LEU B 75 -24.21 16.66 54.20
CA LEU B 75 -24.18 17.64 53.11
C LEU B 75 -24.99 17.11 51.93
N LYS B 76 -25.78 18.00 51.33
CA LYS B 76 -26.67 17.64 50.23
C LYS B 76 -26.56 18.69 49.14
N PHE B 77 -26.52 18.23 47.89
CA PHE B 77 -26.49 19.09 46.71
C PHE B 77 -27.79 18.87 45.93
N GLU B 78 -28.50 19.94 45.60
CA GLU B 78 -29.83 19.76 45.05
C GLU B 78 -30.15 20.58 43.80
N GLN B 79 -29.50 21.73 43.61
CA GLN B 79 -29.89 22.64 42.54
C GLN B 79 -28.66 23.13 41.81
N ILE B 80 -28.83 23.41 40.51
CA ILE B 80 -27.74 23.85 39.64
C ILE B 80 -28.16 25.14 38.95
N TYR B 81 -27.31 26.15 39.03
CA TYR B 81 -27.48 27.40 38.28
C TYR B 81 -26.27 27.60 37.39
N LEU B 82 -26.52 27.78 36.09
CA LEU B 82 -25.47 28.03 35.12
C LEU B 82 -25.63 29.44 34.58
N SER B 83 -24.55 30.21 34.65
CA SER B 83 -24.56 31.59 34.20
C SER B 83 -24.04 31.67 32.76
N LYS B 84 -23.96 32.90 32.26
CA LYS B 84 -23.35 33.14 30.96
C LYS B 84 -21.84 33.01 31.08
N PRO B 85 -21.13 32.77 29.96
CA PRO B 85 -19.67 32.75 30.01
C PRO B 85 -19.09 34.08 30.46
N THR B 86 -18.43 34.07 31.61
CA THR B 86 -17.95 35.27 32.28
C THR B 86 -16.50 35.07 32.68
N HIS B 87 -15.69 36.10 32.48
CA HIS B 87 -14.27 36.07 32.81
C HIS B 87 -14.01 36.98 34.00
N TRP B 88 -13.23 36.47 34.96
CA TRP B 88 -12.75 37.27 36.07
C TRP B 88 -11.29 37.62 35.83
N GLU B 89 -10.97 38.90 35.91
CA GLU B 89 -9.63 39.38 35.61
C GLU B 89 -8.73 39.17 36.83
N LYS B 90 -7.53 39.78 36.78
CA LYS B 90 -6.60 39.66 37.91
C LYS B 90 -7.08 40.43 39.13
N ASP B 91 -7.76 41.56 38.92
CA ASP B 91 -8.32 42.31 40.03
C ASP B 91 -9.66 41.75 40.51
N GLY B 92 -10.25 40.81 39.78
CA GLY B 92 -11.48 40.18 40.19
C GLY B 92 -12.75 40.78 39.62
N SER B 93 -12.65 41.66 38.63
CA SER B 93 -13.83 42.28 38.03
C SER B 93 -14.38 41.34 36.96
N PRO B 94 -15.64 40.91 37.06
CA PRO B 94 -16.22 40.06 36.01
C PRO B 94 -16.52 40.87 34.76
N SER B 95 -16.48 40.17 33.62
CA SER B 95 -16.75 40.77 32.32
C SER B 95 -17.30 39.68 31.41
N PRO B 96 -18.16 40.04 30.46
CA PRO B 96 -18.66 39.03 29.51
C PRO B 96 -17.56 38.60 28.54
N MET B 97 -17.28 37.29 28.52
CA MET B 97 -16.25 36.73 27.66
C MET B 97 -16.82 36.52 26.27
N MET B 98 -16.32 37.27 25.31
CA MET B 98 -16.68 37.00 23.93
C MET B 98 -15.89 35.81 23.39
N PRO B 99 -16.45 35.08 22.43
CA PRO B 99 -15.67 34.00 21.77
C PRO B 99 -14.43 34.50 21.05
N ASN B 100 -14.49 35.69 20.44
CA ASN B 100 -13.30 36.25 19.82
C ASN B 100 -12.29 36.69 20.86
N GLU B 101 -12.77 37.20 22.01
CA GLU B 101 -11.87 37.53 23.11
C GLU B 101 -11.23 36.28 23.69
N ALA B 102 -11.96 35.16 23.72
CA ALA B 102 -11.39 33.90 24.19
C ALA B 102 -10.38 33.36 23.19
N ARG B 103 -10.63 33.54 21.89
CA ARG B 103 -9.70 33.06 20.88
C ARG B 103 -8.42 33.89 20.85
N LEU B 104 -8.54 35.21 20.96
CA LEU B 104 -7.38 36.08 20.83
C LEU B 104 -6.50 36.08 22.07
N ARG B 105 -7.08 35.88 23.24
CA ARG B 105 -6.33 35.94 24.50
C ARG B 105 -5.93 34.57 25.03
N ASN B 106 -6.16 33.51 24.24
CA ASN B 106 -5.93 32.11 24.63
C ASN B 106 -6.64 31.75 25.93
N LEU B 107 -7.89 32.17 26.05
CA LEU B 107 -8.72 31.84 27.20
C LEU B 107 -9.63 30.67 26.88
N THR B 108 -10.34 30.20 27.90
CA THR B 108 -11.27 29.09 27.77
C THR B 108 -12.69 29.64 27.86
N TYR B 109 -13.48 29.40 26.82
CA TYR B 109 -14.85 29.88 26.75
C TYR B 109 -15.70 28.98 27.65
N SER B 110 -15.77 29.34 28.92
CA SER B 110 -16.44 28.52 29.92
C SER B 110 -17.33 29.39 30.80
N ALA B 111 -18.32 28.74 31.42
CA ALA B 111 -19.27 29.39 32.30
C ALA B 111 -19.19 28.79 33.69
N PRO B 112 -19.27 29.61 34.74
CA PRO B 112 -19.23 29.07 36.10
C PRO B 112 -20.51 28.34 36.46
N LEU B 113 -20.38 27.35 37.34
CA LEU B 113 -21.50 26.53 37.79
C LEU B 113 -21.69 26.73 39.28
N TYR B 114 -22.92 27.05 39.68
CA TYR B 114 -23.24 27.28 41.07
C TYR B 114 -24.20 26.20 41.57
N VAL B 115 -24.00 25.76 42.80
CA VAL B 115 -24.78 24.67 43.38
C VAL B 115 -25.29 25.10 44.74
N ASP B 116 -26.51 24.69 45.08
CA ASP B 116 -27.07 24.93 46.40
C ASP B 116 -26.66 23.78 47.32
N ILE B 117 -26.19 24.13 48.51
CA ILE B 117 -25.71 23.14 49.48
C ILE B 117 -26.58 23.23 50.73
N THR B 118 -27.11 22.10 51.17
CA THR B 118 -27.81 22.00 52.44
C THR B 118 -26.93 21.26 53.42
N LYS B 119 -26.60 21.91 54.54
CA LYS B 119 -25.74 21.34 55.57
C LYS B 119 -26.57 21.15 56.82
N THR B 120 -26.78 19.90 57.21
CA THR B 120 -27.55 19.58 58.41
C THR B 120 -26.59 19.18 59.52
N LYS B 121 -26.67 19.89 60.64
CA LYS B 121 -25.88 19.66 61.83
C LYS B 121 -26.75 18.95 62.84
N ASN B 122 -26.38 17.72 63.21
CA ASN B 122 -27.20 16.88 64.08
C ASN B 122 -26.39 16.46 65.30
N VAL B 123 -26.98 16.62 66.48
CA VAL B 123 -26.41 16.20 67.75
C VAL B 123 -27.39 15.21 68.38
N GLU B 124 -26.87 14.10 68.88
CA GLU B 124 -27.69 13.10 69.57
C GLU B 124 -28.22 13.70 70.86
N GLY B 125 -29.53 13.91 70.93
CA GLY B 125 -30.15 14.61 72.03
C GLY B 125 -30.52 16.05 71.76
N LEU B 126 -30.30 16.53 70.53
CA LEU B 126 -30.64 17.90 70.17
C LEU B 126 -31.25 17.91 68.78
N ASP B 127 -32.00 18.97 68.51
CA ASP B 127 -32.63 19.11 67.19
C ASP B 127 -31.58 19.49 66.15
N PRO B 128 -31.53 18.80 65.01
CA PRO B 128 -30.61 19.20 63.94
C PRO B 128 -31.02 20.52 63.32
N VAL B 129 -30.02 21.27 62.86
CA VAL B 129 -30.23 22.59 62.27
C VAL B 129 -29.71 22.57 60.83
N GLU B 130 -30.46 23.20 59.93
CA GLU B 130 -30.10 23.25 58.52
C GLU B 130 -29.50 24.61 58.18
N THR B 131 -28.51 24.58 57.29
CA THR B 131 -27.85 25.78 56.81
C THR B 131 -27.80 25.73 55.30
N GLN B 132 -28.23 26.81 54.65
CA GLN B 132 -28.30 26.88 53.19
C GLN B 132 -27.13 27.71 52.68
N HIS B 133 -26.27 27.09 51.89
CA HIS B 133 -25.18 27.77 51.19
C HIS B 133 -25.57 27.81 49.72
N GLN B 134 -26.24 28.88 49.33
CA GLN B 134 -26.74 29.01 47.98
C GLN B 134 -25.71 29.65 47.06
N LYS B 135 -25.76 29.26 45.78
CA LYS B 135 -24.89 29.76 44.72
C LYS B 135 -23.41 29.54 45.03
N THR B 136 -23.07 28.31 45.43
CA THR B 136 -21.70 27.97 45.75
C THR B 136 -20.96 27.61 44.47
N PHE B 137 -19.90 28.34 44.18
CA PHE B 137 -19.13 28.12 42.96
C PHE B 137 -18.27 26.87 43.11
N ILE B 138 -18.35 25.96 42.13
CA ILE B 138 -17.59 24.72 42.17
C ILE B 138 -16.65 24.56 40.98
N GLY B 139 -16.82 25.33 39.91
CA GLY B 139 -15.96 25.20 38.75
C GLY B 139 -16.64 25.72 37.51
N LYS B 140 -15.84 25.85 36.46
CA LYS B 140 -16.30 26.36 35.17
C LYS B 140 -16.41 25.21 34.18
N ILE B 141 -17.55 25.11 33.50
CA ILE B 141 -17.72 24.11 32.46
C ILE B 141 -17.63 24.80 31.11
N PRO B 142 -16.92 24.22 30.13
CA PRO B 142 -16.82 24.85 28.82
C PRO B 142 -18.15 24.83 28.07
N ILE B 143 -18.34 25.84 27.24
CA ILE B 143 -19.59 26.06 26.53
C ILE B 143 -19.34 25.91 25.03
N MET B 144 -20.06 24.98 24.41
CA MET B 144 -20.01 24.84 22.97
C MET B 144 -20.68 26.02 22.30
N LEU B 145 -20.07 26.52 21.23
CA LEU B 145 -20.56 27.70 20.53
C LEU B 145 -21.87 27.41 19.80
N ARG B 146 -22.67 28.46 19.62
CA ARG B 146 -23.99 28.46 18.99
C ARG B 146 -24.97 27.53 19.70
N SER B 147 -24.76 27.26 20.98
CA SER B 147 -25.69 26.45 21.77
C SER B 147 -26.67 27.37 22.48
N THR B 148 -27.42 26.82 23.43
CA THR B 148 -28.41 27.61 24.16
C THR B 148 -27.74 28.56 25.16
N TYR B 149 -26.72 28.08 25.87
CA TYR B 149 -26.13 28.83 26.97
C TYR B 149 -24.94 29.69 26.57
N CYS B 150 -24.65 29.81 25.28
CA CYS B 150 -23.58 30.68 24.85
C CYS B 150 -24.13 32.09 24.59
N LEU B 151 -23.20 33.03 24.37
CA LEU B 151 -23.61 34.41 24.13
C LEU B 151 -24.10 34.64 22.71
N LEU B 152 -23.80 33.72 21.78
CA LEU B 152 -24.20 33.86 20.40
C LEU B 152 -25.48 33.11 20.06
N SER B 153 -26.39 32.97 21.02
CA SER B 153 -27.60 32.21 20.83
C SER B 153 -28.69 33.11 20.24
N GLN B 154 -29.21 32.71 19.08
CA GLN B 154 -30.33 33.37 18.38
C GLN B 154 -30.03 34.83 18.07
N LEU B 155 -28.78 35.12 17.71
CA LEU B 155 -28.40 36.46 17.31
C LEU B 155 -28.55 36.62 15.81
N THR B 156 -28.82 37.85 15.38
CA THR B 156 -29.00 38.14 13.97
C THR B 156 -27.63 38.24 13.29
N ASP B 157 -27.66 38.39 11.96
CA ASP B 157 -26.42 38.50 11.19
C ASP B 157 -25.73 39.83 11.46
N ARG B 158 -26.50 40.90 11.65
CA ARG B 158 -25.91 42.19 12.00
C ARG B 158 -25.32 42.17 13.40
N ASP B 159 -26.00 41.53 14.35
CA ASP B 159 -25.48 41.42 15.71
C ASP B 159 -24.25 40.54 15.77
N LEU B 160 -24.21 39.48 14.95
CA LEU B 160 -23.01 38.64 14.89
C LEU B 160 -21.86 39.35 14.20
N THR B 161 -22.16 40.21 13.22
CA THR B 161 -21.10 40.93 12.52
C THR B 161 -20.54 42.05 13.38
N GLU B 162 -21.38 42.66 14.23
CA GLU B 162 -20.92 43.68 15.16
C GLU B 162 -20.00 43.12 16.24
N LEU B 163 -20.07 41.82 16.50
CA LEU B 163 -19.20 41.14 17.44
C LEU B 163 -18.00 40.46 16.75
N ASN B 164 -17.79 40.78 15.47
CA ASN B 164 -16.73 40.21 14.62
C ASN B 164 -16.81 38.69 14.54
N GLU B 165 -18.03 38.17 14.44
CA GLU B 165 -18.26 36.74 14.30
C GLU B 165 -18.90 36.46 12.94
N CYS B 166 -18.56 35.32 12.38
CA CYS B 166 -19.07 34.95 11.06
C CYS B 166 -20.53 34.48 11.18
N PRO B 167 -21.45 35.05 10.41
CA PRO B 167 -22.82 34.54 10.42
C PRO B 167 -22.96 33.15 9.82
N LEU B 168 -22.01 32.72 8.99
CA LEU B 168 -22.03 31.39 8.40
C LEU B 168 -21.30 30.36 9.25
N ASP B 169 -20.76 30.76 10.40
CA ASP B 169 -20.07 29.83 11.29
C ASP B 169 -21.08 28.88 11.91
N PRO B 170 -20.96 27.56 11.71
CA PRO B 170 -21.94 26.65 12.29
C PRO B 170 -21.81 26.49 13.80
N GLY B 171 -20.65 26.78 14.37
CA GLY B 171 -20.43 26.48 15.76
C GLY B 171 -20.17 25.00 15.95
N GLY B 172 -20.64 24.48 17.07
CA GLY B 172 -20.46 23.07 17.36
C GLY B 172 -19.12 22.71 17.95
N TYR B 173 -18.33 23.70 18.38
CA TYR B 173 -17.00 23.45 18.91
C TYR B 173 -16.80 24.25 20.19
N PHE B 174 -15.90 23.76 21.03
CA PHE B 174 -15.48 24.47 22.22
C PHE B 174 -14.25 25.31 21.92
N ILE B 175 -14.00 26.29 22.78
CA ILE B 175 -12.78 27.08 22.74
C ILE B 175 -12.03 26.79 24.03
N ILE B 176 -10.96 26.02 23.93
CA ILE B 176 -10.14 25.65 25.08
C ILE B 176 -8.78 26.27 24.87
N ASN B 177 -8.43 27.22 25.77
CA ASN B 177 -7.17 27.97 25.74
C ASN B 177 -6.94 28.67 24.41
N GLY B 178 -8.02 29.16 23.80
CA GLY B 178 -7.95 29.81 22.52
C GLY B 178 -7.91 28.88 21.32
N SER B 179 -7.92 27.57 21.53
CA SER B 179 -7.90 26.61 20.44
C SER B 179 -9.28 26.00 20.26
N GLU B 180 -9.71 25.88 19.01
CA GLU B 180 -11.04 25.35 18.72
C GLU B 180 -11.00 23.83 18.74
N LYS B 181 -11.71 23.23 19.69
CA LYS B 181 -11.72 21.79 19.88
C LYS B 181 -13.09 21.23 19.50
N VAL B 182 -13.08 20.11 18.80
CA VAL B 182 -14.29 19.44 18.35
C VAL B 182 -14.30 18.03 18.92
N LEU B 183 -15.47 17.55 19.31
CA LEU B 183 -15.64 16.22 19.87
C LEU B 183 -16.16 15.29 18.79
N ILE B 184 -15.42 14.21 18.53
CA ILE B 184 -15.80 13.23 17.53
C ILE B 184 -16.70 12.19 18.19
N ALA B 185 -17.82 11.89 17.54
CA ALA B 185 -18.73 10.87 18.04
C ALA B 185 -18.07 9.49 17.97
N GLN B 186 -18.23 8.70 19.02
CA GLN B 186 -17.58 7.41 19.14
C GLN B 186 -18.61 6.30 19.00
N GLU B 187 -18.33 5.34 18.12
CA GLU B 187 -19.19 4.17 18.02
C GLU B 187 -19.04 3.28 19.24
N LYS B 188 -20.14 2.63 19.62
CA LYS B 188 -20.10 1.64 20.68
C LYS B 188 -21.22 0.63 20.44
N MET B 189 -21.06 -0.55 21.02
CA MET B 189 -22.12 -1.55 20.95
C MET B 189 -23.30 -1.12 21.81
N ALA B 190 -24.49 -1.49 21.36
CA ALA B 190 -25.71 -1.07 22.03
C ALA B 190 -25.87 -1.83 23.34
N THR B 191 -25.92 -1.09 24.45
CA THR B 191 -26.10 -1.70 25.76
C THR B 191 -27.53 -2.20 25.93
N ASN B 192 -27.69 -3.14 26.85
CA ASN B 192 -28.97 -3.80 27.18
C ASN B 192 -29.59 -4.47 25.96
N THR B 193 -28.76 -5.05 25.12
CA THR B 193 -29.20 -5.75 23.93
C THR B 193 -28.61 -7.14 23.92
N VAL B 194 -29.44 -8.14 23.65
CA VAL B 194 -29.00 -9.54 23.67
C VAL B 194 -28.33 -9.85 22.34
N TYR B 195 -27.05 -10.20 22.38
CA TYR B 195 -26.29 -10.58 21.20
C TYR B 195 -26.01 -12.08 21.24
N VAL B 196 -26.10 -12.73 20.08
CA VAL B 196 -25.79 -14.15 19.96
C VAL B 196 -24.72 -14.33 18.89
N PHE B 197 -23.62 -14.96 19.26
CA PHE B 197 -22.52 -15.20 18.33
C PHE B 197 -22.14 -16.68 18.35
N SER B 198 -21.42 -17.10 17.30
CA SER B 198 -20.91 -18.44 17.18
C SER B 198 -19.40 -18.41 17.10
N MET B 199 -18.76 -19.37 17.75
CA MET B 199 -17.31 -19.45 17.80
C MET B 199 -16.82 -20.55 16.88
N LYS B 200 -15.89 -20.21 15.98
CA LYS B 200 -15.27 -21.23 15.14
C LYS B 200 -14.26 -22.06 15.90
N ASP B 201 -13.59 -21.47 16.89
CA ASP B 201 -12.60 -22.16 17.71
C ASP B 201 -12.88 -21.88 19.18
N GLY B 202 -12.57 -22.84 20.02
CA GLY B 202 -12.75 -22.72 21.45
C GLY B 202 -13.64 -23.82 22.00
N LYS B 203 -13.98 -23.67 23.27
CA LYS B 203 -14.81 -24.65 23.96
C LYS B 203 -16.29 -24.32 23.91
N TYR B 204 -16.67 -23.27 23.20
CA TYR B 204 -18.05 -22.80 23.16
C TYR B 204 -18.61 -22.93 21.76
N ALA B 205 -19.74 -23.64 21.64
CA ALA B 205 -20.43 -23.71 20.36
C ALA B 205 -21.12 -22.39 20.04
N PHE B 206 -21.81 -21.82 21.02
CA PHE B 206 -22.47 -20.53 20.85
C PHE B 206 -22.34 -19.73 22.14
N LYS B 207 -22.33 -18.41 22.01
CA LYS B 207 -22.26 -17.50 23.13
C LYS B 207 -23.40 -16.50 23.05
N THR B 208 -23.94 -16.12 24.20
CA THR B 208 -24.95 -15.08 24.30
C THR B 208 -24.42 -14.02 25.25
N GLU B 209 -24.31 -12.79 24.76
CA GLU B 209 -23.66 -11.71 25.48
C GLU B 209 -24.65 -10.57 25.69
N ILE B 210 -24.66 -10.03 26.90
CA ILE B 210 -25.35 -8.76 27.15
C ILE B 210 -24.39 -7.84 27.91
N ARG B 211 -24.25 -6.61 27.42
CA ARG B 211 -23.52 -5.58 28.14
C ARG B 211 -24.55 -4.73 28.89
N SER B 212 -24.99 -5.27 30.02
CA SER B 212 -26.07 -4.65 30.77
C SER B 212 -25.51 -3.59 31.70
N CYS B 213 -26.17 -2.44 31.73
CA CYS B 213 -25.80 -1.34 32.60
C CYS B 213 -27.05 -0.62 33.09
N LEU B 214 -26.97 -0.10 34.31
CA LEU B 214 -28.06 0.70 34.84
C LEU B 214 -28.09 2.04 34.12
N GLU B 215 -29.30 2.56 33.92
CA GLU B 215 -29.46 3.78 33.12
C GLU B 215 -28.94 5.00 33.88
N HIS B 216 -28.05 5.75 33.20
CA HIS B 216 -27.39 6.98 33.64
C HIS B 216 -26.86 6.91 35.08
N SER B 217 -26.12 5.85 35.37
CA SER B 217 -25.58 5.65 36.70
C SER B 217 -24.12 5.20 36.62
N SER B 218 -23.48 5.20 37.80
CA SER B 218 -22.12 4.70 37.95
C SER B 218 -22.15 3.18 38.12
N ARG B 219 -21.02 2.60 38.58
CA ARG B 219 -20.77 1.15 38.69
C ARG B 219 -20.93 0.56 37.29
N PRO B 220 -19.92 0.73 36.41
CA PRO B 220 -20.13 0.63 34.96
C PRO B 220 -20.53 -0.72 34.40
N THR B 221 -20.63 -0.75 33.06
CA THR B 221 -21.36 -1.78 32.33
C THR B 221 -20.78 -3.17 32.55
N SER B 222 -21.64 -4.11 32.93
CA SER B 222 -21.26 -5.47 33.26
C SER B 222 -21.68 -6.41 32.14
N THR B 223 -20.77 -7.29 31.74
CA THR B 223 -21.00 -8.22 30.64
C THR B 223 -21.39 -9.58 31.20
N LEU B 224 -22.58 -10.04 30.85
CA LEU B 224 -23.10 -11.33 31.28
C LEU B 224 -23.16 -12.26 30.07
N TRP B 225 -22.67 -13.49 30.25
CA TRP B 225 -22.60 -14.46 29.17
C TRP B 225 -23.41 -15.69 29.52
N VAL B 226 -24.14 -16.22 28.55
CA VAL B 226 -24.77 -17.53 28.65
C VAL B 226 -24.26 -18.34 27.47
N ASN B 227 -23.47 -19.37 27.75
CA ASN B 227 -22.72 -20.07 26.73
C ASN B 227 -23.20 -21.52 26.61
N MET B 228 -23.02 -22.09 25.42
CA MET B 228 -23.20 -23.52 25.23
C MET B 228 -21.84 -24.19 25.10
N MET B 229 -21.64 -25.27 25.85
CA MET B 229 -20.41 -26.04 25.74
C MET B 229 -20.37 -26.75 24.39
N ALA B 230 -19.18 -26.78 23.79
CA ALA B 230 -19.03 -27.41 22.49
C ALA B 230 -19.10 -28.93 22.61
N ARG B 231 -19.45 -29.56 21.49
CA ARG B 231 -19.55 -31.03 21.46
C ARG B 231 -18.16 -31.67 21.53
N GLY B 232 -17.14 -30.99 21.01
CA GLY B 232 -15.80 -31.55 20.93
C GLY B 232 -15.05 -31.63 22.24
N SER B 233 -15.59 -32.37 23.22
CA SER B 233 -14.91 -32.68 24.46
C SER B 233 -14.64 -34.19 24.49
N GLN B 234 -13.36 -34.56 24.57
CA GLN B 234 -12.95 -35.96 24.46
C GLN B 234 -13.08 -36.62 25.83
N ASN B 235 -14.33 -36.97 26.18
CA ASN B 235 -14.62 -37.65 27.43
C ASN B 235 -15.68 -38.71 27.17
N ILE B 236 -15.52 -39.86 27.84
CA ILE B 236 -16.49 -40.95 27.68
C ILE B 236 -17.81 -40.60 28.36
N LYS B 237 -17.74 -40.02 29.56
CA LYS B 237 -18.96 -39.70 30.30
C LYS B 237 -19.67 -38.48 29.73
N LYS B 238 -18.93 -37.54 29.15
CA LYS B 238 -19.55 -36.36 28.55
C LYS B 238 -20.15 -36.62 27.18
N SER B 239 -19.86 -37.77 26.57
CA SER B 239 -20.51 -38.15 25.32
C SER B 239 -22.00 -38.41 25.54
N ALA B 240 -22.35 -39.03 26.67
CA ALA B 240 -23.75 -39.18 27.03
C ALA B 240 -24.39 -37.85 27.44
N ILE B 241 -23.57 -36.90 27.91
CA ILE B 241 -24.10 -35.60 28.28
C ILE B 241 -24.39 -34.76 27.04
N GLY B 242 -23.36 -34.46 26.26
CA GLY B 242 -23.53 -33.66 25.06
C GLY B 242 -23.33 -32.18 25.29
N GLN B 243 -24.04 -31.35 24.51
CA GLN B 243 -23.91 -29.91 24.64
C GLN B 243 -24.59 -29.42 25.90
N ARG B 244 -23.92 -28.52 26.62
CA ARG B 244 -24.31 -28.12 27.96
C ARG B 244 -24.24 -26.61 28.09
N ILE B 245 -25.13 -26.06 28.92
CA ILE B 245 -25.28 -24.61 29.03
C ILE B 245 -24.66 -24.15 30.34
N ILE B 246 -23.77 -23.16 30.26
CA ILE B 246 -23.17 -22.54 31.43
C ILE B 246 -23.43 -21.04 31.39
N ALA B 247 -23.13 -20.37 32.49
CA ALA B 247 -23.29 -18.93 32.62
C ALA B 247 -22.01 -18.33 33.18
N ILE B 248 -21.53 -17.26 32.55
CA ILE B 248 -20.37 -16.51 33.02
C ILE B 248 -20.88 -15.18 33.54
N LEU B 249 -20.74 -14.98 34.85
CA LEU B 249 -21.12 -13.98 35.83
C LEU B 249 -20.05 -12.88 35.93
N PRO B 250 -20.44 -11.66 36.23
CA PRO B 250 -19.45 -10.64 36.60
C PRO B 250 -18.78 -10.97 37.92
N TYR B 251 -17.48 -10.63 38.01
CA TYR B 251 -16.63 -10.80 39.19
C TYR B 251 -16.51 -12.24 39.65
N ILE B 252 -16.74 -13.21 38.77
CA ILE B 252 -16.54 -14.63 39.06
C ILE B 252 -15.72 -15.22 37.92
N LYS B 253 -14.56 -15.76 38.24
CA LYS B 253 -13.67 -16.31 37.23
C LYS B 253 -14.00 -17.74 36.85
N GLN B 254 -14.96 -18.37 37.52
CA GLN B 254 -15.34 -19.74 37.25
C GLN B 254 -16.60 -19.80 36.38
N GLU B 255 -16.92 -21.01 35.93
CA GLU B 255 -18.06 -21.25 35.07
C GLU B 255 -19.17 -21.92 35.88
N ILE B 256 -20.37 -21.37 35.80
CA ILE B 256 -21.50 -21.80 36.60
C ILE B 256 -22.59 -22.30 35.65
N PRO B 257 -23.20 -23.46 35.89
CA PRO B 257 -24.38 -23.86 35.12
C PRO B 257 -25.55 -22.94 35.41
N ILE B 258 -26.44 -22.82 34.41
CA ILE B 258 -27.56 -21.89 34.55
C ILE B 258 -28.62 -22.41 35.50
N MET B 259 -28.67 -23.72 35.74
CA MET B 259 -29.72 -24.26 36.61
C MET B 259 -29.48 -23.91 38.07
N ILE B 260 -28.22 -23.89 38.48
CA ILE B 260 -27.86 -23.45 39.83
C ILE B 260 -28.17 -21.97 40.00
N VAL B 261 -27.97 -21.18 38.95
CA VAL B 261 -28.31 -19.76 38.96
C VAL B 261 -29.82 -19.57 39.11
N PHE B 262 -30.60 -20.37 38.37
CA PHE B 262 -32.06 -20.25 38.43
C PHE B 262 -32.59 -20.72 39.79
N ARG B 263 -31.96 -21.73 40.38
CA ARG B 263 -32.33 -22.13 41.73
C ARG B 263 -31.89 -21.11 42.77
N ALA B 264 -30.85 -20.33 42.46
CA ALA B 264 -30.40 -19.29 43.37
C ALA B 264 -31.32 -18.08 43.38
N LEU B 265 -32.17 -17.94 42.36
CA LEU B 265 -33.13 -16.86 42.30
C LEU B 265 -34.45 -17.20 42.98
N GLY B 266 -34.60 -18.43 43.48
CA GLY B 266 -35.78 -18.80 44.23
C GLY B 266 -36.73 -19.70 43.47
N PHE B 267 -36.20 -20.64 42.69
CA PHE B 267 -37.02 -21.59 41.92
C PHE B 267 -36.39 -22.96 42.08
N VAL B 268 -36.89 -23.73 43.05
CA VAL B 268 -36.31 -25.04 43.34
C VAL B 268 -36.83 -26.11 42.38
N ALA B 269 -38.06 -25.97 41.90
CA ALA B 269 -38.62 -26.97 41.00
C ALA B 269 -38.07 -26.80 39.59
N ASP B 270 -38.17 -27.88 38.80
CA ASP B 270 -37.70 -27.85 37.42
C ASP B 270 -38.76 -27.39 36.45
N ARG B 271 -40.03 -27.67 36.75
CA ARG B 271 -41.12 -27.27 35.86
C ARG B 271 -41.27 -25.76 35.81
N ASP B 272 -41.03 -25.08 36.93
CA ASP B 272 -41.10 -23.61 36.95
C ASP B 272 -39.98 -22.99 36.12
N ILE B 273 -38.78 -23.56 36.20
CA ILE B 273 -37.66 -23.02 35.42
C ILE B 273 -37.84 -23.30 33.93
N LEU B 274 -38.35 -24.49 33.60
CA LEU B 274 -38.61 -24.78 32.19
C LEU B 274 -39.83 -24.00 31.68
N GLU B 275 -40.73 -23.57 32.56
CA GLU B 275 -41.71 -22.56 32.21
C GLU B 275 -41.04 -21.23 31.91
N HIS B 276 -40.00 -20.89 32.67
CA HIS B 276 -39.30 -19.62 32.48
C HIS B 276 -38.48 -19.59 31.21
N ILE B 277 -38.08 -20.75 30.68
CA ILE B 277 -37.22 -20.80 29.50
C ILE B 277 -38.03 -21.20 28.28
N ILE B 278 -38.67 -22.37 28.34
CA ILE B 278 -39.42 -22.91 27.21
C ILE B 278 -40.85 -22.42 27.35
N TYR B 279 -41.26 -21.50 26.46
CA TYR B 279 -42.59 -20.91 26.57
C TYR B 279 -43.67 -21.86 26.10
N ASP B 280 -43.39 -22.69 25.10
CA ASP B 280 -44.35 -23.65 24.58
C ASP B 280 -43.86 -25.05 24.94
N PHE B 281 -44.65 -25.78 25.73
CA PHE B 281 -44.30 -27.11 26.17
C PHE B 281 -44.45 -28.16 25.07
N ASP B 282 -45.04 -27.81 23.93
CA ASP B 282 -45.24 -28.75 22.84
C ASP B 282 -44.00 -28.93 21.98
N ASP B 283 -42.95 -28.15 22.20
CA ASP B 283 -41.76 -28.20 21.34
C ASP B 283 -40.84 -29.34 21.76
N PRO B 284 -40.56 -30.30 20.88
CA PRO B 284 -39.74 -31.46 21.28
C PRO B 284 -38.26 -31.15 21.44
N GLU B 285 -37.70 -30.42 20.47
CA GLU B 285 -36.25 -30.32 20.35
C GLU B 285 -35.66 -29.45 21.44
N MET B 286 -36.37 -28.42 21.88
CA MET B 286 -35.86 -27.60 22.98
C MET B 286 -35.91 -28.36 24.30
N MET B 287 -36.90 -29.23 24.46
CA MET B 287 -36.91 -30.15 25.60
C MET B 287 -35.77 -31.17 25.51
N GLU B 288 -35.35 -31.53 24.31
CA GLU B 288 -34.17 -32.37 24.20
C GLU B 288 -32.90 -31.60 24.53
N MET B 289 -32.87 -30.30 24.20
CA MET B 289 -31.67 -29.51 24.44
C MET B 289 -31.50 -29.11 25.90
N VAL B 290 -32.61 -28.96 26.65
CA VAL B 290 -32.49 -28.56 28.05
C VAL B 290 -32.14 -29.70 28.99
N LYS B 291 -32.08 -30.93 28.50
CA LYS B 291 -31.77 -32.08 29.35
C LYS B 291 -30.39 -32.09 30.01
N PRO B 292 -29.25 -31.81 29.33
CA PRO B 292 -27.96 -31.99 30.01
C PRO B 292 -27.69 -31.00 31.14
N SER B 293 -28.23 -29.79 31.08
CA SER B 293 -28.08 -28.87 32.21
C SER B 293 -28.85 -29.38 33.43
N LEU B 294 -30.04 -29.93 33.20
CA LEU B 294 -30.81 -30.57 34.27
C LEU B 294 -30.08 -31.77 34.85
N ASP B 295 -29.43 -32.55 33.99
CA ASP B 295 -28.69 -33.72 34.46
C ASP B 295 -27.45 -33.32 35.24
N GLU B 296 -26.77 -32.24 34.83
CA GLU B 296 -25.57 -31.81 35.55
C GLU B 296 -25.92 -31.22 36.90
N ALA B 297 -26.87 -30.29 36.95
CA ALA B 297 -27.22 -29.63 38.21
C ALA B 297 -28.37 -30.37 38.90
N PHE B 298 -28.10 -31.61 39.28
CA PHE B 298 -29.01 -32.44 40.04
C PHE B 298 -28.71 -32.42 41.53
N VAL B 299 -27.45 -32.21 41.89
CA VAL B 299 -27.05 -32.19 43.30
C VAL B 299 -27.64 -30.97 44.01
N VAL B 300 -27.57 -29.80 43.40
CA VAL B 300 -28.12 -28.59 43.98
C VAL B 300 -29.63 -28.60 43.79
N GLN B 301 -30.37 -28.53 44.90
CA GLN B 301 -31.82 -28.52 44.84
C GLN B 301 -32.46 -27.47 45.75
N GLU B 302 -31.68 -26.66 46.45
CA GLU B 302 -32.20 -25.69 47.39
C GLU B 302 -31.51 -24.36 47.14
N GLN B 303 -32.20 -23.27 47.49
CA GLN B 303 -31.75 -21.91 47.15
C GLN B 303 -30.45 -21.55 47.85
N ASN B 304 -30.35 -21.83 49.16
CA ASN B 304 -29.13 -21.46 49.88
C ASN B 304 -27.95 -22.33 49.48
N VAL B 305 -28.20 -23.58 49.07
CA VAL B 305 -27.14 -24.41 48.52
C VAL B 305 -26.64 -23.84 47.20
N ALA B 306 -27.54 -23.30 46.38
CA ALA B 306 -27.15 -22.66 45.13
C ALA B 306 -26.37 -21.37 45.40
N LEU B 307 -26.77 -20.60 46.42
CA LEU B 307 -26.04 -19.39 46.77
C LEU B 307 -24.65 -19.72 47.32
N ASN B 308 -24.52 -20.83 48.06
CA ASN B 308 -23.21 -21.28 48.51
C ASN B 308 -22.37 -21.79 47.35
N PHE B 309 -23.00 -22.38 46.34
CA PHE B 309 -22.29 -22.76 45.13
C PHE B 309 -21.76 -21.54 44.38
N ILE B 310 -22.57 -20.47 44.33
CA ILE B 310 -22.16 -19.25 43.64
C ILE B 310 -21.03 -18.56 44.40
N GLY B 311 -21.20 -18.41 45.72
CA GLY B 311 -20.25 -17.64 46.52
C GLY B 311 -18.91 -18.31 46.72
N ALA B 312 -18.83 -19.64 46.53
CA ALA B 312 -17.57 -20.34 46.71
C ALA B 312 -16.61 -20.10 45.55
N ARG B 313 -17.10 -19.63 44.41
CA ARG B 313 -16.28 -19.44 43.22
C ARG B 313 -15.93 -17.98 42.95
N GLY B 314 -16.41 -17.05 43.77
CA GLY B 314 -16.09 -15.66 43.56
C GLY B 314 -14.67 -15.32 43.95
N ALA B 315 -14.21 -14.17 43.46
CA ALA B 315 -12.89 -13.66 43.84
C ALA B 315 -12.90 -13.24 45.30
N ARG B 316 -11.81 -13.57 46.01
CA ARG B 316 -11.64 -13.44 47.46
C ARG B 316 -12.82 -14.10 48.19
N PRO B 317 -12.88 -15.44 48.22
CA PRO B 317 -14.05 -16.10 48.80
C PRO B 317 -14.13 -15.94 50.31
N GLY B 318 -15.36 -15.91 50.81
CA GLY B 318 -15.61 -15.80 52.22
C GLY B 318 -15.49 -17.14 52.93
N VAL B 319 -15.85 -17.13 54.21
CA VAL B 319 -15.72 -18.30 55.06
C VAL B 319 -17.07 -18.52 55.75
N THR B 320 -17.32 -19.78 56.13
CA THR B 320 -18.51 -20.23 56.86
C THR B 320 -19.80 -19.93 56.10
N LYS B 321 -19.80 -20.24 54.80
CA LYS B 321 -20.98 -20.32 53.93
C LYS B 321 -21.77 -19.02 53.79
N ASP B 322 -22.39 -18.57 54.88
CA ASP B 322 -23.51 -17.63 54.80
C ASP B 322 -23.09 -16.26 54.26
N LYS B 323 -21.90 -15.77 54.66
CA LYS B 323 -21.38 -14.54 54.11
C LYS B 323 -21.15 -14.65 52.61
N ARG B 324 -20.64 -15.81 52.17
CA ARG B 324 -20.58 -16.13 50.75
C ARG B 324 -21.97 -16.08 50.12
N ILE B 325 -22.96 -16.63 50.83
CA ILE B 325 -24.36 -16.53 50.41
C ILE B 325 -24.77 -15.07 50.30
N LYS B 326 -24.39 -14.26 51.30
CA LYS B 326 -24.61 -12.82 51.24
C LYS B 326 -23.87 -12.21 50.06
N TYR B 327 -22.62 -12.66 49.84
CA TYR B 327 -21.85 -12.21 48.70
C TYR B 327 -22.52 -12.63 47.39
N ALA B 328 -23.13 -13.83 47.39
CA ALA B 328 -23.86 -14.29 46.22
C ALA B 328 -25.05 -13.38 45.92
N LYS B 329 -25.72 -12.89 46.97
CA LYS B 329 -26.80 -11.95 46.77
C LYS B 329 -26.27 -10.64 46.19
N GLU B 330 -25.07 -10.24 46.61
CA GLU B 330 -24.43 -9.05 46.05
C GLU B 330 -24.04 -9.26 44.59
N ILE B 331 -23.91 -10.51 44.15
CA ILE B 331 -23.73 -10.73 42.72
C ILE B 331 -25.08 -10.78 42.02
N LEU B 332 -26.12 -11.29 42.69
CA LEU B 332 -27.39 -11.54 42.02
C LEU B 332 -28.34 -10.34 42.07
N GLN B 333 -27.96 -9.26 42.74
CA GLN B 333 -28.80 -8.07 42.82
C GLN B 333 -28.15 -6.83 42.25
N LYS B 334 -26.83 -6.69 42.39
CA LYS B 334 -26.13 -5.50 41.92
C LYS B 334 -25.28 -5.73 40.69
N GLU B 335 -25.01 -6.99 40.32
CA GLU B 335 -24.15 -7.28 39.19
C GLU B 335 -24.87 -7.98 38.05
N MET B 336 -25.71 -8.98 38.34
CA MET B 336 -26.50 -9.61 37.28
C MET B 336 -27.62 -8.67 36.84
N LEU B 337 -27.51 -8.18 35.61
CA LEU B 337 -28.50 -7.39 34.88
C LEU B 337 -28.99 -6.18 35.67
N PRO B 338 -28.18 -5.13 35.81
CA PRO B 338 -28.67 -3.94 36.50
C PRO B 338 -29.73 -3.17 35.74
N HIS B 339 -29.89 -3.40 34.44
CA HIS B 339 -30.88 -2.67 33.66
C HIS B 339 -32.30 -3.15 33.94
N VAL B 340 -32.48 -4.38 34.40
CA VAL B 340 -33.81 -4.86 34.73
C VAL B 340 -34.19 -4.51 36.17
N GLY B 341 -33.22 -4.26 37.04
CA GLY B 341 -33.50 -3.85 38.40
C GLY B 341 -32.42 -4.21 39.39
N VAL B 342 -32.11 -3.28 40.30
CA VAL B 342 -31.14 -3.52 41.36
C VAL B 342 -31.78 -3.47 42.74
N SER B 343 -33.09 -3.25 42.82
CA SER B 343 -33.77 -3.18 44.10
C SER B 343 -34.07 -4.59 44.62
N ASP B 344 -34.79 -4.67 45.72
CA ASP B 344 -35.18 -5.96 46.25
C ASP B 344 -36.45 -6.47 45.55
N PHE B 345 -36.66 -7.78 45.67
CA PHE B 345 -37.82 -8.50 45.12
C PHE B 345 -37.94 -8.33 43.60
N CYS B 346 -36.80 -8.29 42.92
CA CYS B 346 -36.76 -8.22 41.47
C CYS B 346 -36.26 -9.53 40.85
N GLU B 347 -36.29 -10.62 41.62
CA GLU B 347 -35.77 -11.89 41.13
C GLU B 347 -36.68 -12.50 40.06
N THR B 348 -37.97 -12.15 40.06
CA THR B 348 -38.89 -12.70 39.08
C THR B 348 -38.62 -12.15 37.68
N LYS B 349 -38.43 -10.83 37.58
CA LYS B 349 -38.16 -10.22 36.29
C LYS B 349 -36.77 -10.59 35.79
N LYS B 350 -35.81 -10.72 36.71
CA LYS B 350 -34.48 -11.17 36.34
C LYS B 350 -34.48 -12.62 35.86
N ALA B 351 -35.31 -13.46 36.48
CA ALA B 351 -35.46 -14.83 36.04
C ALA B 351 -36.16 -14.91 34.68
N TYR B 352 -37.13 -14.02 34.44
CA TYR B 352 -37.75 -13.91 33.13
C TYR B 352 -36.75 -13.53 32.05
N PHE B 353 -35.87 -12.56 32.35
CA PHE B 353 -34.91 -12.12 31.35
C PHE B 353 -33.83 -13.18 31.13
N LEU B 354 -33.42 -13.87 32.19
CA LEU B 354 -32.45 -14.95 32.02
C LEU B 354 -33.04 -16.11 31.23
N GLY B 355 -34.31 -16.44 31.47
CA GLY B 355 -34.98 -17.44 30.67
C GLY B 355 -35.15 -17.01 29.23
N TYR B 356 -35.35 -15.72 28.98
CA TYR B 356 -35.39 -15.22 27.61
C TYR B 356 -34.03 -15.34 26.92
N MET B 357 -32.95 -15.09 27.65
CA MET B 357 -31.61 -15.27 27.08
C MET B 357 -31.33 -16.72 26.75
N VAL B 358 -31.71 -17.64 27.64
CA VAL B 358 -31.52 -19.07 27.36
C VAL B 358 -32.43 -19.52 26.21
N HIS B 359 -33.62 -18.94 26.13
CA HIS B 359 -34.53 -19.21 25.02
C HIS B 359 -33.95 -18.76 23.69
N ARG B 360 -33.32 -17.59 23.68
CA ARG B 360 -32.67 -17.11 22.45
C ARG B 360 -31.47 -17.97 22.07
N LEU B 361 -30.69 -18.41 23.08
CA LEU B 361 -29.55 -19.28 22.82
C LEU B 361 -29.99 -20.62 22.24
N LEU B 362 -31.07 -21.19 22.77
CA LEU B 362 -31.59 -22.44 22.24
C LEU B 362 -32.28 -22.26 20.88
N LEU B 363 -32.85 -21.08 20.62
CA LEU B 363 -33.38 -20.80 19.29
C LEU B 363 -32.27 -20.72 18.26
N ALA B 364 -31.15 -20.09 18.62
CA ALA B 364 -30.03 -19.99 17.70
C ALA B 364 -29.25 -21.31 17.58
N SER B 365 -29.35 -22.19 18.57
CA SER B 365 -28.72 -23.50 18.45
C SER B 365 -29.44 -24.36 17.42
N LEU B 366 -30.77 -24.30 17.40
CA LEU B 366 -31.55 -25.10 16.48
C LEU B 366 -31.73 -24.43 15.13
N GLY B 367 -31.18 -23.24 14.95
CA GLY B 367 -31.23 -22.57 13.66
C GLY B 367 -32.54 -21.89 13.34
N ARG B 368 -33.43 -21.75 14.31
CA ARG B 368 -34.71 -21.13 14.03
C ARG B 368 -34.62 -19.61 13.95
N ARG B 369 -33.52 -19.01 14.41
CA ARG B 369 -33.28 -17.59 14.24
C ARG B 369 -31.85 -17.38 13.77
N GLU B 370 -31.64 -16.26 13.07
CA GLU B 370 -30.33 -15.94 12.53
C GLU B 370 -29.41 -15.45 13.64
N LEU B 371 -28.11 -15.66 13.44
CA LEU B 371 -27.12 -15.16 14.38
C LEU B 371 -26.96 -13.66 14.22
N ASP B 372 -26.63 -13.00 15.34
CA ASP B 372 -26.44 -11.56 15.33
C ASP B 372 -25.14 -11.19 14.63
N ASP B 373 -25.13 -9.98 14.06
CA ASP B 373 -23.99 -9.48 13.31
C ASP B 373 -23.35 -8.33 14.08
N ARG B 374 -22.01 -8.37 14.20
CA ARG B 374 -21.30 -7.34 14.94
C ARG B 374 -21.32 -6.01 14.21
N ASP B 375 -21.11 -6.04 12.89
CA ASP B 375 -21.03 -4.83 12.09
C ASP B 375 -22.38 -4.35 11.56
N HIS B 376 -23.48 -5.01 11.94
CA HIS B 376 -24.81 -4.48 11.67
C HIS B 376 -24.99 -3.21 12.48
N TYR B 377 -25.27 -2.10 11.80
CA TYR B 377 -25.20 -0.80 12.45
C TYR B 377 -26.45 -0.48 13.25
N GLY B 378 -27.47 -1.33 13.19
CA GLY B 378 -28.58 -1.21 14.12
C GLY B 378 -28.20 -1.54 15.55
N ASN B 379 -27.16 -2.34 15.75
CA ASN B 379 -26.68 -2.70 17.07
C ASN B 379 -25.58 -1.76 17.56
N LYS B 380 -25.55 -0.51 17.08
CA LYS B 380 -24.52 0.43 17.46
C LYS B 380 -25.15 1.74 17.90
N ARG B 381 -24.48 2.42 18.83
CA ARG B 381 -24.87 3.73 19.31
C ARG B 381 -23.69 4.67 19.17
N LEU B 382 -23.99 5.96 19.08
CA LEU B 382 -22.97 7.00 18.92
C LEU B 382 -22.91 7.86 20.16
N ASP B 383 -21.77 7.83 20.84
CA ASP B 383 -21.50 8.73 21.96
C ASP B 383 -21.11 10.09 21.39
N LEU B 384 -22.00 11.07 21.55
CA LEU B 384 -21.76 12.44 21.14
C LEU B 384 -21.16 13.21 22.32
N ALA B 385 -21.19 14.55 22.25
CA ALA B 385 -20.65 15.38 23.32
C ALA B 385 -21.43 15.20 24.63
N GLY B 386 -22.72 14.88 24.54
CA GLY B 386 -23.58 14.75 25.70
C GLY B 386 -23.19 13.67 26.68
N PRO B 387 -23.31 12.40 26.29
CA PRO B 387 -22.92 11.31 27.21
C PRO B 387 -21.44 11.30 27.57
N LEU B 388 -20.57 11.75 26.65
CA LEU B 388 -19.14 11.77 26.94
C LEU B 388 -18.79 12.81 28.00
N LEU B 389 -19.33 14.03 27.86
CA LEU B 389 -19.12 15.04 28.90
C LEU B 389 -19.86 14.69 30.18
N ALA B 390 -20.96 13.93 30.08
CA ALA B 390 -21.63 13.43 31.28
C ALA B 390 -20.74 12.45 32.05
N PHE B 391 -20.05 11.56 31.33
CA PHE B 391 -19.13 10.62 31.96
C PHE B 391 -17.95 11.34 32.61
N LEU B 392 -17.42 12.36 31.92
CA LEU B 392 -16.37 13.19 32.51
C LEU B 392 -16.85 13.91 33.77
N PHE B 393 -18.09 14.39 33.76
CA PHE B 393 -18.62 15.07 34.94
C PHE B 393 -18.89 14.10 36.08
N ARG B 394 -19.23 12.84 35.77
CA ARG B 394 -19.34 11.81 36.82
C ARG B 394 -17.99 11.60 37.51
N GLY B 395 -16.93 11.44 36.71
CA GLY B 395 -15.61 11.24 37.29
C GLY B 395 -15.12 12.43 38.10
N LEU B 396 -15.31 13.65 37.57
CA LEU B 396 -14.84 14.83 38.28
C LEU B 396 -15.69 15.13 39.50
N PHE B 397 -16.99 14.83 39.47
CA PHE B 397 -17.83 15.04 40.65
C PHE B 397 -17.50 14.02 41.73
N LYS B 398 -17.17 12.78 41.36
CA LYS B 398 -16.73 11.81 42.34
C LYS B 398 -15.42 12.22 42.99
N ASN B 399 -14.48 12.74 42.19
CA ASN B 399 -13.23 13.26 42.75
C ASN B 399 -13.46 14.46 43.65
N LEU B 400 -14.40 15.34 43.29
CA LEU B 400 -14.72 16.49 44.13
C LEU B 400 -15.33 16.06 45.46
N MET B 401 -16.23 15.07 45.44
CA MET B 401 -16.81 14.58 46.68
C MET B 401 -15.76 13.89 47.55
N LYS B 402 -14.82 13.17 46.94
CA LYS B 402 -13.74 12.55 47.70
C LYS B 402 -12.84 13.61 48.35
N GLU B 403 -12.51 14.68 47.61
CA GLU B 403 -11.66 15.73 48.17
C GLU B 403 -12.37 16.49 49.30
N VAL B 404 -13.66 16.77 49.12
CA VAL B 404 -14.45 17.43 50.15
C VAL B 404 -14.56 16.55 51.39
N ARG B 405 -14.73 15.24 51.18
CA ARG B 405 -14.80 14.29 52.29
C ARG B 405 -13.50 14.23 53.06
N MET B 406 -12.36 14.23 52.35
CA MET B 406 -11.06 14.22 53.02
C MET B 406 -10.81 15.51 53.81
N TYR B 407 -11.21 16.66 53.24
CA TYR B 407 -11.05 17.94 53.95
C TYR B 407 -11.89 18.00 55.21
N THR B 408 -13.17 17.61 55.11
CA THR B 408 -14.02 17.69 56.28
C THR B 408 -13.74 16.57 57.29
N GLN B 409 -13.11 15.47 56.87
CA GLN B 409 -12.66 14.47 57.83
C GLN B 409 -11.39 14.91 58.53
N LYS B 410 -10.53 15.66 57.84
CA LYS B 410 -9.38 16.27 58.51
C LYS B 410 -9.83 17.31 59.52
N PHE B 411 -10.86 18.08 59.20
CA PHE B 411 -11.32 19.13 60.11
C PHE B 411 -12.46 18.71 61.02
N ILE B 412 -12.87 17.44 61.01
CA ILE B 412 -13.89 16.99 61.95
C ILE B 412 -13.30 16.18 63.11
N ASP B 413 -12.08 15.65 62.96
CA ASP B 413 -11.47 14.85 64.02
C ASP B 413 -10.84 15.70 65.10
N ARG B 414 -10.66 17.00 64.87
CA ARG B 414 -10.15 17.92 65.87
C ARG B 414 -11.26 18.59 66.66
N GLY B 415 -12.52 18.27 66.39
CA GLY B 415 -13.65 18.83 67.10
C GLY B 415 -14.08 20.21 66.64
N LYS B 416 -13.43 20.77 65.62
CA LYS B 416 -13.77 22.09 65.14
C LYS B 416 -14.76 22.01 63.97
N ASP B 417 -15.28 23.16 63.59
CA ASP B 417 -16.20 23.27 62.47
C ASP B 417 -15.40 23.45 61.17
N PHE B 418 -16.10 23.80 60.09
CA PHE B 418 -15.45 23.97 58.81
C PHE B 418 -16.24 24.98 57.98
N ASN B 419 -15.58 25.53 56.96
CA ASN B 419 -16.19 26.46 56.03
C ASN B 419 -16.41 25.76 54.70
N LEU B 420 -17.60 25.92 54.14
CA LEU B 420 -17.95 25.22 52.91
C LEU B 420 -17.20 25.79 51.70
N GLU B 421 -16.95 27.09 51.68
CA GLU B 421 -16.24 27.70 50.56
C GLU B 421 -14.77 27.28 50.53
N LEU B 422 -14.15 27.11 51.70
CA LEU B 422 -12.80 26.58 51.75
C LEU B 422 -12.75 25.08 51.54
N ALA B 423 -13.88 24.39 51.72
CA ALA B 423 -13.89 22.94 51.58
C ALA B 423 -13.82 22.51 50.12
N ILE B 424 -14.54 23.21 49.25
CA ILE B 424 -14.63 22.82 47.85
C ILE B 424 -13.42 23.38 47.11
N LYS B 425 -12.62 22.49 46.53
CA LYS B 425 -11.51 22.89 45.66
C LYS B 425 -12.06 23.05 44.24
N THR B 426 -12.21 24.29 43.81
CA THR B 426 -12.88 24.58 42.54
C THR B 426 -12.02 24.27 41.32
N ASN B 427 -10.73 23.99 41.51
CA ASN B 427 -9.86 23.69 40.39
C ASN B 427 -10.05 22.28 39.84
N ILE B 428 -10.79 21.42 40.55
CA ILE B 428 -10.87 20.00 40.17
C ILE B 428 -11.67 19.83 38.89
N ILE B 429 -12.93 20.29 38.89
CA ILE B 429 -13.81 20.13 37.74
C ILE B 429 -13.31 20.93 36.55
N THR B 430 -12.91 22.18 36.79
CA THR B 430 -12.41 23.05 35.72
C THR B 430 -11.13 22.49 35.10
N ASP B 431 -10.20 22.06 35.95
CA ASP B 431 -8.93 21.53 35.46
C ASP B 431 -9.13 20.20 34.74
N GLY B 432 -10.02 19.34 35.25
CA GLY B 432 -10.27 18.07 34.58
C GLY B 432 -10.91 18.22 33.21
N LEU B 433 -11.93 19.09 33.12
CA LEU B 433 -12.57 19.32 31.83
C LEU B 433 -11.63 20.01 30.86
N ARG B 434 -10.84 20.97 31.34
CA ARG B 434 -9.87 21.67 30.49
C ARG B 434 -8.81 20.71 29.98
N TYR B 435 -8.32 19.81 30.84
CA TYR B 435 -7.30 18.85 30.40
C TYR B 435 -7.86 17.85 29.41
N SER B 436 -9.04 17.30 29.70
CA SER B 436 -9.60 16.29 28.81
C SER B 436 -10.16 16.86 27.52
N LEU B 437 -10.36 18.18 27.44
CA LEU B 437 -10.72 18.78 26.16
C LEU B 437 -9.52 19.29 25.39
N ALA B 438 -8.50 19.81 26.07
CA ALA B 438 -7.32 20.31 25.36
C ALA B 438 -6.43 19.17 24.88
N THR B 439 -6.26 18.13 25.69
CA THR B 439 -5.35 17.05 25.35
C THR B 439 -6.04 15.99 24.48
N GLY B 440 -7.27 15.63 24.81
CA GLY B 440 -7.98 14.59 24.12
C GLY B 440 -7.96 13.24 24.82
N ASN B 441 -7.03 13.05 25.77
CA ASN B 441 -7.03 11.84 26.58
C ASN B 441 -8.23 11.87 27.52
N TRP B 442 -9.11 10.89 27.36
CA TRP B 442 -10.47 11.00 27.90
C TRP B 442 -10.55 10.26 29.24
N GLY B 443 -10.04 10.91 30.27
CA GLY B 443 -10.05 10.30 31.60
C GLY B 443 -9.20 11.10 32.56
N ASP B 444 -8.74 10.42 33.60
CA ASP B 444 -7.89 11.05 34.60
C ASP B 444 -6.52 11.39 34.03
N GLN B 445 -5.93 12.46 34.54
CA GLN B 445 -4.62 12.90 34.05
C GLN B 445 -3.52 11.96 34.47
N LYS B 446 -3.61 11.41 35.69
CA LYS B 446 -2.60 10.46 36.15
C LYS B 446 -2.75 9.11 35.46
N LYS B 447 -3.97 8.74 35.10
CA LYS B 447 -4.27 7.45 34.50
C LYS B 447 -4.74 7.59 33.04
N ALA B 448 -4.04 8.45 32.28
CA ALA B 448 -4.40 8.69 30.89
C ALA B 448 -4.00 7.57 29.95
N HIS B 449 -3.20 6.61 30.42
CA HIS B 449 -2.80 5.49 29.57
C HIS B 449 -3.97 4.55 29.28
N GLN B 450 -4.91 4.42 30.22
CA GLN B 450 -6.09 3.58 30.03
C GLN B 450 -7.21 4.33 29.33
N ALA B 451 -7.01 5.59 28.99
CA ALA B 451 -8.04 6.43 28.38
C ALA B 451 -7.91 6.42 26.86
N ARG B 452 -9.03 6.68 26.19
CA ARG B 452 -9.02 6.80 24.74
C ARG B 452 -8.39 8.13 24.33
N ALA B 453 -7.62 8.08 23.25
CA ALA B 453 -6.94 9.26 22.72
C ALA B 453 -7.63 9.72 21.44
N GLY B 454 -7.53 11.02 21.17
CA GLY B 454 -8.10 11.57 19.96
C GLY B 454 -9.59 11.75 19.97
N VAL B 455 -10.22 11.78 21.15
CA VAL B 455 -11.64 12.08 21.22
C VAL B 455 -11.90 13.54 20.90
N SER B 456 -11.09 14.44 21.46
CA SER B 456 -11.16 15.85 21.16
C SER B 456 -10.03 16.21 20.20
N GLN B 457 -10.37 16.85 19.08
CA GLN B 457 -9.40 17.18 18.05
C GLN B 457 -9.43 18.67 17.77
N VAL B 458 -8.31 19.17 17.26
CA VAL B 458 -8.24 20.56 16.82
C VAL B 458 -9.09 20.72 15.58
N LEU B 459 -9.96 21.74 15.57
CA LEU B 459 -10.89 21.94 14.47
C LEU B 459 -10.14 22.37 13.22
N ASN B 460 -10.40 21.68 12.11
CA ASN B 460 -9.70 21.92 10.87
C ASN B 460 -10.30 23.15 10.20
N ARG B 461 -9.52 24.24 10.13
CA ARG B 461 -9.94 25.46 9.46
C ARG B 461 -9.04 25.64 8.24
N LEU B 462 -9.40 24.97 7.15
CA LEU B 462 -8.78 25.19 5.85
C LEU B 462 -9.77 25.58 4.79
N THR B 463 -10.93 24.92 4.75
CA THR B 463 -12.07 25.33 3.95
C THR B 463 -13.32 25.20 4.82
N PHE B 464 -14.43 25.72 4.31
CA PHE B 464 -15.70 25.58 5.02
C PHE B 464 -16.18 24.13 4.99
N ALA B 465 -15.94 23.44 3.87
CA ALA B 465 -16.30 22.03 3.76
C ALA B 465 -15.49 21.15 4.70
N SER B 466 -14.21 21.51 4.92
CA SER B 466 -13.39 20.77 5.87
C SER B 466 -13.91 20.92 7.30
N THR B 467 -14.34 22.13 7.67
CA THR B 467 -14.92 22.36 8.98
C THR B 467 -16.23 21.61 9.16
N LEU B 468 -17.07 21.62 8.12
CA LEU B 468 -18.33 20.88 8.19
C LEU B 468 -18.12 19.37 8.22
N SER B 469 -17.08 18.87 7.56
CA SER B 469 -16.79 17.44 7.61
C SER B 469 -16.17 17.05 8.94
N HIS B 470 -15.41 17.95 9.57
CA HIS B 470 -14.85 17.64 10.88
C HIS B 470 -15.91 17.72 11.97
N LEU B 471 -16.94 18.55 11.78
CA LEU B 471 -18.01 18.63 12.78
C LEU B 471 -19.01 17.49 12.66
N ARG B 472 -18.92 16.67 11.61
CA ARG B 472 -19.85 15.57 11.38
C ARG B 472 -19.09 14.27 11.19
N ARG B 473 -18.14 13.99 12.09
CA ARG B 473 -17.27 12.84 11.98
C ARG B 473 -17.62 11.80 13.01
N VAL B 474 -17.59 10.53 12.61
CA VAL B 474 -17.88 9.39 13.48
C VAL B 474 -16.65 8.50 13.49
N ASN B 475 -16.16 8.18 14.68
CA ASN B 475 -14.95 7.38 14.85
C ASN B 475 -15.33 6.02 15.42
N SER B 476 -14.78 4.96 14.83
CA SER B 476 -14.93 3.62 15.34
C SER B 476 -13.87 3.33 16.39
N PRO B 477 -14.20 2.67 17.50
CA PRO B 477 -13.21 2.41 18.55
C PRO B 477 -12.22 1.31 18.24
N ILE B 478 -12.36 0.62 17.10
CA ILE B 478 -11.39 -0.39 16.70
C ILE B 478 -10.08 0.29 16.34
N GLY B 479 -8.98 -0.25 16.85
CA GLY B 479 -7.68 0.33 16.59
C GLY B 479 -7.25 0.15 15.14
N ARG B 480 -6.31 0.99 14.72
CA ARG B 480 -5.88 1.02 13.33
C ARG B 480 -4.71 0.07 13.09
N ASP B 481 -4.86 -1.18 13.53
CA ASP B 481 -3.87 -2.21 13.26
C ASP B 481 -4.52 -3.56 12.99
N GLY B 482 -5.85 -3.60 12.82
CA GLY B 482 -6.54 -4.87 12.67
C GLY B 482 -6.37 -5.44 11.28
N LYS B 483 -5.93 -6.70 11.21
CA LYS B 483 -5.85 -7.41 9.95
C LYS B 483 -7.22 -7.87 9.46
N LEU B 484 -8.22 -7.92 10.34
CA LEU B 484 -9.55 -8.32 9.94
C LEU B 484 -10.21 -7.24 9.09
N ALA B 485 -10.78 -7.64 7.96
CA ALA B 485 -11.39 -6.71 7.03
C ALA B 485 -12.86 -6.45 7.32
N LYS B 486 -13.50 -7.27 8.15
CA LYS B 486 -14.94 -7.16 8.39
C LYS B 486 -15.41 -5.84 9.02
N PRO B 487 -14.76 -5.24 10.03
CA PRO B 487 -15.25 -3.93 10.51
C PRO B 487 -15.04 -2.79 9.52
N ARG B 488 -14.18 -2.94 8.52
CA ARG B 488 -13.91 -1.86 7.58
C ARG B 488 -14.82 -1.87 6.36
N GLN B 489 -15.61 -2.92 6.16
CA GLN B 489 -16.46 -3.01 4.98
C GLN B 489 -17.67 -2.09 5.11
N LEU B 490 -18.12 -1.56 3.98
CA LEU B 490 -19.32 -0.74 3.94
C LEU B 490 -20.53 -1.64 4.10
N HIS B 491 -21.21 -1.55 5.23
CA HIS B 491 -22.33 -2.41 5.50
C HIS B 491 -23.58 -1.94 4.76
N ASN B 492 -24.54 -2.86 4.64
CA ASN B 492 -25.82 -2.55 4.00
C ASN B 492 -26.64 -1.58 4.81
N THR B 493 -26.45 -1.55 6.13
CA THR B 493 -27.30 -0.78 7.03
C THR B 493 -26.88 0.68 7.15
N LEU B 494 -25.84 1.10 6.44
CA LEU B 494 -25.43 2.49 6.43
C LEU B 494 -26.12 3.31 5.35
N TRP B 495 -27.26 2.83 4.83
CA TRP B 495 -27.96 3.52 3.76
C TRP B 495 -28.61 4.78 4.29
N GLY B 496 -28.10 5.93 3.89
CA GLY B 496 -28.68 7.19 4.30
C GLY B 496 -28.38 7.60 5.72
N MET B 497 -27.54 6.84 6.42
CA MET B 497 -27.15 7.15 7.79
C MET B 497 -25.73 7.69 7.84
N LEU B 498 -24.80 7.04 7.15
CA LEU B 498 -23.42 7.46 7.08
C LEU B 498 -23.01 7.54 5.62
N CYS B 499 -22.04 8.40 5.33
CA CYS B 499 -21.64 8.63 3.94
C CYS B 499 -20.84 7.43 3.43
N PRO B 500 -21.22 6.85 2.29
CA PRO B 500 -20.51 5.66 1.80
C PRO B 500 -19.17 5.98 1.15
N ALA B 501 -19.01 7.19 0.64
CA ALA B 501 -17.88 7.54 -0.20
C ALA B 501 -16.93 8.53 0.47
N GLU B 502 -16.91 8.58 1.79
CA GLU B 502 -16.02 9.47 2.52
C GLU B 502 -15.35 8.67 3.64
N THR B 503 -14.20 8.09 3.33
CA THR B 503 -13.34 7.42 4.30
C THR B 503 -11.91 7.86 4.06
N PRO B 504 -11.10 7.94 5.11
CA PRO B 504 -9.69 8.28 4.93
C PRO B 504 -8.93 7.16 4.24
N GLU B 505 -7.84 7.54 3.58
CA GLU B 505 -6.94 6.59 2.96
C GLU B 505 -5.85 6.17 3.93
N GLY B 506 -5.30 4.98 3.70
CA GLY B 506 -4.31 4.44 4.60
C GLY B 506 -4.89 3.44 5.57
N ALA B 507 -4.31 3.32 6.76
CA ALA B 507 -4.71 2.28 7.71
C ALA B 507 -6.05 2.57 8.37
N ALA B 508 -6.59 3.78 8.25
CA ALA B 508 -7.84 4.16 8.91
C ALA B 508 -9.02 4.10 7.96
N VAL B 509 -8.96 3.26 6.92
CA VAL B 509 -10.04 3.19 5.95
C VAL B 509 -11.20 2.40 6.53
N GLY B 510 -12.42 2.93 6.39
CA GLY B 510 -13.61 2.25 6.83
C GLY B 510 -13.93 2.39 8.31
N LEU B 511 -13.00 2.90 9.11
CA LEU B 511 -13.23 3.09 10.54
C LEU B 511 -13.66 4.51 10.87
N VAL B 512 -13.04 5.52 10.25
CA VAL B 512 -13.47 6.90 10.36
C VAL B 512 -14.44 7.17 9.24
N LYS B 513 -15.59 7.77 9.57
CA LYS B 513 -16.66 7.94 8.59
C LYS B 513 -17.38 9.25 8.87
N ASN B 514 -18.28 9.62 7.96
CA ASN B 514 -18.98 10.89 8.04
C ASN B 514 -20.48 10.68 7.89
N LEU B 515 -21.25 11.52 8.57
CA LEU B 515 -22.69 11.39 8.59
C LEU B 515 -23.30 11.77 7.24
N ALA B 516 -24.48 11.22 6.97
CA ALA B 516 -25.24 11.62 5.80
C ALA B 516 -25.87 12.98 6.03
N LEU B 517 -26.49 13.52 4.97
CA LEU B 517 -26.98 14.89 5.03
C LEU B 517 -28.22 15.02 5.91
N MET B 518 -29.03 13.97 6.02
CA MET B 518 -30.17 13.98 6.92
C MET B 518 -30.02 13.04 8.11
N ALA B 519 -28.79 12.71 8.48
CA ALA B 519 -28.59 11.86 9.65
C ALA B 519 -28.84 12.66 10.91
N TYR B 520 -29.82 12.21 11.70
CA TYR B 520 -30.17 12.88 12.95
C TYR B 520 -29.95 11.90 14.10
N ILE B 521 -29.04 12.23 14.99
CA ILE B 521 -28.74 11.37 16.12
C ILE B 521 -29.78 11.61 17.20
N SER B 522 -30.19 10.54 17.87
CA SER B 522 -31.22 10.65 18.91
C SER B 522 -30.65 11.33 20.16
N VAL B 523 -31.36 12.35 20.62
CA VAL B 523 -30.95 13.08 21.82
C VAL B 523 -31.13 12.23 23.06
N GLY B 524 -32.27 11.53 23.17
CA GLY B 524 -32.56 10.73 24.34
C GLY B 524 -33.77 11.25 25.09
N SER B 525 -34.57 10.34 25.65
CA SER B 525 -35.76 10.75 26.38
C SER B 525 -36.05 9.71 27.46
N GLN B 526 -36.83 10.14 28.45
CA GLN B 526 -37.21 9.24 29.53
C GLN B 526 -38.23 8.23 29.02
N PRO B 527 -38.11 6.95 29.40
CA PRO B 527 -39.04 5.94 28.90
C PRO B 527 -40.29 5.79 29.74
N SER B 528 -40.56 6.77 30.61
CA SER B 528 -41.70 6.67 31.52
C SER B 528 -43.06 6.72 30.80
N PRO B 529 -43.45 7.82 30.12
CA PRO B 529 -44.87 7.92 29.69
C PRO B 529 -45.28 6.92 28.63
N ILE B 530 -44.31 6.37 27.87
CA ILE B 530 -44.58 5.22 27.02
C ILE B 530 -44.94 4.01 27.88
N LEU B 531 -44.27 3.84 29.02
CA LEU B 531 -44.57 2.71 29.89
C LEU B 531 -45.92 2.85 30.57
N GLU B 532 -46.27 4.07 31.05
CA GLU B 532 -47.62 4.22 31.61
C GLU B 532 -48.71 4.10 30.55
N PHE B 533 -48.49 4.61 29.34
CA PHE B 533 -49.48 4.45 28.27
C PHE B 533 -49.64 2.98 27.89
N LEU B 534 -48.53 2.24 27.86
CA LEU B 534 -48.57 0.82 27.56
C LEU B 534 -49.35 0.05 28.63
N GLU B 535 -49.05 0.29 29.91
CA GLU B 535 -49.74 -0.47 30.95
C GLU B 535 -51.18 -0.03 31.13
N GLU B 536 -51.55 1.18 30.70
CA GLU B 536 -52.96 1.54 30.78
C GLU B 536 -53.74 1.13 29.55
N TRP B 537 -53.06 0.81 28.44
CA TRP B 537 -53.82 0.53 27.21
C TRP B 537 -54.44 -0.86 27.23
N SER B 538 -53.61 -1.90 27.08
CA SER B 538 -54.13 -3.26 27.22
C SER B 538 -53.10 -4.25 27.77
N MET B 539 -51.93 -3.79 28.19
CA MET B 539 -50.78 -4.66 28.37
C MET B 539 -50.84 -5.38 29.72
N GLU B 540 -50.44 -6.65 29.72
CA GLU B 540 -50.34 -7.45 30.94
C GLU B 540 -48.89 -7.46 31.38
N ASN B 541 -48.66 -7.13 32.66
CA ASN B 541 -47.30 -7.07 33.18
C ASN B 541 -46.74 -8.47 33.39
N LEU B 542 -45.42 -8.53 33.56
CA LEU B 542 -44.75 -9.81 33.76
C LEU B 542 -45.04 -10.40 35.13
N GLU B 543 -45.17 -9.56 36.16
CA GLU B 543 -45.35 -10.06 37.51
C GLU B 543 -46.78 -10.49 37.81
N GLU B 544 -47.72 -10.25 36.89
CA GLU B 544 -49.12 -10.56 37.13
C GLU B 544 -49.66 -11.61 36.16
N ILE B 545 -48.79 -12.42 35.56
CA ILE B 545 -49.20 -13.45 34.61
C ILE B 545 -48.59 -14.78 35.01
N ALA B 546 -49.27 -15.85 34.59
CA ALA B 546 -48.70 -17.18 34.70
C ALA B 546 -47.65 -17.39 33.61
N PRO B 547 -46.59 -18.16 33.90
CA PRO B 547 -45.55 -18.38 32.87
C PRO B 547 -46.00 -19.26 31.71
N SER B 548 -47.13 -19.95 31.82
CA SER B 548 -47.62 -20.81 30.75
C SER B 548 -48.50 -20.09 29.75
N ALA B 549 -48.74 -18.79 29.93
CA ALA B 549 -49.61 -18.01 29.06
C ALA B 549 -48.82 -17.07 28.14
N ILE B 550 -47.52 -17.33 27.97
CA ILE B 550 -46.68 -16.43 27.17
C ILE B 550 -46.54 -16.90 25.73
N ALA B 551 -46.80 -18.19 25.45
CA ALA B 551 -46.43 -18.79 24.18
C ALA B 551 -47.22 -18.25 22.99
N ASP B 552 -48.42 -17.71 23.23
CA ASP B 552 -49.21 -17.15 22.14
C ASP B 552 -49.00 -15.65 21.99
N ALA B 553 -48.63 -14.95 23.06
CA ALA B 553 -48.59 -13.50 23.06
C ALA B 553 -47.29 -12.97 22.47
N THR B 554 -47.18 -11.64 22.43
CA THR B 554 -46.03 -10.93 21.89
C THR B 554 -45.33 -10.18 23.01
N LYS B 555 -44.04 -10.43 23.17
CA LYS B 555 -43.25 -9.77 24.20
C LYS B 555 -42.99 -8.31 23.83
N ILE B 556 -42.93 -7.45 24.83
CA ILE B 556 -42.61 -6.03 24.64
C ILE B 556 -41.32 -5.71 25.38
N PHE B 557 -40.35 -5.17 24.66
CA PHE B 557 -39.10 -4.71 25.24
C PHE B 557 -39.04 -3.19 25.14
N VAL B 558 -38.81 -2.53 26.27
CA VAL B 558 -38.66 -1.08 26.32
C VAL B 558 -37.24 -0.81 26.81
N ASN B 559 -36.41 -0.28 25.90
CA ASN B 559 -34.97 -0.05 26.12
C ASN B 559 -34.26 -1.32 26.58
N GLY B 560 -34.62 -2.44 25.97
CA GLY B 560 -34.01 -3.71 26.30
C GLY B 560 -34.53 -4.37 27.56
N CYS B 561 -35.53 -3.80 28.22
CA CYS B 561 -36.13 -4.38 29.41
C CYS B 561 -37.45 -5.04 29.03
N TRP B 562 -37.58 -6.32 29.32
CA TRP B 562 -38.86 -7.00 29.11
C TRP B 562 -39.84 -6.54 30.18
N VAL B 563 -40.95 -5.95 29.74
CA VAL B 563 -41.94 -5.41 30.65
C VAL B 563 -43.19 -6.29 30.71
N GLY B 564 -43.60 -6.86 29.58
CA GLY B 564 -44.77 -7.71 29.60
C GLY B 564 -45.11 -8.22 28.22
N ILE B 565 -46.35 -8.70 28.08
CA ILE B 565 -46.82 -9.33 26.86
C ILE B 565 -48.12 -8.65 26.42
N HIS B 566 -48.43 -8.80 25.14
CA HIS B 566 -49.68 -8.27 24.57
C HIS B 566 -50.15 -9.21 23.48
N ARG B 567 -51.45 -9.39 23.39
CA ARG B 567 -52.02 -10.42 22.52
C ARG B 567 -52.61 -9.88 21.22
N ASP B 568 -52.54 -8.57 20.99
CA ASP B 568 -52.96 -7.97 19.72
C ASP B 568 -51.89 -7.01 19.24
N PRO B 569 -50.76 -7.54 18.74
CA PRO B 569 -49.61 -6.67 18.48
C PRO B 569 -49.77 -5.77 17.28
N GLU B 570 -50.58 -6.15 16.29
CA GLU B 570 -50.74 -5.31 15.11
C GLU B 570 -51.56 -4.06 15.43
N GLN B 571 -52.65 -4.21 16.18
CA GLN B 571 -53.47 -3.07 16.57
C GLN B 571 -52.72 -2.15 17.52
N LEU B 572 -51.95 -2.74 18.45
CA LEU B 572 -51.12 -1.93 19.35
C LEU B 572 -50.03 -1.20 18.58
N MET B 573 -49.44 -1.84 17.58
CA MET B 573 -48.39 -1.18 16.80
C MET B 573 -48.96 -0.05 15.96
N ALA B 574 -50.16 -0.24 15.42
CA ALA B 574 -50.83 0.83 14.68
C ALA B 574 -51.18 2.00 15.60
N THR B 575 -51.64 1.70 16.82
CA THR B 575 -51.93 2.75 17.80
C THR B 575 -50.68 3.49 18.20
N LEU B 576 -49.56 2.78 18.36
CA LEU B 576 -48.30 3.42 18.73
C LEU B 576 -47.76 4.29 17.60
N ARG B 577 -47.90 3.85 16.36
CA ARG B 577 -47.52 4.68 15.22
C ARG B 577 -48.39 5.93 15.12
N LYS B 578 -49.69 5.79 15.38
CA LYS B 578 -50.59 6.94 15.38
C LYS B 578 -50.25 7.92 16.49
N LEU B 579 -49.86 7.41 17.66
CA LEU B 579 -49.45 8.27 18.77
C LEU B 579 -48.13 8.98 18.47
N ARG B 580 -47.20 8.31 17.79
CA ARG B 580 -45.93 8.94 17.48
C ARG B 580 -46.10 10.00 16.39
N ARG B 581 -46.96 9.74 15.39
CA ARG B 581 -47.11 10.67 14.28
C ARG B 581 -47.88 11.93 14.66
N GLN B 582 -48.50 11.98 15.83
CA GLN B 582 -49.18 13.18 16.29
C GLN B 582 -48.41 13.92 17.38
N MET B 583 -47.31 13.35 17.88
CA MET B 583 -46.51 13.88 18.98
C MET B 583 -47.34 14.14 20.23
N ASP B 584 -48.26 13.22 20.52
CA ASP B 584 -49.13 13.39 21.69
C ASP B 584 -48.42 12.98 22.98
N ILE B 585 -48.03 11.71 23.07
CA ILE B 585 -47.31 11.19 24.21
C ILE B 585 -45.88 10.79 23.83
N ILE B 586 -45.74 10.05 22.75
CA ILE B 586 -44.45 9.57 22.29
C ILE B 586 -43.87 10.59 21.33
N VAL B 587 -42.62 10.99 21.58
CA VAL B 587 -41.95 11.92 20.68
C VAL B 587 -41.52 11.18 19.41
N SER B 588 -41.18 11.96 18.38
CA SER B 588 -40.81 11.41 17.09
C SER B 588 -39.43 10.76 17.09
N GLU B 589 -38.65 10.95 18.15
CA GLU B 589 -37.31 10.37 18.27
C GLU B 589 -37.35 8.88 18.58
N VAL B 590 -38.43 8.40 19.17
CA VAL B 590 -38.48 7.04 19.73
C VAL B 590 -38.63 6.02 18.60
N SER B 591 -37.78 5.01 18.60
CA SER B 591 -37.84 3.94 17.62
C SER B 591 -38.71 2.81 18.11
N MET B 592 -39.56 2.28 17.22
CA MET B 592 -40.48 1.20 17.57
C MET B 592 -40.43 0.13 16.50
N ILE B 593 -40.22 -1.12 16.90
CA ILE B 593 -39.98 -2.25 16.00
C ILE B 593 -40.98 -3.33 16.34
N ARG B 594 -41.64 -3.87 15.32
CA ARG B 594 -42.48 -5.06 15.49
C ARG B 594 -41.82 -6.23 14.77
N ASP B 595 -41.10 -7.05 15.51
CA ASP B 595 -40.56 -8.31 15.00
C ASP B 595 -41.71 -9.28 14.84
N ILE B 596 -42.13 -9.48 13.59
CA ILE B 596 -43.36 -10.22 13.32
C ILE B 596 -43.13 -11.72 13.47
N ARG B 597 -42.08 -12.25 12.84
CA ARG B 597 -41.84 -13.68 12.86
C ARG B 597 -41.34 -14.18 14.21
N ASP B 598 -40.81 -13.29 15.04
CA ASP B 598 -40.30 -13.67 16.35
C ASP B 598 -41.22 -13.24 17.48
N ARG B 599 -42.34 -12.59 17.16
CA ARG B 599 -43.37 -12.14 18.11
C ARG B 599 -42.79 -11.21 19.19
N GLU B 600 -42.13 -10.14 18.75
CA GLU B 600 -41.51 -9.20 19.66
C GLU B 600 -41.88 -7.79 19.28
N ILE B 601 -41.90 -6.90 20.27
CA ILE B 601 -42.01 -5.46 20.04
C ILE B 601 -40.90 -4.79 20.85
N ARG B 602 -40.05 -4.04 20.17
CA ARG B 602 -38.93 -3.38 20.82
C ARG B 602 -39.07 -1.88 20.69
N ILE B 603 -39.04 -1.19 21.83
CA ILE B 603 -39.16 0.27 21.87
C ILE B 603 -37.86 0.82 22.43
N TYR B 604 -37.19 1.67 21.65
CA TYR B 604 -35.90 2.23 22.02
C TYR B 604 -36.04 3.74 22.13
N THR B 605 -35.63 4.29 23.27
CA THR B 605 -35.68 5.71 23.55
C THR B 605 -34.32 6.33 23.87
N ASP B 606 -33.26 5.53 23.94
CA ASP B 606 -31.99 6.02 24.44
C ASP B 606 -31.28 6.86 23.39
N ALA B 607 -30.21 7.52 23.83
CA ALA B 607 -29.41 8.35 22.94
C ALA B 607 -28.51 7.47 22.08
N GLY B 608 -27.97 8.09 21.02
CA GLY B 608 -27.03 7.42 20.15
C GLY B 608 -27.63 6.79 18.92
N ARG B 609 -28.94 6.60 18.88
CA ARG B 609 -29.58 6.05 17.68
C ARG B 609 -29.59 7.09 16.58
N ILE B 610 -29.44 6.64 15.34
CA ILE B 610 -29.30 7.51 14.19
C ILE B 610 -30.49 7.28 13.26
N CYS B 611 -31.15 8.37 12.86
CA CYS B 611 -32.42 8.31 12.15
C CYS B 611 -32.33 9.11 10.87
N ARG B 612 -33.23 8.78 9.93
CA ARG B 612 -33.39 9.49 8.68
C ARG B 612 -34.87 9.84 8.50
N PRO B 613 -35.17 11.05 8.04
CA PRO B 613 -36.57 11.40 7.74
C PRO B 613 -37.04 10.75 6.45
N LEU B 614 -38.26 10.21 6.51
CA LEU B 614 -38.87 9.55 5.35
C LEU B 614 -40.33 9.96 5.27
N LEU B 615 -40.83 10.11 4.05
CA LEU B 615 -42.23 10.42 3.84
C LEU B 615 -43.08 9.17 4.11
N ILE B 616 -44.35 9.39 4.41
CA ILE B 616 -45.26 8.33 4.81
C ILE B 616 -46.13 7.96 3.62
N VAL B 617 -46.16 6.66 3.30
CA VAL B 617 -46.98 6.13 2.23
C VAL B 617 -47.98 5.16 2.85
N GLU B 618 -49.26 5.44 2.66
CA GLU B 618 -50.30 4.48 3.02
C GLU B 618 -51.31 4.38 1.88
N ASN B 619 -51.75 3.15 1.61
CA ASN B 619 -52.66 2.80 0.52
C ASN B 619 -52.11 3.22 -0.85
N GLY B 620 -50.79 3.11 -1.01
CA GLY B 620 -50.17 3.38 -2.28
C GLY B 620 -50.12 4.84 -2.69
N SER B 621 -50.21 5.76 -1.74
CA SER B 621 -50.17 7.18 -2.04
C SER B 621 -49.37 7.90 -0.97
N LEU B 622 -48.70 8.98 -1.38
CA LEU B 622 -47.98 9.81 -0.43
C LEU B 622 -48.94 10.60 0.43
N LEU B 623 -48.55 10.80 1.70
CA LEU B 623 -49.29 11.71 2.55
C LEU B 623 -48.93 13.17 2.32
N LEU B 624 -47.84 13.43 1.61
CA LEU B 624 -47.47 14.79 1.26
C LEU B 624 -48.22 15.21 0.00
N LYS B 625 -48.94 16.32 0.09
CA LYS B 625 -49.77 16.81 -1.01
C LYS B 625 -49.24 18.14 -1.50
N LYS B 626 -49.93 18.69 -2.51
CA LYS B 626 -49.58 20.01 -3.04
C LYS B 626 -49.86 21.12 -2.03
N THR B 627 -50.82 20.87 -1.13
CA THR B 627 -51.15 21.82 -0.08
C THR B 627 -49.96 22.08 0.84
N HIS B 628 -49.23 21.00 1.19
CA HIS B 628 -48.03 21.16 2.01
C HIS B 628 -46.93 21.91 1.27
N VAL B 629 -46.86 21.78 -0.06
CA VAL B 629 -45.88 22.53 -0.83
C VAL B 629 -46.22 24.02 -0.83
N GLU B 630 -47.51 24.35 -0.92
CA GLU B 630 -47.91 25.75 -0.79
C GLU B 630 -47.68 26.27 0.62
N MET B 631 -47.86 25.42 1.63
CA MET B 631 -47.55 25.81 3.00
C MET B 631 -46.06 26.03 3.21
N LEU B 632 -45.22 25.30 2.48
CA LEU B 632 -43.79 25.58 2.56
C LEU B 632 -43.41 26.83 1.76
N LYS B 633 -44.16 27.16 0.72
CA LYS B 633 -43.95 28.47 0.10
C LYS B 633 -44.38 29.61 1.01
N GLU B 634 -45.35 29.38 1.89
CA GLU B 634 -45.67 30.43 2.83
C GLU B 634 -44.93 30.31 4.17
N ARG B 635 -44.11 29.27 4.39
CA ARG B 635 -43.07 29.44 5.42
C ARG B 635 -41.90 30.22 4.86
N ASP B 636 -41.67 30.08 3.54
CA ASP B 636 -40.84 31.07 2.86
C ASP B 636 -41.46 32.46 2.93
N TYR B 637 -42.79 32.55 3.12
CA TYR B 637 -43.32 33.80 3.66
C TYR B 637 -43.21 33.87 5.18
N ASN B 638 -43.97 33.06 5.93
CA ASN B 638 -44.00 33.26 7.38
C ASN B 638 -43.61 32.08 8.27
N ASN B 639 -44.43 30.99 8.37
CA ASN B 639 -44.34 30.21 9.61
C ASN B 639 -44.56 28.70 9.55
N TYR B 640 -44.80 28.07 8.41
CA TYR B 640 -45.08 26.62 8.38
C TYR B 640 -43.76 25.83 8.31
N SER B 641 -43.08 25.77 9.46
CA SER B 641 -41.73 25.23 9.50
C SER B 641 -41.73 23.70 9.35
N TRP B 642 -40.53 23.12 9.36
CA TRP B 642 -40.37 21.68 9.20
C TRP B 642 -40.94 20.92 10.38
N GLN B 643 -40.89 21.51 11.58
CA GLN B 643 -41.45 20.87 12.77
C GLN B 643 -42.97 20.73 12.66
N VAL B 644 -43.62 21.70 12.02
CA VAL B 644 -45.06 21.59 11.75
C VAL B 644 -45.32 20.47 10.75
N LEU B 645 -44.43 20.31 9.78
CA LEU B 645 -44.57 19.25 8.78
C LEU B 645 -44.42 17.87 9.40
N VAL B 646 -43.47 17.71 10.34
CA VAL B 646 -43.33 16.43 11.02
C VAL B 646 -44.50 16.21 11.97
N ALA B 647 -44.95 17.26 12.66
CA ALA B 647 -46.08 17.14 13.57
C ALA B 647 -47.41 16.91 12.86
N SER B 648 -47.49 17.21 11.57
CA SER B 648 -48.70 16.93 10.82
C SER B 648 -48.85 15.45 10.51
N GLY B 649 -47.77 14.68 10.57
CA GLY B 649 -47.86 13.26 10.36
C GLY B 649 -47.56 12.78 8.96
N VAL B 650 -46.71 13.50 8.22
CA VAL B 650 -46.33 13.09 6.87
C VAL B 650 -44.87 12.71 6.75
N VAL B 651 -44.04 13.01 7.75
CA VAL B 651 -42.63 12.67 7.75
C VAL B 651 -42.30 12.03 9.08
N GLU B 652 -41.68 10.85 9.05
CA GLU B 652 -41.27 10.14 10.25
C GLU B 652 -39.77 9.95 10.27
N TYR B 653 -39.19 9.93 11.47
CA TYR B 653 -37.77 9.63 11.65
C TYR B 653 -37.64 8.13 11.83
N ILE B 654 -37.22 7.44 10.77
CA ILE B 654 -36.99 6.00 10.83
C ILE B 654 -35.51 5.78 11.12
N ASP B 655 -35.21 5.03 12.17
CA ASP B 655 -33.82 4.76 12.50
C ASP B 655 -33.35 3.51 11.78
N THR B 656 -32.08 3.16 11.98
CA THR B 656 -31.45 2.05 11.27
C THR B 656 -31.91 0.69 11.74
N LEU B 657 -32.64 0.61 12.86
CA LEU B 657 -33.22 -0.64 13.31
C LEU B 657 -34.66 -0.85 12.84
N GLU B 658 -35.40 0.25 12.63
CA GLU B 658 -36.75 0.15 12.08
C GLU B 658 -36.75 -0.10 10.58
N GLU B 659 -35.60 0.10 9.91
CA GLU B 659 -35.54 -0.10 8.46
C GLU B 659 -35.66 -1.55 8.06
N GLU B 660 -35.44 -2.49 8.97
CA GLU B 660 -35.62 -3.90 8.65
C GLU B 660 -37.09 -4.30 8.57
N THR B 661 -38.00 -3.48 9.09
CA THR B 661 -39.42 -3.82 9.14
C THR B 661 -40.27 -2.94 8.25
N VAL B 662 -39.68 -1.99 7.52
CA VAL B 662 -40.44 -1.09 6.67
C VAL B 662 -40.03 -1.31 5.22
N MET B 663 -40.88 -0.83 4.32
CA MET B 663 -40.61 -0.84 2.89
C MET B 663 -40.53 0.60 2.41
N ILE B 664 -39.41 0.95 1.78
CA ILE B 664 -39.13 2.32 1.38
C ILE B 664 -39.14 2.39 -0.13
N ALA B 665 -39.98 3.27 -0.67
CA ALA B 665 -39.99 3.52 -2.11
C ALA B 665 -38.81 4.41 -2.49
N MET B 666 -38.19 4.10 -3.63
CA MET B 666 -37.13 4.95 -4.15
C MET B 666 -37.67 6.28 -4.66
N SER B 667 -38.87 6.29 -5.23
CA SER B 667 -39.44 7.47 -5.83
C SER B 667 -40.95 7.31 -5.86
N PRO B 668 -41.70 8.42 -5.98
CA PRO B 668 -43.15 8.30 -6.22
C PRO B 668 -43.50 7.68 -7.56
N TYR B 669 -42.55 7.61 -8.51
CA TYR B 669 -42.76 6.85 -9.74
C TYR B 669 -42.98 5.37 -9.47
N ASP B 670 -42.39 4.84 -8.40
CA ASP B 670 -42.60 3.44 -8.05
C ASP B 670 -44.00 3.17 -7.50
N LEU B 671 -44.68 4.19 -7.00
CA LEU B 671 -46.00 4.00 -6.41
C LEU B 671 -47.09 3.81 -7.46
N LYS B 672 -46.94 4.44 -8.62
CA LYS B 672 -48.01 4.51 -9.62
C LYS B 672 -47.99 3.35 -10.60
N GLN B 673 -47.15 2.34 -10.37
CA GLN B 673 -47.07 1.20 -11.29
C GLN B 673 -48.32 0.34 -11.21
N ASP B 674 -48.70 -0.22 -12.36
CA ASP B 674 -49.84 -1.12 -12.42
C ASP B 674 -49.49 -2.44 -11.75
N LYS B 675 -50.52 -3.08 -11.17
CA LYS B 675 -50.33 -4.27 -10.34
C LYS B 675 -49.95 -5.51 -11.14
N ASP B 676 -50.08 -5.48 -12.48
CA ASP B 676 -49.69 -6.63 -13.29
C ASP B 676 -48.17 -6.82 -13.30
N TYR B 677 -47.42 -5.73 -13.26
CA TYR B 677 -45.96 -5.80 -13.27
C TYR B 677 -45.34 -5.11 -12.05
N ALA B 678 -46.12 -4.91 -11.00
CA ALA B 678 -45.65 -4.17 -9.84
C ALA B 678 -44.63 -4.97 -9.04
N TYR B 679 -43.51 -4.34 -8.71
CA TYR B 679 -42.50 -4.98 -7.88
C TYR B 679 -43.02 -5.15 -6.45
N CYS B 680 -43.74 -4.16 -5.94
CA CYS B 680 -44.42 -4.25 -4.66
C CYS B 680 -45.69 -3.43 -4.71
N THR B 681 -46.66 -3.84 -3.89
CA THR B 681 -47.90 -3.11 -3.75
C THR B 681 -48.13 -2.59 -2.34
N THR B 682 -47.29 -2.95 -1.38
CA THR B 682 -47.42 -2.53 0.01
C THR B 682 -46.17 -1.73 0.38
N TYR B 683 -46.21 -0.43 0.07
CA TYR B 683 -45.14 0.49 0.42
C TYR B 683 -45.53 1.25 1.69
N THR B 684 -44.58 1.38 2.60
CA THR B 684 -44.82 2.10 3.84
C THR B 684 -44.11 3.44 3.93
N HIS B 685 -43.04 3.64 3.17
CA HIS B 685 -42.28 4.88 3.22
C HIS B 685 -41.75 5.20 1.83
N CYS B 686 -41.27 6.43 1.67
CA CYS B 686 -40.72 6.89 0.40
C CYS B 686 -39.53 7.80 0.68
N GLU B 687 -38.46 7.62 -0.09
CA GLU B 687 -37.29 8.47 0.04
C GLU B 687 -37.61 9.88 -0.45
N ILE B 688 -37.12 10.88 0.29
CA ILE B 688 -37.31 12.27 -0.14
C ILE B 688 -36.48 12.55 -1.38
N HIS B 689 -35.20 12.21 -1.33
CA HIS B 689 -34.31 12.22 -2.48
C HIS B 689 -33.14 11.29 -2.19
N PRO B 690 -32.73 10.45 -3.16
CA PRO B 690 -31.62 9.54 -2.90
C PRO B 690 -30.28 10.23 -2.73
N ALA B 691 -30.12 11.45 -3.26
CA ALA B 691 -28.87 12.19 -3.14
C ALA B 691 -28.56 12.61 -1.72
N MET B 692 -29.51 12.47 -0.79
CA MET B 692 -29.27 12.69 0.63
C MET B 692 -28.52 11.53 1.30
N ILE B 693 -28.21 10.45 0.58
CA ILE B 693 -27.37 9.41 1.19
C ILE B 693 -25.91 9.80 1.25
N LEU B 694 -25.51 10.87 0.58
CA LEU B 694 -24.12 11.31 0.59
C LEU B 694 -23.84 12.18 1.80
N GLY B 695 -22.57 12.48 2.01
CA GLY B 695 -22.12 13.31 3.11
C GLY B 695 -22.02 14.77 2.73
N VAL B 696 -21.04 15.45 3.32
CA VAL B 696 -20.82 16.86 3.03
C VAL B 696 -19.76 17.04 1.96
N CYS B 697 -18.60 16.44 2.14
CA CYS B 697 -17.53 16.55 1.14
C CYS B 697 -17.79 15.72 -0.10
N ALA B 698 -18.63 14.69 0.00
CA ALA B 698 -18.94 13.86 -1.16
C ALA B 698 -20.10 14.40 -1.98
N SER B 699 -20.88 15.34 -1.45
CA SER B 699 -22.00 15.90 -2.17
C SER B 699 -21.63 17.16 -2.94
N ILE B 700 -20.36 17.54 -2.95
CA ILE B 700 -19.89 18.61 -3.84
C ILE B 700 -19.47 18.07 -5.19
N ILE B 701 -19.45 16.76 -5.37
CA ILE B 701 -19.02 16.14 -6.63
C ILE B 701 -20.12 16.27 -7.67
N PRO B 702 -19.85 16.89 -8.82
CA PRO B 702 -20.83 16.90 -9.90
C PRO B 702 -20.88 15.54 -10.59
N PHE B 703 -22.09 15.00 -10.72
CA PHE B 703 -22.39 13.67 -11.23
C PHE B 703 -21.57 12.57 -10.57
N PRO B 704 -21.76 12.28 -9.29
CA PRO B 704 -20.98 11.19 -8.67
C PRO B 704 -21.45 9.81 -9.07
N ASP B 705 -22.61 9.69 -9.71
CA ASP B 705 -23.10 8.42 -10.22
C ASP B 705 -22.51 8.06 -11.57
N HIS B 706 -21.68 8.91 -12.16
CA HIS B 706 -20.99 8.59 -13.39
C HIS B 706 -19.51 8.29 -13.17
N ASN B 707 -19.04 8.31 -11.94
CA ASN B 707 -17.64 8.08 -11.63
C ASN B 707 -17.46 6.73 -10.96
N GLN B 708 -16.21 6.28 -10.96
CA GLN B 708 -15.84 5.12 -10.15
C GLN B 708 -15.83 5.50 -8.68
N SER B 709 -16.22 4.56 -7.83
CA SER B 709 -16.35 4.82 -6.40
C SER B 709 -15.04 5.19 -5.69
N PRO B 710 -13.88 4.56 -5.93
CA PRO B 710 -12.65 5.07 -5.30
C PRO B 710 -12.26 6.48 -5.73
N ARG B 711 -12.67 6.93 -6.92
CA ARG B 711 -12.43 8.31 -7.30
C ARG B 711 -13.28 9.27 -6.46
N ASN B 712 -14.52 8.87 -6.15
CA ASN B 712 -15.36 9.65 -5.25
C ASN B 712 -14.77 9.68 -3.85
N THR B 713 -14.19 8.55 -3.39
CA THR B 713 -13.54 8.53 -2.09
C THR B 713 -12.30 9.43 -2.07
N TYR B 714 -11.54 9.43 -3.16
CA TYR B 714 -10.36 10.30 -3.26
C TYR B 714 -10.75 11.77 -3.27
N GLN B 715 -11.86 12.11 -3.93
CA GLN B 715 -12.31 13.49 -3.90
C GLN B 715 -12.87 13.89 -2.54
N SER B 716 -13.50 12.95 -1.82
CA SER B 716 -13.92 13.26 -0.46
C SER B 716 -12.73 13.44 0.46
N ALA B 717 -11.62 12.76 0.17
CA ALA B 717 -10.39 12.99 0.94
C ALA B 717 -9.76 14.33 0.59
N MET B 718 -9.79 14.72 -0.69
CA MET B 718 -9.11 15.94 -1.12
C MET B 718 -9.97 17.20 -1.06
N GLY B 719 -11.26 17.08 -0.78
CA GLY B 719 -12.07 18.27 -0.62
C GLY B 719 -11.78 19.01 0.67
N LYS B 720 -11.28 18.30 1.68
CA LYS B 720 -10.86 18.94 2.92
C LYS B 720 -9.53 19.64 2.78
N GLN B 721 -8.75 19.31 1.75
CA GLN B 721 -7.45 19.91 1.51
C GLN B 721 -7.48 20.95 0.42
N ALA B 722 -8.65 21.39 0.00
CA ALA B 722 -8.76 22.44 -1.00
C ALA B 722 -8.42 23.79 -0.38
N MET B 723 -8.44 24.83 -1.19
CA MET B 723 -8.04 26.15 -0.77
C MET B 723 -9.12 27.15 -1.14
N GLY B 724 -9.44 28.03 -0.20
CA GLY B 724 -10.47 29.02 -0.45
C GLY B 724 -10.70 29.84 0.80
N VAL B 725 -11.76 30.66 0.75
CA VAL B 725 -12.13 31.49 1.89
C VAL B 725 -12.79 30.57 2.92
N TYR B 726 -12.04 30.22 3.97
CA TYR B 726 -12.54 29.26 4.94
C TYR B 726 -13.58 29.87 5.88
N ILE B 727 -13.49 31.17 6.14
CA ILE B 727 -14.45 31.87 6.99
C ILE B 727 -14.47 33.34 6.58
N THR B 728 -15.56 34.02 6.92
CA THR B 728 -15.73 35.40 6.48
C THR B 728 -15.05 36.40 7.39
N ASN B 729 -14.78 36.06 8.65
CA ASN B 729 -14.11 36.96 9.59
C ASN B 729 -12.66 36.58 9.78
N PHE B 730 -11.97 36.19 8.70
CA PHE B 730 -10.56 35.82 8.76
C PHE B 730 -9.64 36.99 9.06
N HIS B 731 -10.12 38.23 8.93
CA HIS B 731 -9.27 39.39 9.21
C HIS B 731 -9.04 39.60 10.70
N VAL B 732 -9.91 39.08 11.57
CA VAL B 732 -9.69 39.18 13.00
C VAL B 732 -9.19 37.88 13.61
N ARG B 733 -9.34 36.75 12.92
CA ARG B 733 -8.83 35.49 13.42
C ARG B 733 -7.33 35.39 13.19
N MET B 734 -6.65 34.69 14.10
CA MET B 734 -5.21 34.45 13.99
C MET B 734 -4.97 32.96 14.16
N ASP B 735 -5.08 32.22 13.06
CA ASP B 735 -4.75 30.81 13.04
C ASP B 735 -3.27 30.64 12.69
N THR B 736 -2.73 29.47 13.05
CA THR B 736 -1.31 29.22 12.83
C THR B 736 -1.00 29.07 11.34
N LEU B 737 -1.86 28.38 10.60
CA LEU B 737 -1.74 28.26 9.16
C LEU B 737 -3.09 28.58 8.53
N ALA B 738 -3.09 29.45 7.54
CA ALA B 738 -4.32 29.76 6.81
C ALA B 738 -4.00 29.95 5.33
N HIS B 739 -4.89 29.49 4.47
CA HIS B 739 -4.74 29.67 3.03
C HIS B 739 -6.03 30.27 2.48
N VAL B 740 -5.93 31.41 1.83
CA VAL B 740 -7.10 32.12 1.31
C VAL B 740 -6.85 32.47 -0.15
N LEU B 741 -7.73 32.03 -1.05
CA LEU B 741 -7.61 32.36 -2.46
C LEU B 741 -8.00 33.83 -2.70
N TYR B 742 -7.49 34.39 -3.80
CA TYR B 742 -7.87 35.73 -4.19
C TYR B 742 -9.29 35.77 -4.73
N TYR B 743 -9.56 35.01 -5.79
CA TYR B 743 -10.85 35.05 -6.49
C TYR B 743 -11.46 33.66 -6.52
N PRO B 744 -12.08 33.22 -5.43
CA PRO B 744 -12.84 31.98 -5.49
C PRO B 744 -14.18 32.20 -6.18
N MET B 745 -14.58 31.22 -6.97
CA MET B 745 -15.83 31.31 -7.71
C MET B 745 -16.70 30.10 -7.41
N LYS B 746 -18.01 30.31 -7.48
CA LYS B 746 -18.94 29.20 -7.36
C LYS B 746 -18.93 28.41 -8.68
N PRO B 747 -19.18 27.10 -8.61
CA PRO B 747 -19.13 26.29 -9.83
C PRO B 747 -20.26 26.58 -10.80
N LEU B 748 -19.94 26.49 -12.09
CA LEU B 748 -20.99 26.55 -13.11
C LEU B 748 -21.82 25.29 -13.10
N VAL B 749 -21.22 24.15 -12.75
CA VAL B 749 -21.91 22.87 -12.72
C VAL B 749 -22.10 22.49 -11.25
N THR B 750 -23.23 22.87 -10.68
CA THR B 750 -23.47 22.70 -9.25
C THR B 750 -24.41 21.55 -9.00
N THR B 751 -24.42 21.09 -7.77
CA THR B 751 -25.44 20.20 -7.24
C THR B 751 -26.36 21.00 -6.33
N ARG B 752 -27.57 20.47 -6.12
CA ARG B 752 -28.51 21.18 -5.26
C ARG B 752 -28.11 21.07 -3.79
N SER B 753 -27.38 20.00 -3.42
CA SER B 753 -26.96 19.81 -2.05
C SER B 753 -25.96 20.85 -1.57
N MET B 754 -25.25 21.51 -2.49
CA MET B 754 -24.38 22.62 -2.09
C MET B 754 -25.14 23.91 -1.85
N GLU B 755 -26.46 23.94 -2.04
CA GLU B 755 -27.23 25.09 -1.59
C GLU B 755 -27.28 25.15 -0.08
N TYR B 756 -27.18 24.00 0.59
CA TYR B 756 -27.30 23.93 2.04
C TYR B 756 -25.96 23.83 2.75
N LEU B 757 -24.89 23.48 2.04
CA LEU B 757 -23.55 23.50 2.62
C LEU B 757 -22.91 24.87 2.55
N ARG B 758 -23.61 25.86 1.99
CA ARG B 758 -23.16 27.24 1.80
C ARG B 758 -21.87 27.30 0.97
N PHE B 759 -21.74 26.38 0.02
CA PHE B 759 -20.62 26.39 -0.92
C PHE B 759 -20.74 27.53 -1.91
N ARG B 760 -21.95 28.01 -2.18
CA ARG B 760 -22.14 29.17 -3.04
C ARG B 760 -21.59 30.43 -2.40
N GLU B 761 -21.69 30.55 -1.08
CA GLU B 761 -21.27 31.76 -0.39
C GLU B 761 -19.82 31.71 0.09
N LEU B 762 -19.27 30.52 0.31
CA LEU B 762 -17.87 30.35 0.70
C LEU B 762 -17.23 29.30 -0.18
N PRO B 763 -16.92 29.63 -1.44
CA PRO B 763 -16.41 28.62 -2.36
C PRO B 763 -14.92 28.38 -2.18
N ALA B 764 -14.48 27.24 -2.72
CA ALA B 764 -13.06 26.85 -2.67
C ALA B 764 -12.71 26.25 -4.03
N GLY B 765 -12.25 27.10 -4.95
CA GLY B 765 -11.91 26.63 -6.27
C GLY B 765 -12.23 27.66 -7.34
N ILE B 766 -11.87 27.36 -8.59
CA ILE B 766 -12.01 28.30 -9.69
C ILE B 766 -12.56 27.55 -10.90
N ASN B 767 -13.58 28.13 -11.55
CA ASN B 767 -14.01 27.67 -12.86
C ASN B 767 -12.95 28.02 -13.89
N SER B 768 -12.39 27.00 -14.53
CA SER B 768 -11.26 27.17 -15.44
C SER B 768 -11.54 26.49 -16.77
N ILE B 769 -11.12 27.13 -17.85
CA ILE B 769 -11.19 26.54 -19.19
C ILE B 769 -10.09 25.50 -19.30
N VAL B 770 -10.46 24.23 -19.43
CA VAL B 770 -9.50 23.14 -19.52
C VAL B 770 -9.65 22.47 -20.89
N ALA B 771 -8.52 22.09 -21.47
CA ALA B 771 -8.47 21.33 -22.71
C ALA B 771 -7.76 20.02 -22.44
N ILE B 772 -8.36 18.92 -22.85
CA ILE B 772 -7.82 17.59 -22.59
C ILE B 772 -7.10 17.15 -23.86
N LEU B 773 -5.79 17.42 -23.92
CA LEU B 773 -5.01 17.04 -25.09
C LEU B 773 -3.57 16.79 -24.64
N CYS B 774 -2.74 16.36 -25.58
CA CYS B 774 -1.32 16.09 -25.34
C CYS B 774 -0.52 17.22 -25.97
N TYR B 775 0.05 18.08 -25.13
CA TYR B 775 0.83 19.22 -25.59
C TYR B 775 2.22 19.13 -25.00
N THR B 776 3.20 18.81 -25.85
CA THR B 776 4.64 18.75 -25.58
C THR B 776 5.02 17.73 -24.51
N GLY B 777 4.10 16.88 -24.07
CA GLY B 777 4.44 15.80 -23.15
C GLY B 777 4.66 16.21 -21.72
N TYR B 778 4.44 17.46 -21.35
CA TYR B 778 4.70 17.93 -20.00
C TYR B 778 3.52 17.71 -19.05
N ASN B 779 2.41 17.19 -19.56
CA ASN B 779 1.24 16.91 -18.73
C ASN B 779 1.07 15.42 -18.46
N GLN B 780 2.09 14.61 -18.74
CA GLN B 780 1.97 13.17 -18.58
C GLN B 780 1.99 12.78 -17.10
N GLU B 781 1.39 11.61 -16.84
CA GLU B 781 1.22 11.04 -15.50
C GLU B 781 0.48 12.00 -14.58
N ASP B 782 -0.76 12.31 -14.98
CA ASP B 782 -1.75 13.12 -14.25
C ASP B 782 -1.33 14.57 -14.07
N SER B 783 -0.23 15.02 -14.68
CA SER B 783 0.20 16.39 -14.50
C SER B 783 -0.63 17.35 -15.35
N VAL B 784 -0.53 18.63 -15.02
CA VAL B 784 -1.30 19.67 -15.67
C VAL B 784 -0.36 20.74 -16.19
N ILE B 785 -0.82 21.48 -17.20
CA ILE B 785 -0.06 22.59 -17.77
C ILE B 785 -0.87 23.86 -17.58
N LEU B 786 -0.30 24.83 -16.88
CA LEU B 786 -0.98 26.07 -16.56
C LEU B 786 -0.69 27.13 -17.61
N ASN B 787 -1.68 28.00 -17.84
CA ASN B 787 -1.48 29.19 -18.66
C ASN B 787 -0.76 30.24 -17.83
N ALA B 788 0.44 30.61 -18.24
CA ALA B 788 1.24 31.56 -17.46
C ALA B 788 0.66 32.96 -17.50
N SER B 789 0.08 33.37 -18.63
CA SER B 789 -0.54 34.68 -18.73
C SER B 789 -1.78 34.77 -17.84
N ALA B 790 -2.53 33.67 -17.72
CA ALA B 790 -3.67 33.64 -16.82
C ALA B 790 -3.22 33.74 -15.37
N VAL B 791 -2.13 33.05 -15.01
CA VAL B 791 -1.59 33.11 -13.65
C VAL B 791 -1.11 34.52 -13.33
N GLU B 792 -0.52 35.19 -14.32
CA GLU B 792 -0.18 36.60 -14.15
C GLU B 792 -1.41 37.49 -14.10
N ARG B 793 -2.55 37.05 -14.63
CA ARG B 793 -3.79 37.79 -14.51
C ARG B 793 -4.55 37.51 -13.21
N GLY B 794 -4.11 36.53 -12.41
CA GLY B 794 -4.74 36.26 -11.14
C GLY B 794 -5.35 34.88 -10.99
N PHE B 795 -4.87 33.94 -11.78
CA PHE B 795 -5.37 32.56 -11.74
C PHE B 795 -4.76 31.85 -10.55
N PHE B 796 -5.61 31.50 -9.57
CA PHE B 796 -5.27 30.70 -8.39
C PHE B 796 -4.21 31.34 -7.51
N ARG B 797 -4.04 32.65 -7.57
CA ARG B 797 -3.14 33.33 -6.64
C ARG B 797 -3.77 33.36 -5.25
N SER B 798 -2.96 33.17 -4.22
CA SER B 798 -3.51 33.04 -2.88
C SER B 798 -2.59 33.71 -1.86
N VAL B 799 -3.06 33.75 -0.62
CA VAL B 799 -2.31 34.30 0.50
C VAL B 799 -2.23 33.24 1.59
N PHE B 800 -1.01 33.00 2.07
CA PHE B 800 -0.74 32.09 3.17
C PHE B 800 -0.48 32.94 4.42
N TYR B 801 -1.37 32.85 5.39
CA TYR B 801 -1.24 33.56 6.65
C TYR B 801 -0.59 32.64 7.68
N ARG B 802 0.42 33.16 8.38
CA ARG B 802 1.09 32.43 9.45
C ARG B 802 1.17 33.32 10.67
N SER B 803 0.81 32.79 11.83
CA SER B 803 0.79 33.55 13.07
C SER B 803 1.87 33.07 14.03
N TYR B 804 2.50 34.04 14.69
CA TYR B 804 3.44 33.78 15.78
C TYR B 804 2.90 34.41 17.04
N LYS B 805 3.33 33.88 18.19
CA LYS B 805 2.90 34.42 19.47
C LYS B 805 4.03 34.32 20.48
N ASP B 806 4.00 35.22 21.45
CA ASP B 806 4.96 35.20 22.54
C ASP B 806 4.35 35.87 23.75
N SER B 807 4.95 35.63 24.91
CA SER B 807 4.42 36.16 26.15
C SER B 807 5.57 36.40 27.13
N GLU B 808 5.45 37.47 27.91
CA GLU B 808 6.37 37.72 29.00
C GLU B 808 6.05 36.82 30.18
N ASN B 809 6.99 36.74 31.12
CA ASN B 809 6.78 36.01 32.37
C ASN B 809 7.32 36.82 33.52
N LYS B 810 6.45 37.21 34.44
CA LYS B 810 6.80 37.95 35.63
C LYS B 810 6.43 37.17 36.89
N ARG B 811 6.69 35.86 36.88
CA ARG B 811 6.50 35.04 38.06
C ARG B 811 7.52 35.43 39.12
N VAL B 812 7.10 35.35 40.39
CA VAL B 812 7.93 35.86 41.49
C VAL B 812 9.20 35.01 41.67
N GLY B 813 9.08 33.69 41.58
CA GLY B 813 10.28 32.89 41.47
C GLY B 813 10.47 32.37 40.06
N ASP B 814 11.28 33.08 39.27
CA ASP B 814 11.55 32.82 37.85
C ASP B 814 12.55 33.87 37.40
N GLN B 815 13.11 33.66 36.22
CA GLN B 815 13.82 34.73 35.55
C GLN B 815 12.81 35.72 34.95
N GLU B 816 13.26 36.96 34.79
CA GLU B 816 12.41 38.03 34.30
C GLU B 816 12.76 38.35 32.84
N GLU B 817 11.74 38.40 31.99
CA GLU B 817 11.92 38.77 30.60
C GLU B 817 10.96 39.90 30.24
N ASN B 818 11.37 40.73 29.29
CA ASN B 818 10.60 41.90 28.91
C ASN B 818 10.57 42.01 27.39
N PHE B 819 9.57 42.71 26.89
CA PHE B 819 9.44 43.00 25.46
C PHE B 819 10.14 44.32 25.18
N GLU B 820 11.36 44.24 24.65
CA GLU B 820 12.10 45.43 24.27
C GLU B 820 13.07 45.06 23.16
N LYS B 821 13.53 46.08 22.44
CA LYS B 821 14.51 45.87 21.38
C LYS B 821 15.84 45.49 21.99
N PRO B 822 16.42 44.35 21.65
CA PRO B 822 17.69 43.94 22.26
C PRO B 822 18.86 44.79 21.79
N HIS B 823 19.88 44.86 22.63
CA HIS B 823 21.07 45.65 22.37
C HIS B 823 22.29 44.74 22.47
N ARG B 824 23.32 45.07 21.68
CA ARG B 824 24.49 44.20 21.56
C ARG B 824 25.28 44.13 22.86
N GLY B 825 25.45 45.25 23.55
CA GLY B 825 26.22 45.25 24.78
C GLY B 825 25.49 44.78 26.02
N THR B 826 24.17 44.56 25.92
CA THR B 826 23.37 44.16 27.07
C THR B 826 22.80 42.75 26.95
N CYS B 827 22.90 42.12 25.78
CA CYS B 827 22.32 40.80 25.55
C CYS B 827 23.42 39.83 25.15
N GLN B 828 23.46 38.68 25.83
CA GLN B 828 24.44 37.64 25.58
C GLN B 828 23.87 36.60 24.64
N GLY B 829 24.70 36.11 23.73
CA GLY B 829 24.29 35.09 22.78
C GLY B 829 23.27 35.54 21.77
N MET B 830 23.41 36.74 21.24
CA MET B 830 22.49 37.27 20.25
C MET B 830 22.71 36.60 18.91
N ARG B 831 21.63 36.12 18.30
CA ARG B 831 21.72 35.49 16.99
C ARG B 831 21.93 36.55 15.91
N ASN B 832 22.60 36.16 14.83
CA ASN B 832 22.89 37.08 13.73
C ASN B 832 21.65 37.33 12.89
N ALA B 833 20.89 38.37 13.23
CA ALA B 833 19.68 38.71 12.51
C ALA B 833 19.60 40.24 12.38
N HIS B 834 18.55 40.72 11.74
CA HIS B 834 18.34 42.14 11.50
C HIS B 834 17.38 42.65 12.56
N TYR B 835 17.92 43.31 13.59
CA TYR B 835 17.13 43.78 14.72
C TYR B 835 16.64 45.20 14.55
N ASP B 836 16.89 45.83 13.40
CA ASP B 836 16.52 47.22 13.21
C ASP B 836 15.06 47.41 12.84
N LYS B 837 14.34 46.33 12.50
CA LYS B 837 12.95 46.45 12.10
C LYS B 837 11.99 46.53 13.27
N LEU B 838 12.46 46.26 14.49
CA LEU B 838 11.59 46.31 15.65
C LEU B 838 11.38 47.74 16.12
N ASP B 839 10.30 47.94 16.87
CA ASP B 839 10.00 49.23 17.46
C ASP B 839 10.69 49.35 18.82
N ASP B 840 10.30 50.36 19.61
CA ASP B 840 10.91 50.57 20.91
C ASP B 840 10.46 49.53 21.94
N ASP B 841 9.32 48.87 21.71
CA ASP B 841 8.84 47.82 22.61
C ASP B 841 9.22 46.42 22.12
N GLY B 842 10.12 46.33 21.15
CA GLY B 842 10.56 45.03 20.66
C GLY B 842 9.56 44.30 19.79
N ILE B 843 8.49 44.97 19.36
CA ILE B 843 7.43 44.35 18.59
C ILE B 843 7.38 45.07 17.24
N ILE B 844 7.38 44.29 16.16
CA ILE B 844 7.42 44.86 14.83
C ILE B 844 6.06 45.48 14.49
N ALA B 845 6.07 46.44 13.55
CA ALA B 845 4.87 47.12 13.10
C ALA B 845 4.30 46.44 11.86
N PRO B 846 2.98 46.48 11.66
CA PRO B 846 2.41 45.93 10.43
C PRO B 846 2.78 46.76 9.21
N GLY B 847 2.89 46.07 8.08
CA GLY B 847 3.34 46.68 6.85
C GLY B 847 4.83 46.57 6.60
N ILE B 848 5.59 46.07 7.55
CA ILE B 848 7.03 45.88 7.37
C ILE B 848 7.27 44.57 6.63
N ARG B 849 8.03 44.64 5.54
CA ARG B 849 8.38 43.43 4.80
C ARG B 849 9.41 42.62 5.58
N VAL B 850 9.16 41.33 5.74
CA VAL B 850 10.04 40.45 6.46
C VAL B 850 10.42 39.27 5.57
N SER B 851 11.66 38.81 5.70
CA SER B 851 12.16 37.72 4.89
C SER B 851 13.33 37.07 5.59
N GLY B 852 13.60 35.82 5.21
CA GLY B 852 14.78 35.12 5.71
C GLY B 852 14.66 34.78 7.18
N ASP B 853 15.64 35.21 7.96
CA ASP B 853 15.70 34.98 9.39
C ASP B 853 15.60 36.28 10.17
N ASP B 854 14.68 37.16 9.74
CA ASP B 854 14.47 38.42 10.41
C ASP B 854 13.83 38.18 11.78
N VAL B 855 14.34 38.87 12.80
CA VAL B 855 13.71 38.81 14.11
C VAL B 855 12.41 39.60 14.08
N VAL B 856 11.39 39.10 14.78
CA VAL B 856 10.07 39.66 14.66
C VAL B 856 9.42 39.99 16.00
N ILE B 857 9.87 39.41 17.12
CA ILE B 857 9.45 39.81 18.45
C ILE B 857 10.70 39.86 19.32
N GLY B 858 10.96 41.02 19.92
CA GLY B 858 12.15 41.18 20.74
C GLY B 858 11.92 40.89 22.20
N LYS B 859 12.57 39.86 22.73
CA LYS B 859 12.41 39.47 24.13
C LYS B 859 13.77 39.14 24.71
N THR B 860 14.17 39.88 25.74
CA THR B 860 15.43 39.65 26.45
C THR B 860 15.11 39.24 27.88
N ILE B 861 15.76 38.18 28.35
CA ILE B 861 15.49 37.61 29.67
C ILE B 861 16.67 37.94 30.58
N THR B 862 16.37 38.23 31.84
CA THR B 862 17.43 38.55 32.80
C THR B 862 18.23 37.32 33.15
N LEU B 863 19.56 37.46 33.15
CA LEU B 863 20.43 36.36 33.50
C LEU B 863 20.34 36.06 35.00
N PRO B 864 20.56 34.81 35.40
CA PRO B 864 20.60 34.49 36.83
C PRO B 864 21.78 35.15 37.52
N GLU B 865 21.61 35.40 38.82
CA GLU B 865 22.59 36.15 39.61
C GLU B 865 23.80 35.27 39.91
N ASN B 866 24.65 35.10 38.90
CA ASN B 866 25.93 34.43 39.06
C ASN B 866 27.04 35.45 39.27
N ASP B 867 26.93 36.20 40.36
CA ASP B 867 27.86 37.27 40.69
C ASP B 867 29.11 36.64 41.28
N ASP B 868 30.06 36.29 40.41
CA ASP B 868 31.31 35.69 40.83
C ASP B 868 32.23 36.76 41.39
N GLU B 869 32.67 36.59 42.63
CA GLU B 869 33.55 37.55 43.27
C GLU B 869 35.01 37.42 42.85
N LEU B 870 35.36 36.32 42.16
CA LEU B 870 36.74 36.15 41.72
C LEU B 870 37.08 37.06 40.55
N ASP B 871 36.09 37.39 39.72
CA ASP B 871 36.31 38.28 38.58
C ASP B 871 35.01 39.01 38.30
N SER B 872 34.94 40.29 38.69
CA SER B 872 33.75 41.09 38.48
C SER B 872 33.67 41.66 37.07
N ASN B 873 34.73 41.55 36.27
CA ASN B 873 34.73 42.06 34.91
C ASN B 873 34.20 41.07 33.89
N THR B 874 33.89 39.84 34.30
CA THR B 874 33.37 38.83 33.39
C THR B 874 31.89 38.98 33.12
N LYS B 875 31.18 39.79 33.91
CA LYS B 875 29.73 39.99 33.72
C LYS B 875 29.51 41.19 32.80
N ARG B 876 29.93 41.01 31.54
CA ARG B 876 29.73 42.04 30.53
C ARG B 876 28.29 42.13 30.05
N PHE B 877 27.50 41.08 30.26
CA PHE B 877 26.09 41.07 29.89
C PHE B 877 25.25 40.68 31.10
N SER B 878 24.15 41.39 31.30
CA SER B 878 23.20 41.07 32.36
C SER B 878 21.93 40.41 31.84
N LYS B 879 21.73 40.38 30.52
CA LYS B 879 20.55 39.79 29.91
C LYS B 879 20.98 38.87 28.77
N ARG B 880 20.04 38.04 28.32
CA ARG B 880 20.27 37.05 27.29
C ARG B 880 19.12 37.10 26.31
N ASP B 881 19.43 36.96 25.02
CA ASP B 881 18.41 37.04 23.99
C ASP B 881 17.52 35.80 23.99
N ALA B 882 16.20 36.03 24.00
CA ALA B 882 15.21 34.96 23.92
C ALA B 882 14.12 35.35 22.93
N SER B 883 14.54 35.95 21.81
CA SER B 883 13.63 36.55 20.86
C SER B 883 12.95 35.49 20.00
N THR B 884 11.88 35.90 19.32
CA THR B 884 11.13 35.05 18.42
C THR B 884 11.50 35.38 16.99
N PHE B 885 11.93 34.38 16.23
CA PHE B 885 12.47 34.57 14.90
C PHE B 885 11.50 34.06 13.84
N LEU B 886 11.56 34.69 12.67
CA LEU B 886 10.78 34.25 11.53
C LEU B 886 11.29 32.91 11.02
N ARG B 887 10.39 32.13 10.43
CA ARG B 887 10.80 30.90 9.77
C ARG B 887 11.65 31.23 8.54
N ASN B 888 12.60 30.34 8.26
CA ASN B 888 13.77 30.72 7.47
C ASN B 888 13.46 30.94 5.99
N SER B 889 12.69 30.02 5.39
CA SER B 889 12.49 30.03 3.95
C SER B 889 11.20 30.75 3.54
N GLU B 890 10.79 31.75 4.29
CA GLU B 890 9.52 32.43 4.06
C GLU B 890 9.73 33.94 4.00
N THR B 891 9.04 34.58 3.07
CA THR B 891 9.05 36.03 2.93
C THR B 891 7.61 36.53 2.90
N GLY B 892 7.42 37.80 3.26
CA GLY B 892 6.10 38.36 3.25
C GLY B 892 6.03 39.67 4.01
N ILE B 893 4.81 40.13 4.21
CA ILE B 893 4.51 41.39 4.86
C ILE B 893 3.78 41.11 6.16
N VAL B 894 4.12 41.86 7.21
CA VAL B 894 3.44 41.71 8.50
C VAL B 894 2.03 42.27 8.36
N ASP B 895 1.04 41.41 8.58
CA ASP B 895 -0.35 41.77 8.32
C ASP B 895 -1.02 42.41 9.53
N GLN B 896 -0.84 41.82 10.71
CA GLN B 896 -1.53 42.34 11.89
C GLN B 896 -0.72 42.06 13.14
N VAL B 897 -0.77 42.99 14.09
CA VAL B 897 -0.09 42.86 15.38
C VAL B 897 -1.10 43.21 16.47
N MET B 898 -1.22 42.33 17.48
CA MET B 898 -2.09 42.64 18.62
C MET B 898 -1.38 42.30 19.92
N LEU B 899 -1.66 43.11 20.94
CA LEU B 899 -1.12 42.92 22.28
C LEU B 899 -2.28 42.83 23.26
N THR B 900 -2.16 41.93 24.22
CA THR B 900 -3.23 41.72 25.20
C THR B 900 -2.63 41.15 26.47
N LEU B 901 -3.50 40.71 27.37
CA LEU B 901 -3.11 40.03 28.59
C LEU B 901 -3.66 38.61 28.57
N ASN B 902 -2.83 37.63 28.90
CA ASN B 902 -3.25 36.23 28.90
C ASN B 902 -4.00 35.92 30.19
N SER B 903 -4.19 34.62 30.46
CA SER B 903 -4.88 34.21 31.68
C SER B 903 -4.07 34.51 32.93
N GLU B 904 -2.73 34.50 32.81
CA GLU B 904 -1.86 34.82 33.93
C GLU B 904 -1.64 36.31 34.11
N GLY B 905 -2.18 37.14 33.22
CA GLY B 905 -2.08 38.58 33.35
C GLY B 905 -0.84 39.20 32.77
N TYR B 906 0.08 38.42 32.22
CA TYR B 906 1.29 38.98 31.62
C TYR B 906 0.98 39.49 30.21
N LYS B 907 1.94 40.24 29.66
CA LYS B 907 1.80 40.75 28.31
C LYS B 907 1.90 39.62 27.29
N PHE B 908 1.09 39.70 26.24
CA PHE B 908 0.90 38.61 25.30
C PHE B 908 0.76 39.18 23.91
N CYS B 909 1.72 38.90 23.03
CA CYS B 909 1.74 39.44 21.68
C CYS B 909 1.44 38.34 20.67
N LYS B 910 0.51 38.63 19.76
CA LYS B 910 0.22 37.74 18.64
C LYS B 910 0.32 38.51 17.35
N ILE B 911 1.07 37.97 16.39
CA ILE B 911 1.31 38.63 15.12
C ILE B 911 0.92 37.68 14.00
N ARG B 912 0.44 38.25 12.90
CA ARG B 912 0.04 37.51 11.72
C ARG B 912 0.75 38.10 10.53
N VAL B 913 1.44 37.25 9.77
CA VAL B 913 2.25 37.64 8.62
C VAL B 913 1.70 36.92 7.39
N ARG B 914 1.43 37.70 6.33
CA ARG B 914 0.89 37.14 5.11
C ARG B 914 1.98 37.01 4.04
N SER B 915 1.89 35.94 3.27
CA SER B 915 2.78 35.68 2.15
C SER B 915 1.94 35.42 0.90
N VAL B 916 2.50 35.72 -0.26
CA VAL B 916 1.78 35.57 -1.52
C VAL B 916 2.22 34.27 -2.16
N ARG B 917 1.26 33.41 -2.45
CA ARG B 917 1.52 32.13 -3.12
C ARG B 917 0.97 32.23 -4.53
N ILE B 918 1.89 32.42 -5.48
CA ILE B 918 1.60 32.38 -6.91
C ILE B 918 1.78 30.93 -7.34
N PRO B 919 0.89 30.37 -8.16
CA PRO B 919 1.08 28.99 -8.63
C PRO B 919 2.31 28.85 -9.50
N GLN B 920 3.01 27.73 -9.34
CA GLN B 920 4.25 27.49 -10.03
C GLN B 920 4.32 26.01 -10.38
N ILE B 921 5.50 25.57 -10.82
CA ILE B 921 5.70 24.19 -11.22
C ILE B 921 5.75 23.32 -9.97
N GLY B 922 4.84 22.34 -9.89
CA GLY B 922 4.82 21.40 -8.80
C GLY B 922 3.68 21.58 -7.81
N ASP B 923 2.92 22.68 -7.90
CA ASP B 923 1.80 22.88 -7.00
C ASP B 923 0.68 21.89 -7.30
N LYS B 924 0.06 21.36 -6.26
CA LYS B 924 -0.91 20.29 -6.41
C LYS B 924 -2.28 20.87 -6.73
N PHE B 925 -2.80 20.54 -7.91
CA PHE B 925 -4.14 20.90 -8.32
C PHE B 925 -4.97 19.63 -8.43
N ALA B 926 -6.29 19.80 -8.40
CA ALA B 926 -7.17 18.65 -8.40
C ALA B 926 -8.51 19.05 -8.99
N SER B 927 -9.20 18.07 -9.56
CA SER B 927 -10.55 18.30 -10.07
C SER B 927 -11.54 18.04 -8.96
N ARG B 928 -12.83 18.03 -9.30
CA ARG B 928 -13.85 17.52 -8.39
C ARG B 928 -14.20 16.07 -8.67
N HIS B 929 -13.27 15.31 -9.26
CA HIS B 929 -13.50 13.92 -9.59
C HIS B 929 -12.31 13.03 -9.27
N GLY B 930 -11.42 13.47 -8.39
CA GLY B 930 -10.26 12.68 -8.05
C GLY B 930 -9.11 12.77 -9.03
N GLN B 931 -9.14 13.74 -9.95
CA GLN B 931 -8.07 13.90 -10.94
C GLN B 931 -7.01 14.86 -10.39
N LYS B 932 -6.25 14.35 -9.43
CA LYS B 932 -5.19 15.15 -8.83
C LYS B 932 -3.95 15.15 -9.71
N GLY B 933 -3.10 16.15 -9.49
CA GLY B 933 -1.87 16.24 -10.24
C GLY B 933 -1.09 17.46 -9.83
N THR B 934 0.05 17.66 -10.49
CA THR B 934 0.93 18.78 -10.23
C THR B 934 1.18 19.52 -11.53
N CYS B 935 1.56 20.79 -11.40
CA CYS B 935 1.88 21.59 -12.58
C CYS B 935 3.24 21.16 -13.13
N GLY B 936 3.24 20.53 -14.31
CA GLY B 936 4.49 20.16 -14.94
C GLY B 936 5.25 21.36 -15.47
N ILE B 937 4.55 22.27 -16.15
CA ILE B 937 5.17 23.45 -16.75
C ILE B 937 4.10 24.50 -16.95
N GLN B 938 4.53 25.75 -17.13
CA GLN B 938 3.64 26.86 -17.44
C GLN B 938 4.05 27.47 -18.77
N TYR B 939 3.09 27.65 -19.66
CA TYR B 939 3.32 28.27 -20.96
C TYR B 939 2.62 29.61 -21.03
N ARG B 940 3.25 30.58 -21.69
CA ARG B 940 2.59 31.84 -21.96
C ARG B 940 1.55 31.67 -23.06
N GLN B 941 0.75 32.72 -23.28
CA GLN B 941 -0.36 32.64 -24.22
C GLN B 941 0.11 32.51 -25.66
N GLU B 942 1.27 33.07 -25.99
CA GLU B 942 1.78 32.96 -27.36
C GLU B 942 2.35 31.58 -27.66
N ASP B 943 2.76 30.82 -26.65
CA ASP B 943 3.22 29.45 -26.83
C ASP B 943 2.13 28.43 -26.57
N MET B 944 0.91 28.90 -26.32
CA MET B 944 -0.18 28.08 -25.84
C MET B 944 -1.01 27.65 -27.04
N ALA B 945 -1.60 26.46 -26.95
CA ALA B 945 -2.52 26.03 -27.99
C ALA B 945 -3.79 26.87 -27.94
N PHE B 946 -4.36 27.16 -29.11
CA PHE B 946 -5.44 28.14 -29.19
C PHE B 946 -6.46 27.71 -30.24
N THR B 947 -7.71 28.12 -30.02
CA THR B 947 -8.82 27.78 -30.89
C THR B 947 -8.92 28.80 -32.03
N CYS B 948 -9.95 28.66 -32.85
CA CYS B 948 -10.20 29.62 -33.92
C CYS B 948 -10.73 30.95 -33.39
N GLU B 949 -11.20 31.00 -32.15
CA GLU B 949 -11.64 32.23 -31.51
C GLU B 949 -10.56 32.87 -30.65
N GLY B 950 -9.33 32.37 -30.73
CA GLY B 950 -8.26 32.91 -29.91
C GLY B 950 -8.34 32.53 -28.45
N LEU B 951 -9.08 31.46 -28.14
CA LEU B 951 -9.28 31.04 -26.76
C LEU B 951 -8.14 30.09 -26.37
N ALA B 952 -7.20 30.59 -25.59
CA ALA B 952 -6.17 29.73 -25.01
C ALA B 952 -6.68 29.20 -23.68
N PRO B 953 -6.74 27.88 -23.48
CA PRO B 953 -7.23 27.35 -22.22
C PRO B 953 -6.25 27.61 -21.09
N ASP B 954 -6.80 27.63 -19.88
CA ASP B 954 -5.97 27.81 -18.69
C ASP B 954 -5.07 26.60 -18.46
N ILE B 955 -5.67 25.41 -18.46
CA ILE B 955 -5.01 24.20 -18.01
C ILE B 955 -5.16 23.14 -19.08
N ILE B 956 -4.08 22.44 -19.39
CA ILE B 956 -4.10 21.25 -20.23
C ILE B 956 -3.84 20.03 -19.36
N ILE B 957 -4.76 19.08 -19.40
CA ILE B 957 -4.59 17.81 -18.72
C ILE B 957 -4.40 16.70 -19.76
N ASN B 958 -3.90 15.57 -19.30
CA ASN B 958 -3.63 14.46 -20.21
C ASN B 958 -4.86 13.57 -20.35
N PRO B 959 -5.17 13.11 -21.58
CA PRO B 959 -6.28 12.16 -21.75
C PRO B 959 -5.99 10.76 -21.24
N HIS B 960 -4.75 10.45 -20.88
CA HIS B 960 -4.43 9.15 -20.31
C HIS B 960 -4.83 9.03 -18.85
N ALA B 961 -5.25 10.12 -18.22
CA ALA B 961 -5.80 10.05 -16.88
C ALA B 961 -7.27 9.67 -16.86
N ILE B 962 -7.92 9.62 -18.01
CA ILE B 962 -9.33 9.25 -18.13
C ILE B 962 -9.62 7.74 -18.12
N PRO B 963 -8.98 6.88 -18.95
CA PRO B 963 -9.56 5.53 -19.11
C PRO B 963 -9.37 4.59 -17.93
N SER B 964 -8.21 4.63 -17.28
CA SER B 964 -8.01 3.78 -16.11
C SER B 964 -8.76 4.29 -14.89
N ARG B 965 -9.17 5.56 -14.89
CA ARG B 965 -9.86 6.14 -13.75
C ARG B 965 -11.37 6.11 -13.92
N MET B 966 -11.84 6.14 -15.18
CA MET B 966 -13.26 6.08 -15.54
C MET B 966 -14.07 7.20 -14.90
N THR B 967 -13.50 8.41 -14.88
CA THR B 967 -14.21 9.59 -14.39
C THR B 967 -14.96 10.24 -15.56
N ILE B 968 -16.06 9.59 -15.94
CA ILE B 968 -16.89 10.11 -17.02
C ILE B 968 -17.66 11.34 -16.56
N GLY B 969 -17.90 11.44 -15.25
CA GLY B 969 -18.56 12.62 -14.71
C GLY B 969 -17.75 13.90 -14.87
N HIS B 970 -16.42 13.77 -14.97
CA HIS B 970 -15.58 14.91 -15.31
C HIS B 970 -15.89 15.42 -16.72
N LEU B 971 -16.07 14.51 -17.68
CA LEU B 971 -16.40 14.91 -19.04
C LEU B 971 -17.80 15.48 -19.14
N ILE B 972 -18.75 14.90 -18.40
CA ILE B 972 -20.11 15.43 -18.39
C ILE B 972 -20.15 16.80 -17.72
N GLU B 973 -19.32 17.01 -16.68
CA GLU B 973 -19.19 18.31 -16.05
C GLU B 973 -18.60 19.33 -17.01
N CYS B 974 -17.62 18.93 -17.81
CA CYS B 974 -17.04 19.82 -18.82
C CYS B 974 -18.07 20.20 -19.89
N LEU B 975 -18.86 19.21 -20.35
CA LEU B 975 -19.88 19.47 -21.36
C LEU B 975 -20.99 20.39 -20.84
N GLN B 976 -21.47 20.12 -19.62
CA GLN B 976 -22.52 20.96 -19.07
C GLN B 976 -21.98 22.32 -18.65
N GLY B 977 -20.68 22.42 -18.34
CA GLY B 977 -20.09 23.73 -18.11
C GLY B 977 -20.04 24.56 -19.36
N LYS B 978 -19.69 23.95 -20.50
CA LYS B 978 -19.71 24.66 -21.77
C LYS B 978 -21.13 25.09 -22.14
N LEU B 979 -22.11 24.21 -21.93
CA LEU B 979 -23.50 24.55 -22.23
C LEU B 979 -24.02 25.65 -21.31
N GLY B 980 -23.72 25.58 -20.01
CA GLY B 980 -24.20 26.59 -19.09
C GLY B 980 -23.50 27.92 -19.23
N SER B 981 -22.25 27.91 -19.68
CA SER B 981 -21.55 29.16 -19.92
C SER B 981 -22.03 29.82 -21.20
N ASN B 982 -22.35 29.03 -22.24
CA ASN B 982 -22.87 29.62 -23.46
C ASN B 982 -24.32 30.09 -23.29
N LYS B 983 -25.14 29.29 -22.62
CA LYS B 983 -26.54 29.65 -22.42
C LYS B 983 -26.68 30.76 -21.38
N GLY B 984 -25.95 30.66 -20.28
CA GLY B 984 -26.06 31.63 -19.22
C GLY B 984 -26.88 31.11 -18.06
N GLU B 985 -26.69 29.84 -17.71
CA GLU B 985 -27.38 29.23 -16.59
C GLU B 985 -26.39 28.42 -15.78
N ILE B 986 -26.67 28.27 -14.49
CA ILE B 986 -25.89 27.40 -13.62
C ILE B 986 -26.47 26.00 -13.74
N GLY B 987 -25.67 25.08 -14.29
CA GLY B 987 -26.18 23.76 -14.60
C GLY B 987 -26.41 22.91 -13.38
N ASP B 988 -27.29 21.92 -13.54
CA ASP B 988 -27.66 21.02 -12.47
C ASP B 988 -26.89 19.71 -12.62
N ALA B 989 -26.14 19.34 -11.59
CA ALA B 989 -25.40 18.08 -11.56
C ALA B 989 -25.79 17.27 -10.35
N THR B 990 -27.05 17.36 -9.94
CA THR B 990 -27.56 16.52 -8.86
C THR B 990 -27.56 15.07 -9.32
N PRO B 991 -27.03 14.14 -8.53
CA PRO B 991 -27.04 12.73 -8.93
C PRO B 991 -28.46 12.17 -8.98
N PHE B 992 -28.59 11.12 -9.78
CA PHE B 992 -29.80 10.32 -9.95
C PHE B 992 -30.95 11.16 -10.50
N ASN B 993 -30.61 12.15 -11.33
CA ASN B 993 -31.58 13.00 -11.99
C ASN B 993 -31.77 12.52 -13.42
N ASP B 994 -33.00 12.12 -13.76
CA ASP B 994 -33.29 11.68 -15.12
C ASP B 994 -33.57 12.84 -16.06
N ALA B 995 -33.71 14.06 -15.55
CA ALA B 995 -33.95 15.23 -16.38
C ALA B 995 -32.69 15.75 -17.03
N VAL B 996 -31.51 15.30 -16.59
CA VAL B 996 -30.23 15.69 -17.17
C VAL B 996 -29.62 14.47 -17.84
N ASN B 997 -29.37 14.58 -19.13
CA ASN B 997 -28.84 13.49 -19.93
C ASN B 997 -27.72 14.03 -20.80
N VAL B 998 -26.84 13.12 -21.23
CA VAL B 998 -25.75 13.50 -22.12
C VAL B 998 -26.30 13.91 -23.48
N GLN B 999 -27.32 13.20 -23.96
CA GLN B 999 -27.94 13.54 -25.24
C GLN B 999 -28.68 14.87 -25.17
N LYS B 1000 -29.30 15.16 -24.02
CA LYS B 1000 -30.00 16.44 -23.86
C LYS B 1000 -29.03 17.61 -23.82
N ILE B 1001 -27.92 17.45 -23.11
CA ILE B 1001 -26.88 18.50 -23.07
C ILE B 1001 -26.26 18.69 -24.45
N SER B 1002 -26.07 17.59 -25.19
CA SER B 1002 -25.55 17.66 -26.54
C SER B 1002 -26.50 18.39 -27.49
N THR B 1003 -27.81 18.08 -27.39
CA THR B 1003 -28.80 18.74 -28.23
C THR B 1003 -28.91 20.23 -27.91
N PHE B 1004 -28.82 20.58 -26.63
CA PHE B 1004 -28.87 21.99 -26.26
C PHE B 1004 -27.58 22.72 -26.66
N LEU B 1005 -26.44 22.04 -26.61
CA LEU B 1005 -25.16 22.65 -26.97
C LEU B 1005 -25.01 22.83 -28.47
N GLN B 1006 -25.67 21.99 -29.26
CA GLN B 1006 -25.61 22.10 -30.72
C GLN B 1006 -26.23 23.40 -31.22
N GLU B 1007 -27.17 23.97 -30.47
CA GLU B 1007 -27.86 25.18 -30.91
C GLU B 1007 -27.00 26.43 -30.77
N TYR B 1008 -25.91 26.37 -30.02
CA TYR B 1008 -25.08 27.55 -29.76
C TYR B 1008 -23.86 27.62 -30.66
N GLY B 1009 -23.89 26.95 -31.80
CA GLY B 1009 -22.80 27.05 -32.76
C GLY B 1009 -21.54 26.31 -32.39
N TYR B 1010 -21.63 25.32 -31.51
CA TYR B 1010 -20.48 24.50 -31.14
C TYR B 1010 -20.76 23.05 -31.51
N HIS B 1011 -19.70 22.26 -31.50
CA HIS B 1011 -19.82 20.83 -31.78
C HIS B 1011 -20.58 20.13 -30.67
N LEU B 1012 -21.43 19.18 -31.05
CA LEU B 1012 -22.40 18.61 -30.13
C LEU B 1012 -21.77 17.72 -29.07
N ARG B 1013 -20.55 17.22 -29.28
CA ARG B 1013 -19.82 16.51 -28.24
C ARG B 1013 -18.83 17.40 -27.51
N GLY B 1014 -18.85 18.71 -27.78
CA GLY B 1014 -17.97 19.62 -27.09
C GLY B 1014 -16.57 19.74 -27.64
N ASN B 1015 -16.27 19.07 -28.75
CA ASN B 1015 -14.94 19.19 -29.35
C ASN B 1015 -14.77 20.54 -30.02
N GLU B 1016 -13.53 20.99 -30.10
CA GLU B 1016 -13.18 22.20 -30.82
C GLU B 1016 -11.92 21.96 -31.63
N VAL B 1017 -11.78 22.70 -32.72
CA VAL B 1017 -10.59 22.64 -33.55
C VAL B 1017 -9.59 23.65 -33.02
N MET B 1018 -8.45 23.18 -32.54
CA MET B 1018 -7.41 24.06 -32.03
C MET B 1018 -6.20 24.04 -32.94
N TYR B 1019 -5.30 24.98 -32.68
CA TYR B 1019 -4.14 25.23 -33.52
C TYR B 1019 -2.88 25.11 -32.67
N ASN B 1020 -1.76 24.85 -33.33
CA ASN B 1020 -0.49 24.79 -32.64
C ASN B 1020 -0.03 26.18 -32.24
N GLY B 1021 0.48 26.30 -31.01
CA GLY B 1021 0.95 27.60 -30.55
C GLY B 1021 2.25 28.01 -31.19
N HIS B 1022 3.18 27.06 -31.35
CA HIS B 1022 4.51 27.40 -31.85
C HIS B 1022 4.49 27.67 -33.34
N THR B 1023 3.82 26.82 -34.12
CA THR B 1023 3.87 26.91 -35.57
C THR B 1023 2.65 27.59 -36.17
N GLY B 1024 1.47 27.38 -35.60
CA GLY B 1024 0.23 27.87 -36.18
C GLY B 1024 -0.52 26.82 -36.98
N ARG B 1025 0.02 25.62 -37.11
CA ARG B 1025 -0.64 24.55 -37.84
C ARG B 1025 -1.85 24.03 -37.07
N LYS B 1026 -2.86 23.59 -37.81
CA LYS B 1026 -4.00 22.92 -37.21
C LYS B 1026 -3.58 21.60 -36.56
N ILE B 1027 -4.18 21.30 -35.42
CA ILE B 1027 -4.04 19.98 -34.83
C ILE B 1027 -4.90 19.01 -35.62
N ASN B 1028 -4.32 17.86 -35.97
CA ASN B 1028 -5.03 16.88 -36.80
C ASN B 1028 -6.20 16.26 -36.04
N ALA B 1029 -6.02 15.97 -34.76
CA ALA B 1029 -7.07 15.40 -33.95
C ALA B 1029 -7.82 16.52 -33.22
N GLN B 1030 -9.14 16.52 -33.35
CA GLN B 1030 -9.95 17.51 -32.65
C GLN B 1030 -9.98 17.22 -31.16
N VAL B 1031 -10.05 18.27 -30.37
CA VAL B 1031 -9.73 18.19 -28.95
C VAL B 1031 -10.91 18.68 -28.12
N PHE B 1032 -10.95 18.22 -26.88
CA PHE B 1032 -12.08 18.42 -25.99
C PHE B 1032 -11.75 19.55 -25.02
N LEU B 1033 -12.46 20.67 -25.18
CA LEU B 1033 -12.21 21.87 -24.38
C LEU B 1033 -13.52 22.30 -23.73
N GLY B 1034 -13.40 22.95 -22.56
CA GLY B 1034 -14.55 23.51 -21.88
C GLY B 1034 -14.25 23.86 -20.45
N PRO B 1035 -15.17 24.57 -19.79
CA PRO B 1035 -14.94 24.99 -18.40
C PRO B 1035 -15.32 23.95 -17.37
N THR B 1036 -14.38 23.62 -16.49
CA THR B 1036 -14.62 22.77 -15.33
C THR B 1036 -14.35 23.57 -14.06
N TYR B 1037 -14.38 22.88 -12.93
CA TYR B 1037 -14.15 23.47 -11.62
C TYR B 1037 -12.96 22.79 -10.99
N TYR B 1038 -11.84 23.49 -10.90
CA TYR B 1038 -10.64 22.91 -10.30
C TYR B 1038 -10.31 23.58 -8.97
N GLN B 1039 -9.73 22.79 -8.07
CA GLN B 1039 -9.40 23.21 -6.72
C GLN B 1039 -7.90 23.21 -6.54
N ARG B 1040 -7.35 24.31 -6.05
CA ARG B 1040 -5.96 24.33 -5.63
C ARG B 1040 -5.85 23.69 -4.26
N LEU B 1041 -4.83 22.86 -4.08
CA LEU B 1041 -4.61 22.20 -2.80
C LEU B 1041 -3.48 22.88 -2.04
N LYS B 1042 -3.41 22.58 -0.75
CA LYS B 1042 -2.49 23.27 0.14
C LYS B 1042 -1.06 22.75 0.04
N HIS B 1043 -0.81 21.69 -0.74
CA HIS B 1043 0.51 21.07 -0.79
C HIS B 1043 1.35 21.76 -1.87
N MET B 1044 1.85 22.94 -1.53
CA MET B 1044 2.79 23.63 -2.41
C MET B 1044 4.18 23.00 -2.27
N VAL B 1045 5.04 23.30 -3.25
CA VAL B 1045 6.40 22.78 -3.21
C VAL B 1045 7.32 23.61 -2.32
N ASP B 1046 6.96 24.87 -2.04
CA ASP B 1046 7.78 25.69 -1.16
C ASP B 1046 7.70 25.24 0.29
N ASP B 1047 6.61 24.58 0.67
CA ASP B 1047 6.47 23.99 1.99
C ASP B 1047 7.01 22.57 2.05
N LYS B 1048 7.55 22.06 0.94
CA LYS B 1048 8.03 20.68 0.89
C LYS B 1048 9.47 20.54 0.42
N ILE B 1049 10.06 21.55 -0.20
CA ILE B 1049 11.43 21.44 -0.68
C ILE B 1049 12.38 21.50 0.50
N HIS B 1050 13.41 20.64 0.47
CA HIS B 1050 14.37 20.57 1.56
C HIS B 1050 15.71 20.11 1.01
N SER B 1051 16.78 20.70 1.55
CA SER B 1051 18.13 20.28 1.21
C SER B 1051 19.00 20.48 2.44
N ARG B 1052 20.11 19.74 2.50
CA ARG B 1052 21.00 19.81 3.65
C ARG B 1052 22.40 19.38 3.22
N ALA B 1053 23.39 20.21 3.54
CA ALA B 1053 24.79 19.82 3.36
C ALA B 1053 25.41 19.38 4.67
N ARG B 1054 25.46 20.28 5.66
CA ARG B 1054 25.93 19.98 7.00
C ARG B 1054 25.22 20.94 7.94
N GLY B 1055 24.75 20.43 9.08
CA GLY B 1055 24.01 21.24 10.02
C GLY B 1055 24.05 20.70 11.43
N PRO B 1056 22.95 20.86 12.16
CA PRO B 1056 22.89 20.37 13.53
C PRO B 1056 22.82 18.85 13.58
N VAL B 1057 23.26 18.30 14.71
CA VAL B 1057 23.18 16.87 14.98
C VAL B 1057 22.46 16.67 16.30
N GLN B 1058 22.03 15.44 16.54
CA GLN B 1058 21.39 15.10 17.79
C GLN B 1058 22.40 15.10 18.93
N ILE B 1059 21.90 15.33 20.15
CA ILE B 1059 22.78 15.39 21.30
C ILE B 1059 23.11 14.02 21.87
N LEU B 1060 22.44 12.97 21.42
CA LEU B 1060 22.66 11.62 21.93
C LEU B 1060 23.49 10.77 20.98
N VAL B 1061 23.03 10.62 19.73
CA VAL B 1061 23.71 9.74 18.78
C VAL B 1061 24.60 10.48 17.79
N ARG B 1062 24.57 11.82 17.81
CA ARG B 1062 25.33 12.70 16.90
C ARG B 1062 25.04 12.38 15.43
N GLN B 1063 23.77 12.12 15.14
CA GLN B 1063 23.23 11.93 13.81
C GLN B 1063 22.36 13.13 13.45
N PRO B 1064 22.11 13.38 12.16
CA PRO B 1064 21.30 14.54 11.76
C PRO B 1064 19.87 14.49 12.28
N MET B 1065 19.26 15.68 12.31
CA MET B 1065 18.01 15.92 13.02
C MET B 1065 16.81 15.38 12.23
N GLU B 1066 15.61 15.73 12.69
CA GLU B 1066 14.36 15.30 12.06
C GLU B 1066 13.60 16.51 11.54
N GLY B 1067 13.20 16.46 10.29
CA GLY B 1067 12.26 17.42 9.77
C GLY B 1067 12.91 18.59 9.04
N ARG B 1068 12.07 19.31 8.29
CA ARG B 1068 12.52 20.53 7.62
C ARG B 1068 12.76 21.65 8.61
N ALA B 1069 11.93 21.73 9.66
CA ALA B 1069 12.00 22.85 10.59
C ALA B 1069 13.24 22.79 11.46
N ARG B 1070 13.75 21.59 11.73
CA ARG B 1070 14.96 21.43 12.52
C ARG B 1070 16.20 21.23 11.66
N ASP B 1071 16.06 21.38 10.34
CA ASP B 1071 17.13 21.24 9.34
C ASP B 1071 17.77 19.85 9.43
N GLY B 1072 16.94 18.83 9.28
CA GLY B 1072 17.37 17.46 9.42
C GLY B 1072 17.62 16.78 8.08
N GLY B 1073 18.49 15.77 8.11
CA GLY B 1073 18.80 15.02 6.91
C GLY B 1073 17.77 13.97 6.59
N LEU B 1074 17.98 13.31 5.46
CA LEU B 1074 17.06 12.27 5.01
C LEU B 1074 17.39 10.94 5.67
N ARG B 1075 16.36 10.11 5.80
CA ARG B 1075 16.46 8.82 6.48
C ARG B 1075 16.91 7.76 5.48
N PHE B 1076 18.17 7.38 5.55
CA PHE B 1076 18.69 6.27 4.74
C PHE B 1076 18.33 4.97 5.45
N GLY B 1077 17.10 4.53 5.22
CA GLY B 1077 16.52 3.45 6.00
C GLY B 1077 17.06 2.08 5.65
N GLU B 1078 16.34 1.06 6.13
CA GLU B 1078 16.80 -0.32 5.97
C GLU B 1078 16.72 -0.78 4.53
N MET B 1079 15.65 -0.42 3.82
CA MET B 1079 15.46 -0.88 2.45
C MET B 1079 16.48 -0.27 1.49
N GLU B 1080 16.93 0.95 1.78
CA GLU B 1080 18.04 1.54 1.04
C GLU B 1080 19.32 0.73 1.22
N ARG B 1081 19.58 0.29 2.45
CA ARG B 1081 20.71 -0.59 2.72
C ARG B 1081 20.57 -1.93 2.00
N ASP B 1082 19.33 -2.43 1.92
CA ASP B 1082 19.05 -3.69 1.24
C ASP B 1082 19.39 -3.61 -0.25
N CYS B 1083 18.89 -2.57 -0.92
CA CYS B 1083 19.14 -2.48 -2.36
C CYS B 1083 20.52 -1.91 -2.67
N GLN B 1084 21.19 -1.28 -1.71
CA GLN B 1084 22.59 -0.96 -1.93
C GLN B 1084 23.47 -2.19 -1.76
N ILE B 1085 23.03 -3.13 -0.92
CA ILE B 1085 23.65 -4.46 -0.90
C ILE B 1085 23.40 -5.17 -2.22
N SER B 1086 22.18 -5.05 -2.76
CA SER B 1086 21.83 -5.68 -4.03
C SER B 1086 22.62 -5.11 -5.20
N HIS B 1087 22.98 -3.82 -5.15
CA HIS B 1087 23.85 -3.25 -6.17
C HIS B 1087 25.29 -3.72 -6.02
N GLY B 1088 25.68 -4.21 -4.85
CA GLY B 1088 27.06 -4.61 -4.64
C GLY B 1088 28.02 -3.46 -4.47
N ALA B 1089 27.54 -2.30 -4.04
CA ALA B 1089 28.38 -1.13 -3.83
C ALA B 1089 28.73 -1.04 -2.35
N ALA B 1090 29.96 -1.43 -2.02
CA ALA B 1090 30.40 -1.36 -0.64
C ALA B 1090 30.76 0.06 -0.23
N GLN B 1091 31.32 0.84 -1.15
CA GLN B 1091 31.81 2.17 -0.78
C GLN B 1091 30.67 3.17 -0.61
N PHE B 1092 29.60 3.05 -1.39
CA PHE B 1092 28.44 3.91 -1.17
C PHE B 1092 27.76 3.59 0.15
N LEU B 1093 27.71 2.31 0.54
CA LEU B 1093 27.20 1.92 1.84
C LEU B 1093 28.06 2.46 2.98
N ARG B 1094 29.38 2.35 2.82
CA ARG B 1094 30.29 2.88 3.84
C ARG B 1094 30.23 4.40 3.92
N GLU B 1095 29.95 5.07 2.80
CA GLU B 1095 29.81 6.52 2.84
C GLU B 1095 28.51 6.92 3.53
N ARG B 1096 27.38 6.40 3.06
CA ARG B 1096 26.08 6.79 3.60
C ARG B 1096 25.82 6.27 5.00
N LEU B 1097 26.58 5.27 5.46
CA LEU B 1097 26.35 4.73 6.79
C LEU B 1097 27.53 4.90 7.74
N PHE B 1098 28.65 5.42 7.29
CA PHE B 1098 29.67 5.79 8.25
C PHE B 1098 30.26 7.18 8.01
N GLU B 1099 30.45 7.57 6.75
CA GLU B 1099 31.24 8.76 6.48
C GLU B 1099 30.44 10.05 6.64
N VAL B 1100 29.19 10.07 6.19
CA VAL B 1100 28.42 11.30 6.23
C VAL B 1100 27.26 11.17 7.21
N SER B 1101 27.37 10.26 8.18
CA SER B 1101 26.36 10.22 9.23
C SER B 1101 26.94 10.52 10.60
N ASP B 1102 27.91 9.74 11.08
CA ASP B 1102 28.48 9.92 12.42
C ASP B 1102 29.82 9.21 12.57
N PRO B 1103 30.90 9.72 11.98
CA PRO B 1103 32.21 9.09 12.20
C PRO B 1103 32.73 9.38 13.59
N TYR B 1104 33.51 8.44 14.13
CA TYR B 1104 34.11 8.63 15.43
C TYR B 1104 35.37 7.80 15.53
N ARG B 1105 36.29 8.24 16.40
CA ARG B 1105 37.54 7.55 16.65
C ARG B 1105 37.62 7.24 18.14
N VAL B 1106 37.92 5.98 18.48
CA VAL B 1106 38.01 5.56 19.86
C VAL B 1106 39.37 4.88 20.05
N HIS B 1107 39.85 4.87 21.28
CA HIS B 1107 41.12 4.24 21.62
C HIS B 1107 40.83 2.99 22.45
N ILE B 1108 41.35 1.85 21.99
CA ILE B 1108 40.98 0.54 22.50
C ILE B 1108 42.23 -0.17 22.99
N CYS B 1109 42.16 -0.71 24.20
CA CYS B 1109 43.23 -1.56 24.72
C CYS B 1109 43.32 -2.84 23.91
N ASN B 1110 44.55 -3.25 23.58
CA ASN B 1110 44.73 -4.44 22.77
C ASN B 1110 44.42 -5.72 23.54
N PHE B 1111 44.78 -5.76 24.83
CA PHE B 1111 44.57 -6.96 25.63
C PHE B 1111 43.11 -7.15 26.00
N CYS B 1112 42.43 -6.07 26.42
CA CYS B 1112 41.08 -6.18 26.94
C CYS B 1112 40.01 -5.91 25.91
N GLY B 1113 40.31 -5.12 24.88
CA GLY B 1113 39.33 -4.85 23.84
C GLY B 1113 38.26 -3.84 24.20
N LEU B 1114 38.42 -3.11 25.29
CA LEU B 1114 37.44 -2.12 25.72
C LEU B 1114 37.98 -0.71 25.47
N ILE B 1115 37.14 0.28 25.76
CA ILE B 1115 37.48 1.68 25.52
C ILE B 1115 38.47 2.15 26.56
N ALA B 1116 39.58 2.72 26.10
CA ALA B 1116 40.69 3.12 26.94
C ALA B 1116 40.77 4.64 27.07
N ILE B 1117 41.40 5.08 28.15
CA ILE B 1117 41.60 6.51 28.41
C ILE B 1117 42.66 7.04 27.45
N ALA B 1118 42.34 8.13 26.75
CA ALA B 1118 43.25 8.72 25.79
C ALA B 1118 43.29 10.23 26.00
N ASN B 1119 44.38 10.72 26.60
CA ASN B 1119 44.61 12.15 26.74
C ASN B 1119 45.42 12.61 25.54
N LEU B 1120 44.78 13.40 24.68
CA LEU B 1120 45.38 13.80 23.41
C LEU B 1120 46.30 15.02 23.54
N ARG B 1121 46.29 15.71 24.69
CA ARG B 1121 47.13 16.89 24.85
C ARG B 1121 48.59 16.50 25.09
N ASN B 1122 48.84 15.72 26.15
CA ASN B 1122 50.17 15.22 26.44
C ASN B 1122 50.45 13.89 25.74
N ASN B 1123 49.50 13.39 24.96
CA ASN B 1123 49.61 12.16 24.15
C ASN B 1123 49.90 10.94 25.03
N THR B 1124 48.99 10.70 25.97
CA THR B 1124 49.11 9.56 26.88
C THR B 1124 47.89 8.66 26.71
N PHE B 1125 48.11 7.36 26.87
CA PHE B 1125 47.06 6.36 26.81
C PHE B 1125 47.15 5.46 28.01
N GLU B 1126 46.00 5.12 28.60
CA GLU B 1126 45.98 4.31 29.80
C GLU B 1126 44.68 3.53 29.86
N CYS B 1127 44.79 2.21 30.03
CA CYS B 1127 43.64 1.35 30.27
C CYS B 1127 43.59 1.03 31.76
N LYS B 1128 42.49 1.40 32.41
CA LYS B 1128 42.37 1.20 33.85
C LYS B 1128 42.21 -0.26 34.21
N GLY B 1129 41.48 -1.03 33.39
CA GLY B 1129 41.24 -2.42 33.70
C GLY B 1129 42.40 -3.36 33.41
N CYS B 1130 43.42 -2.90 32.69
CA CYS B 1130 44.55 -3.75 32.34
C CYS B 1130 45.89 -3.19 32.77
N LYS B 1131 45.94 -1.95 33.28
CA LYS B 1131 47.17 -1.22 33.59
C LYS B 1131 48.11 -1.16 32.39
N ASN B 1132 47.54 -0.91 31.22
CA ASN B 1132 48.28 -0.88 29.97
C ASN B 1132 48.49 0.56 29.53
N LYS B 1133 49.73 0.90 29.17
CA LYS B 1133 50.09 2.24 28.75
C LYS B 1133 50.54 2.34 27.30
N THR B 1134 51.00 1.23 26.71
CA THR B 1134 51.60 1.25 25.39
C THR B 1134 50.74 0.61 24.32
N GLN B 1135 50.22 -0.60 24.57
CA GLN B 1135 49.52 -1.36 23.54
C GLN B 1135 48.08 -0.88 23.44
N ILE B 1136 47.93 0.29 22.82
CA ILE B 1136 46.63 0.94 22.64
C ILE B 1136 46.46 1.24 21.15
N SER B 1137 45.38 0.75 20.55
CA SER B 1137 45.09 0.97 19.15
C SER B 1137 43.98 2.00 19.01
N GLN B 1138 43.76 2.42 17.76
CA GLN B 1138 42.78 3.45 17.44
C GLN B 1138 41.84 2.89 16.37
N VAL B 1139 40.54 3.01 16.62
CA VAL B 1139 39.52 2.38 15.79
C VAL B 1139 38.51 3.44 15.36
N ARG B 1140 38.27 3.55 14.06
CA ARG B 1140 37.22 4.40 13.53
C ARG B 1140 35.93 3.58 13.41
N LEU B 1141 34.82 4.16 13.85
CA LEU B 1141 33.57 3.43 13.97
C LEU B 1141 32.42 4.45 13.99
N PRO B 1142 31.20 4.02 13.69
CA PRO B 1142 30.05 4.91 13.89
C PRO B 1142 29.82 5.21 15.36
N TYR B 1143 29.26 6.39 15.62
CA TYR B 1143 28.99 6.80 16.99
C TYR B 1143 27.87 5.98 17.62
N ALA B 1144 26.89 5.57 16.80
CA ALA B 1144 25.81 4.73 17.29
C ALA B 1144 26.31 3.37 17.75
N ALA B 1145 27.35 2.84 17.09
CA ALA B 1145 28.00 1.63 17.56
C ALA B 1145 28.68 1.84 18.91
N LYS B 1146 29.23 3.04 19.13
CA LYS B 1146 29.85 3.33 20.42
C LYS B 1146 28.81 3.42 21.54
N LEU B 1147 27.66 4.06 21.28
CA LEU B 1147 26.58 4.03 22.26
C LEU B 1147 26.04 2.62 22.47
N LEU B 1148 26.00 1.81 21.42
CA LEU B 1148 25.58 0.42 21.57
C LEU B 1148 26.54 -0.34 22.48
N PHE B 1149 27.84 -0.12 22.30
CA PHE B 1149 28.83 -0.82 23.13
C PHE B 1149 28.80 -0.32 24.57
N GLN B 1150 28.61 0.98 24.77
CA GLN B 1150 28.55 1.49 26.13
C GLN B 1150 27.26 1.10 26.84
N GLU B 1151 26.15 1.04 26.11
CA GLU B 1151 24.90 0.55 26.69
C GLU B 1151 24.99 -0.93 27.03
N LEU B 1152 25.68 -1.72 26.19
CA LEU B 1152 25.92 -3.12 26.52
C LEU B 1152 26.89 -3.26 27.70
N MET B 1153 27.82 -2.32 27.84
CA MET B 1153 28.67 -2.32 29.03
C MET B 1153 27.87 -1.96 30.27
N SER B 1154 26.77 -1.22 30.12
CA SER B 1154 25.82 -1.06 31.21
C SER B 1154 24.91 -2.27 31.39
N MET B 1155 24.89 -3.19 30.43
CA MET B 1155 24.15 -4.45 30.51
C MET B 1155 24.97 -5.59 31.10
N ASN B 1156 26.12 -5.27 31.72
CA ASN B 1156 27.12 -6.24 32.19
C ASN B 1156 27.59 -7.18 31.07
N ILE B 1157 27.77 -6.61 29.88
CA ILE B 1157 28.27 -7.31 28.71
C ILE B 1157 29.57 -6.64 28.31
N ALA B 1158 30.57 -7.45 27.93
CA ALA B 1158 31.86 -6.93 27.47
C ALA B 1158 32.00 -7.18 25.98
N PRO B 1159 31.62 -6.23 25.12
CA PRO B 1159 31.87 -6.40 23.67
C PRO B 1159 33.32 -6.02 23.33
N ARG B 1160 34.22 -6.96 23.59
CA ARG B 1160 35.65 -6.71 23.42
C ARG B 1160 36.00 -6.71 21.94
N LEU B 1161 36.41 -5.55 21.44
CA LEU B 1161 36.79 -5.41 20.03
C LEU B 1161 38.24 -5.83 19.90
N MET B 1162 38.45 -7.11 19.58
CA MET B 1162 39.79 -7.65 19.44
C MET B 1162 40.44 -7.13 18.16
N VAL B 1163 41.18 -6.04 18.29
CA VAL B 1163 41.72 -5.36 17.11
C VAL B 1163 42.97 -6.06 16.57
N THR B 1164 43.58 -6.94 17.35
CA THR B 1164 44.77 -7.63 16.89
C THR B 1164 44.42 -8.83 16.00
N PRO C 1 13.42 32.19 -54.54
CA PRO C 1 14.21 32.40 -53.32
C PRO C 1 13.93 33.76 -52.70
N TYR C 2 12.89 34.44 -53.16
CA TYR C 2 12.61 35.81 -52.76
C TYR C 2 11.40 35.87 -51.85
N ALA C 3 11.05 37.10 -51.46
CA ALA C 3 9.99 37.34 -50.49
C ALA C 3 8.61 37.17 -51.12
N ASN C 4 7.61 37.06 -50.27
CA ASN C 4 6.23 37.02 -50.71
C ASN C 4 5.73 38.43 -51.03
N GLN C 5 4.50 38.52 -51.50
CA GLN C 5 3.82 39.79 -51.77
C GLN C 5 2.51 39.77 -50.99
N PRO C 6 2.53 40.09 -49.69
CA PRO C 6 1.32 39.98 -48.88
C PRO C 6 0.32 41.08 -49.21
N SER C 7 -0.92 40.67 -49.48
CA SER C 7 -2.01 41.59 -49.76
C SER C 7 -3.01 41.51 -48.61
N VAL C 8 -3.42 42.67 -48.10
CA VAL C 8 -4.30 42.74 -46.95
C VAL C 8 -5.61 43.40 -47.37
N GLN C 9 -6.72 42.83 -46.91
CA GLN C 9 -8.05 43.38 -47.14
C GLN C 9 -8.76 43.42 -45.80
N ILE C 10 -9.25 44.59 -45.41
CA ILE C 10 -9.85 44.80 -44.10
C ILE C 10 -11.35 44.71 -44.24
N THR C 11 -11.96 43.77 -43.53
CA THR C 11 -13.40 43.57 -43.60
C THR C 11 -14.15 44.39 -42.56
N GLU C 12 -13.54 44.67 -41.41
CA GLU C 12 -14.23 45.42 -40.38
C GLU C 12 -13.22 46.19 -39.55
N LEU C 13 -13.58 47.42 -39.17
CA LEU C 13 -12.75 48.21 -38.29
C LEU C 13 -13.64 49.03 -37.38
N THR C 14 -13.40 48.95 -36.07
CA THR C 14 -14.12 49.75 -35.10
C THR C 14 -13.14 50.20 -34.04
N ASP C 15 -13.65 50.80 -32.97
CA ASP C 15 -12.81 51.40 -31.95
C ASP C 15 -12.11 50.39 -31.05
N ASP C 16 -12.49 49.11 -31.10
CA ASP C 16 -11.82 48.12 -30.28
C ASP C 16 -11.59 46.79 -31.00
N ASN C 17 -11.78 46.71 -32.30
CA ASN C 17 -11.75 45.43 -32.99
C ASN C 17 -11.48 45.65 -34.47
N VAL C 18 -10.57 44.87 -35.03
CA VAL C 18 -10.30 44.89 -36.46
C VAL C 18 -10.38 43.46 -36.99
N LYS C 19 -11.02 43.29 -38.14
CA LYS C 19 -11.14 42.01 -38.82
C LYS C 19 -10.59 42.20 -40.23
N PHE C 20 -9.58 41.40 -40.58
CA PHE C 20 -8.95 41.54 -41.88
C PHE C 20 -8.47 40.19 -42.38
N VAL C 21 -8.06 40.16 -43.64
CA VAL C 21 -7.63 38.95 -44.33
C VAL C 21 -6.25 39.19 -44.91
N LEU C 22 -5.33 38.26 -44.66
CA LEU C 22 -4.02 38.25 -45.29
C LEU C 22 -4.04 37.33 -46.48
N GLU C 23 -3.54 37.81 -47.61
CA GLU C 23 -3.47 37.05 -48.85
C GLU C 23 -2.02 36.94 -49.29
N ASP C 24 -1.64 35.75 -49.78
CA ASP C 24 -0.33 35.46 -50.37
C ASP C 24 0.82 35.70 -49.39
N THR C 25 0.81 34.92 -48.31
CA THR C 25 1.91 34.91 -47.36
C THR C 25 1.99 33.54 -46.71
N GLU C 26 3.14 33.27 -46.09
CA GLU C 26 3.35 31.98 -45.46
C GLU C 26 2.64 31.92 -44.11
N LEU C 27 2.46 30.71 -43.61
CA LEU C 27 1.75 30.51 -42.35
C LEU C 27 2.61 30.90 -41.15
N SER C 28 3.94 30.76 -41.29
CA SER C 28 4.84 31.14 -40.20
C SER C 28 4.79 32.64 -39.96
N VAL C 29 4.69 33.43 -41.03
CA VAL C 29 4.61 34.88 -40.92
C VAL C 29 3.32 35.30 -40.21
N ALA C 30 2.20 34.67 -40.55
CA ALA C 30 0.93 35.01 -39.92
C ALA C 30 0.89 34.57 -38.45
N ASN C 31 1.42 33.39 -38.15
CA ASN C 31 1.46 32.92 -36.76
C ASN C 31 2.41 33.77 -35.92
N SER C 32 3.53 34.19 -36.50
CA SER C 32 4.45 35.08 -35.79
C SER C 32 3.86 36.47 -35.60
N LEU C 33 3.04 36.92 -36.56
CA LEU C 33 2.32 38.17 -36.37
C LEU C 33 1.33 38.06 -35.22
N ARG C 34 0.64 36.93 -35.12
CA ARG C 34 -0.26 36.69 -33.98
C ARG C 34 0.50 36.66 -32.66
N ARG C 35 1.67 36.03 -32.65
CA ARG C 35 2.49 35.95 -31.44
C ARG C 35 3.03 37.31 -31.04
N VAL C 36 3.44 38.13 -32.01
CA VAL C 36 3.96 39.45 -31.67
C VAL C 36 2.83 40.42 -31.33
N PHE C 37 1.59 40.15 -31.76
CA PHE C 37 0.48 40.95 -31.29
C PHE C 37 0.15 40.61 -29.84
N ILE C 38 0.21 39.33 -29.49
CA ILE C 38 -0.10 38.93 -28.12
C ILE C 38 1.04 39.31 -27.17
N ALA C 39 2.28 38.97 -27.53
CA ALA C 39 3.37 39.00 -26.56
C ALA C 39 4.23 40.26 -26.66
N GLU C 40 4.84 40.53 -27.80
CA GLU C 40 5.94 41.48 -27.87
C GLU C 40 5.50 42.87 -28.31
N THR C 41 4.21 43.14 -28.36
CA THR C 41 3.75 44.50 -28.65
C THR C 41 3.76 45.32 -27.36
N PRO C 42 4.49 46.43 -27.31
CA PRO C 42 4.64 47.17 -26.06
C PRO C 42 3.46 48.08 -25.77
N THR C 43 3.21 48.29 -24.48
CA THR C 43 2.19 49.22 -24.02
C THR C 43 2.60 49.71 -22.63
N LEU C 44 1.80 50.63 -22.08
CA LEU C 44 2.06 51.19 -20.76
C LEU C 44 1.14 50.52 -19.74
N ALA C 45 1.73 50.09 -18.62
CA ALA C 45 0.96 49.58 -17.49
C ALA C 45 1.69 49.96 -16.21
N ILE C 46 0.92 50.02 -15.13
CA ILE C 46 1.46 50.44 -13.84
C ILE C 46 2.33 49.33 -13.26
N ASP C 47 3.53 49.69 -12.82
CA ASP C 47 4.51 48.73 -12.33
C ASP C 47 5.10 49.07 -10.97
N TRP C 48 5.00 50.31 -10.50
CA TRP C 48 5.64 50.72 -9.25
C TRP C 48 4.56 51.33 -8.36
N VAL C 49 4.11 50.59 -7.34
CA VAL C 49 3.02 51.05 -6.48
C VAL C 49 3.56 51.25 -5.07
N GLN C 50 3.29 52.42 -4.48
CA GLN C 50 3.67 52.72 -3.11
C GLN C 50 2.44 53.21 -2.36
N LEU C 51 2.15 52.55 -1.25
CA LEU C 51 0.95 52.81 -0.45
C LEU C 51 1.33 53.57 0.82
N GLU C 52 0.60 54.65 1.09
CA GLU C 52 0.77 55.40 2.33
C GLU C 52 -0.37 55.23 3.30
N ALA C 53 -1.54 54.77 2.85
CA ALA C 53 -2.67 54.52 3.72
C ALA C 53 -3.50 53.41 3.10
N ASN C 54 -3.61 52.28 3.80
CA ASN C 54 -4.30 51.11 3.28
C ASN C 54 -5.23 50.53 4.33
N SER C 55 -6.10 51.36 4.89
CA SER C 55 -7.02 50.94 5.95
C SER C 55 -8.27 50.24 5.42
N THR C 56 -8.22 49.69 4.21
CA THR C 56 -9.37 49.01 3.61
C THR C 56 -9.37 47.53 4.00
N VAL C 57 -10.24 46.76 3.34
CA VAL C 57 -10.40 45.34 3.67
C VAL C 57 -9.57 44.42 2.81
N LEU C 58 -8.73 44.96 1.94
CA LEU C 58 -7.89 44.15 1.07
C LEU C 58 -6.42 44.48 1.31
N SER C 59 -5.55 43.52 1.00
CA SER C 59 -4.15 43.63 1.33
C SER C 59 -3.43 44.58 0.38
N ASP C 60 -2.15 44.80 0.65
CA ASP C 60 -1.34 45.72 -0.15
C ASP C 60 -1.08 45.16 -1.54
N GLU C 61 -0.63 43.90 -1.60
CA GLU C 61 -0.27 43.29 -2.87
C GLU C 61 -1.48 42.97 -3.72
N PHE C 62 -2.63 42.71 -3.08
CA PHE C 62 -3.88 42.52 -3.83
C PHE C 62 -4.30 43.79 -4.54
N LEU C 63 -4.18 44.93 -3.86
CA LEU C 63 -4.50 46.21 -4.49
C LEU C 63 -3.49 46.57 -5.56
N ALA C 64 -2.20 46.26 -5.33
CA ALA C 64 -1.20 46.51 -6.36
C ALA C 64 -1.43 45.64 -7.59
N HIS C 65 -1.86 44.40 -7.37
CA HIS C 65 -2.21 43.50 -8.48
C HIS C 65 -3.43 43.99 -9.24
N ARG C 66 -4.44 44.51 -8.54
CA ARG C 66 -5.63 45.00 -9.22
C ARG C 66 -5.36 46.29 -9.98
N ILE C 67 -4.53 47.16 -9.43
CA ILE C 67 -4.18 48.40 -10.11
C ILE C 67 -3.30 48.13 -11.32
N GLY C 68 -2.40 47.16 -11.21
CA GLY C 68 -1.47 46.87 -12.31
C GLY C 68 -2.10 46.28 -13.54
N LEU C 69 -3.30 45.73 -13.42
CA LEU C 69 -4.00 45.15 -14.56
C LEU C 69 -4.85 46.17 -15.32
N ILE C 70 -4.90 47.41 -14.86
CA ILE C 70 -5.74 48.43 -15.48
C ILE C 70 -5.10 48.89 -16.78
N PRO C 71 -5.79 48.80 -17.91
CA PRO C 71 -5.22 49.30 -19.17
C PRO C 71 -5.17 50.81 -19.20
N LEU C 72 -4.15 51.34 -19.85
CA LEU C 72 -3.93 52.77 -19.96
C LEU C 72 -3.83 53.17 -21.42
N ILE C 73 -4.39 54.34 -21.74
CA ILE C 73 -4.33 54.88 -23.10
C ILE C 73 -2.90 55.27 -23.40
N SER C 74 -2.24 54.53 -24.29
CA SER C 74 -0.82 54.71 -24.54
C SER C 74 -0.53 54.69 -26.03
N ASP C 75 -1.41 55.29 -26.83
CA ASP C 75 -1.22 55.27 -28.28
C ASP C 75 -0.12 56.24 -28.71
N ASP C 76 -0.11 57.44 -28.15
CA ASP C 76 0.80 58.49 -28.58
C ASP C 76 2.05 58.60 -27.72
N VAL C 77 2.22 57.72 -26.73
CA VAL C 77 3.24 57.88 -25.72
C VAL C 77 4.27 56.77 -25.75
N VAL C 78 3.85 55.53 -26.01
CA VAL C 78 4.70 54.36 -25.83
C VAL C 78 5.85 54.30 -26.85
N GLU C 79 5.71 54.97 -28.00
CA GLU C 79 6.80 54.97 -28.97
C GLU C 79 7.92 55.93 -28.60
N ARG C 80 7.67 56.86 -27.66
CA ARG C 80 8.69 57.81 -27.24
C ARG C 80 9.31 57.48 -25.91
N LEU C 81 8.57 56.80 -25.02
CA LEU C 81 9.13 56.43 -23.73
C LEU C 81 10.14 55.29 -23.90
N GLN C 82 11.19 55.34 -23.10
CA GLN C 82 12.19 54.28 -23.08
C GLN C 82 11.93 53.35 -21.89
N TYR C 83 12.60 52.21 -21.91
CA TYR C 83 12.55 51.31 -20.77
C TYR C 83 13.37 51.89 -19.63
N THR C 84 13.09 51.38 -18.43
CA THR C 84 13.85 51.81 -17.24
C THR C 84 15.31 51.37 -17.33
N ARG C 85 15.57 50.23 -17.95
CA ARG C 85 16.93 49.75 -18.13
C ARG C 85 17.70 50.54 -19.18
N ASP C 86 17.01 51.32 -20.02
CA ASP C 86 17.65 52.05 -21.10
C ASP C 86 17.75 53.55 -20.81
N CYS C 87 17.45 53.98 -19.59
CA CYS C 87 17.58 55.38 -19.22
C CYS C 87 18.84 55.61 -18.39
N ILE C 88 19.40 56.81 -18.52
CA ILE C 88 20.46 57.26 -17.61
C ILE C 88 19.90 57.73 -16.29
N CYS C 89 18.58 57.86 -16.18
CA CYS C 89 17.92 58.28 -14.96
C CYS C 89 17.99 57.18 -13.90
N LEU C 90 17.72 57.58 -12.66
CA LEU C 90 17.50 56.62 -11.59
C LEU C 90 16.17 56.81 -10.89
N ASP C 91 15.75 58.05 -10.64
CA ASP C 91 14.49 58.33 -9.93
C ASP C 91 13.38 58.68 -10.91
N PHE C 92 13.14 57.78 -11.87
CA PHE C 92 11.89 57.69 -12.65
C PHE C 92 11.59 58.98 -13.42
N CYS C 93 12.43 59.22 -14.44
CA CYS C 93 12.31 60.41 -15.27
C CYS C 93 10.98 60.43 -16.03
N PRO C 94 10.46 61.61 -16.37
CA PRO C 94 9.20 61.68 -17.13
C PRO C 94 9.28 61.08 -18.53
N GLU C 95 10.48 60.91 -19.10
CA GLU C 95 10.66 60.18 -20.34
C GLU C 95 10.85 58.69 -20.12
N CYS C 96 10.56 58.20 -18.91
CA CYS C 96 10.81 56.82 -18.52
C CYS C 96 9.57 56.19 -17.90
N SER C 97 8.74 57.02 -17.27
CA SER C 97 7.59 56.51 -16.53
C SER C 97 6.53 57.61 -16.45
N VAL C 98 5.32 57.21 -16.10
CA VAL C 98 4.18 58.12 -15.97
C VAL C 98 3.66 58.04 -14.54
N GLU C 99 3.51 59.19 -13.88
CA GLU C 99 3.10 59.23 -12.49
C GLU C 99 1.58 59.26 -12.36
N PHE C 100 1.05 58.39 -11.51
CA PHE C 100 -0.36 58.33 -11.14
C PHE C 100 -0.48 58.51 -9.64
N THR C 101 -1.56 59.14 -9.21
CA THR C 101 -1.86 59.33 -7.80
C THR C 101 -3.29 58.92 -7.51
N LEU C 102 -3.52 58.49 -6.27
CA LEU C 102 -4.87 58.19 -5.82
C LEU C 102 -4.97 58.57 -4.35
N ASP C 103 -6.07 59.22 -3.99
CA ASP C 103 -6.31 59.60 -2.59
C ASP C 103 -7.83 59.68 -2.40
N VAL C 104 -8.41 58.62 -1.85
CA VAL C 104 -9.85 58.54 -1.61
C VAL C 104 -10.07 58.22 -0.13
N LYS C 105 -10.80 59.08 0.55
CA LYS C 105 -11.25 58.83 1.91
C LYS C 105 -12.76 58.81 1.94
N CYS C 106 -13.34 57.75 2.48
CA CYS C 106 -14.78 57.61 2.54
C CYS C 106 -15.29 58.15 3.87
N SER C 107 -16.13 59.18 3.80
CA SER C 107 -16.71 59.79 4.99
C SER C 107 -18.23 59.74 4.98
N GLU C 108 -18.84 59.00 4.05
CA GLU C 108 -20.28 58.88 3.95
C GLU C 108 -20.73 57.51 4.43
N GLU C 109 -22.01 57.42 4.77
CA GLU C 109 -22.56 56.17 5.31
C GLU C 109 -22.76 55.11 4.24
N GLN C 110 -22.83 55.49 2.98
CA GLN C 110 -23.02 54.52 1.91
C GLN C 110 -21.66 54.02 1.40
N THR C 111 -21.71 52.99 0.56
CA THR C 111 -20.50 52.38 0.05
C THR C 111 -19.86 53.27 -1.01
N ARG C 112 -18.58 53.53 -0.87
CA ARG C 112 -17.83 54.36 -1.81
C ARG C 112 -17.09 53.45 -2.79
N HIS C 113 -17.39 53.58 -4.07
CA HIS C 113 -16.79 52.74 -5.10
C HIS C 113 -15.58 53.48 -5.68
N VAL C 114 -14.39 53.09 -5.25
CA VAL C 114 -13.16 53.65 -5.79
C VAL C 114 -12.89 52.97 -7.13
N THR C 115 -12.99 53.74 -8.21
CA THR C 115 -12.83 53.29 -9.58
C THR C 115 -11.63 54.00 -10.21
N THR C 116 -11.47 53.84 -11.52
CA THR C 116 -10.36 54.43 -12.25
C THR C 116 -10.50 55.93 -12.45
N ALA C 117 -11.69 56.50 -12.20
CA ALA C 117 -11.84 57.95 -12.28
C ALA C 117 -11.11 58.67 -11.16
N ASP C 118 -10.83 57.98 -10.07
CA ASP C 118 -10.07 58.54 -8.96
C ASP C 118 -8.56 58.39 -9.14
N LEU C 119 -8.12 57.78 -10.23
CA LEU C 119 -6.70 57.58 -10.50
C LEU C 119 -6.21 58.72 -11.38
N LYS C 120 -5.69 59.76 -10.75
CA LYS C 120 -5.22 60.92 -11.49
C LYS C 120 -3.85 60.63 -12.09
N SER C 121 -3.57 61.28 -13.22
CA SER C 121 -2.32 61.07 -13.95
C SER C 121 -1.58 62.39 -14.11
N SER C 122 -0.25 62.33 -13.99
CA SER C 122 0.57 63.52 -14.20
C SER C 122 0.69 63.85 -15.68
N ASN C 123 0.56 62.86 -16.56
CA ASN C 123 0.63 63.06 -17.99
C ASN C 123 -0.78 63.21 -18.54
N ALA C 124 -0.97 64.21 -19.39
CA ALA C 124 -2.29 64.50 -19.95
C ALA C 124 -2.67 63.56 -21.10
N LYS C 125 -1.75 62.72 -21.57
CA LYS C 125 -2.05 61.79 -22.66
C LYS C 125 -2.22 60.36 -22.20
N VAL C 126 -1.69 60.00 -21.03
CA VAL C 126 -1.84 58.66 -20.49
C VAL C 126 -2.98 58.69 -19.49
N LEU C 127 -4.10 58.06 -19.84
CA LEU C 127 -5.27 57.99 -19.01
C LEU C 127 -5.77 56.55 -19.00
N PRO C 128 -6.55 56.16 -17.99
CA PRO C 128 -7.30 54.92 -18.08
C PRO C 128 -8.36 54.98 -19.16
N VAL C 129 -8.86 53.80 -19.55
CA VAL C 129 -9.71 53.67 -20.73
C VAL C 129 -11.08 54.32 -20.56
N THR C 130 -11.49 54.60 -19.32
CA THR C 130 -12.80 55.18 -19.03
C THR C 130 -12.92 56.65 -19.44
N SER C 131 -11.88 57.26 -20.01
CA SER C 131 -12.05 58.52 -20.71
C SER C 131 -12.94 58.37 -21.94
N ARG C 132 -12.98 57.17 -22.53
CA ARG C 132 -13.89 56.91 -23.63
C ARG C 132 -15.34 56.71 -23.16
N ASN C 133 -15.55 56.48 -21.87
CA ASN C 133 -16.86 56.14 -21.34
C ASN C 133 -17.56 57.29 -20.65
N GLN C 134 -16.83 58.26 -20.11
CA GLN C 134 -17.45 59.35 -19.37
C GLN C 134 -18.12 60.37 -20.28
N GLY C 135 -17.79 60.39 -21.56
CA GLY C 135 -18.38 61.31 -22.50
C GLY C 135 -19.70 60.88 -23.10
N GLU C 136 -20.23 59.71 -22.72
CA GLU C 136 -21.49 59.21 -23.25
C GLU C 136 -22.63 59.79 -22.42
N GLU C 137 -23.16 60.92 -22.88
CA GLU C 137 -24.32 61.54 -22.24
C GLU C 137 -25.63 61.08 -22.84
N ASP C 138 -25.60 60.13 -23.78
CA ASP C 138 -26.79 59.51 -24.35
C ASP C 138 -27.08 58.17 -23.70
N ASN C 139 -26.85 58.08 -22.39
CA ASN C 139 -26.86 56.81 -21.65
C ASN C 139 -28.30 56.33 -21.47
N GLU C 140 -28.82 55.68 -22.52
CA GLU C 140 -30.06 54.93 -22.43
C GLU C 140 -29.82 53.50 -21.98
N TYR C 141 -28.56 53.12 -21.73
CA TYR C 141 -28.25 51.80 -21.20
C TYR C 141 -28.72 51.66 -19.76
N GLY C 142 -28.81 52.78 -19.03
CA GLY C 142 -29.43 52.82 -17.72
C GLY C 142 -28.46 52.88 -16.55
N GLU C 143 -27.18 52.56 -16.77
CA GLU C 143 -26.20 52.50 -15.69
C GLU C 143 -25.00 53.36 -16.05
N SER C 144 -24.59 54.23 -15.13
CA SER C 144 -23.43 55.10 -15.32
C SER C 144 -22.15 54.51 -14.76
N ASN C 145 -22.20 53.33 -14.14
CA ASN C 145 -21.01 52.67 -13.60
C ASN C 145 -20.33 51.86 -14.70
N ASP C 146 -19.70 52.59 -15.62
CA ASP C 146 -18.96 52.00 -16.72
C ASP C 146 -17.47 52.00 -16.46
N GLU C 147 -17.04 52.24 -15.23
CA GLU C 147 -15.64 52.37 -14.90
C GLU C 147 -15.15 51.12 -14.17
N ILE C 148 -13.85 50.84 -14.32
CA ILE C 148 -13.25 49.66 -13.71
C ILE C 148 -13.22 49.86 -12.20
N LEU C 149 -13.92 48.99 -11.48
CA LEU C 149 -14.04 49.08 -10.03
C LEU C 149 -12.73 48.58 -9.41
N ILE C 150 -11.96 49.48 -8.83
CA ILE C 150 -10.74 49.06 -8.13
C ILE C 150 -11.09 48.44 -6.79
N ILE C 151 -11.86 49.15 -5.96
CA ILE C 151 -12.17 48.67 -4.61
C ILE C 151 -13.46 49.32 -4.13
N LYS C 152 -14.06 48.73 -3.10
CA LYS C 152 -15.17 49.33 -2.37
C LYS C 152 -14.72 49.67 -0.95
N LEU C 153 -15.20 50.79 -0.44
CA LEU C 153 -14.86 51.26 0.90
C LEU C 153 -16.13 51.54 1.68
N ARG C 154 -16.05 51.33 3.00
CA ARG C 154 -17.05 51.79 3.93
C ARG C 154 -16.53 53.03 4.64
N LYS C 155 -17.31 53.54 5.59
CA LYS C 155 -16.94 54.77 6.28
C LYS C 155 -15.78 54.55 7.23
N GLY C 156 -14.79 55.43 7.18
CA GLY C 156 -13.62 55.34 8.01
C GLY C 156 -12.40 54.74 7.34
N GLN C 157 -12.55 54.23 6.12
CA GLN C 157 -11.44 53.62 5.39
C GLN C 157 -10.93 54.59 4.33
N GLU C 158 -9.61 54.59 4.13
CA GLU C 158 -8.96 55.49 3.20
C GLU C 158 -7.94 54.73 2.37
N LEU C 159 -7.60 55.30 1.21
CA LEU C 159 -6.64 54.70 0.30
C LEU C 159 -5.86 55.82 -0.36
N LYS C 160 -4.57 55.89 -0.07
CA LYS C 160 -3.68 56.89 -0.65
C LYS C 160 -2.46 56.18 -1.22
N LEU C 161 -2.14 56.46 -2.48
CA LEU C 161 -1.07 55.73 -3.15
C LEU C 161 -0.48 56.55 -4.27
N ARG C 162 0.79 56.27 -4.54
CA ARG C 162 1.53 56.87 -5.64
C ARG C 162 2.09 55.75 -6.51
N ALA C 163 1.85 55.82 -7.81
CA ALA C 163 2.21 54.75 -8.71
C ALA C 163 2.92 55.30 -9.94
N TYR C 164 3.83 54.49 -10.49
CA TYR C 164 4.57 54.79 -11.70
C TYR C 164 4.30 53.70 -12.72
N ALA C 165 3.92 54.13 -13.92
CA ALA C 165 3.62 53.23 -15.03
C ALA C 165 4.79 53.22 -16.00
N LYS C 166 5.21 52.02 -16.38
CA LYS C 166 6.37 51.80 -17.23
C LYS C 166 5.94 51.19 -18.55
N LYS C 167 6.92 51.10 -19.47
CA LYS C 167 6.71 50.52 -20.78
C LYS C 167 7.19 49.07 -20.77
N GLY C 168 6.34 48.18 -21.26
CA GLY C 168 6.70 46.77 -21.33
C GLY C 168 5.77 46.03 -22.25
N PHE C 169 6.14 44.78 -22.54
CA PHE C 169 5.37 43.93 -23.43
C PHE C 169 4.92 42.68 -22.70
N GLY C 170 3.94 41.99 -23.28
CA GLY C 170 3.26 40.88 -22.64
C GLY C 170 4.10 39.64 -22.42
N LYS C 171 5.28 39.56 -23.06
CA LYS C 171 6.21 38.48 -22.77
C LYS C 171 6.75 38.58 -21.36
N GLU C 172 6.97 39.81 -20.87
CA GLU C 172 7.45 39.99 -19.51
C GLU C 172 6.36 39.73 -18.49
N HIS C 173 5.16 40.28 -18.71
CA HIS C 173 4.04 40.08 -17.80
C HIS C 173 2.75 40.33 -18.56
N ALA C 174 1.70 39.61 -18.18
CA ALA C 174 0.44 39.64 -18.91
C ALA C 174 -0.34 40.95 -18.71
N LYS C 175 0.07 41.81 -17.78
CA LYS C 175 -0.58 43.10 -17.64
C LYS C 175 -0.20 44.05 -18.77
N TRP C 176 0.87 43.76 -19.51
CA TRP C 176 1.27 44.53 -20.66
C TRP C 176 0.73 43.96 -21.96
N ASN C 177 -0.28 43.09 -21.89
CA ASN C 177 -0.87 42.52 -23.09
C ASN C 177 -1.83 43.53 -23.70
N PRO C 178 -1.60 43.99 -24.92
CA PRO C 178 -2.51 44.99 -25.50
C PRO C 178 -3.80 44.41 -26.07
N THR C 179 -3.80 43.14 -26.44
CA THR C 179 -4.97 42.53 -27.07
C THR C 179 -5.80 41.76 -26.06
N ALA C 180 -7.00 41.40 -26.48
CA ALA C 180 -7.95 40.66 -25.66
C ALA C 180 -8.46 39.45 -26.41
N GLY C 181 -7.58 38.78 -27.15
CA GLY C 181 -7.95 37.63 -27.94
C GLY C 181 -7.81 37.87 -29.43
N VAL C 182 -6.85 37.20 -30.05
CA VAL C 182 -6.59 37.32 -31.48
C VAL C 182 -7.12 36.06 -32.14
N CYS C 183 -8.25 36.17 -32.83
CA CYS C 183 -8.77 35.05 -33.59
C CYS C 183 -7.97 34.90 -34.88
N PHE C 184 -7.50 33.69 -35.14
CA PHE C 184 -6.64 33.42 -36.28
C PHE C 184 -7.10 32.13 -36.92
N GLU C 185 -7.44 32.17 -38.21
CA GLU C 185 -8.03 30.99 -38.84
C GLU C 185 -7.65 30.91 -40.31
N TYR C 186 -7.22 29.73 -40.76
CA TYR C 186 -6.96 29.51 -42.17
C TYR C 186 -7.71 28.27 -42.61
N ASP C 187 -8.09 28.25 -43.90
CA ASP C 187 -8.78 27.17 -44.60
C ASP C 187 -10.05 26.74 -43.86
N PRO C 188 -11.12 27.54 -43.89
CA PRO C 188 -12.31 27.20 -43.12
C PRO C 188 -13.10 26.02 -43.69
N ASP C 189 -12.89 25.66 -44.95
CA ASP C 189 -13.64 24.60 -45.59
C ASP C 189 -12.92 23.26 -45.53
N ASN C 190 -11.77 23.20 -44.84
CA ASN C 190 -10.94 21.99 -44.70
C ASN C 190 -10.54 21.41 -46.05
N SER C 191 -10.18 22.28 -46.99
CA SER C 191 -9.78 21.85 -48.32
C SER C 191 -8.39 21.23 -48.36
N MET C 192 -7.61 21.39 -47.28
CA MET C 192 -6.26 20.86 -47.23
C MET C 192 -6.13 19.62 -46.37
N ARG C 193 -7.20 19.25 -45.64
CA ARG C 193 -7.23 18.13 -44.70
C ARG C 193 -6.12 18.23 -43.66
N HIS C 194 -5.89 19.45 -43.16
CA HIS C 194 -4.96 19.62 -42.05
C HIS C 194 -5.52 19.07 -40.76
N THR C 195 -6.85 19.03 -40.62
CA THR C 195 -7.52 18.37 -39.51
C THR C 195 -8.53 17.39 -40.08
N LEU C 196 -8.80 16.33 -39.32
CA LEU C 196 -9.60 15.21 -39.79
C LEU C 196 -10.88 15.10 -38.97
N TYR C 197 -12.02 15.28 -39.62
CA TYR C 197 -13.31 15.17 -38.96
C TYR C 197 -13.81 13.73 -39.08
N PRO C 198 -14.06 13.04 -37.96
CA PRO C 198 -14.72 11.72 -38.05
C PRO C 198 -16.12 11.78 -38.63
N LYS C 199 -16.86 12.85 -38.36
CA LYS C 199 -18.17 13.08 -38.97
C LYS C 199 -18.23 14.55 -39.34
N PRO C 200 -18.00 14.90 -40.61
CA PRO C 200 -18.03 16.31 -41.01
C PRO C 200 -19.39 16.96 -40.93
N ASP C 201 -20.48 16.17 -40.91
CA ASP C 201 -21.81 16.75 -40.79
C ASP C 201 -22.13 17.24 -39.38
N GLU C 202 -21.34 16.86 -38.39
CA GLU C 202 -21.57 17.24 -37.01
C GLU C 202 -20.94 18.58 -36.64
N TRP C 203 -20.28 19.24 -37.58
CA TRP C 203 -19.50 20.43 -37.25
C TRP C 203 -20.16 21.68 -37.83
N PRO C 204 -20.33 22.72 -37.04
CA PRO C 204 -20.88 23.97 -37.57
C PRO C 204 -19.92 24.65 -38.53
N LYS C 205 -20.49 25.34 -39.50
CA LYS C 205 -19.69 26.02 -40.51
C LYS C 205 -19.09 27.30 -39.97
N SER C 206 -17.88 27.61 -40.43
CA SER C 206 -17.21 28.83 -40.02
C SER C 206 -17.87 30.04 -40.70
N GLU C 207 -17.59 31.22 -40.16
CA GLU C 207 -18.15 32.44 -40.72
C GLU C 207 -17.48 32.83 -42.03
N HIS C 208 -16.26 32.34 -42.29
CA HIS C 208 -15.56 32.61 -43.53
C HIS C 208 -15.66 31.46 -44.52
N THR C 209 -16.72 30.67 -44.43
CA THR C 209 -16.87 29.52 -45.30
C THR C 209 -17.30 29.95 -46.70
N GLU C 210 -17.14 29.02 -47.65
CA GLU C 210 -17.57 29.24 -49.02
C GLU C 210 -18.45 28.11 -49.53
N LEU C 211 -18.87 27.20 -48.64
CA LEU C 211 -19.68 26.05 -49.01
C LEU C 211 -21.15 26.36 -48.79
N GLU C 212 -22.00 25.71 -49.57
CA GLU C 212 -23.44 25.85 -49.39
C GLU C 212 -23.92 24.85 -48.35
N ASP C 213 -25.25 24.71 -48.22
CA ASP C 213 -25.82 24.09 -47.03
C ASP C 213 -25.69 22.57 -47.00
N ASP C 214 -25.80 21.91 -48.16
CA ASP C 214 -25.74 20.44 -48.16
C ASP C 214 -24.32 19.90 -48.25
N GLN C 215 -23.31 20.75 -48.43
CA GLN C 215 -21.92 20.33 -48.39
C GLN C 215 -21.32 20.65 -47.03
N TYR C 216 -20.31 19.87 -46.65
CA TYR C 216 -19.76 19.96 -45.30
C TYR C 216 -18.25 20.14 -45.35
N GLU C 217 -17.61 19.62 -46.39
CA GLU C 217 -16.18 19.79 -46.59
C GLU C 217 -15.91 20.08 -48.06
N ALA C 218 -14.89 20.90 -48.30
CA ALA C 218 -14.40 21.11 -49.64
C ALA C 218 -13.68 19.85 -50.14
N PRO C 219 -13.62 19.63 -51.46
CA PRO C 219 -12.82 18.51 -51.98
C PRO C 219 -11.34 18.69 -51.69
N TYR C 220 -10.66 17.55 -51.52
CA TYR C 220 -9.27 17.57 -51.11
C TYR C 220 -8.37 18.06 -52.23
N ASN C 221 -7.50 19.01 -51.92
CA ASN C 221 -6.58 19.60 -52.88
C ASN C 221 -5.17 19.46 -52.31
N TRP C 222 -4.42 18.49 -52.81
CA TRP C 222 -3.07 18.25 -52.30
C TRP C 222 -2.08 19.32 -52.75
N GLU C 223 -2.42 20.11 -53.76
CA GLU C 223 -1.55 21.18 -54.23
C GLU C 223 -1.68 22.46 -53.40
N ALA C 224 -2.65 22.53 -52.51
CA ALA C 224 -2.93 23.76 -51.79
C ALA C 224 -1.90 24.01 -50.70
N LYS C 225 -1.56 25.28 -50.53
CA LYS C 225 -0.68 25.80 -49.50
C LYS C 225 -1.39 26.94 -48.79
N PRO C 226 -1.15 27.15 -47.49
CA PRO C 226 -1.88 28.19 -46.76
C PRO C 226 -1.44 29.59 -47.15
N ASN C 227 -2.29 30.32 -47.87
CA ASN C 227 -1.98 31.69 -48.26
C ASN C 227 -3.14 32.65 -48.01
N LYS C 228 -4.15 32.25 -47.24
CA LYS C 228 -5.26 33.13 -46.89
C LYS C 228 -5.56 32.95 -45.42
N PHE C 229 -5.45 34.02 -44.66
CA PHE C 229 -5.55 33.97 -43.20
C PHE C 229 -6.53 35.02 -42.71
N PHE C 230 -7.46 34.60 -41.86
CA PHE C 230 -8.47 35.50 -41.31
C PHE C 230 -8.06 35.87 -39.90
N PHE C 231 -7.87 37.17 -39.68
CA PHE C 231 -7.45 37.73 -38.41
C PHE C 231 -8.56 38.56 -37.81
N ASN C 232 -8.73 38.45 -36.50
CA ASN C 232 -9.66 39.29 -35.73
C ASN C 232 -8.92 39.70 -34.47
N VAL C 233 -8.40 40.92 -34.48
CA VAL C 233 -7.64 41.46 -33.35
C VAL C 233 -8.57 42.34 -32.53
N GLU C 234 -8.80 41.95 -31.28
CA GLU C 234 -9.64 42.71 -30.36
C GLU C 234 -8.75 43.34 -29.29
N SER C 235 -8.92 44.64 -29.10
CA SER C 235 -8.11 45.38 -28.15
C SER C 235 -8.72 45.33 -26.76
N ALA C 236 -7.86 45.42 -25.75
CA ALA C 236 -8.29 45.52 -24.37
C ALA C 236 -8.47 46.95 -23.91
N GLY C 237 -8.31 47.93 -24.81
CA GLY C 237 -8.46 49.32 -24.48
C GLY C 237 -7.16 50.08 -24.32
N ALA C 238 -6.03 49.38 -24.23
CA ALA C 238 -4.76 50.06 -24.07
C ALA C 238 -4.33 50.75 -25.36
N LEU C 239 -4.47 50.07 -26.49
CA LEU C 239 -4.08 50.59 -27.79
C LEU C 239 -5.23 50.42 -28.77
N LYS C 240 -5.23 51.27 -29.79
CA LYS C 240 -6.13 51.04 -30.92
C LYS C 240 -5.65 49.80 -31.68
N PRO C 241 -6.58 49.00 -32.23
CA PRO C 241 -6.16 47.74 -32.88
C PRO C 241 -5.29 47.92 -34.11
N GLU C 242 -5.51 48.98 -34.89
CA GLU C 242 -4.60 49.28 -35.99
C GLU C 242 -3.22 49.66 -35.48
N ASN C 243 -3.15 50.34 -34.33
CA ASN C 243 -1.87 50.61 -33.70
C ASN C 243 -1.25 49.33 -33.17
N ILE C 244 -2.05 48.36 -32.73
CA ILE C 244 -1.54 47.06 -32.31
C ILE C 244 -0.86 46.36 -33.48
N VAL C 245 -1.50 46.37 -34.65
CA VAL C 245 -0.94 45.71 -35.82
C VAL C 245 0.32 46.43 -36.30
N VAL C 246 0.28 47.78 -36.35
CA VAL C 246 1.42 48.55 -36.84
C VAL C 246 2.63 48.41 -35.91
N MET C 247 2.40 48.51 -34.60
CA MET C 247 3.50 48.35 -33.65
C MET C 247 4.00 46.92 -33.59
N GLY C 248 3.14 45.92 -33.84
CA GLY C 248 3.61 44.54 -33.91
C GLY C 248 4.53 44.30 -35.10
N VAL C 249 4.16 44.84 -36.27
CA VAL C 249 5.03 44.73 -37.44
C VAL C 249 6.33 45.48 -37.23
N GLN C 250 6.27 46.63 -36.56
CA GLN C 250 7.49 47.41 -36.28
C GLN C 250 8.41 46.68 -35.31
N VAL C 251 7.84 46.02 -34.29
CA VAL C 251 8.66 45.25 -33.35
C VAL C 251 9.29 44.03 -34.03
N LEU C 252 8.54 43.38 -34.93
CA LEU C 252 9.11 42.26 -35.67
C LEU C 252 10.24 42.71 -36.59
N LYS C 253 10.08 43.86 -37.25
CA LYS C 253 11.13 44.39 -38.10
C LYS C 253 12.36 44.79 -37.30
N ASN C 254 12.16 45.36 -36.10
CA ASN C 254 13.28 45.71 -35.25
C ASN C 254 14.02 44.47 -34.75
N LYS C 255 13.30 43.40 -34.41
CA LYS C 255 13.94 42.16 -33.98
C LYS C 255 14.74 41.53 -35.10
N LEU C 256 14.19 41.51 -36.32
CA LEU C 256 14.91 40.94 -37.45
C LEU C 256 16.12 41.77 -37.83
N SER C 257 16.01 43.10 -37.73
CA SER C 257 17.15 43.96 -38.02
C SER C 257 18.24 43.83 -36.96
N ASN C 258 17.84 43.63 -35.69
CA ASN C 258 18.82 43.38 -34.65
C ASN C 258 19.53 42.06 -34.84
N LEU C 259 18.80 41.02 -35.26
CA LEU C 259 19.42 39.74 -35.58
C LEU C 259 20.38 39.86 -36.76
N GLN C 260 20.00 40.63 -37.77
CA GLN C 260 20.88 40.87 -38.91
C GLN C 260 22.14 41.61 -38.51
N THR C 261 22.00 42.62 -37.64
CA THR C 261 23.15 43.38 -37.17
C THR C 261 24.10 42.50 -36.35
N GLN C 262 23.54 41.63 -35.50
CA GLN C 262 24.39 40.75 -34.70
C GLN C 262 25.07 39.70 -35.57
N LEU C 263 24.39 39.22 -36.62
CA LEU C 263 25.02 38.26 -37.53
C LEU C 263 26.16 38.90 -38.31
N SER C 264 25.95 40.13 -38.81
CA SER C 264 26.99 40.83 -39.53
C SER C 264 28.14 41.23 -38.62
N HIS C 265 27.85 41.44 -37.33
CA HIS C 265 28.91 41.71 -36.37
C HIS C 265 29.75 40.46 -36.11
N GLU C 266 29.12 39.28 -36.02
CA GLU C 266 29.94 38.10 -35.77
C GLU C 266 30.55 37.56 -37.05
N SER C 267 30.15 38.08 -38.22
CA SER C 267 30.66 37.57 -39.50
C SER C 267 32.13 37.84 -39.70
N GLN C 268 32.68 38.88 -39.06
CA GLN C 268 34.08 39.24 -39.21
C GLN C 268 34.95 38.45 -38.22
N ASN C 269 34.96 37.14 -38.40
CA ASN C 269 35.76 36.25 -37.57
C ASN C 269 36.21 35.03 -38.37
N GLY D 1 49.45 -16.67 2.30
CA GLY D 1 48.97 -17.72 1.41
C GLY D 1 48.99 -17.32 -0.05
N GLY D 2 50.18 -16.99 -0.55
CA GLY D 2 50.33 -16.58 -1.93
C GLY D 2 50.24 -17.72 -2.91
N VAL D 3 49.14 -17.77 -3.67
CA VAL D 3 48.98 -18.78 -4.72
C VAL D 3 49.93 -18.47 -5.87
N PRO D 4 50.67 -19.44 -6.41
CA PRO D 4 51.54 -19.17 -7.55
C PRO D 4 50.76 -18.83 -8.81
N LYS D 5 51.47 -18.21 -9.75
CA LYS D 5 50.84 -17.69 -10.97
C LYS D 5 50.31 -18.80 -11.86
N SER D 6 50.99 -19.95 -11.92
CA SER D 6 50.51 -21.07 -12.71
C SER D 6 49.34 -21.79 -12.05
N LYS D 7 49.11 -21.58 -10.75
CA LYS D 7 48.08 -22.30 -10.01
C LYS D 7 46.84 -21.45 -9.76
N ARG D 8 46.70 -20.31 -10.43
CA ARG D 8 45.54 -19.46 -10.23
C ARG D 8 44.32 -20.05 -10.92
N ILE D 9 43.23 -20.20 -10.18
CA ILE D 9 42.03 -20.85 -10.67
C ILE D 9 40.87 -19.88 -10.84
N THR D 10 41.04 -18.62 -10.46
CA THR D 10 39.98 -17.64 -10.65
C THR D 10 39.88 -17.24 -12.12
N THR D 11 38.82 -16.49 -12.43
CA THR D 11 38.59 -16.08 -13.81
C THR D 11 39.61 -15.04 -14.24
N LYS D 12 39.92 -15.06 -15.53
CA LYS D 12 40.91 -14.17 -16.11
C LYS D 12 40.31 -12.87 -16.63
N TYR D 13 39.05 -12.60 -16.30
CA TYR D 13 38.27 -11.52 -16.88
C TYR D 13 37.81 -10.58 -15.77
N MET D 14 38.11 -9.29 -15.92
CA MET D 14 37.74 -8.31 -14.91
C MET D 14 36.25 -8.08 -14.92
N THR D 15 35.59 -8.38 -13.80
CA THR D 15 34.17 -8.12 -13.69
C THR D 15 33.96 -6.67 -13.27
N LYS D 16 32.67 -6.27 -13.15
CA LYS D 16 32.36 -4.86 -12.96
C LYS D 16 32.73 -4.36 -11.57
N TYR D 17 32.77 -5.25 -10.58
CA TYR D 17 33.10 -4.84 -9.23
C TYR D 17 34.58 -4.52 -9.08
N GLU D 18 35.45 -5.23 -9.79
CA GLU D 18 36.85 -4.83 -9.83
C GLU D 18 37.03 -3.54 -10.62
N ARG D 19 36.28 -3.40 -11.71
CA ARG D 19 36.44 -2.24 -12.59
C ARG D 19 36.04 -0.96 -11.90
N ALA D 20 34.95 -0.98 -11.12
CA ALA D 20 34.50 0.21 -10.42
C ALA D 20 35.50 0.70 -9.39
N ARG D 21 36.03 -0.21 -8.56
CA ARG D 21 36.96 0.23 -7.54
C ARG D 21 38.35 0.53 -8.09
N VAL D 22 38.78 -0.16 -9.16
CA VAL D 22 40.05 0.21 -9.80
C VAL D 22 39.95 1.59 -10.42
N LEU D 23 38.83 1.89 -11.10
CA LEU D 23 38.64 3.21 -11.69
C LEU D 23 38.53 4.30 -10.62
N GLY D 24 37.84 4.01 -9.51
CA GLY D 24 37.73 4.98 -8.44
C GLY D 24 39.05 5.25 -7.73
N THR D 25 39.80 4.20 -7.41
CA THR D 25 41.08 4.36 -6.74
C THR D 25 42.10 5.05 -7.65
N ARG D 26 42.09 4.71 -8.95
CA ARG D 26 43.00 5.37 -9.88
C ARG D 26 42.62 6.83 -10.09
N ALA D 27 41.31 7.13 -10.12
CA ALA D 27 40.88 8.52 -10.25
C ALA D 27 41.26 9.34 -9.02
N LEU D 28 41.15 8.74 -7.83
CA LEU D 28 41.60 9.41 -6.61
C LEU D 28 43.11 9.61 -6.60
N GLN D 29 43.86 8.65 -7.14
CA GLN D 29 45.32 8.79 -7.22
C GLN D 29 45.73 9.90 -8.19
N ILE D 30 45.09 9.97 -9.36
CA ILE D 30 45.39 11.04 -10.31
C ILE D 30 44.96 12.39 -9.75
N ALA D 31 43.84 12.44 -9.02
CA ALA D 31 43.43 13.67 -8.37
C ALA D 31 44.35 14.08 -7.23
N MET D 32 45.08 13.14 -6.63
CA MET D 32 46.09 13.46 -5.63
C MET D 32 47.49 13.54 -6.22
N CYS D 33 47.59 13.98 -7.48
CA CYS D 33 48.84 14.38 -8.14
C CYS D 33 49.83 13.24 -8.29
N ALA D 34 49.35 12.10 -8.75
CA ALA D 34 50.23 11.02 -9.16
C ALA D 34 50.67 11.25 -10.61
N PRO D 35 51.81 10.68 -11.01
CA PRO D 35 52.19 10.71 -12.43
C PRO D 35 51.18 9.95 -13.29
N ILE D 36 50.95 10.47 -14.49
CA ILE D 36 50.00 9.89 -15.44
C ILE D 36 50.80 9.03 -16.41
N MET D 37 50.42 7.74 -16.50
CA MET D 37 51.21 6.78 -17.27
C MET D 37 51.05 6.94 -18.78
N VAL D 38 50.00 7.61 -19.24
CA VAL D 38 49.74 7.74 -20.67
C VAL D 38 49.77 9.20 -21.08
N GLU D 39 49.60 9.46 -22.37
CA GLU D 39 49.54 10.81 -22.90
C GLU D 39 48.18 11.44 -22.61
N LEU D 40 48.09 12.74 -22.85
CA LEU D 40 46.88 13.50 -22.60
C LEU D 40 46.45 14.25 -23.86
N ASP D 41 45.14 14.36 -24.05
CA ASP D 41 44.57 15.10 -25.17
C ASP D 41 43.62 16.19 -24.71
N GLY D 42 43.75 16.65 -23.46
CA GLY D 42 42.90 17.69 -22.92
C GLY D 42 41.87 17.25 -21.91
N GLU D 43 41.94 16.00 -21.45
CA GLU D 43 40.99 15.53 -20.43
C GLU D 43 41.38 16.11 -19.07
N THR D 44 40.39 16.64 -18.36
CA THR D 44 40.62 17.25 -17.06
C THR D 44 40.03 16.47 -15.90
N ASP D 45 38.90 15.81 -16.10
CA ASP D 45 38.31 15.00 -15.05
C ASP D 45 39.12 13.72 -14.90
N PRO D 46 39.75 13.47 -13.74
CA PRO D 46 40.71 12.36 -13.63
C PRO D 46 40.10 10.98 -13.77
N LEU D 47 38.78 10.85 -13.65
CA LEU D 47 38.14 9.58 -13.94
C LEU D 47 38.18 9.26 -15.43
N GLN D 48 38.13 10.28 -16.29
CA GLN D 48 38.33 10.06 -17.72
C GLN D 48 39.75 9.60 -18.04
N ILE D 49 40.74 10.18 -17.36
CA ILE D 49 42.12 9.71 -17.49
C ILE D 49 42.26 8.29 -16.95
N ALA D 50 41.48 7.95 -15.92
CA ALA D 50 41.49 6.59 -15.38
C ALA D 50 40.99 5.57 -16.39
N MET D 51 39.88 5.85 -17.09
CA MET D 51 39.49 4.96 -18.19
C MET D 51 40.52 4.95 -19.32
N LYS D 52 41.10 6.12 -19.62
CA LYS D 52 42.00 6.24 -20.76
C LYS D 52 43.27 5.40 -20.56
N GLU D 53 43.79 5.37 -19.34
CA GLU D 53 44.91 4.48 -19.06
C GLU D 53 44.48 3.10 -18.59
N LEU D 54 43.19 2.86 -18.40
CA LEU D 54 42.71 1.48 -18.29
C LEU D 54 42.59 0.80 -19.65
N LYS D 55 42.38 1.56 -20.72
CA LYS D 55 42.31 0.96 -22.05
C LYS D 55 43.64 0.36 -22.49
N GLN D 56 44.75 1.02 -22.17
CA GLN D 56 46.06 0.52 -22.53
C GLN D 56 46.67 -0.40 -21.47
N LYS D 57 45.92 -0.69 -20.41
CA LYS D 57 46.32 -1.59 -19.32
C LYS D 57 47.62 -1.13 -18.65
N LYS D 58 47.67 0.16 -18.30
CA LYS D 58 48.86 0.78 -17.74
C LYS D 58 48.58 1.37 -16.37
N ILE D 59 47.88 0.62 -15.52
CA ILE D 59 47.51 1.06 -14.18
C ILE D 59 48.19 0.14 -13.18
N PRO D 60 48.97 0.66 -12.23
CA PRO D 60 49.71 -0.20 -11.29
C PRO D 60 48.90 -0.63 -10.08
N ILE D 61 47.92 -1.51 -10.30
CA ILE D 61 47.06 -2.04 -9.25
C ILE D 61 47.17 -3.55 -9.25
N ILE D 62 47.44 -4.14 -8.09
CA ILE D 62 47.38 -5.58 -7.90
C ILE D 62 46.08 -5.89 -7.16
N ILE D 63 45.20 -6.65 -7.80
CA ILE D 63 43.93 -7.03 -7.20
C ILE D 63 44.13 -8.33 -6.43
N ARG D 64 43.79 -8.31 -5.16
CA ARG D 64 43.96 -9.46 -4.27
C ARG D 64 42.59 -10.11 -4.09
N ARG D 65 42.31 -11.12 -4.91
CA ARG D 65 41.04 -11.81 -4.86
C ARG D 65 41.07 -12.86 -3.75
N TYR D 66 40.06 -12.85 -2.89
CA TYR D 66 40.02 -13.71 -1.71
C TYR D 66 39.12 -14.91 -1.98
N LEU D 67 39.70 -16.10 -1.95
CA LEU D 67 38.95 -17.33 -2.02
C LEU D 67 38.26 -17.59 -0.69
N PRO D 68 37.17 -18.39 -0.67
CA PRO D 68 36.45 -18.63 0.59
C PRO D 68 37.23 -19.38 1.65
N ASP D 69 38.32 -20.06 1.31
CA ASP D 69 39.17 -20.70 2.30
C ASP D 69 40.28 -19.78 2.81
N HIS D 70 40.06 -18.47 2.74
CA HIS D 70 40.96 -17.41 3.23
C HIS D 70 42.32 -17.41 2.54
N SER D 71 42.41 -17.97 1.35
CA SER D 71 43.59 -17.83 0.51
C SER D 71 43.32 -16.79 -0.57
N TYR D 72 44.39 -16.21 -1.09
CA TYR D 72 44.26 -15.07 -2.00
C TYR D 72 45.09 -15.30 -3.26
N GLU D 73 44.59 -14.77 -4.37
CA GLU D 73 45.28 -14.77 -5.65
C GLU D 73 45.51 -13.32 -6.07
N ASP D 74 46.74 -13.02 -6.48
CA ASP D 74 47.11 -11.68 -6.90
C ASP D 74 47.09 -11.61 -8.42
N TRP D 75 46.31 -10.68 -8.95
CA TRP D 75 46.20 -10.48 -10.40
C TRP D 75 46.58 -9.05 -10.74
N SER D 76 47.41 -8.88 -11.76
CA SER D 76 47.72 -7.54 -12.22
C SER D 76 46.60 -7.05 -13.14
N ILE D 77 46.68 -5.76 -13.48
CA ILE D 77 45.68 -5.16 -14.37
C ILE D 77 45.85 -5.69 -15.78
N ASP D 78 47.09 -5.75 -16.28
CA ASP D 78 47.34 -6.21 -17.64
C ASP D 78 47.12 -7.71 -17.80
N GLU D 79 47.13 -8.48 -16.71
CA GLU D 79 46.78 -9.89 -16.79
C GLU D 79 45.28 -10.10 -17.01
N LEU D 80 44.46 -9.16 -16.59
CA LEU D 80 43.02 -9.19 -16.83
C LEU D 80 42.70 -8.53 -18.18
N ILE D 81 41.54 -8.88 -18.71
CA ILE D 81 41.13 -8.44 -20.04
C ILE D 81 39.79 -7.72 -19.92
N MET D 82 39.72 -6.50 -20.46
CA MET D 82 38.57 -5.65 -20.31
C MET D 82 37.40 -6.17 -21.14
N VAL D 83 36.19 -6.05 -20.58
CA VAL D 83 34.96 -6.33 -21.32
C VAL D 83 33.88 -5.41 -20.79
N ASP D 84 33.00 -4.97 -21.68
CA ASP D 84 31.95 -4.04 -21.30
C ASP D 84 30.72 -4.22 -22.18
N ALA E 1 17.78 -0.12 -69.76
CA ALA E 1 18.93 -0.08 -68.88
C ALA E 1 18.50 0.11 -67.42
N GLY E 2 18.56 -0.96 -66.64
CA GLY E 2 18.15 -0.92 -65.25
C GLY E 2 16.70 -1.25 -65.01
N VAL E 3 15.92 -1.49 -66.06
CA VAL E 3 14.50 -1.81 -65.90
C VAL E 3 14.39 -3.29 -65.58
N LEU E 4 14.04 -3.60 -64.32
CA LEU E 4 13.88 -5.00 -63.94
C LEU E 4 12.57 -5.57 -64.47
N PHE E 5 11.52 -4.76 -64.56
CA PHE E 5 10.20 -5.26 -64.94
C PHE E 5 9.42 -4.13 -65.59
N GLU E 6 8.53 -4.49 -66.51
CA GLU E 6 7.69 -3.50 -67.18
C GLU E 6 6.46 -4.19 -67.74
N ASP E 7 5.28 -3.79 -67.28
CA ASP E 7 4.05 -4.41 -67.76
C ASP E 7 2.87 -3.48 -67.55
N ILE E 8 1.80 -3.75 -68.29
CA ILE E 8 0.54 -3.02 -68.17
C ILE E 8 -0.42 -3.87 -67.35
N PHE E 9 -0.96 -3.28 -66.28
CA PHE E 9 -1.74 -3.98 -65.28
C PHE E 9 -3.19 -3.51 -65.33
N ASN E 10 -4.11 -4.44 -65.10
CA ASN E 10 -5.52 -4.14 -64.90
C ASN E 10 -5.85 -4.37 -63.44
N VAL E 11 -6.56 -3.42 -62.84
CA VAL E 11 -7.02 -3.56 -61.46
C VAL E 11 -8.32 -4.35 -61.48
N LYS E 12 -8.35 -5.46 -60.72
CA LYS E 12 -9.53 -6.31 -60.69
C LYS E 12 -10.23 -6.36 -59.34
N ASP E 13 -9.57 -5.91 -58.28
CA ASP E 13 -10.20 -5.87 -56.96
C ASP E 13 -9.49 -4.82 -56.12
N MET E 14 -10.26 -3.89 -55.55
CA MET E 14 -9.72 -2.82 -54.72
C MET E 14 -10.31 -2.94 -53.33
N ASP E 15 -9.44 -3.16 -52.33
CA ASP E 15 -9.76 -3.39 -50.92
C ASP E 15 -10.79 -4.51 -50.76
N PRO E 16 -10.40 -5.77 -50.96
CA PRO E 16 -11.39 -6.85 -50.92
C PRO E 16 -11.96 -7.14 -49.54
N GLU E 17 -11.19 -6.88 -48.49
CA GLU E 17 -11.63 -7.13 -47.13
C GLU E 17 -12.09 -5.85 -46.43
N GLY E 18 -12.25 -4.78 -47.17
CA GLY E 18 -12.62 -3.50 -46.59
C GLY E 18 -11.42 -2.55 -46.51
N LYS E 19 -11.71 -1.26 -46.59
CA LYS E 19 -10.66 -0.24 -46.56
C LYS E 19 -10.25 0.00 -45.12
N LYS E 20 -9.03 -0.41 -44.78
CA LYS E 20 -8.57 -0.34 -43.40
C LYS E 20 -7.82 0.95 -43.07
N PHE E 21 -7.28 1.63 -44.07
CA PHE E 21 -6.54 2.87 -43.86
C PHE E 21 -7.16 3.98 -44.71
N ASP E 22 -7.10 5.20 -44.18
CA ASP E 22 -7.80 6.32 -44.80
C ASP E 22 -7.10 6.78 -46.08
N ARG E 23 -5.78 6.91 -46.05
CA ARG E 23 -5.03 7.45 -47.16
C ARG E 23 -4.33 6.39 -47.99
N VAL E 24 -4.61 5.11 -47.76
CA VAL E 24 -3.93 4.01 -48.44
C VAL E 24 -4.97 3.07 -49.03
N SER E 25 -4.84 2.79 -50.32
CA SER E 25 -5.69 1.80 -50.99
C SER E 25 -4.87 0.61 -51.43
N ARG E 26 -5.47 -0.57 -51.35
CA ARG E 26 -4.83 -1.81 -51.77
C ARG E 26 -5.40 -2.25 -53.11
N LEU E 27 -4.53 -2.49 -54.08
CA LEU E 27 -4.92 -2.85 -55.43
C LEU E 27 -4.48 -4.28 -55.72
N HIS E 28 -5.41 -5.09 -56.20
CA HIS E 28 -5.11 -6.41 -56.74
C HIS E 28 -5.16 -6.30 -58.26
N CYS E 29 -4.06 -6.67 -58.92
CA CYS E 29 -3.89 -6.40 -60.34
C CYS E 29 -3.38 -7.63 -61.06
N GLU E 30 -3.76 -7.75 -62.32
CA GLU E 30 -3.27 -8.80 -63.21
C GLU E 30 -2.79 -8.15 -64.51
N SER E 31 -1.70 -8.68 -65.05
CA SER E 31 -1.05 -8.03 -66.18
C SER E 31 -1.66 -8.48 -67.50
N GLU E 32 -1.00 -8.13 -68.60
CA GLU E 32 -1.45 -8.51 -69.94
C GLU E 32 -0.42 -9.33 -70.69
N SER E 33 0.85 -8.93 -70.68
CA SER E 33 1.86 -9.66 -71.43
C SER E 33 2.36 -10.88 -70.66
N PHE E 34 2.98 -10.65 -69.50
CA PHE E 34 3.46 -11.71 -68.63
C PHE E 34 2.44 -11.90 -67.53
N LYS E 35 1.91 -13.12 -67.38
CA LYS E 35 0.78 -13.36 -66.49
C LYS E 35 1.25 -13.29 -65.03
N MET E 36 1.28 -12.06 -64.52
CA MET E 36 1.71 -11.77 -63.17
C MET E 36 0.51 -11.50 -62.27
N ASP E 37 0.78 -11.51 -60.97
CA ASP E 37 -0.20 -11.14 -59.95
C ASP E 37 0.43 -10.09 -59.06
N LEU E 38 -0.30 -9.00 -58.81
CA LEU E 38 0.24 -7.87 -58.07
C LEU E 38 -0.70 -7.49 -56.94
N ILE E 39 -0.13 -7.29 -55.76
CA ILE E 39 -0.83 -6.65 -54.65
C ILE E 39 -0.01 -5.42 -54.28
N LEU E 40 -0.61 -4.25 -54.40
CA LEU E 40 0.14 -3.00 -54.25
C LEU E 40 -0.63 -2.01 -53.39
N ASP E 41 0.04 -1.45 -52.39
CA ASP E 41 -0.55 -0.41 -51.56
C ASP E 41 -0.10 0.95 -52.08
N ILE E 42 -1.07 1.80 -52.44
CA ILE E 42 -0.78 3.11 -52.99
C ILE E 42 -1.45 4.17 -52.13
N ASN E 43 -0.98 5.40 -52.30
CA ASN E 43 -1.59 6.55 -51.63
C ASN E 43 -2.93 6.86 -52.28
N SER E 44 -4.00 6.74 -51.51
CA SER E 44 -5.34 6.91 -52.06
C SER E 44 -5.64 8.38 -52.33
N TRP E 45 -5.24 9.26 -51.42
CA TRP E 45 -5.57 10.68 -51.58
C TRP E 45 -4.71 11.34 -52.64
N LEU E 46 -3.42 10.98 -52.70
CA LEU E 46 -2.50 11.64 -53.60
C LEU E 46 -2.66 11.16 -55.04
N TYR E 47 -3.00 9.89 -55.24
CA TYR E 47 -3.18 9.31 -56.58
C TYR E 47 -4.36 8.36 -56.56
N PRO E 48 -5.57 8.88 -56.65
CA PRO E 48 -6.76 8.01 -56.54
C PRO E 48 -6.99 7.20 -57.80
N MET E 49 -7.47 5.98 -57.60
CA MET E 49 -7.81 5.08 -58.69
C MET E 49 -9.15 4.42 -58.40
N GLU E 50 -9.76 3.89 -59.44
CA GLU E 50 -11.00 3.13 -59.32
C GLU E 50 -10.78 1.72 -59.84
N LEU E 51 -11.81 0.90 -59.72
CA LEU E 51 -11.72 -0.48 -60.19
C LEU E 51 -11.79 -0.52 -61.70
N GLY E 52 -11.03 -1.44 -62.29
CA GLY E 52 -11.01 -1.59 -63.73
C GLY E 52 -10.04 -0.69 -64.47
N ASP E 53 -9.22 0.07 -63.77
CA ASP E 53 -8.24 0.95 -64.41
C ASP E 53 -7.07 0.16 -64.96
N LYS E 54 -6.50 0.67 -66.04
CA LYS E 54 -5.25 0.17 -66.61
C LYS E 54 -4.12 1.12 -66.24
N PHE E 55 -2.97 0.56 -65.90
CA PHE E 55 -1.82 1.41 -65.64
C PHE E 55 -0.53 0.71 -66.03
N ARG E 56 0.40 1.48 -66.57
CA ARG E 56 1.73 0.97 -66.86
C ARG E 56 2.58 1.03 -65.60
N LEU E 57 3.26 -0.08 -65.31
CA LEU E 57 4.12 -0.20 -64.14
C LEU E 57 5.51 -0.62 -64.60
N VAL E 58 6.52 0.10 -64.11
CA VAL E 58 7.93 -0.18 -64.42
C VAL E 58 8.67 -0.29 -63.10
N LEU E 59 9.28 -1.43 -62.86
CA LEU E 59 10.11 -1.66 -61.68
C LEU E 59 11.56 -1.55 -62.14
N ALA E 60 12.24 -0.50 -61.68
CA ALA E 60 13.60 -0.21 -62.09
C ALA E 60 14.52 -0.27 -60.88
N THR E 61 15.83 -0.25 -61.14
CA THR E 61 16.80 -0.20 -60.06
C THR E 61 17.42 1.18 -59.88
N THR E 62 17.25 2.07 -60.86
CA THR E 62 17.74 3.44 -60.76
C THR E 62 16.92 4.31 -61.68
N LEU E 63 16.91 5.61 -61.38
CA LEU E 63 16.27 6.58 -62.26
C LEU E 63 17.21 7.08 -63.35
N ARG E 64 18.50 6.78 -63.26
CA ARG E 64 19.44 7.17 -64.30
C ARG E 64 19.22 6.34 -65.54
N GLU E 65 19.12 7.01 -66.69
CA GLU E 65 18.82 6.33 -67.94
C GLU E 65 20.02 5.60 -68.54
N ASP E 66 21.23 5.86 -68.06
CA ASP E 66 22.42 5.15 -68.51
C ASP E 66 22.73 3.92 -67.68
N GLY E 67 21.93 3.63 -66.65
CA GLY E 67 22.10 2.43 -65.86
C GLY E 67 23.00 2.57 -64.66
N CYS E 68 23.65 3.70 -64.47
CA CYS E 68 24.52 3.89 -63.31
C CYS E 68 23.67 4.06 -62.04
N PRO E 69 24.15 3.53 -60.90
CA PRO E 69 23.36 3.63 -59.67
C PRO E 69 23.33 5.04 -59.10
N ASP E 70 22.35 5.26 -58.24
CA ASP E 70 22.14 6.57 -57.65
C ASP E 70 23.08 6.79 -56.47
N SER E 71 23.02 7.98 -55.88
CA SER E 71 23.84 8.30 -54.71
C SER E 71 23.32 7.64 -53.45
N GLY E 72 22.03 7.36 -53.39
CA GLY E 72 21.42 6.74 -52.22
C GLY E 72 20.88 7.70 -51.20
N GLU E 73 21.16 9.00 -51.33
CA GLU E 73 20.62 10.01 -50.43
C GLU E 73 19.84 11.04 -51.24
N TYR E 74 18.80 11.58 -50.62
CA TYR E 74 17.85 12.44 -51.31
C TYR E 74 18.44 13.84 -51.51
N ASN E 75 18.30 14.36 -52.72
CA ASN E 75 18.45 15.78 -52.99
C ASN E 75 17.27 16.27 -53.83
N PRO E 76 16.79 17.51 -53.60
CA PRO E 76 15.63 17.98 -54.36
C PRO E 76 15.99 18.60 -55.70
N MET E 77 16.93 17.98 -56.41
CA MET E 77 17.39 18.43 -57.71
C MET E 77 17.06 17.44 -58.81
N GLU E 78 17.47 16.19 -58.67
CA GLU E 78 17.42 15.20 -59.73
C GLU E 78 16.22 14.27 -59.54
N HIS E 79 15.05 14.79 -59.91
CA HIS E 79 13.89 13.96 -60.17
C HIS E 79 13.27 14.28 -61.52
N GLU E 80 13.79 15.28 -62.22
CA GLU E 80 13.39 15.61 -63.59
C GLU E 80 14.58 15.39 -64.51
N GLY E 81 14.28 15.30 -65.81
CA GLY E 81 15.31 14.96 -66.77
C GLY E 81 15.70 13.50 -66.79
N THR E 82 14.91 12.64 -66.14
CA THR E 82 15.22 11.22 -66.03
C THR E 82 14.04 10.40 -66.51
N ARG E 83 14.06 9.09 -66.23
CA ARG E 83 12.97 8.20 -66.64
C ARG E 83 11.70 8.42 -65.83
N ALA E 84 11.74 9.18 -64.76
CA ALA E 84 10.56 9.47 -63.95
C ALA E 84 9.67 10.55 -64.53
N ASP E 85 10.11 11.23 -65.60
CA ASP E 85 9.29 12.27 -66.20
C ASP E 85 8.11 11.70 -66.96
N SER E 86 8.23 10.49 -67.48
CA SER E 86 7.17 9.86 -68.25
C SER E 86 6.14 9.17 -67.39
N PHE E 87 6.29 9.21 -66.07
CA PHE E 87 5.38 8.52 -65.16
C PHE E 87 4.86 9.50 -64.12
N GLU E 88 3.61 9.28 -63.70
CA GLU E 88 2.93 10.18 -62.78
C GLU E 88 3.03 9.77 -61.34
N TYR E 89 3.65 8.63 -61.03
CA TYR E 89 3.69 8.13 -59.66
C TYR E 89 5.00 7.37 -59.46
N VAL E 90 5.90 7.93 -58.66
CA VAL E 90 7.22 7.36 -58.44
C VAL E 90 7.36 7.02 -56.96
N MET E 91 7.79 5.79 -56.68
CA MET E 91 7.96 5.30 -55.33
C MET E 91 9.34 4.65 -55.20
N TYR E 92 9.78 4.47 -53.96
CA TYR E 92 11.12 3.94 -53.69
C TYR E 92 11.07 2.98 -52.51
N GLY E 93 11.64 1.80 -52.68
CA GLY E 93 11.62 0.81 -51.62
C GLY E 93 12.71 -0.22 -51.79
N LYS E 94 12.53 -1.35 -51.12
CA LYS E 94 13.46 -2.45 -51.28
C LYS E 94 12.75 -3.79 -51.08
N ILE E 95 13.35 -4.84 -51.65
CA ILE E 95 12.85 -6.20 -51.46
C ILE E 95 13.26 -6.66 -50.07
N TYR E 96 12.30 -7.18 -49.31
CA TYR E 96 12.66 -7.77 -48.02
C TYR E 96 12.62 -9.29 -48.00
N ARG E 97 11.89 -9.94 -48.91
CA ARG E 97 11.97 -11.38 -49.05
C ARG E 97 11.54 -11.79 -50.44
N ILE E 98 12.00 -12.98 -50.85
CA ILE E 98 11.58 -13.63 -52.08
C ILE E 98 11.15 -15.04 -51.74
N GLU E 99 9.87 -15.35 -51.94
CA GLU E 99 9.33 -16.66 -51.67
C GLU E 99 9.39 -17.51 -52.94
N GLY E 100 8.75 -18.67 -52.93
CA GLY E 100 8.67 -19.48 -54.12
C GLY E 100 9.35 -20.83 -53.98
N ASP E 101 10.41 -21.04 -54.77
CA ASP E 101 11.06 -22.35 -54.80
C ASP E 101 11.91 -22.60 -53.56
N GLU E 102 12.46 -21.54 -52.95
CA GLU E 102 13.42 -21.58 -51.84
C GLU E 102 14.60 -22.50 -52.14
N ALA E 103 14.59 -23.71 -51.58
CA ALA E 103 15.68 -24.65 -51.82
C ALA E 103 15.16 -26.03 -52.21
N HIS E 104 13.97 -26.41 -51.74
CA HIS E 104 13.47 -27.76 -51.90
C HIS E 104 12.17 -27.83 -52.71
N ASN E 105 11.92 -26.82 -53.56
CA ASN E 105 10.73 -26.82 -54.39
C ASN E 105 11.11 -26.41 -55.80
N GLU E 106 10.23 -26.74 -56.75
CA GLU E 106 10.45 -26.37 -58.14
C GLU E 106 10.24 -24.87 -58.34
N ALA E 107 10.85 -24.35 -59.40
CA ALA E 107 10.88 -22.91 -59.69
C ALA E 107 9.82 -22.52 -60.70
N SER E 108 8.64 -23.15 -60.65
CA SER E 108 7.55 -22.75 -61.55
C SER E 108 7.01 -21.37 -61.20
N ARG E 109 6.89 -21.07 -59.92
CA ARG E 109 6.37 -19.80 -59.45
C ARG E 109 7.38 -19.12 -58.54
N LEU E 110 7.24 -17.79 -58.44
CA LEU E 110 8.13 -16.99 -57.62
C LEU E 110 7.39 -15.75 -57.16
N SER E 111 7.59 -15.37 -55.90
CA SER E 111 6.97 -14.20 -55.32
C SER E 111 8.05 -13.29 -54.75
N ALA E 112 7.91 -11.99 -54.98
CA ALA E 112 8.84 -10.98 -54.47
C ALA E 112 8.07 -9.98 -53.63
N TYR E 113 8.57 -9.67 -52.44
CA TYR E 113 7.90 -8.80 -51.50
C TYR E 113 8.73 -7.53 -51.33
N VAL E 114 8.13 -6.39 -51.62
CA VAL E 114 8.80 -5.09 -51.61
C VAL E 114 8.11 -4.19 -50.60
N SER E 115 8.88 -3.51 -49.76
CA SER E 115 8.35 -2.55 -48.81
C SER E 115 8.76 -1.14 -49.23
N PHE E 116 7.81 -0.39 -49.78
CA PHE E 116 7.99 1.03 -50.07
C PHE E 116 7.59 1.80 -48.81
N GLY E 117 8.55 1.90 -47.88
CA GLY E 117 8.41 2.72 -46.69
C GLY E 117 7.30 2.32 -45.74
N GLY E 118 6.80 1.09 -45.82
CA GLY E 118 5.63 0.65 -45.11
C GLY E 118 4.50 0.20 -46.03
N LEU E 119 4.35 0.86 -47.18
CA LEU E 119 3.45 0.36 -48.20
C LEU E 119 4.02 -0.92 -48.79
N LEU E 120 3.15 -1.83 -49.21
CA LEU E 120 3.59 -3.18 -49.53
C LEU E 120 3.23 -3.56 -50.95
N MET E 121 4.18 -4.25 -51.60
CA MET E 121 3.98 -4.92 -52.88
C MET E 121 4.30 -6.40 -52.72
N ARG E 122 3.40 -7.25 -53.23
CA ARG E 122 3.75 -8.61 -53.58
C ARG E 122 3.57 -8.77 -55.08
N LEU E 123 4.64 -9.12 -55.77
CA LEU E 123 4.60 -9.39 -57.21
C LEU E 123 5.00 -10.84 -57.43
N GLN E 124 4.09 -11.63 -57.99
CA GLN E 124 4.35 -13.04 -58.17
C GLN E 124 4.02 -13.48 -59.58
N GLY E 125 4.64 -14.58 -59.99
CA GLY E 125 4.47 -15.11 -61.32
C GLY E 125 5.54 -16.10 -61.71
N ASP E 126 5.93 -16.09 -62.99
CA ASP E 126 6.97 -17.00 -63.45
C ASP E 126 8.34 -16.56 -62.95
N ALA E 127 9.20 -17.54 -62.69
CA ALA E 127 10.49 -17.24 -62.07
C ALA E 127 11.46 -16.62 -63.07
N ASN E 128 11.30 -16.90 -64.36
CA ASN E 128 12.18 -16.30 -65.35
C ASN E 128 11.85 -14.85 -65.65
N ASN E 129 10.69 -14.36 -65.21
CA ASN E 129 10.32 -12.96 -65.37
C ASN E 129 10.74 -12.12 -64.18
N LEU E 130 11.38 -12.71 -63.17
CA LEU E 130 11.82 -11.99 -61.99
C LEU E 130 13.33 -12.06 -61.82
N HIS E 131 14.06 -12.05 -62.94
CA HIS E 131 15.51 -12.02 -62.88
C HIS E 131 16.00 -10.66 -62.39
N GLY E 132 17.12 -10.67 -61.68
CA GLY E 132 17.68 -9.45 -61.13
C GLY E 132 17.09 -9.01 -59.82
N PHE E 133 16.14 -9.76 -59.26
CA PHE E 133 15.56 -9.44 -57.97
C PHE E 133 16.32 -10.17 -56.87
N GLU E 134 16.71 -9.44 -55.83
CA GLU E 134 17.39 -10.05 -54.71
C GLU E 134 17.00 -9.30 -53.44
N VAL E 135 17.23 -9.96 -52.30
CA VAL E 135 16.87 -9.40 -51.01
C VAL E 135 17.79 -8.23 -50.68
N ASP E 136 17.21 -7.20 -50.04
CA ASP E 136 17.90 -5.96 -49.63
C ASP E 136 18.49 -5.21 -50.82
N GLN E 137 17.79 -5.25 -51.95
CA GLN E 137 18.12 -4.44 -53.11
C GLN E 137 17.10 -3.32 -53.22
N HIS E 138 17.58 -2.08 -53.27
CA HIS E 138 16.69 -0.94 -53.41
C HIS E 138 16.22 -0.83 -54.85
N MET E 139 14.99 -0.33 -55.01
CA MET E 139 14.34 -0.30 -56.31
C MET E 139 13.34 0.85 -56.36
N TYR E 140 12.94 1.17 -57.60
CA TYR E 140 12.04 2.27 -57.89
C TYR E 140 10.79 1.72 -58.56
N LEU E 141 9.64 2.22 -58.12
CA LEU E 141 8.36 2.00 -58.77
C LEU E 141 8.05 3.20 -59.65
N LEU E 142 7.67 2.94 -60.89
CA LEU E 142 7.20 3.94 -61.82
C LEU E 142 5.80 3.52 -62.25
N MET E 143 4.85 4.44 -62.22
CA MET E 143 3.45 4.04 -62.36
C MET E 143 2.69 5.18 -63.03
N LYS E 144 2.05 4.87 -64.16
CA LYS E 144 1.26 5.87 -64.88
C LYS E 144 -0.09 5.27 -65.26
N ARG E 145 -1.16 5.98 -64.92
CA ARG E 145 -2.50 5.53 -65.28
C ARG E 145 -2.72 5.68 -66.78
N LEU E 146 -3.30 4.65 -67.39
CA LEU E 146 -3.60 4.65 -68.82
C LEU E 146 -5.05 5.02 -69.05
N ALA E 147 -5.38 5.26 -70.32
CA ALA E 147 -6.73 5.61 -70.72
C ALA E 147 -7.44 4.42 -71.37
N GLY F 1 -42.51 -41.97 15.64
CA GLY F 1 -42.99 -41.36 16.87
C GLY F 1 -41.88 -40.69 17.67
N PHE F 2 -42.25 -39.66 18.43
CA PHE F 2 -41.30 -38.91 19.24
C PHE F 2 -41.95 -38.66 20.60
N VAL F 3 -41.17 -38.81 21.66
CA VAL F 3 -41.67 -38.71 23.03
C VAL F 3 -41.13 -37.43 23.67
N GLY F 4 -41.95 -36.83 24.52
CA GLY F 4 -41.57 -35.65 25.27
C GLY F 4 -41.00 -36.02 26.62
N ILE F 5 -40.98 -35.04 27.51
CA ILE F 5 -40.51 -35.24 28.87
C ILE F 5 -41.68 -35.12 29.83
N ARG F 6 -41.50 -35.65 31.03
CA ARG F 6 -42.57 -35.71 32.03
C ARG F 6 -42.08 -35.13 33.34
N PHE F 7 -43.00 -34.56 34.09
CA PHE F 7 -42.70 -33.89 35.35
C PHE F 7 -43.40 -34.58 36.50
N CYS F 8 -42.79 -34.51 37.67
CA CYS F 8 -43.36 -35.12 38.87
C CYS F 8 -44.61 -34.36 39.31
N GLN F 9 -45.56 -35.10 39.88
CA GLN F 9 -46.79 -34.52 40.38
C GLN F 9 -46.71 -34.15 41.85
N GLU F 10 -45.57 -34.37 42.50
CA GLU F 10 -45.40 -34.04 43.90
C GLU F 10 -44.39 -32.94 44.17
N CYS F 11 -43.33 -32.84 43.37
CA CYS F 11 -42.31 -31.82 43.56
C CYS F 11 -41.94 -31.11 42.26
N ASN F 12 -42.60 -31.45 41.15
CA ASN F 12 -42.40 -30.83 39.83
C ASN F 12 -40.95 -30.90 39.35
N ASN F 13 -40.34 -32.06 39.52
CA ASN F 13 -38.96 -32.27 39.12
C ASN F 13 -38.90 -33.04 37.80
N MET F 14 -37.69 -33.45 37.42
CA MET F 14 -37.48 -34.17 36.18
C MET F 14 -37.72 -35.66 36.42
N LEU F 15 -38.62 -36.26 35.64
CA LEU F 15 -38.89 -37.69 35.73
C LEU F 15 -37.93 -38.43 34.82
N TYR F 16 -37.29 -39.45 35.35
CA TYR F 16 -36.30 -40.24 34.64
C TYR F 16 -36.82 -41.65 34.37
N PRO F 17 -36.39 -42.28 33.28
CA PRO F 17 -36.75 -43.69 33.07
C PRO F 17 -36.08 -44.60 34.08
N LYS F 18 -36.78 -45.68 34.43
CA LYS F 18 -36.32 -46.65 35.40
C LYS F 18 -36.98 -47.97 35.01
N GLU F 19 -36.40 -49.08 35.46
CA GLU F 19 -36.92 -50.40 35.12
C GLU F 19 -37.10 -51.22 36.38
N ASP F 20 -38.22 -51.94 36.47
CA ASP F 20 -38.37 -52.94 37.51
C ASP F 20 -38.47 -54.34 36.90
N LYS F 21 -37.87 -55.30 37.60
CA LYS F 21 -37.70 -56.65 37.09
C LYS F 21 -38.72 -57.64 37.63
N GLU F 22 -39.35 -57.33 38.76
CA GLU F 22 -40.41 -58.19 39.30
C GLU F 22 -41.61 -58.21 38.37
N ASN F 23 -41.97 -57.04 37.82
CA ASN F 23 -42.99 -56.95 36.79
C ASN F 23 -42.39 -56.77 35.39
N LYS F 24 -41.10 -56.43 35.32
CA LYS F 24 -40.35 -56.17 34.09
C LYS F 24 -41.04 -55.09 33.26
N ILE F 25 -41.14 -53.91 33.86
CA ILE F 25 -41.86 -52.77 33.28
C ILE F 25 -40.96 -51.53 33.35
N LEU F 26 -41.01 -50.69 32.31
CA LEU F 26 -40.42 -49.37 32.38
C LEU F 26 -41.36 -48.43 33.15
N LEU F 27 -40.78 -47.66 34.06
CA LEU F 27 -41.51 -46.72 34.90
C LEU F 27 -40.82 -45.37 34.82
N TYR F 28 -41.61 -44.32 34.67
CA TYR F 28 -41.07 -42.96 34.78
C TYR F 28 -41.11 -42.60 36.26
N ALA F 29 -39.93 -42.55 36.88
CA ALA F 29 -39.82 -42.37 38.32
C ALA F 29 -39.15 -41.03 38.63
N CYS F 30 -39.14 -40.70 39.91
CA CYS F 30 -38.64 -39.42 40.39
C CYS F 30 -37.42 -39.68 41.27
N ARG F 31 -36.35 -38.92 41.05
CA ARG F 31 -35.12 -39.16 41.80
C ARG F 31 -35.04 -38.31 43.07
N ASN F 32 -35.46 -37.05 43.01
CA ASN F 32 -35.53 -36.22 44.20
C ASN F 32 -36.78 -36.50 45.01
N CYS F 33 -37.72 -37.27 44.47
CA CYS F 33 -39.00 -37.56 45.09
C CYS F 33 -39.23 -39.06 45.13
N ASP F 34 -40.44 -39.48 45.51
CA ASP F 34 -40.79 -40.90 45.56
C ASP F 34 -41.89 -41.26 44.57
N TYR F 35 -42.20 -40.38 43.62
CA TYR F 35 -43.29 -40.61 42.68
C TYR F 35 -42.83 -41.49 41.53
N LYS F 36 -43.76 -42.30 41.03
CA LYS F 36 -43.52 -43.12 39.85
C LYS F 36 -44.82 -43.26 39.08
N GLN F 37 -44.70 -43.49 37.77
CA GLN F 37 -45.88 -43.68 36.94
C GLN F 37 -45.54 -44.58 35.77
N GLU F 38 -46.58 -45.17 35.19
CA GLU F 38 -46.40 -46.03 34.02
C GLU F 38 -46.12 -45.18 32.79
N ALA F 39 -45.22 -45.67 31.94
CA ALA F 39 -44.89 -44.99 30.69
C ALA F 39 -45.84 -45.43 29.59
N ASP F 40 -46.49 -44.47 28.94
CA ASP F 40 -47.43 -44.80 27.87
C ASP F 40 -46.72 -45.27 26.62
N SER F 41 -45.66 -44.58 26.21
CA SER F 41 -44.85 -44.98 25.07
C SER F 41 -43.63 -45.75 25.56
N ASN F 42 -42.74 -46.09 24.62
CA ASN F 42 -41.62 -46.97 24.94
C ASN F 42 -40.27 -46.36 24.54
N CYS F 43 -40.26 -45.17 23.96
CA CYS F 43 -39.01 -44.49 23.62
C CYS F 43 -38.55 -43.66 24.81
N ILE F 44 -37.23 -43.58 24.98
CA ILE F 44 -36.66 -42.68 25.98
C ILE F 44 -35.73 -41.64 25.37
N TYR F 45 -35.18 -41.87 24.19
CA TYR F 45 -34.36 -40.86 23.51
C TYR F 45 -34.41 -41.13 22.02
N VAL F 46 -35.01 -40.21 21.27
CA VAL F 46 -35.06 -40.28 19.82
C VAL F 46 -34.29 -39.10 19.26
N ASN F 47 -33.28 -39.39 18.44
CA ASN F 47 -32.46 -38.36 17.81
C ASN F 47 -32.53 -38.57 16.32
N LYS F 48 -32.75 -37.49 15.59
CA LYS F 48 -32.86 -37.54 14.14
C LYS F 48 -31.78 -36.65 13.53
N ILE F 49 -30.98 -37.21 12.63
CA ILE F 49 -29.81 -36.54 12.10
C ILE F 49 -30.23 -35.59 10.98
N MET F 50 -30.83 -36.11 9.92
CA MET F 50 -31.65 -35.26 9.06
C MET F 50 -33.09 -35.41 9.55
N HIS F 51 -33.61 -34.34 10.13
CA HIS F 51 -34.90 -34.35 10.81
C HIS F 51 -35.90 -33.56 9.98
N GLU F 52 -37.05 -34.18 9.73
CA GLU F 52 -38.09 -33.62 8.87
C GLU F 52 -38.84 -32.58 9.66
N ILE F 53 -38.47 -31.30 9.48
CA ILE F 53 -39.18 -30.23 10.18
C ILE F 53 -40.53 -30.06 9.50
N ASP F 54 -41.60 -29.97 10.30
CA ASP F 54 -42.84 -29.39 9.80
C ASP F 54 -42.72 -27.88 9.98
N GLU F 55 -41.95 -27.26 9.09
CA GLU F 55 -41.70 -25.81 9.16
C GLU F 55 -42.92 -25.01 8.78
N LEU F 56 -43.94 -25.64 8.17
CA LEU F 56 -45.23 -24.99 8.01
C LEU F 56 -45.88 -24.72 9.35
N THR F 57 -45.63 -25.56 10.35
CA THR F 57 -46.09 -25.27 11.70
C THR F 57 -45.23 -24.20 12.36
N HIS F 58 -43.94 -24.17 12.03
CA HIS F 58 -43.02 -23.24 12.70
C HIS F 58 -43.18 -21.81 12.24
N ILE F 59 -43.63 -21.58 11.01
CA ILE F 59 -43.81 -20.20 10.54
C ILE F 59 -45.07 -19.62 11.16
N VAL F 60 -44.95 -18.41 11.68
CA VAL F 60 -46.04 -17.73 12.37
C VAL F 60 -47.06 -17.26 11.34
N PRO F 61 -48.36 -17.47 11.56
CA PRO F 61 -49.38 -16.93 10.65
C PRO F 61 -49.62 -15.43 10.79
N ASP F 62 -48.84 -14.72 11.59
CA ASP F 62 -48.95 -13.26 11.67
C ASP F 62 -48.16 -12.56 10.58
N VAL F 63 -47.44 -13.32 9.72
CA VAL F 63 -46.61 -12.72 8.69
C VAL F 63 -47.40 -12.26 7.48
N ILE F 64 -48.73 -12.40 7.48
CA ILE F 64 -49.53 -11.86 6.39
C ILE F 64 -49.57 -10.34 6.47
N SER F 65 -49.42 -9.78 7.66
CA SER F 65 -49.34 -8.32 7.84
C SER F 65 -47.89 -7.85 7.86
N ASP F 66 -47.14 -8.24 6.83
CA ASP F 66 -45.73 -7.87 6.67
C ASP F 66 -45.58 -7.15 5.34
N PRO F 67 -45.21 -5.86 5.34
CA PRO F 67 -45.01 -5.17 4.06
C PRO F 67 -43.75 -5.58 3.34
N THR F 68 -42.77 -6.14 4.03
CA THR F 68 -41.49 -6.51 3.44
C THR F 68 -41.53 -7.87 2.75
N LEU F 69 -42.62 -8.57 2.82
CA LEU F 69 -42.73 -9.90 2.26
C LEU F 69 -43.38 -9.86 0.88
N PRO F 70 -42.99 -10.75 -0.03
CA PRO F 70 -43.56 -10.72 -1.38
C PRO F 70 -45.00 -11.21 -1.40
N ARG F 71 -45.70 -10.81 -2.45
CA ARG F 71 -47.08 -11.23 -2.69
C ARG F 71 -47.20 -11.83 -4.09
N THR F 72 -48.07 -12.81 -4.22
CA THR F 72 -48.37 -13.41 -5.51
C THR F 72 -49.88 -13.58 -5.63
N GLU F 73 -50.35 -13.58 -6.87
CA GLU F 73 -51.79 -13.67 -7.15
C GLU F 73 -52.10 -14.75 -8.17
N ASP F 74 -51.27 -15.79 -8.24
CA ASP F 74 -51.51 -16.90 -9.15
C ASP F 74 -51.69 -18.23 -8.45
N HIS F 75 -51.03 -18.46 -7.33
CA HIS F 75 -51.12 -19.71 -6.58
C HIS F 75 -52.27 -19.57 -5.60
N ALA F 76 -53.40 -20.22 -5.92
CA ALA F 76 -54.58 -20.14 -5.08
C ALA F 76 -54.41 -20.96 -3.81
N CYS F 77 -55.20 -20.61 -2.80
CA CYS F 77 -55.15 -21.33 -1.53
C CYS F 77 -55.80 -22.70 -1.69
N PRO F 78 -55.16 -23.76 -1.19
CA PRO F 78 -55.79 -25.09 -1.26
C PRO F 78 -56.98 -25.25 -0.34
N LYS F 79 -57.17 -24.37 0.64
CA LYS F 79 -58.24 -24.50 1.62
C LYS F 79 -59.44 -23.60 1.28
N CYS F 80 -59.22 -22.29 1.18
CA CYS F 80 -60.31 -21.34 1.00
C CYS F 80 -60.32 -20.69 -0.38
N SER F 81 -59.43 -21.13 -1.29
CA SER F 81 -59.35 -20.69 -2.69
C SER F 81 -59.13 -19.18 -2.82
N HIS F 82 -58.35 -18.61 -1.89
CA HIS F 82 -57.96 -17.22 -1.99
C HIS F 82 -56.81 -17.08 -2.99
N ARG F 83 -56.91 -16.08 -3.87
CA ARG F 83 -55.93 -15.94 -4.93
C ARG F 83 -54.61 -15.37 -4.41
N GLU F 84 -54.66 -14.44 -3.46
CA GLU F 84 -53.47 -13.76 -2.98
C GLU F 84 -52.79 -14.59 -1.89
N ALA F 85 -51.46 -14.70 -1.99
CA ALA F 85 -50.68 -15.45 -1.01
C ALA F 85 -49.34 -14.75 -0.84
N VAL F 86 -48.65 -15.09 0.25
CA VAL F 86 -47.36 -14.52 0.59
C VAL F 86 -46.34 -15.65 0.60
N PHE F 87 -45.30 -15.52 -0.21
CA PHE F 87 -44.30 -16.58 -0.35
C PHE F 87 -42.94 -16.10 0.14
N PHE F 88 -42.24 -16.99 0.83
CA PHE F 88 -40.91 -16.68 1.36
C PHE F 88 -40.16 -17.99 1.57
N GLN F 89 -38.83 -17.87 1.63
CA GLN F 89 -38.00 -19.03 1.89
C GLN F 89 -37.92 -19.28 3.40
N ALA F 90 -37.36 -20.43 3.78
CA ALA F 90 -37.36 -20.82 5.18
C ALA F 90 -36.23 -20.14 5.94
N GLN F 91 -36.31 -20.24 7.26
CA GLN F 91 -35.35 -19.60 8.17
C GLN F 91 -34.48 -20.60 8.91
N THR F 92 -34.65 -21.91 8.66
CA THR F 92 -33.98 -22.94 9.44
C THR F 92 -32.55 -23.14 8.94
N ARG F 93 -31.88 -24.20 9.41
CA ARG F 93 -30.51 -24.49 9.01
C ARG F 93 -30.40 -25.54 7.92
N ARG F 94 -31.39 -26.43 7.75
CA ARG F 94 -31.31 -27.41 6.68
C ARG F 94 -31.97 -26.95 5.39
N ALA F 95 -32.80 -25.92 5.44
CA ALA F 95 -33.66 -25.58 4.31
C ALA F 95 -33.13 -24.44 3.46
N GLU F 96 -31.91 -23.96 3.72
CA GLU F 96 -31.26 -23.12 2.73
C GLU F 96 -30.49 -23.93 1.71
N GLU F 97 -30.55 -25.26 1.80
CA GLU F 97 -29.98 -26.13 0.79
C GLU F 97 -31.05 -26.72 -0.12
N GLU F 98 -32.17 -26.03 -0.29
CA GLU F 98 -33.30 -26.57 -1.03
C GLU F 98 -33.92 -25.62 -2.05
N MET F 99 -33.74 -24.29 -1.91
CA MET F 99 -34.37 -23.27 -2.76
C MET F 99 -35.89 -23.41 -2.80
N ARG F 100 -36.48 -23.75 -1.65
CA ARG F 100 -37.89 -24.11 -1.59
C ARG F 100 -38.71 -22.91 -1.11
N LEU F 101 -39.78 -22.61 -1.82
CA LEU F 101 -40.68 -21.55 -1.43
C LEU F 101 -41.72 -22.06 -0.44
N TYR F 102 -42.25 -21.14 0.36
CA TYR F 102 -43.28 -21.45 1.34
C TYR F 102 -44.36 -20.39 1.26
N TYR F 103 -45.61 -20.85 1.19
CA TYR F 103 -46.75 -19.99 0.89
C TYR F 103 -47.68 -19.93 2.09
N VAL F 104 -48.11 -18.73 2.44
CA VAL F 104 -49.09 -18.49 3.50
C VAL F 104 -50.27 -17.77 2.87
N CYS F 105 -51.48 -18.29 3.11
CA CYS F 105 -52.69 -17.65 2.63
C CYS F 105 -52.91 -16.33 3.36
N THR F 106 -53.23 -15.27 2.61
CA THR F 106 -53.32 -13.94 3.17
C THR F 106 -54.67 -13.65 3.82
N ASN F 107 -55.64 -14.56 3.71
CA ASN F 107 -56.93 -14.37 4.35
C ASN F 107 -56.79 -14.47 5.86
N GLN F 108 -57.33 -13.49 6.58
CA GLN F 108 -57.18 -13.43 8.03
C GLN F 108 -57.97 -14.51 8.74
N ASN F 109 -59.00 -15.07 8.09
CA ASN F 109 -59.79 -16.14 8.70
C ASN F 109 -59.26 -17.53 8.37
N CYS F 110 -58.47 -17.66 7.31
CA CYS F 110 -57.97 -18.96 6.87
C CYS F 110 -56.55 -19.23 7.31
N THR F 111 -55.60 -18.40 6.87
CA THR F 111 -54.16 -18.48 7.19
C THR F 111 -53.57 -19.87 6.91
N HIS F 112 -53.92 -20.44 5.76
CA HIS F 112 -53.38 -21.74 5.40
C HIS F 112 -51.93 -21.62 4.97
N ARG F 113 -51.11 -22.58 5.40
CA ARG F 113 -49.69 -22.61 5.11
C ARG F 113 -49.37 -23.90 4.37
N TRP F 114 -48.77 -23.78 3.19
CA TRP F 114 -48.52 -24.93 2.34
C TRP F 114 -47.25 -24.70 1.53
N THR F 115 -46.93 -25.68 0.68
CA THR F 115 -45.72 -25.65 -0.13
C THR F 115 -46.01 -26.26 -1.49
N GLU F 116 -45.66 -25.53 -2.55
CA GLU F 116 -45.78 -26.06 -3.90
C GLU F 116 -44.41 -26.29 -4.52
N MET G 1 -12.91 37.94 -3.58
CA MET G 1 -13.72 38.88 -2.84
C MET G 1 -14.46 39.82 -3.78
N ILE G 2 -13.74 40.26 -4.81
CA ILE G 2 -14.20 41.30 -5.70
C ILE G 2 -14.01 40.80 -7.14
N ILE G 3 -14.68 41.46 -8.08
CA ILE G 3 -14.62 41.08 -9.49
C ILE G 3 -13.21 41.30 -10.02
N PRO G 4 -12.65 40.39 -10.82
CA PRO G 4 -11.32 40.62 -11.39
C PRO G 4 -11.33 41.72 -12.42
N ILE G 5 -10.15 42.29 -12.64
CA ILE G 5 -9.99 43.33 -13.66
C ILE G 5 -10.16 42.73 -15.05
N ARG G 6 -9.54 41.58 -15.29
CA ARG G 6 -9.49 41.01 -16.63
C ARG G 6 -9.91 39.56 -16.61
N CYS G 7 -10.44 39.11 -17.74
CA CYS G 7 -10.72 37.69 -17.95
C CYS G 7 -9.42 36.89 -17.95
N PHE G 8 -9.47 35.69 -17.40
CA PHE G 8 -8.26 34.91 -17.17
C PHE G 8 -7.69 34.37 -18.48
N THR G 9 -8.51 33.63 -19.24
CA THR G 9 -8.04 33.05 -20.49
C THR G 9 -7.89 34.10 -21.57
N CYS G 10 -8.64 35.19 -21.46
CA CYS G 10 -8.96 36.06 -22.58
C CYS G 10 -8.32 37.44 -22.47
N GLY G 11 -8.28 38.03 -21.28
CA GLY G 11 -7.71 39.34 -21.09
C GLY G 11 -8.67 40.49 -21.29
N LYS G 12 -9.93 40.22 -21.60
CA LYS G 12 -10.92 41.29 -21.77
C LYS G 12 -11.24 41.92 -20.41
N VAL G 13 -11.41 43.23 -20.40
CA VAL G 13 -11.68 43.95 -19.17
C VAL G 13 -13.10 43.67 -18.73
N ILE G 14 -13.25 43.09 -17.54
CA ILE G 14 -14.55 42.79 -16.95
C ILE G 14 -14.77 43.51 -15.63
N GLY G 15 -13.84 44.37 -15.21
CA GLY G 15 -13.97 45.06 -13.93
C GLY G 15 -15.05 46.12 -13.93
N ASN G 16 -15.46 46.60 -15.10
CA ASN G 16 -16.53 47.58 -15.22
C ASN G 16 -17.88 46.94 -15.49
N LYS G 17 -17.96 45.61 -15.49
CA LYS G 17 -19.17 44.91 -15.92
C LYS G 17 -19.75 44.04 -14.82
N TRP G 18 -19.59 44.44 -13.56
CA TRP G 18 -20.19 43.71 -12.45
C TRP G 18 -21.39 44.42 -11.86
N GLU G 19 -21.26 45.72 -11.59
CA GLU G 19 -22.40 46.48 -11.09
C GLU G 19 -23.49 46.61 -12.15
N SER G 20 -23.09 46.76 -13.42
CA SER G 20 -24.04 46.74 -14.51
C SER G 20 -24.71 45.38 -14.64
N TYR G 21 -23.95 44.31 -14.41
CA TYR G 21 -24.51 42.97 -14.44
C TYR G 21 -25.54 42.77 -13.33
N LEU G 22 -25.24 43.26 -12.14
CA LEU G 22 -26.18 43.15 -11.02
C LEU G 22 -27.44 43.99 -11.27
N GLY G 23 -27.27 45.18 -11.83
CA GLY G 23 -28.42 46.01 -12.14
C GLY G 23 -29.31 45.41 -13.22
N LEU G 24 -28.70 44.83 -14.25
CA LEU G 24 -29.47 44.17 -15.29
C LEU G 24 -30.15 42.90 -14.76
N LEU G 25 -29.51 42.21 -13.82
CA LEU G 25 -30.13 41.05 -13.19
C LEU G 25 -31.33 41.46 -12.35
N GLN G 26 -31.22 42.55 -11.60
CA GLN G 26 -32.33 42.93 -10.73
C GLN G 26 -33.43 43.68 -11.48
N ALA G 27 -33.15 44.20 -12.68
CA ALA G 27 -34.21 44.91 -13.40
C ALA G 27 -35.32 43.97 -13.86
N GLU G 28 -35.11 43.22 -14.94
CA GLU G 28 -35.94 42.06 -15.23
C GLU G 28 -35.22 40.96 -15.99
N TYR G 29 -33.94 41.11 -16.31
CA TYR G 29 -33.32 40.24 -17.30
C TYR G 29 -32.91 38.90 -16.71
N THR G 30 -32.71 37.93 -17.58
CA THR G 30 -32.04 36.69 -17.21
C THR G 30 -30.53 36.89 -17.29
N GLU G 31 -29.77 35.84 -16.96
CA GLU G 31 -28.32 35.96 -16.99
C GLU G 31 -27.79 35.99 -18.42
N GLY G 32 -28.41 35.21 -19.31
CA GLY G 32 -27.95 35.19 -20.70
C GLY G 32 -28.19 36.50 -21.42
N ASP G 33 -29.36 37.11 -21.22
CA ASP G 33 -29.64 38.40 -21.84
C ASP G 33 -28.79 39.50 -21.23
N ALA G 34 -28.48 39.41 -19.93
CA ALA G 34 -27.59 40.39 -19.31
C ALA G 34 -26.17 40.28 -19.84
N LEU G 35 -25.67 39.06 -20.02
CA LEU G 35 -24.34 38.88 -20.58
C LEU G 35 -24.28 39.26 -22.04
N ASP G 36 -25.38 39.08 -22.78
CA ASP G 36 -25.42 39.55 -24.16
C ASP G 36 -25.49 41.07 -24.25
N ALA G 37 -26.19 41.70 -23.31
CA ALA G 37 -26.28 43.16 -23.29
C ALA G 37 -24.97 43.79 -22.86
N LEU G 38 -24.21 43.12 -22.01
CA LEU G 38 -22.91 43.65 -21.60
C LEU G 38 -21.86 43.51 -22.70
N GLY G 39 -22.11 42.67 -23.70
CA GLY G 39 -21.16 42.50 -24.78
C GLY G 39 -20.21 41.33 -24.62
N LEU G 40 -20.35 40.53 -23.58
CA LEU G 40 -19.48 39.39 -23.35
C LEU G 40 -19.99 38.22 -24.19
N LYS G 41 -19.56 38.19 -25.46
CA LYS G 41 -20.05 37.15 -26.36
C LYS G 41 -19.34 35.82 -26.13
N ARG G 42 -18.06 35.84 -25.75
CA ARG G 42 -17.33 34.61 -25.49
C ARG G 42 -17.68 34.05 -24.13
N TYR G 43 -17.81 32.73 -24.04
CA TYR G 43 -18.14 32.09 -22.77
C TYR G 43 -16.96 32.08 -21.79
N CYS G 44 -15.75 32.35 -22.27
CA CYS G 44 -14.62 32.53 -21.38
C CYS G 44 -14.78 33.74 -20.49
N CYS G 45 -15.40 34.80 -21.00
CA CYS G 45 -15.76 35.94 -20.17
C CYS G 45 -17.08 35.75 -19.46
N ARG G 46 -17.97 34.89 -19.99
CA ARG G 46 -19.24 34.66 -19.33
C ARG G 46 -19.09 33.79 -18.10
N ARG G 47 -18.09 32.91 -18.07
CA ARG G 47 -17.81 32.16 -16.85
C ARG G 47 -17.18 33.03 -15.77
N MET G 48 -16.60 34.17 -16.15
CA MET G 48 -16.03 35.10 -15.18
C MET G 48 -17.11 35.89 -14.46
N LEU G 49 -18.31 35.98 -15.02
CA LEU G 49 -19.42 36.70 -14.42
C LEU G 49 -20.47 35.78 -13.85
N LEU G 50 -20.70 34.61 -14.45
CA LEU G 50 -21.68 33.68 -13.92
C LEU G 50 -21.19 33.05 -12.62
N GLY G 51 -19.91 32.68 -12.56
CA GLY G 51 -19.37 32.02 -11.40
C GLY G 51 -18.90 32.91 -10.29
N HIS G 52 -18.78 34.21 -10.53
CA HIS G 52 -18.20 35.10 -9.53
C HIS G 52 -19.15 35.33 -8.37
N VAL G 53 -18.60 35.29 -7.16
CA VAL G 53 -19.32 35.62 -5.94
C VAL G 53 -18.65 36.83 -5.30
N ASP G 54 -19.46 37.74 -4.77
CA ASP G 54 -18.96 39.01 -4.24
C ASP G 54 -18.83 38.88 -2.73
N LEU G 55 -17.63 38.50 -2.28
CA LEU G 55 -17.37 38.35 -0.86
C LEU G 55 -16.94 39.66 -0.20
N ILE G 56 -16.74 40.73 -0.97
CA ILE G 56 -16.37 41.99 -0.35
C ILE G 56 -17.57 42.69 0.28
N GLU G 57 -18.80 42.34 -0.14
CA GLU G 57 -19.97 42.91 0.50
C GLU G 57 -20.19 42.31 1.88
N LYS G 58 -19.77 41.06 2.09
CA LYS G 58 -19.77 40.49 3.42
C LYS G 58 -18.61 41.01 4.25
N LEU G 59 -17.49 41.34 3.62
CA LEU G 59 -16.34 41.86 4.36
C LEU G 59 -16.55 43.30 4.78
N LEU G 60 -17.36 44.05 4.03
CA LEU G 60 -17.62 45.44 4.36
C LEU G 60 -18.57 45.61 5.54
N ASN G 61 -19.29 44.55 5.93
CA ASN G 61 -20.20 44.66 7.06
C ASN G 61 -19.46 44.73 8.39
N TYR G 62 -18.24 44.21 8.46
CA TYR G 62 -17.47 44.27 9.69
C TYR G 62 -16.97 45.70 9.92
N ALA G 63 -16.94 46.10 11.19
CA ALA G 63 -16.49 47.44 11.54
C ALA G 63 -14.99 47.56 11.32
N PRO G 64 -14.52 48.70 10.80
CA PRO G 64 -13.08 48.87 10.58
C PRO G 64 -12.32 48.99 11.89
N LEU G 65 -11.02 48.66 11.81
CA LEU G 65 -10.17 48.71 12.99
C LEU G 65 -9.93 50.15 13.44
N GLU G 66 -9.68 51.05 12.51
CA GLU G 66 -9.42 52.45 12.83
C GLU G 66 -10.66 53.27 12.49
N LYS G 67 -11.09 54.11 13.43
CA LYS G 67 -12.27 54.94 13.25
C LYS G 67 -12.00 56.09 12.28
N MET H 1 10.49 30.87 -4.63
CA MET H 1 11.81 30.65 -4.08
C MET H 1 12.82 30.47 -5.20
N ASN H 2 12.56 29.49 -6.07
CA ASN H 2 13.40 29.23 -7.23
C ASN H 2 12.81 29.81 -8.51
N ALA H 3 11.87 30.73 -8.40
CA ALA H 3 11.27 31.34 -9.57
C ALA H 3 12.29 32.24 -10.25
N PRO H 4 12.62 32.01 -11.52
CA PRO H 4 13.57 32.87 -12.20
C PRO H 4 12.94 34.22 -12.50
N PRO H 5 13.74 35.26 -12.68
CA PRO H 5 13.19 36.57 -13.05
C PRO H 5 12.56 36.54 -14.43
N THR H 6 11.47 37.30 -14.57
CA THR H 6 10.66 37.25 -15.78
C THR H 6 11.31 37.96 -16.97
N PHE H 7 12.37 38.73 -16.75
CA PHE H 7 13.02 39.43 -17.84
C PHE H 7 14.17 38.64 -18.45
N GLU H 8 14.45 37.42 -17.99
CA GLU H 8 15.53 36.65 -18.59
C GLU H 8 15.11 36.00 -19.90
N SER H 9 13.84 36.04 -20.26
CA SER H 9 13.39 35.43 -21.50
C SER H 9 13.71 36.26 -22.73
N PHE H 10 14.09 37.53 -22.55
CA PHE H 10 14.36 38.39 -23.69
C PHE H 10 15.61 39.25 -23.53
N LEU H 11 16.29 39.20 -22.39
CA LEU H 11 17.46 40.03 -22.13
C LEU H 11 18.71 39.18 -22.05
N LEU H 12 19.73 39.56 -22.81
CA LEU H 12 21.03 38.92 -22.70
C LEU H 12 21.69 39.31 -21.38
N TYR H 13 22.50 38.40 -20.85
CA TYR H 13 23.27 38.68 -19.64
C TYR H 13 24.54 39.43 -20.02
N GLU H 14 25.46 39.57 -19.06
CA GLU H 14 26.72 40.24 -19.32
C GLU H 14 27.64 39.30 -20.09
N GLY H 15 28.07 39.72 -21.28
CA GLY H 15 28.97 38.92 -22.07
C GLY H 15 28.33 37.74 -22.76
N GLU H 16 27.01 37.76 -22.96
CA GLU H 16 26.31 36.70 -23.66
C GLU H 16 26.07 37.14 -25.09
N LYS H 17 26.76 36.49 -26.03
CA LYS H 17 26.54 36.77 -27.44
C LYS H 17 25.19 36.22 -27.88
N LYS H 18 24.52 36.96 -28.77
CA LYS H 18 23.21 36.54 -29.24
C LYS H 18 23.32 35.34 -30.17
N ILE H 19 24.22 35.39 -31.15
CA ILE H 19 24.34 34.37 -32.16
C ILE H 19 25.66 33.63 -31.97
N ILE H 20 25.59 32.30 -31.88
CA ILE H 20 26.77 31.46 -31.77
C ILE H 20 26.75 30.52 -32.96
N LYS H 21 27.62 30.78 -33.94
CA LYS H 21 27.73 29.94 -35.13
C LYS H 21 28.67 28.78 -34.85
N GLU H 22 28.22 27.57 -35.17
CA GLU H 22 29.02 26.37 -35.02
C GLU H 22 29.07 25.62 -36.34
N LEU H 23 30.27 25.36 -36.82
CA LEU H 23 30.43 24.63 -38.08
C LEU H 23 30.15 23.14 -37.86
N ASP H 24 29.42 22.55 -38.80
CA ASP H 24 29.11 21.12 -38.73
C ASP H 24 30.23 20.32 -39.39
N THR H 25 30.54 19.17 -38.79
CA THR H 25 31.64 18.33 -39.26
C THR H 25 31.17 17.06 -39.96
N LYS H 26 29.90 16.69 -39.83
CA LYS H 26 29.42 15.45 -40.42
C LYS H 26 29.31 15.57 -41.94
N VAL H 27 28.74 16.66 -42.43
CA VAL H 27 28.62 16.89 -43.87
C VAL H 27 29.29 18.20 -44.24
N THR H 28 29.24 18.55 -45.51
CA THR H 28 29.87 19.75 -46.03
C THR H 28 28.86 20.86 -46.23
N ASN H 29 29.32 22.10 -45.99
CA ASN H 29 28.53 23.32 -46.10
C ASN H 29 27.27 23.29 -45.24
N ALA H 30 27.47 22.97 -43.97
CA ALA H 30 26.39 22.97 -42.99
C ALA H 30 26.83 23.73 -41.76
N ALA H 31 25.88 24.44 -41.16
CA ALA H 31 26.16 25.24 -39.97
C ALA H 31 25.00 25.11 -39.00
N ILE H 32 25.33 25.22 -37.72
CA ILE H 32 24.34 25.21 -36.64
C ILE H 32 24.41 26.56 -35.95
N PHE H 33 23.34 27.34 -36.08
CA PHE H 33 23.27 28.67 -35.49
C PHE H 33 22.45 28.60 -34.21
N THR H 34 23.00 29.15 -33.13
CA THR H 34 22.35 29.15 -31.83
C THR H 34 22.03 30.59 -31.46
N ILE H 35 20.74 30.91 -31.35
CA ILE H 35 20.27 32.24 -31.02
C ILE H 35 19.66 32.21 -29.63
N ASN H 36 20.19 33.07 -28.76
CA ASN H 36 19.76 33.15 -27.37
C ASN H 36 18.64 34.16 -27.19
N LYS H 37 17.84 33.95 -26.15
CA LYS H 37 16.80 34.86 -25.67
C LYS H 37 15.75 35.14 -26.74
N GLU H 38 15.41 34.13 -27.53
CA GLU H 38 14.35 34.23 -28.51
C GLU H 38 13.55 32.93 -28.48
N ASP H 39 12.57 32.82 -29.37
CA ASP H 39 11.59 31.75 -29.27
C ASP H 39 11.13 31.35 -30.68
N HIS H 40 9.98 30.68 -30.76
CA HIS H 40 9.50 30.06 -31.99
C HIS H 40 9.13 31.06 -33.08
N THR H 41 8.95 32.34 -32.73
CA THR H 41 8.57 33.40 -33.66
C THR H 41 9.60 33.58 -34.78
N LEU H 42 10.80 33.99 -34.40
CA LEU H 42 11.87 34.23 -35.36
C LEU H 42 12.30 32.94 -36.03
N GLY H 43 12.33 31.83 -35.28
CA GLY H 43 12.74 30.57 -35.87
C GLY H 43 11.80 30.07 -36.93
N ASN H 44 10.49 30.19 -36.69
CA ASN H 44 9.49 29.77 -37.66
C ASN H 44 9.54 30.63 -38.92
N MET H 45 9.64 31.97 -38.75
CA MET H 45 9.74 32.83 -39.92
C MET H 45 11.01 32.58 -40.73
N ILE H 46 12.15 32.44 -40.05
CA ILE H 46 13.41 32.27 -40.76
C ILE H 46 13.46 30.92 -41.47
N ARG H 47 12.96 29.85 -40.83
CA ARG H 47 12.97 28.55 -41.50
C ARG H 47 12.03 28.51 -42.69
N ASN H 48 10.79 29.02 -42.52
CA ASN H 48 9.87 28.97 -43.65
C ASN H 48 10.19 30.00 -44.73
N GLN H 49 11.06 30.98 -44.44
CA GLN H 49 11.62 31.82 -45.50
C GLN H 49 12.82 31.16 -46.17
N LEU H 50 13.59 30.39 -45.41
CA LEU H 50 14.72 29.67 -45.97
C LEU H 50 14.28 28.58 -46.94
N LEU H 51 13.14 27.95 -46.67
CA LEU H 51 12.70 26.86 -47.53
C LEU H 51 12.17 27.32 -48.88
N LYS H 52 11.98 28.62 -49.08
CA LYS H 52 11.68 29.13 -50.41
C LYS H 52 12.92 29.26 -51.28
N ASP H 53 14.11 29.20 -50.69
CA ASP H 53 15.35 29.25 -51.44
C ASP H 53 15.64 27.87 -52.04
N PRO H 54 15.80 27.75 -53.36
CA PRO H 54 16.19 26.45 -53.93
C PRO H 54 17.63 26.06 -53.62
N ASN H 55 18.48 27.01 -53.22
CA ASN H 55 19.89 26.73 -53.00
C ASN H 55 20.16 26.13 -51.63
N VAL H 56 19.17 26.01 -50.77
CA VAL H 56 19.32 25.34 -49.48
C VAL H 56 18.85 23.90 -49.66
N LEU H 57 19.42 22.99 -48.88
CA LEU H 57 19.01 21.59 -48.90
C LEU H 57 18.41 21.12 -47.59
N PHE H 58 18.85 21.68 -46.47
CA PHE H 58 18.33 21.33 -45.15
C PHE H 58 18.18 22.60 -44.34
N ALA H 59 17.06 22.74 -43.64
CA ALA H 59 16.84 23.90 -42.77
C ALA H 59 15.84 23.50 -41.70
N GLY H 60 16.29 23.49 -40.45
CA GLY H 60 15.38 23.13 -39.37
C GLY H 60 15.73 23.73 -38.04
N TYR H 61 14.74 24.25 -37.30
CA TYR H 61 15.00 24.83 -36.00
C TYR H 61 14.53 23.89 -34.90
N LYS H 62 14.96 24.21 -33.69
CA LYS H 62 14.64 23.40 -32.51
C LYS H 62 14.83 24.27 -31.27
N VAL H 63 13.86 24.25 -30.38
CA VAL H 63 14.02 24.78 -29.03
C VAL H 63 14.39 23.60 -28.13
N PRO H 64 15.61 23.54 -27.60
CA PRO H 64 16.04 22.33 -26.87
C PRO H 64 15.33 22.12 -25.55
N HIS H 65 14.83 23.19 -24.91
CA HIS H 65 14.13 23.07 -23.65
C HIS H 65 13.23 24.27 -23.51
N PRO H 66 11.98 24.11 -23.07
CA PRO H 66 11.12 25.29 -22.86
C PRO H 66 11.61 26.22 -21.76
N LEU H 67 12.32 25.70 -20.77
CA LEU H 67 12.82 26.52 -19.68
C LEU H 67 14.07 27.30 -20.05
N GLU H 68 14.70 27.00 -21.18
CA GLU H 68 15.87 27.73 -21.66
C GLU H 68 15.48 28.48 -22.92
N HIS H 69 15.58 29.81 -22.88
CA HIS H 69 15.12 30.64 -23.98
C HIS H 69 16.25 30.74 -24.99
N LYS H 70 16.23 29.83 -25.95
CA LYS H 70 17.32 29.59 -26.88
C LYS H 70 16.82 28.66 -27.97
N PHE H 71 17.23 28.89 -29.21
CA PHE H 71 16.85 27.96 -30.27
C PHE H 71 17.97 27.86 -31.30
N VAL H 72 18.01 26.73 -31.97
CA VAL H 72 19.07 26.44 -32.94
C VAL H 72 18.44 26.19 -34.30
N ILE H 73 19.18 26.51 -35.36
CA ILE H 73 18.83 26.14 -36.72
C ILE H 73 20.01 25.42 -37.33
N ARG H 74 19.75 24.26 -37.94
CA ARG H 74 20.73 23.63 -38.81
C ARG H 74 20.39 23.99 -40.25
N ILE H 75 21.39 24.52 -40.95
CA ILE H 75 21.26 24.92 -42.35
C ILE H 75 22.35 24.22 -43.15
N GLN H 76 21.95 23.50 -44.19
CA GLN H 76 22.87 22.86 -45.12
C GLN H 76 22.49 23.29 -46.53
N THR H 77 23.46 23.85 -47.25
CA THR H 77 23.24 24.42 -48.57
C THR H 77 24.08 23.69 -49.62
N THR H 78 24.01 24.19 -50.86
CA THR H 78 24.80 23.65 -51.94
C THR H 78 26.24 24.19 -51.86
N ALA H 79 27.10 23.68 -52.74
CA ALA H 79 28.51 24.06 -52.70
C ALA H 79 28.81 25.27 -53.59
N ASP H 80 27.95 26.29 -53.50
CA ASP H 80 28.26 27.58 -54.09
C ASP H 80 27.74 28.72 -53.20
N TYR H 81 27.29 28.43 -51.99
CA TYR H 81 26.40 29.34 -51.28
C TYR H 81 26.52 29.03 -49.79
N SER H 82 27.02 29.99 -49.02
CA SER H 82 27.23 29.78 -47.60
C SER H 82 25.90 29.74 -46.86
N PRO H 83 25.80 28.94 -45.78
CA PRO H 83 24.60 28.97 -44.94
C PRO H 83 24.37 30.30 -44.26
N GLN H 84 25.45 31.02 -43.91
CA GLN H 84 25.31 32.34 -43.31
C GLN H 84 24.73 33.34 -44.30
N GLU H 85 25.13 33.23 -45.57
CA GLU H 85 24.54 34.07 -46.61
C GLU H 85 23.06 33.73 -46.83
N ALA H 86 22.70 32.45 -46.68
CA ALA H 86 21.30 32.06 -46.74
C ALA H 86 20.51 32.65 -45.58
N PHE H 87 21.13 32.73 -44.40
CA PHE H 87 20.44 33.27 -43.22
C PHE H 87 20.26 34.79 -43.37
N MET H 88 21.28 35.48 -43.91
CA MET H 88 21.16 36.87 -44.38
C MET H 88 20.01 37.06 -45.35
N ASN H 89 19.93 36.22 -46.38
CA ASN H 89 18.92 36.40 -47.42
C ASN H 89 17.52 36.16 -46.87
N ALA H 90 17.37 35.17 -45.97
CA ALA H 90 16.09 34.92 -45.34
C ALA H 90 15.65 36.09 -44.46
N ILE H 91 16.58 36.67 -43.69
CA ILE H 91 16.24 37.80 -42.84
C ILE H 91 15.88 39.03 -43.68
N THR H 92 16.63 39.28 -44.76
CA THR H 92 16.37 40.41 -45.64
C THR H 92 15.02 40.28 -46.35
N ASP H 93 14.69 39.07 -46.80
CA ASP H 93 13.41 38.84 -47.46
C ASP H 93 12.24 38.97 -46.49
N LEU H 94 12.42 38.50 -45.25
CA LEU H 94 11.39 38.68 -44.23
C LEU H 94 11.18 40.16 -43.90
N LEU H 95 12.27 40.93 -43.85
CA LEU H 95 12.16 42.37 -43.60
C LEU H 95 11.44 43.07 -44.74
N ALA H 96 11.75 42.70 -45.99
CA ALA H 96 11.07 43.30 -47.14
C ALA H 96 9.58 42.95 -47.16
N GLU H 97 9.26 41.69 -46.85
CA GLU H 97 7.85 41.27 -46.79
C GLU H 97 7.09 41.99 -45.69
N LEU H 98 7.72 42.17 -44.53
CA LEU H 98 7.04 42.84 -43.42
C LEU H 98 6.88 44.33 -43.69
N SER H 99 7.85 44.96 -44.35
CA SER H 99 7.71 46.37 -44.72
C SER H 99 6.61 46.57 -45.76
N LEU H 100 6.53 45.67 -46.74
CA LEU H 100 5.45 45.73 -47.73
C LEU H 100 4.09 45.52 -47.08
N PHE H 101 4.01 44.58 -46.13
CA PHE H 101 2.75 44.36 -45.42
C PHE H 101 2.38 45.57 -44.56
N GLU H 102 3.37 46.22 -43.96
CA GLU H 102 3.10 47.40 -43.13
C GLU H 102 2.55 48.55 -43.96
N GLU H 103 3.14 48.81 -45.13
CA GLU H 103 2.63 49.92 -45.94
C GLU H 103 1.28 49.57 -46.58
N ARG H 104 1.05 48.30 -46.94
CA ARG H 104 -0.26 47.92 -47.45
C ARG H 104 -1.33 48.01 -46.37
N PHE H 105 -0.99 47.66 -45.13
CA PHE H 105 -1.95 47.76 -44.03
C PHE H 105 -2.25 49.21 -43.69
N LYS H 106 -1.24 50.08 -43.76
CA LYS H 106 -1.49 51.51 -43.54
C LYS H 106 -2.38 52.09 -44.63
N ASP H 107 -2.17 51.69 -45.89
CA ASP H 107 -3.04 52.13 -46.97
C ASP H 107 -4.46 51.63 -46.80
N ALA H 108 -4.61 50.38 -46.36
CA ALA H 108 -5.95 49.82 -46.16
C ALA H 108 -6.67 50.49 -44.99
N ILE H 109 -5.95 50.81 -43.91
CA ILE H 109 -6.52 51.56 -42.79
C ILE H 109 -6.95 52.96 -43.24
N LYS H 110 -6.10 53.62 -44.04
CA LYS H 110 -6.42 54.96 -44.53
C LYS H 110 -7.65 54.96 -45.42
N GLU H 111 -7.75 53.99 -46.33
CA GLU H 111 -8.92 53.97 -47.23
C GLU H 111 -10.17 53.51 -46.50
N LYS H 112 -10.05 52.67 -45.47
CA LYS H 112 -11.21 52.26 -44.71
C LYS H 112 -11.73 53.39 -43.84
N LYS H 113 -10.83 54.20 -43.28
CA LYS H 113 -11.25 55.32 -42.46
C LYS H 113 -11.81 56.46 -43.30
N GLU H 114 -11.18 56.75 -44.44
CA GLU H 114 -11.67 57.84 -45.28
C GLU H 114 -12.91 57.45 -46.08
N GLY H 115 -13.09 56.16 -46.38
CA GLY H 115 -14.25 55.73 -47.13
C GLY H 115 -15.54 55.73 -46.33
N GLY H 116 -15.44 55.71 -45.01
CA GLY H 116 -16.62 55.70 -44.16
C GLY H 116 -17.17 54.31 -43.91
N THR I 1 10.01 56.45 24.27
CA THR I 1 8.96 57.06 23.45
C THR I 1 7.63 56.34 23.64
N ALA I 2 6.63 57.07 24.11
CA ALA I 2 5.29 56.51 24.29
C ALA I 2 4.62 56.35 22.94
N MET I 3 4.29 55.12 22.56
CA MET I 3 3.69 54.85 21.27
C MET I 3 2.19 54.56 21.42
N THR I 4 1.52 54.45 20.28
CA THR I 4 0.07 54.42 20.22
C THR I 4 -0.44 53.09 19.68
N TYR I 5 -1.60 52.69 20.18
CA TYR I 5 -2.32 51.50 19.76
C TYR I 5 -3.79 51.84 19.58
N ILE I 6 -4.52 50.87 19.06
CA ILE I 6 -5.94 50.99 18.74
C ILE I 6 -6.71 50.04 19.64
N CYS I 7 -7.69 50.56 20.37
CA CYS I 7 -8.59 49.72 21.14
C CYS I 7 -9.46 48.87 20.21
N GLY I 8 -9.83 47.68 20.69
CA GLY I 8 -10.57 46.76 19.86
C GLY I 8 -11.98 47.22 19.55
N GLU I 9 -12.67 47.80 20.53
CA GLU I 9 -14.04 48.25 20.34
C GLU I 9 -14.21 49.76 20.41
N CYS I 10 -13.29 50.49 21.06
CA CYS I 10 -13.34 51.94 21.01
C CYS I 10 -12.84 52.48 19.69
N HIS I 11 -11.88 51.78 19.07
CA HIS I 11 -11.09 52.26 17.92
C HIS I 11 -10.44 53.61 18.23
N HIS I 12 -9.87 53.71 19.43
CA HIS I 12 -9.37 54.97 19.96
C HIS I 12 -7.86 54.95 20.04
N GLU I 13 -7.23 56.08 19.72
CA GLU I 13 -5.79 56.26 19.76
C GLU I 13 -5.33 56.28 21.21
N ASN I 14 -5.10 55.08 21.77
CA ASN I 14 -4.49 55.01 23.09
C ASN I 14 -2.99 55.16 22.95
N GLU I 15 -2.36 55.82 23.91
CA GLU I 15 -0.92 55.98 23.88
C GLU I 15 -0.34 55.69 25.25
N MET I 16 0.81 55.00 25.27
CA MET I 16 1.49 54.69 26.51
C MET I 16 2.95 54.34 26.23
N ARG I 17 3.74 54.39 27.29
CA ARG I 17 5.11 53.90 27.31
C ARG I 17 5.11 52.37 27.40
N PRO I 18 6.21 51.68 26.94
CA PRO I 18 6.22 50.21 26.95
C PRO I 18 6.53 49.56 28.30
N ARG I 19 5.85 50.05 29.35
CA ARG I 19 5.78 49.34 30.61
C ARG I 19 4.39 49.38 31.24
N ASP I 20 3.48 50.19 30.72
CA ASP I 20 2.12 50.23 31.22
C ASP I 20 1.38 48.95 30.83
N PRO I 21 0.39 48.53 31.64
CA PRO I 21 -0.38 47.34 31.28
C PRO I 21 -1.26 47.59 30.07
N ILE I 22 -1.55 46.51 29.35
CA ILE I 22 -2.38 46.55 28.15
C ILE I 22 -3.83 46.74 28.56
N ARG I 23 -4.32 47.98 28.46
CA ARG I 23 -5.65 48.32 28.96
C ARG I 23 -6.11 49.58 28.25
N CYS I 24 -7.34 49.54 27.71
CA CYS I 24 -7.95 50.75 27.19
C CYS I 24 -8.32 51.68 28.33
N ARG I 25 -8.12 52.98 28.13
CA ARG I 25 -8.36 53.97 29.16
C ARG I 25 -9.69 54.70 29.00
N GLU I 26 -10.53 54.28 28.06
CA GLU I 26 -11.87 54.83 27.94
C GLU I 26 -12.97 53.81 28.18
N CYS I 27 -12.75 52.55 27.77
CA CYS I 27 -13.73 51.50 28.00
C CYS I 27 -13.17 50.29 28.72
N GLY I 28 -11.85 50.13 28.79
CA GLY I 28 -11.27 49.03 29.52
C GLY I 28 -11.34 47.70 28.80
N TYR I 29 -10.82 47.65 27.58
CA TYR I 29 -10.84 46.44 26.76
C TYR I 29 -9.42 45.95 26.61
N ARG I 30 -9.22 44.64 26.81
CA ARG I 30 -7.88 44.11 27.01
C ARG I 30 -7.08 43.93 25.73
N ILE I 31 -7.68 44.07 24.56
CA ILE I 31 -7.01 43.78 23.29
C ILE I 31 -6.81 45.10 22.55
N MET I 32 -5.56 45.39 22.21
CA MET I 32 -5.24 46.53 21.37
C MET I 32 -4.32 46.10 20.22
N TYR I 33 -4.47 46.78 19.10
CA TYR I 33 -3.74 46.50 17.88
C TYR I 33 -2.71 47.59 17.60
N LYS I 34 -1.61 47.21 16.96
CA LYS I 34 -0.57 48.17 16.63
C LYS I 34 -0.88 48.86 15.31
N LYS I 35 -0.61 50.16 15.25
CA LYS I 35 -0.87 50.96 14.07
C LYS I 35 0.05 50.55 12.92
N ARG I 36 -0.47 50.71 11.70
CA ARG I 36 0.32 50.52 10.49
C ARG I 36 1.50 51.49 10.46
N THR I 37 2.65 51.01 9.98
CA THR I 37 3.88 51.78 10.05
C THR I 37 3.87 52.95 9.08
N LYS I 38 4.73 53.92 9.36
CA LYS I 38 4.93 55.06 8.47
C LYS I 38 6.00 54.79 7.43
N ARG I 39 6.71 53.67 7.53
CA ARG I 39 7.74 53.34 6.55
C ARG I 39 7.08 52.88 5.26
N LEU I 40 7.53 53.45 4.14
CA LEU I 40 6.94 53.17 2.84
C LEU I 40 7.67 52.00 2.19
N VAL I 41 6.92 50.97 1.81
CA VAL I 41 7.47 49.78 1.20
C VAL I 41 6.98 49.69 -0.25
N VAL I 42 7.90 49.41 -1.16
CA VAL I 42 7.63 49.41 -2.59
C VAL I 42 7.07 48.06 -3.01
N PHE I 43 5.95 48.10 -3.73
CA PHE I 43 5.33 46.90 -4.29
C PHE I 43 5.33 47.00 -5.81
N ASP I 44 5.87 45.98 -6.45
CA ASP I 44 5.62 45.83 -7.88
C ASP I 44 4.18 45.41 -8.12
N ALA I 45 3.66 45.75 -9.29
CA ALA I 45 2.27 45.47 -9.61
C ALA I 45 2.12 44.21 -10.44
N ARG I 46 3.15 43.36 -10.48
CA ARG I 46 3.09 42.11 -11.20
C ARG I 46 2.25 41.09 -10.44
N MET M 1 -11.15 -61.74 3.45
CA MET M 1 -10.64 -60.42 3.07
C MET M 1 -9.33 -60.11 3.76
N ASP M 2 -9.12 -60.72 4.93
CA ASP M 2 -7.87 -60.53 5.66
C ASP M 2 -6.71 -61.24 4.96
N ASP M 3 -6.96 -62.43 4.43
CA ASP M 3 -5.89 -63.24 3.84
C ASP M 3 -5.37 -62.63 2.54
N GLU M 4 -6.28 -62.19 1.66
CA GLU M 4 -5.87 -61.63 0.38
C GLU M 4 -5.16 -60.29 0.56
N ALA M 5 -5.69 -59.42 1.43
CA ALA M 5 -5.05 -58.14 1.69
C ALA M 5 -3.72 -58.30 2.39
N GLU M 6 -3.62 -59.26 3.31
CA GLU M 6 -2.37 -59.53 3.99
C GLU M 6 -1.32 -60.09 3.04
N THR M 7 -1.73 -60.98 2.13
CA THR M 7 -0.80 -61.51 1.12
C THR M 7 -0.34 -60.41 0.18
N TYR M 8 -1.25 -59.52 -0.22
CA TYR M 8 -0.90 -58.42 -1.12
C TYR M 8 0.07 -57.44 -0.46
N LYS M 9 -0.19 -57.08 0.81
CA LYS M 9 0.71 -56.15 1.48
C LYS M 9 2.04 -56.81 1.81
N LEU M 10 2.06 -58.12 2.07
CA LEU M 10 3.33 -58.80 2.30
C LEU M 10 4.14 -58.88 1.02
N TRP M 11 3.48 -59.10 -0.12
CA TRP M 11 4.17 -59.11 -1.41
C TRP M 11 4.74 -57.74 -1.74
N ARG M 12 3.96 -56.68 -1.50
CA ARG M 12 4.45 -55.32 -1.75
C ARG M 12 5.61 -54.94 -0.84
N ILE M 13 5.53 -55.32 0.44
CA ILE M 13 6.61 -55.04 1.38
C ILE M 13 7.87 -55.82 1.01
N ARG M 14 7.71 -57.08 0.59
CA ARG M 14 8.86 -57.87 0.15
C ARG M 14 9.49 -57.29 -1.12
N LYS M 15 8.67 -56.81 -2.05
CA LYS M 15 9.19 -56.17 -3.26
C LYS M 15 9.97 -54.91 -2.93
N THR M 16 9.45 -54.10 -2.00
CA THR M 16 10.15 -52.89 -1.59
C THR M 16 11.45 -53.21 -0.87
N ILE M 17 11.45 -54.28 -0.05
CA ILE M 17 12.67 -54.71 0.64
C ILE M 17 13.72 -55.17 -0.36
N MET M 18 13.33 -55.93 -1.38
CA MET M 18 14.30 -56.41 -2.36
C MET M 18 14.80 -55.28 -3.24
N GLN M 19 13.95 -54.30 -3.55
CA GLN M 19 14.41 -53.12 -4.29
C GLN M 19 15.36 -52.26 -3.44
N LEU M 20 15.10 -52.18 -2.14
CA LEU M 20 16.00 -51.49 -1.22
C LEU M 20 17.35 -52.19 -1.13
N SER M 21 17.33 -53.53 -1.12
CA SER M 21 18.57 -54.29 -1.07
C SER M 21 19.36 -54.16 -2.38
N HIS M 22 18.66 -54.11 -3.51
CA HIS M 22 19.34 -53.91 -4.78
C HIS M 22 19.90 -52.50 -4.89
N ASP M 23 19.21 -51.50 -4.32
CA ASP M 23 19.72 -50.13 -4.34
C ASP M 23 20.92 -49.94 -3.42
N ARG M 24 21.06 -50.78 -2.41
CA ARG M 24 22.22 -50.70 -1.51
C ARG M 24 23.42 -51.46 -2.03
N GLY M 25 23.30 -52.11 -3.19
CA GLY M 25 24.41 -52.85 -3.76
C GLY M 25 24.50 -54.29 -3.37
N TYR M 26 23.43 -54.87 -2.83
CA TYR M 26 23.44 -56.27 -2.45
C TYR M 26 22.98 -57.14 -3.61
N LEU M 27 23.44 -58.40 -3.62
CA LEU M 27 23.23 -59.31 -4.74
C LEU M 27 21.78 -59.77 -4.77
N VAL M 28 21.00 -59.20 -5.70
CA VAL M 28 19.60 -59.51 -5.86
C VAL M 28 19.35 -59.88 -7.31
N THR M 29 18.76 -61.04 -7.54
CA THR M 29 18.49 -61.50 -8.90
C THR M 29 17.32 -60.72 -9.50
N GLN M 30 17.19 -60.83 -10.83
CA GLN M 30 16.17 -60.07 -11.54
C GLN M 30 14.77 -60.60 -11.29
N ASP M 31 14.62 -61.91 -11.09
CA ASP M 31 13.29 -62.48 -10.86
C ASP M 31 12.75 -62.12 -9.49
N GLU M 32 13.63 -61.85 -8.52
CA GLU M 32 13.15 -61.36 -7.23
C GLU M 32 12.66 -59.91 -7.33
N LEU M 33 13.29 -59.10 -8.17
CA LEU M 33 12.81 -57.74 -8.38
C LEU M 33 11.51 -57.74 -9.18
N ASP M 34 11.39 -58.63 -10.16
CA ASP M 34 10.20 -58.71 -11.01
C ASP M 34 9.23 -59.78 -10.53
N GLN M 35 9.20 -60.05 -9.23
CA GLN M 35 8.32 -61.08 -8.69
C GLN M 35 6.89 -60.55 -8.62
N THR M 36 5.98 -61.23 -9.32
CA THR M 36 4.60 -60.81 -9.37
C THR M 36 3.86 -61.27 -8.12
N LEU M 37 2.59 -60.87 -8.01
CA LEU M 37 1.76 -61.31 -6.89
C LEU M 37 1.43 -62.80 -7.00
N GLU M 38 1.16 -63.27 -8.22
CA GLU M 38 0.89 -64.69 -8.42
C GLU M 38 2.13 -65.53 -8.20
N GLN M 39 3.31 -65.01 -8.56
CA GLN M 39 4.56 -65.71 -8.27
C GLN M 39 4.80 -65.80 -6.76
N PHE M 40 4.47 -64.74 -6.03
CA PHE M 40 4.57 -64.77 -4.57
C PHE M 40 3.58 -65.76 -3.97
N LYS M 41 2.37 -65.84 -4.53
CA LYS M 41 1.37 -66.77 -4.03
C LYS M 41 1.76 -68.22 -4.34
N GLU M 42 2.45 -68.45 -5.45
CA GLU M 42 2.93 -69.80 -5.75
C GLU M 42 4.11 -70.17 -4.86
N MET M 43 5.04 -69.23 -4.64
CA MET M 43 6.26 -69.54 -3.91
C MET M 43 6.03 -69.66 -2.42
N PHE M 44 5.24 -68.76 -1.83
CA PHE M 44 5.10 -68.70 -0.38
C PHE M 44 3.73 -69.12 0.13
N GLY M 45 2.73 -69.22 -0.73
CA GLY M 45 1.37 -69.45 -0.28
C GLY M 45 0.55 -68.17 -0.34
N ASP M 46 -0.72 -68.30 0.04
CA ASP M 46 -1.63 -67.17 -0.03
C ASP M 46 -2.55 -67.04 1.19
N LYS M 47 -2.36 -67.87 2.22
CA LYS M 47 -3.20 -67.85 3.42
C LYS M 47 -2.32 -67.50 4.62
N PRO M 48 -2.15 -66.22 4.93
CA PRO M 48 -1.30 -65.85 6.08
C PRO M 48 -1.91 -66.19 7.43
N SER M 49 -3.21 -66.49 7.50
CA SER M 49 -3.82 -66.90 8.76
C SER M 49 -3.29 -68.25 9.22
N GLU M 50 -3.30 -69.25 8.34
CA GLU M 50 -2.74 -70.56 8.68
C GLU M 50 -1.30 -70.71 8.24
N LYS M 51 -0.48 -69.68 8.53
CA LYS M 51 0.98 -69.71 8.44
C LYS M 51 1.50 -70.07 7.04
N ARG M 52 0.79 -69.64 6.00
CA ARG M 52 1.16 -69.93 4.61
C ARG M 52 1.15 -68.65 3.79
N PRO M 53 2.24 -67.87 3.83
CA PRO M 53 3.49 -68.07 4.56
C PRO M 53 3.44 -67.56 6.00
N ALA M 54 4.29 -68.08 6.86
CA ALA M 54 4.44 -67.52 8.19
C ALA M 54 5.26 -66.24 8.14
N ARG M 55 5.18 -65.45 9.21
CA ARG M 55 5.95 -64.22 9.27
C ARG M 55 7.43 -64.49 9.42
N SER M 56 7.79 -65.58 10.09
CA SER M 56 9.19 -66.00 10.17
C SER M 56 9.65 -66.73 8.92
N ASP M 57 8.72 -67.12 8.04
CA ASP M 57 9.10 -67.78 6.80
C ASP M 57 9.65 -66.79 5.76
N LEU M 58 9.31 -65.51 5.89
CA LEU M 58 9.71 -64.50 4.91
C LEU M 58 11.03 -63.82 5.25
N ILE M 59 11.88 -64.49 6.03
CA ILE M 59 13.19 -63.92 6.39
C ILE M 59 14.07 -63.88 5.14
N VAL M 60 14.71 -62.75 4.91
CA VAL M 60 15.46 -62.52 3.68
C VAL M 60 16.94 -62.42 4.02
N LEU M 61 17.75 -63.31 3.46
CA LEU M 61 19.19 -63.28 3.63
C LEU M 61 19.82 -62.88 2.31
N VAL M 62 20.56 -61.77 2.30
CA VAL M 62 21.11 -61.25 1.05
C VAL M 62 22.57 -60.90 1.29
N ALA M 63 23.37 -60.97 0.22
CA ALA M 63 24.82 -60.78 0.31
C ALA M 63 25.26 -59.66 -0.62
N HIS M 64 26.46 -59.13 -0.36
CA HIS M 64 27.01 -58.02 -1.13
C HIS M 64 27.82 -58.52 -2.33
N ASN M 65 27.85 -57.70 -3.38
CA ASN M 65 28.54 -58.08 -4.61
C ASN M 65 30.05 -58.09 -4.43
N ASP M 66 30.60 -57.02 -3.85
CA ASP M 66 32.06 -56.93 -3.72
C ASP M 66 32.59 -57.82 -2.61
N ASP M 67 31.92 -57.86 -1.47
CA ASP M 67 32.35 -58.66 -0.33
C ASP M 67 31.28 -59.69 -0.02
N PRO M 68 31.49 -60.97 -0.36
CA PRO M 68 30.42 -61.97 -0.19
C PRO M 68 30.14 -62.35 1.25
N THR M 69 31.02 -62.04 2.19
CA THR M 69 30.77 -62.35 3.59
C THR M 69 30.11 -61.21 4.36
N ASP M 70 29.79 -60.10 3.68
CA ASP M 70 29.03 -59.01 4.27
C ASP M 70 27.57 -59.18 3.85
N GLN M 71 26.71 -59.54 4.79
CA GLN M 71 25.35 -59.96 4.48
C GLN M 71 24.35 -59.19 5.33
N MET M 72 23.11 -59.13 4.84
CA MET M 72 21.99 -58.56 5.56
C MET M 72 20.96 -59.64 5.84
N PHE M 73 20.48 -59.66 7.09
CA PHE M 73 19.20 -60.28 7.41
C PHE M 73 18.08 -59.26 7.33
N VAL M 74 16.92 -59.71 6.88
CA VAL M 74 15.67 -58.95 6.96
C VAL M 74 14.67 -59.81 7.70
N PHE M 75 14.29 -59.37 8.90
CA PHE M 75 13.35 -60.08 9.76
C PHE M 75 11.96 -59.48 9.64
N PHE M 76 10.95 -60.33 9.77
CA PHE M 76 9.55 -59.94 9.72
C PHE M 76 8.86 -60.49 10.96
N PRO M 77 8.98 -59.81 12.10
CA PRO M 77 8.30 -60.28 13.31
C PRO M 77 6.80 -60.11 13.22
N GLU M 78 6.09 -61.03 13.88
CA GLU M 78 4.63 -61.03 13.87
C GLU M 78 4.03 -60.18 14.97
N GLU M 79 4.78 -59.87 16.00
CA GLU M 79 4.26 -59.08 17.12
C GLU M 79 4.17 -57.61 16.68
N PRO M 80 3.05 -56.92 16.99
CA PRO M 80 2.96 -55.50 16.59
C PRO M 80 3.87 -54.60 17.40
N LYS M 81 3.97 -54.78 18.70
CA LYS M 81 4.87 -54.01 19.54
C LYS M 81 6.05 -54.90 19.93
N ILE M 82 7.25 -54.47 19.56
CA ILE M 82 8.43 -55.31 19.67
C ILE M 82 9.14 -55.04 20.98
N GLY M 83 9.33 -56.09 21.78
CA GLY M 83 10.05 -56.00 23.02
C GLY M 83 11.51 -56.39 22.88
N ILE M 84 12.19 -56.47 24.02
CA ILE M 84 13.61 -56.78 24.02
C ILE M 84 13.85 -58.28 23.79
N LYS M 85 12.83 -59.11 23.99
CA LYS M 85 12.99 -60.55 23.85
C LYS M 85 13.22 -60.96 22.40
N THR M 86 12.40 -60.45 21.48
CA THR M 86 12.58 -60.77 20.07
C THR M 86 13.84 -60.10 19.50
N ILE M 87 14.18 -58.92 20.01
CA ILE M 87 15.43 -58.25 19.60
C ILE M 87 16.63 -59.07 20.04
N LYS M 88 16.58 -59.62 21.25
CA LYS M 88 17.66 -60.48 21.74
C LYS M 88 17.73 -61.79 20.95
N THR M 89 16.57 -62.33 20.55
CA THR M 89 16.54 -63.52 19.71
C THR M 89 17.21 -63.27 18.36
N TYR M 90 16.86 -62.14 17.74
CA TYR M 90 17.47 -61.77 16.47
C TYR M 90 18.96 -61.49 16.62
N CYS M 91 19.36 -60.86 17.73
CA CYS M 91 20.77 -60.59 17.98
C CYS M 91 21.57 -61.87 18.17
N THR M 92 20.99 -62.84 18.90
CA THR M 92 21.65 -64.13 19.08
C THR M 92 21.78 -64.88 17.76
N ARG M 93 20.76 -64.75 16.90
CA ARG M 93 20.88 -65.29 15.54
C ARG M 93 21.99 -64.60 14.75
N MET M 94 22.17 -63.29 14.98
CA MET M 94 23.24 -62.56 14.30
C MET M 94 24.62 -62.97 14.81
N GLN M 95 24.77 -63.29 16.10
CA GLN M 95 26.07 -63.83 16.52
C GLN M 95 26.29 -65.24 15.99
N GLU M 96 25.27 -66.10 16.01
CA GLU M 96 25.51 -67.47 15.60
C GLU M 96 25.54 -67.65 14.08
N GLU M 97 25.21 -66.63 13.31
CA GLU M 97 25.45 -66.65 11.88
C GLU M 97 26.53 -65.69 11.42
N ASN M 98 27.09 -64.89 12.34
CA ASN M 98 28.22 -63.99 12.11
C ASN M 98 27.91 -62.95 11.03
N ILE M 99 26.79 -62.25 11.21
CA ILE M 99 26.31 -61.25 10.27
C ILE M 99 26.04 -59.96 11.02
N HIS M 100 26.58 -58.85 10.51
CA HIS M 100 26.60 -57.58 11.21
C HIS M 100 25.46 -56.64 10.81
N ARG M 101 24.61 -57.03 9.88
CA ARG M 101 23.63 -56.11 9.32
C ARG M 101 22.26 -56.78 9.25
N ALA M 102 21.24 -56.12 9.77
CA ALA M 102 19.88 -56.64 9.70
C ALA M 102 18.87 -55.52 9.80
N ILE M 103 17.72 -55.74 9.17
CA ILE M 103 16.60 -54.80 9.15
C ILE M 103 15.39 -55.53 9.69
N VAL M 104 14.75 -54.96 10.72
CA VAL M 104 13.56 -55.54 11.33
C VAL M 104 12.36 -54.76 10.84
N VAL M 105 11.46 -55.43 10.13
CA VAL M 105 10.25 -54.79 9.61
C VAL M 105 9.18 -54.94 10.69
N VAL M 106 9.08 -53.94 11.55
CA VAL M 106 8.07 -53.97 12.59
C VAL M 106 6.73 -53.52 12.01
N GLN M 107 5.66 -53.89 12.71
CA GLN M 107 4.31 -53.57 12.24
C GLN M 107 3.80 -52.28 12.84
N GLY M 108 3.71 -52.22 14.17
CA GLY M 108 3.20 -51.04 14.83
C GLY M 108 4.28 -50.12 15.34
N GLY M 109 5.27 -50.67 16.04
CA GLY M 109 6.33 -49.86 16.60
C GLY M 109 7.20 -50.68 17.53
N MET M 110 8.07 -49.98 18.23
CA MET M 110 9.02 -50.59 19.15
C MET M 110 8.98 -49.86 20.48
N THR M 111 9.30 -50.60 21.55
CA THR M 111 9.46 -49.98 22.85
C THR M 111 10.73 -49.14 22.87
N PRO M 112 10.74 -48.03 23.64
CA PRO M 112 11.96 -47.20 23.70
C PRO M 112 13.16 -47.90 24.33
N SER M 113 12.92 -48.90 25.18
CA SER M 113 14.02 -49.71 25.69
C SER M 113 14.66 -50.52 24.57
N ALA M 114 13.85 -51.04 23.64
CA ALA M 114 14.38 -51.72 22.47
C ALA M 114 15.13 -50.76 21.56
N LYS M 115 14.66 -49.52 21.46
CA LYS M 115 15.38 -48.50 20.70
C LYS M 115 16.73 -48.18 21.33
N GLN M 116 16.79 -48.13 22.66
CA GLN M 116 18.07 -47.95 23.34
C GLN M 116 18.97 -49.16 23.16
N SER M 117 18.39 -50.36 23.06
CA SER M 117 19.17 -51.55 22.74
C SER M 117 19.77 -51.46 21.34
N LEU M 118 18.99 -50.95 20.38
CA LEU M 118 19.53 -50.70 19.04
C LEU M 118 20.61 -49.63 19.05
N VAL M 119 20.48 -48.64 19.94
CA VAL M 119 21.45 -47.55 19.99
C VAL M 119 22.78 -48.04 20.55
N ASP M 120 22.76 -48.74 21.69
CA ASP M 120 24.04 -49.15 22.27
C ASP M 120 24.59 -50.44 21.69
N MET M 121 23.78 -51.20 20.94
CA MET M 121 24.27 -52.39 20.26
C MET M 121 24.87 -52.04 18.90
N ALA M 122 24.74 -50.78 18.48
CA ALA M 122 25.04 -50.38 17.10
C ALA M 122 26.49 -50.57 16.65
N PRO M 123 27.55 -50.12 17.38
CA PRO M 123 28.89 -50.26 16.76
C PRO M 123 29.54 -51.63 16.98
N LYS M 124 28.75 -52.70 16.92
CA LYS M 124 29.28 -54.02 16.61
C LYS M 124 28.45 -54.63 15.48
N TYR M 125 27.13 -54.52 15.64
CA TYR M 125 26.14 -54.98 14.66
C TYR M 125 25.15 -53.86 14.41
N ILE M 126 24.87 -53.59 13.14
CA ILE M 126 23.89 -52.58 12.76
C ILE M 126 22.52 -53.24 12.69
N LEU M 127 21.57 -52.73 13.48
CA LEU M 127 20.22 -53.27 13.56
C LEU M 127 19.21 -52.16 13.28
N GLU M 128 18.88 -51.97 12.01
CA GLU M 128 17.93 -50.96 11.61
C GLU M 128 16.51 -51.45 11.79
N GLN M 129 15.55 -50.52 11.78
CA GLN M 129 14.15 -50.86 11.93
C GLN M 129 13.33 -50.06 10.92
N PHE M 130 12.17 -50.61 10.57
CA PHE M 130 11.30 -50.00 9.57
C PHE M 130 9.85 -50.33 9.91
N LEU M 131 8.99 -49.32 9.82
CA LEU M 131 7.57 -49.56 9.96
C LEU M 131 7.02 -50.21 8.69
N GLU M 132 5.89 -50.91 8.84
CA GLU M 132 5.27 -51.55 7.69
C GLU M 132 4.61 -50.54 6.75
N SER M 133 4.12 -49.43 7.30
CA SER M 133 3.49 -48.42 6.46
C SER M 133 4.52 -47.64 5.65
N GLU M 134 5.76 -47.54 6.16
CA GLU M 134 6.80 -46.86 5.42
C GLU M 134 7.34 -47.68 4.26
N LEU M 135 7.15 -49.00 4.29
CA LEU M 135 7.69 -49.88 3.26
C LEU M 135 6.65 -50.27 2.22
N LEU M 136 5.48 -49.64 2.22
CA LEU M 136 4.52 -49.87 1.16
C LEU M 136 4.78 -48.98 -0.05
N ILE M 137 5.69 -48.02 0.05
CA ILE M 137 6.01 -47.11 -1.04
C ILE M 137 7.52 -47.09 -1.21
N ASN M 138 7.97 -47.36 -2.43
CA ASN M 138 9.36 -47.11 -2.76
C ASN M 138 9.54 -45.61 -2.91
N ILE M 139 10.28 -45.00 -1.99
CA ILE M 139 10.38 -43.53 -1.92
C ILE M 139 11.15 -42.99 -3.12
N THR M 140 12.21 -43.69 -3.52
CA THR M 140 13.07 -43.23 -4.61
C THR M 140 12.39 -43.26 -5.98
N GLU M 141 11.27 -43.95 -6.12
CA GLU M 141 10.52 -43.97 -7.38
C GLU M 141 9.53 -42.82 -7.50
N HIS M 142 9.41 -41.98 -6.48
CA HIS M 142 8.56 -40.80 -6.57
C HIS M 142 9.19 -39.77 -7.49
N GLU M 143 8.34 -38.96 -8.12
CA GLU M 143 8.83 -37.96 -9.06
C GLU M 143 9.46 -36.76 -8.38
N LEU M 144 9.25 -36.58 -7.08
CA LEU M 144 9.85 -35.49 -6.34
C LEU M 144 11.21 -35.84 -5.76
N VAL M 145 11.61 -37.10 -5.79
CA VAL M 145 12.85 -37.57 -5.19
C VAL M 145 13.87 -37.80 -6.29
N PRO M 146 14.95 -37.02 -6.35
CA PRO M 146 15.96 -37.21 -7.40
C PRO M 146 16.87 -38.40 -7.14
N GLU M 147 17.92 -38.56 -7.95
CA GLU M 147 18.80 -39.71 -7.80
C GLU M 147 19.79 -39.47 -6.66
N HIS M 148 19.86 -40.43 -5.74
CA HIS M 148 20.82 -40.39 -4.63
C HIS M 148 21.84 -41.50 -4.82
N VAL M 149 23.12 -41.14 -4.76
CA VAL M 149 24.22 -42.09 -4.88
C VAL M 149 25.10 -41.94 -3.65
N VAL M 150 25.29 -43.03 -2.93
CA VAL M 150 26.21 -43.02 -1.79
C VAL M 150 27.64 -43.01 -2.31
N MET M 151 28.50 -42.21 -1.68
CA MET M 151 29.88 -42.09 -2.10
C MET M 151 30.80 -42.83 -1.14
N THR M 152 31.92 -43.32 -1.67
CA THR M 152 32.95 -43.92 -0.86
C THR M 152 33.81 -42.84 -0.21
N VAL M 153 34.80 -43.26 0.59
CA VAL M 153 35.68 -42.30 1.23
C VAL M 153 36.64 -41.69 0.22
N GLU M 154 36.97 -42.42 -0.86
CA GLU M 154 37.86 -41.87 -1.88
C GLU M 154 37.17 -40.78 -2.68
N GLU M 155 35.89 -40.97 -3.03
CA GLU M 155 35.16 -39.94 -3.75
C GLU M 155 34.90 -38.72 -2.88
N LYS M 156 34.66 -38.93 -1.59
CA LYS M 156 34.50 -37.82 -0.65
C LYS M 156 35.80 -37.03 -0.51
N GLN M 157 36.93 -37.73 -0.42
CA GLN M 157 38.22 -37.07 -0.32
C GLN M 157 38.56 -36.31 -1.61
N GLU M 158 38.24 -36.89 -2.77
CA GLU M 158 38.45 -36.21 -4.04
C GLU M 158 37.57 -34.97 -4.16
N LEU M 159 36.32 -35.05 -3.67
CA LEU M 159 35.42 -33.92 -3.67
C LEU M 159 35.94 -32.78 -2.80
N LEU M 160 36.38 -33.11 -1.58
CA LEU M 160 36.87 -32.08 -0.67
C LEU M 160 38.21 -31.52 -1.12
N SER M 161 39.01 -32.30 -1.86
CA SER M 161 40.26 -31.78 -2.39
C SER M 161 40.00 -30.89 -3.61
N ARG M 162 39.02 -31.24 -4.44
CA ARG M 162 38.75 -30.46 -5.64
C ARG M 162 38.10 -29.13 -5.30
N TYR M 163 37.08 -29.15 -4.44
CA TYR M 163 36.33 -27.93 -4.17
C TYR M 163 36.86 -27.15 -2.98
N LYS M 164 37.98 -27.59 -2.39
CA LYS M 164 38.65 -26.93 -1.26
C LYS M 164 37.71 -26.77 -0.06
N LEU M 165 36.91 -27.80 0.20
CA LEU M 165 35.86 -27.74 1.19
C LEU M 165 36.25 -28.48 2.45
N LYS M 166 35.72 -28.02 3.57
CA LYS M 166 35.69 -28.78 4.81
C LYS M 166 34.32 -29.42 4.95
N GLU M 167 34.26 -30.47 5.79
CA GLU M 167 33.05 -31.27 5.86
C GLU M 167 31.89 -30.55 6.55
N ASN M 168 32.18 -29.56 7.39
CA ASN M 168 31.09 -28.81 8.02
C ASN M 168 30.54 -27.72 7.12
N MET M 169 31.25 -27.36 6.05
CA MET M 169 30.79 -26.31 5.15
C MET M 169 29.88 -26.83 4.04
N LEU M 170 29.72 -28.15 3.94
CA LEU M 170 28.81 -28.73 2.97
C LEU M 170 27.36 -28.63 3.46
N MET M 171 26.43 -28.93 2.56
CA MET M 171 25.04 -29.07 2.97
C MET M 171 24.87 -30.35 3.78
N ARG M 172 23.80 -30.40 4.56
CA ARG M 172 23.58 -31.51 5.48
C ARG M 172 22.30 -32.24 5.13
N ILE M 173 22.23 -33.50 5.56
CA ILE M 173 21.03 -34.32 5.49
C ILE M 173 20.94 -35.11 6.80
N GLN M 174 19.75 -35.14 7.39
CA GLN M 174 19.58 -35.82 8.67
C GLN M 174 19.68 -37.33 8.50
N ALA M 175 20.11 -38.00 9.57
CA ALA M 175 20.17 -39.46 9.55
C ALA M 175 18.80 -40.10 9.61
N GLY M 176 17.79 -39.38 10.10
CA GLY M 176 16.42 -39.83 10.12
C GLY M 176 15.64 -39.51 8.87
N ASP M 177 16.31 -39.04 7.83
CA ASP M 177 15.66 -38.80 6.55
C ASP M 177 15.20 -40.13 5.95
N PRO M 178 14.03 -40.16 5.30
CA PRO M 178 13.57 -41.41 4.66
C PRO M 178 14.50 -41.91 3.56
N VAL M 179 15.15 -41.01 2.82
CA VAL M 179 16.12 -41.43 1.82
C VAL M 179 17.38 -41.99 2.50
N ALA M 180 17.85 -41.32 3.55
CA ALA M 180 19.03 -41.78 4.28
C ALA M 180 18.75 -43.09 5.02
N ARG M 181 17.53 -43.27 5.52
CA ARG M 181 17.15 -44.55 6.09
C ARG M 181 17.00 -45.62 5.03
N TYR M 182 16.56 -45.23 3.83
CA TYR M 182 16.44 -46.17 2.72
C TYR M 182 17.80 -46.69 2.29
N PHE M 183 18.78 -45.81 2.20
CA PHE M 183 20.12 -46.20 1.77
C PHE M 183 21.00 -46.68 2.91
N GLY M 184 20.52 -46.61 4.15
CA GLY M 184 21.29 -47.04 5.30
C GLY M 184 22.52 -46.19 5.57
N LEU M 185 22.39 -44.88 5.48
CA LEU M 185 23.54 -44.00 5.63
C LEU M 185 23.83 -43.75 7.10
N LYS M 186 25.08 -43.94 7.49
CA LYS M 186 25.52 -43.60 8.84
C LYS M 186 26.11 -42.20 8.83
N ARG M 187 26.46 -41.70 10.02
CA ARG M 187 26.96 -40.35 10.15
C ARG M 187 28.37 -40.23 9.58
N GLY M 188 28.60 -39.20 8.77
CA GLY M 188 29.89 -38.95 8.17
C GLY M 188 29.95 -39.22 6.68
N GLN M 189 29.03 -40.01 6.15
CA GLN M 189 29.00 -40.28 4.72
C GLN M 189 28.49 -39.07 3.95
N VAL M 190 28.82 -39.03 2.66
CA VAL M 190 28.40 -37.96 1.77
C VAL M 190 27.56 -38.57 0.66
N VAL M 191 26.34 -38.08 0.50
CA VAL M 191 25.45 -38.54 -0.55
C VAL M 191 25.45 -37.52 -1.69
N LYS M 192 25.54 -38.02 -2.92
CA LYS M 192 25.50 -37.21 -4.11
C LYS M 192 24.10 -37.21 -4.68
N ILE M 193 23.55 -36.02 -4.89
CA ILE M 193 22.19 -35.85 -5.37
C ILE M 193 22.25 -35.34 -6.80
N ILE M 194 21.73 -36.12 -7.73
CA ILE M 194 21.67 -35.75 -9.14
C ILE M 194 20.21 -35.45 -9.44
N ARG M 195 19.92 -34.21 -9.84
CA ARG M 195 18.57 -33.78 -10.15
C ARG M 195 18.52 -33.12 -11.51
N SER M 196 17.32 -33.01 -12.05
CA SER M 196 17.09 -32.38 -13.34
C SER M 196 16.92 -30.88 -13.16
N SER M 197 17.54 -30.10 -14.03
CA SER M 197 17.51 -28.65 -13.96
C SER M 197 16.76 -28.09 -15.16
N GLU M 198 16.03 -27.01 -14.93
CA GLU M 198 15.34 -26.31 -16.01
C GLU M 198 16.14 -25.17 -16.60
N THR M 199 17.36 -24.93 -16.11
CA THR M 199 18.24 -23.93 -16.68
C THR M 199 19.56 -24.49 -17.18
N ALA M 200 19.99 -25.67 -16.71
CA ALA M 200 21.24 -26.26 -17.13
C ALA M 200 21.10 -27.74 -17.45
N GLY M 201 19.87 -28.28 -17.42
CA GLY M 201 19.66 -29.67 -17.70
C GLY M 201 19.70 -30.55 -16.47
N ARG M 202 20.88 -30.72 -15.89
CA ARG M 202 21.00 -31.49 -14.65
C ARG M 202 22.01 -30.80 -13.73
N TYR M 203 21.86 -31.08 -12.45
CA TYR M 203 22.69 -30.46 -11.43
C TYR M 203 23.03 -31.50 -10.37
N ILE M 204 24.30 -31.52 -9.96
CA ILE M 204 24.80 -32.44 -8.96
C ILE M 204 25.16 -31.64 -7.72
N SER M 205 24.52 -31.97 -6.61
CA SER M 205 24.84 -31.39 -5.31
C SER M 205 25.33 -32.50 -4.39
N TYR M 206 25.87 -32.10 -3.24
CA TYR M 206 26.42 -33.04 -2.29
C TYR M 206 25.91 -32.69 -0.90
N ARG M 207 25.60 -33.72 -0.12
CA ARG M 207 25.10 -33.53 1.23
C ARG M 207 25.85 -34.44 2.19
N LEU M 208 26.00 -33.98 3.43
CA LEU M 208 26.69 -34.73 4.47
C LEU M 208 25.66 -35.30 5.44
N VAL M 209 25.76 -36.60 5.71
CA VAL M 209 24.82 -37.25 6.60
C VAL M 209 25.17 -36.89 8.04
N CYS M 210 24.24 -36.24 8.73
CA CYS M 210 24.46 -35.83 10.11
C CYS M 210 23.35 -36.36 11.02
ZN ZN N . 37.15 11.88 29.17
ZN ZN O . 25.38 -32.57 45.30
ZN ZN P . 42.62 -3.12 28.62
ZN ZN Q . 13.97 56.90 -17.41
ZN ZN R . -41.10 -36.05 42.90
ZN ZN S . -56.89 -19.68 2.49
ZN ZN T . -12.36 36.32 -22.10
ZN ZN U . -11.84 50.99 24.53
#